data_8CIN
#
_entry.id   8CIN
#
_cell.length_a   1.00
_cell.length_b   1.00
_cell.length_c   1.00
_cell.angle_alpha   90.00
_cell.angle_beta   90.00
_cell.angle_gamma   90.00
#
_symmetry.space_group_name_H-M   'P 1'
#
loop_
_entity.id
_entity.type
_entity.pdbx_description
1 polymer 'Spike glycoprotein'
2 polymer 'BA.4/5-5 fab HEAVY CHAIN'
3 polymer 'BA.4/5-5 fab LIGHT CHAIN'
4 branched 2-acetamido-2-deoxy-beta-D-glucopyranose-(1-4)-2-acetamido-2-deoxy-beta-D-glucopyranose
5 non-polymer 2-acetamido-2-deoxy-beta-D-glucopyranose
#
loop_
_entity_poly.entity_id
_entity_poly.type
_entity_poly.pdbx_seq_one_letter_code
_entity_poly.pdbx_strand_id
1 'polypeptide(L)'
;TQSYTNSFTRGVYYPDKVFRSSVLHSTQDLFLPFFSNVTWFHAIHVSGTNGTKRFDNPVLPFNDGVYFASTEKSNIIRGW
IFGTTLDSKTQSLLIVNNATNVVIKVCEFQFCNDPFLDVYYHKNNKSWMESEFRVYSSANNCTFEYVSQPFLMDLEGKQG
NFKNLREFVFKNIDGYFKIYSKHTPINLVRDLPQGFSALEPLVDLPIGINITRFQTLLALHRSYLTPGDSSSGWTAGAAA
YYVGYLQPRTFLLKYNENGTITDAVDCALDPLSETKCTLKSFTVEKGIYQTSNFRVQPTESIVRFPNITNLCPFDEVFNA
TRFASVYAWNRKRISNCVADYSVLYNFAPFFAFKCYGVSPTKLNDLCFTNVYADSFVIRGNEVSQIAPGQTGNIADYNYK
LPDDFTGCVIAWNSNKLDSKVGGNYNYRYRLFRKSNLKPFERDISTEIYQAGNKPCNGVAGVNCYFPLQSYGFRPTYGVG
HQPYRVVVLSFELLHAPATVCGPKKSTNLVKNKCVNFNFNGLTGTGVLTESNKKFLPFQQFGRDIADTTDAVRDPQTLEI
LDITPCSFGGVSVITPGTNTSNQVAVLYQGVNCTEVPVAIHADQLTPTWRVYSTGSNVFQTRAGCLIGAEYVNNSYECDI
PIGAGICASYQTQTNSPRRARSVASQSIIAYTMSLGAENSVAYSNNSIAIPTNFTISVTTEILPVSMTKTSVDCTMYICG
DSTECSNLLLQYGSFCTQLKRALTGIAVEQDKNTQEVFAQVKQIYKTPPIKYFGGFNFSQILPDPSKPSKRSFIEDLLFN
KVTLADAGFIKQYGDCLGDIAARDLICAQKFNGLTVLPPLLTDEMIAQYTSALLAGTITSGWTFGAGAALQIPFAMQMAY
RFNGIGVTQNVLYENQKLIANQFNSAIGKIQDSLSSTASALGKLQDVVNHNAQALNTLVKQLSSKFGAISSVLNDILSRL
DPPEAEVQIDRLITGRLQSLQTYVTQQLIRAAEIRASANLAATKMSECVLGQSKRVDFCGKGYHLMSFPQSAPHGVVFLH
VTYVPAQEKNFTTAPAICHDGKAHFPREGVFVSNGTHWFVTQRNFYEPQIITTDNTFVSGNCDVVIGIVNNTVYDPLQPE
LDS
;
A,B,C
2 'polypeptide(L)'
;QVQLVESGPGLVKPSETLSLTCSVSGGSIDNFYWSWIRQPPGKGLEWIGNIYYGGSGNYNPSLKSRVTISVDTSKNQVSL
KLRSVTAADTAVYYCARDSVWYTGSYGLIYWGPGTLVTVSSASTKGPSVFPLAPSSKSTSGGTAALGCLVKDYFPEPVTV
SWNSGALTSGVHTFPAVLQSSGLYSLSSVVTVPSSSLGTQTYICNVNHKPSNTKVDKRVEPKS
;
E,H,J
3 'polypeptide(L)'
;SVVTQPASVSGSPGQSITISCTGTSSDVGSYNLVSWFQQHPGKAPKLMIYEVTKRPSGISNRFSGSKSGNTASLTISRLQ
AEDEADYYCCSYAGSSTVVFGGGTKLTVLGQPKANPTVTLFPPSSEELQANKATLVCLISDFYPGAVTVAWKADSSPVKA
GVETTTPSKQSNNKYAASSYLSLTPEQWKSHRSYSCQVTHEGSTVEKTVAPTEC
;
F,K,L
#
loop_
_chem_comp.id
_chem_comp.type
_chem_comp.name
_chem_comp.formula
NAG D-saccharide, beta linking 2-acetamido-2-deoxy-beta-D-glucopyranose 'C8 H15 N O6'
#
# COMPACT_ATOMS: atom_id res chain seq x y z
N THR A 1 38.46 35.08 -36.12
CA THR A 1 38.76 33.69 -36.44
C THR A 1 37.96 32.75 -35.57
N GLN A 2 37.14 31.90 -36.19
CA GLN A 2 36.29 30.97 -35.47
C GLN A 2 36.39 29.59 -36.11
N SER A 3 37.07 28.66 -35.44
CA SER A 3 37.06 27.27 -35.80
C SER A 3 36.09 26.51 -34.90
N TYR A 4 35.93 25.22 -35.15
CA TYR A 4 35.01 24.41 -34.37
C TYR A 4 35.68 23.12 -33.92
N THR A 5 35.26 22.63 -32.77
CA THR A 5 35.88 21.44 -32.20
C THR A 5 34.84 20.67 -31.39
N ASN A 6 35.13 19.39 -31.15
CA ASN A 6 34.35 18.58 -30.23
C ASN A 6 34.88 18.75 -28.82
N SER A 7 33.95 18.89 -27.87
CA SER A 7 34.33 19.05 -26.48
C SER A 7 34.82 17.76 -25.84
N PHE A 8 34.62 16.62 -26.50
CA PHE A 8 34.97 15.30 -25.96
C PHE A 8 34.24 15.15 -24.62
N THR A 9 34.92 14.76 -23.54
CA THR A 9 34.30 14.60 -22.24
C THR A 9 34.68 15.73 -21.28
N ARG A 10 35.12 16.86 -21.81
CA ARG A 10 35.50 17.98 -20.96
C ARG A 10 34.28 18.70 -20.41
N GLY A 11 34.47 19.35 -19.27
CA GLY A 11 33.45 20.19 -18.68
C GLY A 11 32.64 19.61 -17.57
N VAL A 12 33.15 18.59 -16.87
CA VAL A 12 32.42 17.97 -15.76
C VAL A 12 32.88 18.60 -14.47
N TYR A 13 31.92 19.08 -13.67
CA TYR A 13 32.21 19.76 -12.42
C TYR A 13 31.43 19.10 -11.29
N TYR A 14 31.91 19.32 -10.07
CA TYR A 14 31.23 18.77 -8.89
C TYR A 14 29.91 19.49 -8.70
N PRO A 15 28.77 18.79 -8.75
CA PRO A 15 27.48 19.48 -8.70
C PRO A 15 27.08 20.00 -7.33
N ASP A 16 27.74 19.56 -6.26
CA ASP A 16 27.38 19.98 -4.92
C ASP A 16 28.62 19.89 -4.03
N LYS A 17 28.43 20.22 -2.76
CA LYS A 17 29.49 20.24 -1.77
C LYS A 17 29.36 19.10 -0.77
N VAL A 18 28.94 17.93 -1.26
CA VAL A 18 28.78 16.72 -0.45
C VAL A 18 29.85 15.73 -0.87
N PHE A 19 30.59 15.21 0.10
CA PHE A 19 31.59 14.19 -0.19
C PHE A 19 30.91 12.87 -0.52
N ARG A 20 31.33 12.24 -1.61
CA ARG A 20 30.86 10.92 -1.99
C ARG A 20 32.05 10.12 -2.50
N SER A 21 32.11 8.85 -2.11
CA SER A 21 33.24 8.00 -2.48
C SER A 21 32.76 6.64 -2.90
N SER A 22 33.36 6.12 -3.97
CA SER A 22 33.08 4.77 -4.47
C SER A 22 31.58 4.57 -4.71
N VAL A 23 31.02 5.42 -5.58
CA VAL A 23 29.58 5.41 -5.81
C VAL A 23 29.31 5.99 -7.18
N LEU A 24 28.20 5.56 -7.79
CA LEU A 24 27.71 6.14 -9.02
C LEU A 24 26.49 6.98 -8.68
N HIS A 25 26.56 8.28 -9.01
CA HIS A 25 25.53 9.23 -8.62
C HIS A 25 24.93 9.88 -9.86
N SER A 26 23.60 9.93 -9.91
CA SER A 26 22.89 10.51 -11.04
C SER A 26 22.49 11.94 -10.69
N THR A 27 22.92 12.90 -11.50
CA THR A 27 22.67 14.31 -11.22
C THR A 27 22.14 15.00 -12.48
N GLN A 28 21.06 15.74 -12.34
CA GLN A 28 20.55 16.58 -13.42
C GLN A 28 20.93 18.02 -13.13
N ASP A 29 21.63 18.65 -14.07
CA ASP A 29 22.13 20.01 -13.87
C ASP A 29 22.58 20.55 -15.22
N LEU A 30 23.05 21.80 -15.21
CA LEU A 30 23.57 22.43 -16.41
C LEU A 30 24.99 21.91 -16.65
N PHE A 31 25.12 20.98 -17.59
CA PHE A 31 26.41 20.42 -17.96
C PHE A 31 26.70 20.71 -19.41
N LEU A 32 27.98 20.66 -19.77
CA LEU A 32 28.37 20.75 -21.16
C LEU A 32 28.23 19.37 -21.80
N PRO A 33 27.34 19.20 -22.78
CA PRO A 33 27.10 17.86 -23.34
C PRO A 33 28.37 17.28 -23.96
N PHE A 34 28.48 15.95 -23.87
CA PHE A 34 29.64 15.27 -24.44
C PHE A 34 29.64 15.42 -25.95
N PHE A 35 30.84 15.60 -26.51
CA PHE A 35 31.03 15.74 -27.95
C PHE A 35 30.18 16.85 -28.53
N SER A 36 30.06 17.95 -27.78
CA SER A 36 29.32 19.11 -28.26
C SER A 36 30.20 19.91 -29.22
N ASN A 37 29.65 21.02 -29.71
CA ASN A 37 30.28 21.82 -30.75
C ASN A 37 30.78 23.12 -30.11
N VAL A 38 32.04 23.11 -29.69
CA VAL A 38 32.65 24.28 -29.06
C VAL A 38 33.35 25.11 -30.12
N THR A 39 33.38 26.42 -29.89
CA THR A 39 33.95 27.37 -30.83
C THR A 39 35.34 27.78 -30.38
N TRP A 40 36.30 27.76 -31.30
CA TRP A 40 37.69 28.08 -31.03
C TRP A 40 37.98 29.45 -31.63
N PHE A 41 38.48 30.37 -30.80
CA PHE A 41 38.78 31.72 -31.21
C PHE A 41 40.29 31.95 -31.16
N HIS A 42 40.80 32.68 -32.15
CA HIS A 42 42.18 33.14 -32.18
C HIS A 42 42.20 34.67 -32.11
N ALA A 43 43.34 35.20 -31.66
CA ALA A 43 43.51 36.64 -31.55
C ALA A 43 44.38 37.19 -32.66
N ASN A 57 35.96 42.69 -32.47
CA ASN A 57 35.73 41.51 -31.65
C ASN A 57 34.54 41.73 -30.72
N PRO A 58 33.34 41.42 -31.20
CA PRO A 58 32.13 41.68 -30.40
C PRO A 58 31.97 40.72 -29.22
N VAL A 59 30.85 40.84 -28.53
CA VAL A 59 30.60 40.09 -27.30
C VAL A 59 29.76 38.86 -27.62
N LEU A 60 30.20 37.71 -27.13
CA LEU A 60 29.49 36.45 -27.31
C LEU A 60 28.29 36.37 -26.38
N PRO A 61 27.28 35.59 -26.74
CA PRO A 61 26.15 35.36 -25.83
C PRO A 61 26.58 34.50 -24.65
N PHE A 62 25.74 34.52 -23.62
CA PHE A 62 25.98 33.74 -22.41
C PHE A 62 25.10 32.51 -22.30
N ASN A 63 23.85 32.60 -22.72
CA ASN A 63 22.88 31.48 -22.69
C ASN A 63 22.75 31.03 -21.23
N ASP A 64 22.76 29.72 -20.96
CA ASP A 64 22.60 29.22 -19.61
C ASP A 64 23.91 29.07 -18.86
N GLY A 65 25.04 29.03 -19.57
CA GLY A 65 26.33 28.90 -18.92
C GLY A 65 27.41 28.94 -19.97
N VAL A 66 28.65 29.02 -19.50
CA VAL A 66 29.80 29.14 -20.39
C VAL A 66 30.91 28.22 -19.89
N TYR A 67 31.50 27.47 -20.81
CA TYR A 67 32.70 26.69 -20.56
C TYR A 67 33.83 27.35 -21.33
N PHE A 68 34.79 27.91 -20.61
CA PHE A 68 35.95 28.57 -21.17
C PHE A 68 37.16 27.64 -21.02
N ALA A 69 38.02 27.60 -22.03
CA ALA A 69 39.21 26.78 -21.93
C ALA A 69 40.36 27.45 -22.68
N SER A 70 41.59 27.21 -22.22
CA SER A 70 42.75 27.77 -22.89
C SER A 70 43.98 26.97 -22.54
N THR A 71 44.75 26.59 -23.54
CA THR A 71 46.04 25.94 -23.35
C THR A 71 47.13 27.00 -23.51
N GLU A 72 47.94 27.18 -22.49
CA GLU A 72 48.91 28.28 -22.48
C GLU A 72 50.18 27.85 -21.76
N LYS A 73 51.20 28.71 -21.89
CA LYS A 73 52.40 28.62 -21.08
C LYS A 73 52.92 30.01 -20.69
N SER A 74 52.19 31.08 -21.03
CA SER A 74 52.64 32.44 -20.78
C SER A 74 51.63 33.32 -20.07
N ASN A 75 50.39 32.87 -19.88
CA ASN A 75 49.37 33.60 -19.14
C ASN A 75 49.11 34.97 -19.78
N ILE A 76 48.62 34.94 -21.01
CA ILE A 76 48.24 36.16 -21.71
C ILE A 76 46.79 36.53 -21.41
N ILE A 77 45.88 35.57 -21.47
CA ILE A 77 44.49 35.81 -21.10
C ILE A 77 44.42 36.05 -19.59
N ARG A 78 43.78 37.14 -19.20
CA ARG A 78 43.74 37.50 -17.78
C ARG A 78 42.34 37.49 -17.19
N GLY A 79 41.39 38.19 -17.80
CA GLY A 79 40.10 38.35 -17.16
C GLY A 79 38.90 38.07 -18.02
N TRP A 80 37.73 38.45 -17.49
CA TRP A 80 36.46 38.25 -18.17
C TRP A 80 35.53 39.41 -17.84
N ILE A 81 34.55 39.61 -18.71
CA ILE A 81 33.53 40.65 -18.55
C ILE A 81 32.18 40.02 -18.78
N PHE A 82 31.20 40.36 -17.94
CA PHE A 82 29.86 39.80 -18.02
C PHE A 82 28.84 40.92 -17.87
N GLY A 83 27.66 40.69 -18.42
CA GLY A 83 26.58 41.66 -18.31
C GLY A 83 25.57 41.45 -19.42
N THR A 84 24.75 42.47 -19.63
CA THR A 84 23.75 42.46 -20.70
C THR A 84 24.04 43.52 -21.76
N THR A 85 24.14 44.79 -21.37
CA THR A 85 24.40 45.87 -22.31
C THR A 85 25.80 46.45 -22.19
N LEU A 86 26.40 46.43 -20.99
CA LEU A 86 27.78 46.84 -20.79
C LEU A 86 28.02 48.29 -21.22
N ASP A 87 27.07 49.16 -20.90
CA ASP A 87 27.17 50.57 -21.26
C ASP A 87 26.78 51.46 -20.10
N SER A 88 27.15 51.06 -18.89
CA SER A 88 26.96 51.83 -17.65
C SER A 88 25.49 52.10 -17.34
N LYS A 89 24.56 51.54 -18.10
CA LYS A 89 23.15 51.66 -17.79
C LYS A 89 22.67 50.58 -16.82
N THR A 90 23.50 49.57 -16.56
CA THR A 90 23.15 48.48 -15.67
C THR A 90 24.43 47.88 -15.13
N GLN A 91 24.29 47.08 -14.07
CA GLN A 91 25.46 46.48 -13.43
C GLN A 91 26.10 45.45 -14.34
N SER A 92 27.44 45.41 -14.32
CA SER A 92 28.21 44.47 -15.12
C SER A 92 29.36 43.92 -14.27
N LEU A 93 29.70 42.67 -14.52
CA LEU A 93 30.73 41.97 -13.75
C LEU A 93 32.07 42.07 -14.47
N LEU A 94 33.11 42.40 -13.72
CA LEU A 94 34.47 42.47 -14.24
C LEU A 94 35.38 41.64 -13.37
N ILE A 95 36.10 40.70 -13.99
CA ILE A 95 37.05 39.85 -13.30
C ILE A 95 38.41 40.08 -13.93
N VAL A 96 39.39 40.47 -13.13
CA VAL A 96 40.76 40.64 -13.57
C VAL A 96 41.67 39.98 -12.55
N ASN A 97 42.95 39.86 -12.89
CA ASN A 97 43.90 39.29 -11.94
C ASN A 97 45.31 39.80 -12.26
N ASN A 98 45.98 40.30 -11.23
CA ASN A 98 47.37 40.70 -11.35
C ASN A 98 48.25 39.44 -11.26
N ALA A 99 49.56 39.64 -11.11
CA ALA A 99 50.45 38.50 -10.93
C ALA A 99 50.21 37.78 -9.61
N THR A 100 49.56 38.44 -8.65
CA THR A 100 49.33 37.85 -7.34
C THR A 100 47.87 37.80 -6.94
N ASN A 101 47.11 38.86 -7.20
CA ASN A 101 45.75 38.99 -6.68
C ASN A 101 44.73 38.88 -7.80
N VAL A 102 43.52 38.46 -7.42
CA VAL A 102 42.38 38.38 -8.34
C VAL A 102 41.32 39.37 -7.83
N VAL A 103 40.93 40.29 -8.70
CA VAL A 103 40.02 41.38 -8.34
C VAL A 103 38.73 41.21 -9.13
N ILE A 104 37.61 41.16 -8.41
CA ILE A 104 36.29 41.01 -9.01
C ILE A 104 35.42 42.17 -8.54
N LYS A 105 34.80 42.85 -9.49
CA LYS A 105 33.93 44.00 -9.21
C LYS A 105 32.63 43.86 -9.99
N VAL A 106 31.60 44.56 -9.52
CA VAL A 106 30.32 44.55 -10.22
C VAL A 106 29.84 45.97 -10.48
N CYS A 107 30.77 46.91 -10.59
CA CYS A 107 30.41 48.30 -10.83
C CYS A 107 29.66 48.43 -12.16
N GLU A 108 29.05 49.60 -12.35
CA GLU A 108 28.37 49.92 -13.61
C GLU A 108 29.38 50.54 -14.58
N PHE A 109 30.25 49.67 -15.10
CA PHE A 109 31.33 50.13 -15.97
C PHE A 109 30.77 50.61 -17.31
N GLN A 110 31.46 51.60 -17.88
CA GLN A 110 31.24 52.03 -19.25
C GLN A 110 32.38 51.45 -20.07
N PHE A 111 32.16 50.25 -20.62
CA PHE A 111 33.22 49.53 -21.29
C PHE A 111 33.52 50.11 -22.66
N CYS A 112 34.79 50.02 -23.05
CA CYS A 112 35.19 50.34 -24.40
C CYS A 112 34.69 49.26 -25.37
N ASN A 113 34.74 49.58 -26.66
CA ASN A 113 34.28 48.63 -27.67
C ASN A 113 35.15 47.37 -27.69
N ASP A 114 36.46 47.52 -27.56
CA ASP A 114 37.40 46.40 -27.55
C ASP A 114 38.28 46.53 -26.32
N PRO A 115 37.76 46.20 -25.14
CA PRO A 115 38.55 46.35 -23.91
C PRO A 115 39.74 45.42 -23.86
N PHE A 116 40.79 45.86 -23.15
CA PHE A 116 41.98 45.08 -22.93
C PHE A 116 42.80 45.76 -21.84
N LEU A 117 43.37 44.94 -20.95
CA LEU A 117 44.22 45.48 -19.89
C LEU A 117 45.53 45.99 -20.49
N ASP A 118 45.82 47.28 -20.27
CA ASP A 118 47.02 47.90 -20.81
C ASP A 118 48.23 47.40 -20.03
N VAL A 119 49.11 46.65 -20.69
CA VAL A 119 50.29 46.10 -20.04
C VAL A 119 51.26 47.20 -19.64
N SER A 131 49.00 47.83 -16.26
CA SER A 131 47.68 47.68 -15.67
C SER A 131 46.67 48.61 -16.35
N GLU A 132 46.53 49.82 -15.80
CA GLU A 132 45.63 50.83 -16.32
C GLU A 132 44.18 50.38 -16.30
N PHE A 133 43.29 51.16 -16.93
CA PHE A 133 41.88 50.86 -16.92
C PHE A 133 41.23 51.14 -18.28
N ARG A 134 42.00 51.03 -19.36
CA ARG A 134 41.47 51.24 -20.71
C ARG A 134 40.25 50.38 -21.00
N VAL A 135 40.03 49.32 -20.22
CA VAL A 135 38.84 48.48 -20.39
C VAL A 135 37.57 49.31 -20.26
N TYR A 136 37.47 50.11 -19.21
CA TYR A 136 36.27 50.88 -18.92
C TYR A 136 36.62 52.35 -18.73
N SER A 137 35.85 53.24 -19.35
CA SER A 137 36.06 54.66 -19.16
C SER A 137 35.52 55.15 -17.82
N SER A 138 34.44 54.56 -17.33
CA SER A 138 33.81 55.00 -16.09
C SER A 138 33.46 53.79 -15.25
N ALA A 139 33.35 54.00 -13.94
CA ALA A 139 33.00 52.95 -12.99
C ALA A 139 32.34 53.60 -11.78
N ASN A 140 31.03 53.43 -11.65
CA ASN A 140 30.28 54.03 -10.56
C ASN A 140 29.39 52.98 -9.89
N ASN A 141 29.15 53.18 -8.59
CA ASN A 141 28.25 52.34 -7.81
C ASN A 141 28.72 50.88 -7.79
N CYS A 142 29.90 50.66 -7.23
CA CYS A 142 30.45 49.32 -7.06
C CYS A 142 29.79 48.67 -5.85
N THR A 143 28.91 47.70 -6.11
CA THR A 143 28.13 47.07 -5.07
C THR A 143 28.71 45.74 -4.58
N PHE A 144 29.87 45.34 -5.08
CA PHE A 144 30.51 44.11 -4.63
C PHE A 144 31.95 44.10 -5.10
N GLU A 145 32.86 43.73 -4.19
CA GLU A 145 34.27 43.62 -4.53
C GLU A 145 34.85 42.41 -3.82
N TYR A 146 35.68 41.65 -4.54
CA TYR A 146 36.30 40.45 -4.02
C TYR A 146 37.76 40.41 -4.45
N VAL A 147 38.64 40.08 -3.51
CA VAL A 147 40.08 40.05 -3.77
C VAL A 147 40.64 38.72 -3.27
N SER A 148 41.43 38.06 -4.11
CA SER A 148 42.09 36.82 -3.74
C SER A 148 43.24 36.51 -4.68
N PHE A 162 55.43 20.75 -23.16
CA PHE A 162 54.22 20.63 -22.37
C PHE A 162 53.61 22.00 -22.10
N LYS A 163 52.28 22.07 -22.14
CA LYS A 163 51.52 23.27 -21.82
C LYS A 163 50.60 23.00 -20.64
N ASN A 164 49.94 24.05 -20.17
CA ASN A 164 48.94 23.92 -19.12
C ASN A 164 47.59 24.29 -19.70
N LEU A 165 46.64 23.37 -19.61
CA LEU A 165 45.27 23.59 -20.05
C LEU A 165 44.44 24.02 -18.85
N ARG A 166 43.85 25.20 -18.93
CA ARG A 166 43.04 25.75 -17.86
C ARG A 166 41.60 25.83 -18.33
N GLU A 167 40.68 25.27 -17.54
CA GLU A 167 39.27 25.19 -17.87
C GLU A 167 38.46 25.86 -16.77
N PHE A 168 37.45 26.61 -17.17
CA PHE A 168 36.57 27.32 -16.26
C PHE A 168 35.13 27.13 -16.70
N VAL A 169 34.23 27.11 -15.74
CA VAL A 169 32.80 27.03 -16.00
C VAL A 169 32.12 28.14 -15.22
N PHE A 170 31.36 28.98 -15.91
CA PHE A 170 30.62 30.07 -15.30
C PHE A 170 29.14 29.82 -15.49
N LYS A 171 28.38 29.87 -14.40
CA LYS A 171 26.93 29.80 -14.50
C LYS A 171 26.29 30.70 -13.46
N ASN A 172 25.19 31.35 -13.84
CA ASN A 172 24.59 32.41 -13.04
C ASN A 172 23.19 32.04 -12.56
N ILE A 173 23.04 30.81 -12.05
CA ILE A 173 21.74 30.40 -11.52
C ILE A 173 21.47 31.11 -10.19
N ASP A 174 20.18 31.15 -9.82
CA ASP A 174 19.68 31.75 -8.57
C ASP A 174 20.24 33.17 -8.46
N GLY A 175 20.89 33.53 -7.36
CA GLY A 175 21.52 34.83 -7.25
C GLY A 175 23.01 34.68 -7.06
N TYR A 176 23.55 33.55 -7.52
CA TYR A 176 24.96 33.23 -7.36
C TYR A 176 25.62 33.09 -8.73
N PHE A 177 26.77 33.73 -8.88
CA PHE A 177 27.65 33.49 -10.02
C PHE A 177 28.67 32.44 -9.59
N LYS A 178 28.57 31.25 -10.15
CA LYS A 178 29.42 30.13 -9.78
C LYS A 178 30.51 29.94 -10.83
N ILE A 179 31.75 29.91 -10.36
CA ILE A 179 32.93 29.73 -11.19
C ILE A 179 33.64 28.47 -10.71
N TYR A 180 33.76 27.49 -11.61
CA TYR A 180 34.51 26.26 -11.36
C TYR A 180 35.78 26.32 -12.21
N SER A 181 36.87 25.79 -11.70
CA SER A 181 38.14 25.86 -12.41
C SER A 181 38.92 24.58 -12.24
N LYS A 182 39.80 24.33 -13.21
CA LYS A 182 40.70 23.19 -13.17
C LYS A 182 41.81 23.35 -14.21
N HIS A 183 43.07 23.25 -13.78
CA HIS A 183 44.20 23.35 -14.70
C HIS A 183 45.01 22.08 -14.63
N THR A 184 45.35 21.52 -15.79
CA THR A 184 46.07 20.26 -15.88
C THR A 184 47.22 20.38 -16.87
N PRO A 185 48.32 19.67 -16.63
CA PRO A 185 49.42 19.66 -17.60
C PRO A 185 49.15 18.70 -18.75
N ILE A 186 49.44 19.16 -19.96
CA ILE A 186 49.28 18.36 -21.16
C ILE A 186 50.56 18.42 -21.99
N ASN A 187 50.71 17.45 -22.88
CA ASN A 187 51.87 17.40 -23.75
C ASN A 187 51.49 17.68 -25.20
N ARG A 190 47.51 20.02 -27.40
CA ARG A 190 46.18 19.44 -27.61
C ARG A 190 45.09 20.41 -27.17
N ASP A 191 44.08 20.59 -28.03
CA ASP A 191 42.96 21.46 -27.72
C ASP A 191 42.24 20.99 -26.47
N LEU A 192 41.63 19.81 -26.54
CA LEU A 192 40.88 19.23 -25.43
C LEU A 192 41.19 17.74 -25.40
N PRO A 193 42.13 17.30 -24.56
CA PRO A 193 42.51 15.88 -24.54
C PRO A 193 41.34 14.98 -24.17
N GLN A 194 41.35 13.78 -24.74
CA GLN A 194 40.27 12.83 -24.56
C GLN A 194 40.31 12.15 -23.19
N GLY A 195 41.17 12.60 -22.28
CA GLY A 195 41.17 12.11 -20.92
C GLY A 195 40.00 12.65 -20.13
N PHE A 196 40.06 12.54 -18.80
CA PHE A 196 38.99 13.03 -17.94
C PHE A 196 39.59 13.81 -16.78
N SER A 197 38.90 14.90 -16.41
CA SER A 197 39.35 15.75 -15.31
C SER A 197 38.16 16.56 -14.82
N ALA A 198 37.74 16.34 -13.58
CA ALA A 198 36.64 17.09 -13.02
C ALA A 198 37.09 18.52 -12.69
N LEU A 199 36.12 19.41 -12.57
CA LEU A 199 36.37 20.82 -12.29
C LEU A 199 35.86 21.14 -10.90
N GLU A 200 36.79 21.24 -9.95
CA GLU A 200 36.41 21.59 -8.58
C GLU A 200 35.87 23.01 -8.55
N PRO A 201 34.82 23.27 -7.75
CA PRO A 201 34.33 24.64 -7.63
C PRO A 201 35.40 25.55 -7.07
N LEU A 202 35.44 26.77 -7.60
CA LEU A 202 36.43 27.77 -7.23
C LEU A 202 35.84 28.92 -6.43
N VAL A 203 34.83 29.60 -6.98
CA VAL A 203 34.22 30.74 -6.32
C VAL A 203 32.71 30.69 -6.52
N ASP A 204 31.98 31.18 -5.52
CA ASP A 204 30.55 31.44 -5.66
C ASP A 204 30.27 32.84 -5.15
N LEU A 205 29.66 33.67 -6.00
CA LEU A 205 29.44 35.07 -5.69
C LEU A 205 27.97 35.33 -5.46
N PRO A 206 27.60 36.02 -4.38
CA PRO A 206 26.19 36.27 -4.07
C PRO A 206 25.53 37.38 -4.90
N ILE A 207 26.16 37.81 -5.98
CA ILE A 207 25.63 38.92 -6.77
C ILE A 207 24.43 38.45 -7.59
N GLY A 208 23.34 39.19 -7.52
CA GLY A 208 22.14 38.84 -8.25
C GLY A 208 22.06 39.50 -9.61
N ILE A 209 23.17 39.54 -10.33
CA ILE A 209 23.25 40.23 -11.61
C ILE A 209 22.59 39.39 -12.69
N ASN A 210 21.82 40.04 -13.54
CA ASN A 210 21.32 39.42 -14.76
C ASN A 210 22.41 39.49 -15.84
N ILE A 211 22.74 38.35 -16.45
CA ILE A 211 23.83 38.26 -17.41
C ILE A 211 23.29 37.63 -18.69
N THR A 212 23.63 38.23 -19.83
CA THR A 212 23.29 37.70 -21.14
C THR A 212 24.44 37.67 -22.13
N ARG A 213 25.47 38.50 -21.95
CA ARG A 213 26.62 38.52 -22.83
C ARG A 213 27.89 38.50 -22.01
N PHE A 214 29.00 38.11 -22.64
CA PHE A 214 30.28 38.08 -21.96
C PHE A 214 31.39 38.27 -22.99
N GLN A 215 32.59 38.56 -22.48
CA GLN A 215 33.73 38.83 -23.35
C GLN A 215 35.02 38.47 -22.64
N THR A 216 35.98 37.97 -23.41
CA THR A 216 37.30 37.65 -22.88
C THR A 216 38.11 38.93 -22.67
N LEU A 217 39.19 38.79 -21.92
CA LEU A 217 40.06 39.92 -21.62
C LEU A 217 41.50 39.44 -21.55
N LEU A 218 42.40 40.18 -22.20
CA LEU A 218 43.80 39.80 -22.25
C LEU A 218 44.66 41.05 -22.30
N ALA A 219 45.94 40.87 -21.98
CA ALA A 219 46.88 41.98 -21.95
C ALA A 219 47.62 42.09 -23.28
N ALA A 236 52.02 43.87 -30.66
CA ALA A 236 50.89 43.00 -30.98
C ALA A 236 51.14 41.59 -30.49
N GLY A 237 50.07 40.94 -29.99
CA GLY A 237 50.17 39.59 -29.48
C GLY A 237 49.09 38.70 -30.09
N ALA A 238 49.15 37.43 -29.69
CA ALA A 238 48.21 36.43 -30.16
C ALA A 238 47.74 35.56 -29.00
N ALA A 239 46.55 35.02 -29.14
CA ALA A 239 45.96 34.17 -28.10
C ALA A 239 44.89 33.30 -28.75
N ALA A 240 44.48 32.27 -28.02
CA ALA A 240 43.46 31.35 -28.52
C ALA A 240 42.74 30.73 -27.33
N TYR A 241 41.44 30.52 -27.50
CA TYR A 241 40.64 29.96 -26.42
C TYR A 241 39.37 29.33 -26.97
N TYR A 242 38.80 28.42 -26.19
CA TYR A 242 37.63 27.64 -26.58
C TYR A 242 36.44 28.01 -25.71
N VAL A 243 35.26 28.09 -26.32
CA VAL A 243 34.04 28.46 -25.63
C VAL A 243 32.93 27.47 -25.99
N GLY A 244 32.25 26.94 -24.97
CA GLY A 244 31.09 26.10 -25.17
C GLY A 244 29.96 26.54 -24.27
N TYR A 245 28.78 26.00 -24.53
CA TYR A 245 27.57 26.40 -23.80
C TYR A 245 26.96 25.21 -23.08
N LEU A 246 26.52 25.45 -21.85
CA LEU A 246 25.92 24.42 -21.02
C LEU A 246 24.45 24.22 -21.37
N GLN A 247 23.95 23.03 -21.05
CA GLN A 247 22.56 22.67 -21.27
C GLN A 247 22.07 21.84 -20.10
N PRO A 248 20.77 21.80 -19.85
CA PRO A 248 20.26 21.02 -18.72
C PRO A 248 20.27 19.53 -18.98
N ARG A 249 21.40 18.88 -18.73
CA ARG A 249 21.57 17.47 -19.00
C ARG A 249 21.61 16.66 -17.70
N THR A 250 21.37 15.36 -17.85
CA THR A 250 21.48 14.40 -16.76
C THR A 250 22.74 13.57 -16.97
N PHE A 251 23.57 13.50 -15.93
CA PHE A 251 24.85 12.80 -15.98
C PHE A 251 24.89 11.72 -14.90
N LEU A 252 25.68 10.69 -15.17
CA LEU A 252 25.99 9.66 -14.19
C LEU A 252 27.47 9.79 -13.86
N LEU A 253 27.78 10.20 -12.64
CA LEU A 253 29.15 10.47 -12.21
C LEU A 253 29.68 9.33 -11.36
N LYS A 254 31.00 9.11 -11.46
CA LYS A 254 31.67 8.00 -10.78
C LYS A 254 32.64 8.58 -9.77
N TYR A 255 32.32 8.47 -8.48
CA TYR A 255 33.20 8.89 -7.41
C TYR A 255 34.04 7.71 -6.97
N ASN A 256 35.36 7.84 -7.06
CA ASN A 256 36.25 6.75 -6.67
C ASN A 256 36.46 6.78 -5.16
N GLU A 257 37.45 6.03 -4.68
CA GLU A 257 37.67 5.89 -3.24
C GLU A 257 38.00 7.23 -2.60
N ASN A 258 38.85 8.02 -3.24
CA ASN A 258 39.28 9.30 -2.69
C ASN A 258 38.24 10.40 -2.86
N GLY A 259 37.03 10.07 -3.34
CA GLY A 259 36.01 11.08 -3.54
C GLY A 259 36.16 11.90 -4.80
N THR A 260 37.00 11.48 -5.72
CA THR A 260 37.28 12.23 -6.94
C THR A 260 36.43 11.68 -8.09
N ILE A 261 35.77 12.57 -8.82
CA ILE A 261 35.04 12.16 -10.02
C ILE A 261 36.04 11.70 -11.06
N THR A 262 35.96 10.43 -11.45
CA THR A 262 36.88 9.86 -12.41
C THR A 262 36.25 9.54 -13.75
N ASP A 263 34.92 9.50 -13.83
CA ASP A 263 34.26 9.18 -15.09
C ASP A 263 32.83 9.69 -15.04
N ALA A 264 32.24 9.86 -16.22
CA ALA A 264 30.87 10.33 -16.32
C ALA A 264 30.23 9.76 -17.57
N VAL A 265 28.90 9.68 -17.55
CA VAL A 265 28.10 9.20 -18.66
C VAL A 265 27.01 10.21 -18.93
N ASP A 266 26.92 10.68 -20.18
CA ASP A 266 25.89 11.63 -20.59
C ASP A 266 24.67 10.84 -21.05
N CYS A 267 23.61 10.86 -20.24
CA CYS A 267 22.50 9.93 -20.42
C CYS A 267 21.74 10.14 -21.72
N ALA A 268 21.89 11.28 -22.38
CA ALA A 268 21.14 11.58 -23.59
C ALA A 268 22.04 11.66 -24.82
N LEU A 269 23.27 11.16 -24.73
CA LEU A 269 24.18 11.23 -25.86
C LEU A 269 23.78 10.26 -26.97
N ASP A 270 23.47 9.02 -26.60
CA ASP A 270 23.18 7.97 -27.56
C ASP A 270 22.49 6.83 -26.82
N PRO A 271 21.92 5.86 -27.55
CA PRO A 271 21.22 4.76 -26.85
C PRO A 271 22.07 4.00 -25.87
N LEU A 272 23.37 3.81 -26.15
CA LEU A 272 24.21 3.08 -25.22
C LEU A 272 24.34 3.81 -23.89
N SER A 273 24.52 5.13 -23.94
CA SER A 273 24.63 5.90 -22.69
C SER A 273 23.30 5.90 -21.94
N GLU A 274 22.18 5.93 -22.67
CA GLU A 274 20.89 5.83 -22.03
C GLU A 274 20.74 4.48 -21.32
N THR A 275 21.20 3.40 -21.96
CA THR A 275 21.19 2.10 -21.33
C THR A 275 22.06 2.08 -20.08
N LYS A 276 23.24 2.69 -20.16
CA LYS A 276 24.12 2.75 -19.00
C LYS A 276 23.48 3.49 -17.84
N CYS A 277 22.83 4.61 -18.11
CA CYS A 277 22.17 5.36 -17.05
C CYS A 277 20.98 4.60 -16.49
N THR A 278 20.24 3.89 -17.36
CA THR A 278 19.12 3.08 -16.87
C THR A 278 19.60 1.97 -15.96
N LEU A 279 20.69 1.30 -16.31
CA LEU A 279 21.24 0.23 -15.50
C LEU A 279 22.08 0.75 -14.34
N LYS A 280 22.38 2.04 -14.31
CA LYS A 280 23.27 2.63 -13.29
C LYS A 280 24.62 1.92 -13.28
N SER A 281 25.15 1.67 -14.47
CA SER A 281 26.43 0.98 -14.61
C SER A 281 27.19 1.55 -15.80
N PHE A 282 28.51 1.40 -15.76
CA PHE A 282 29.37 1.82 -16.86
C PHE A 282 29.68 0.70 -17.83
N THR A 283 29.36 -0.54 -17.47
CA THR A 283 29.54 -1.69 -18.35
C THR A 283 28.19 -2.39 -18.51
N VAL A 284 27.90 -2.80 -19.74
CA VAL A 284 26.62 -3.39 -20.09
C VAL A 284 26.85 -4.79 -20.65
N GLU A 285 26.16 -5.77 -20.07
CA GLU A 285 26.25 -7.14 -20.56
C GLU A 285 25.48 -7.28 -21.87
N LYS A 286 25.79 -8.35 -22.60
CA LYS A 286 25.08 -8.63 -23.83
C LYS A 286 23.60 -8.90 -23.56
N GLY A 287 22.74 -8.30 -24.36
CA GLY A 287 21.32 -8.50 -24.22
C GLY A 287 20.55 -7.35 -24.83
N ILE A 288 19.24 -7.38 -24.61
CA ILE A 288 18.33 -6.35 -25.10
C ILE A 288 17.68 -5.72 -23.88
N TYR A 289 17.81 -4.40 -23.75
CA TYR A 289 17.40 -3.67 -22.55
C TYR A 289 16.30 -2.69 -22.91
N GLN A 290 15.17 -2.80 -22.22
CA GLN A 290 14.05 -1.89 -22.42
C GLN A 290 14.40 -0.57 -21.76
N THR A 291 14.94 0.35 -22.55
CA THR A 291 15.50 1.56 -21.98
C THR A 291 14.42 2.59 -21.67
N SER A 292 13.71 3.07 -22.68
CA SER A 292 12.90 4.26 -22.42
C SER A 292 11.65 4.23 -23.31
N ASN A 293 10.99 5.36 -23.43
CA ASN A 293 9.84 5.52 -24.31
C ASN A 293 10.03 6.75 -25.18
N PHE A 294 9.74 6.60 -26.46
CA PHE A 294 9.76 7.73 -27.38
C PHE A 294 8.38 8.34 -27.46
N ARG A 295 8.34 9.67 -27.52
CA ARG A 295 7.07 10.40 -27.54
C ARG A 295 7.21 11.65 -28.39
N VAL A 296 6.24 11.87 -29.27
CA VAL A 296 6.22 13.05 -30.11
C VAL A 296 5.72 14.23 -29.29
N GLN A 297 6.47 15.34 -29.31
CA GLN A 297 6.14 16.50 -28.52
C GLN A 297 5.20 17.44 -29.28
N PRO A 298 4.35 18.17 -28.57
CA PRO A 298 3.43 19.09 -29.24
C PRO A 298 4.16 20.24 -29.90
N THR A 299 3.58 20.72 -31.01
CA THR A 299 4.19 21.78 -31.80
C THR A 299 3.68 23.16 -31.43
N GLU A 300 2.40 23.29 -31.13
CA GLU A 300 1.79 24.60 -30.90
C GLU A 300 0.65 24.47 -29.90
N SER A 301 0.17 25.61 -29.43
CA SER A 301 -0.89 25.69 -28.45
C SER A 301 -2.14 26.27 -29.07
N ILE A 302 -3.28 25.67 -28.75
CA ILE A 302 -4.58 26.05 -29.27
C ILE A 302 -5.49 26.34 -28.09
N VAL A 303 -6.18 27.48 -28.12
CA VAL A 303 -7.14 27.85 -27.10
C VAL A 303 -8.46 28.16 -27.79
N ARG A 304 -9.54 27.53 -27.34
CA ARG A 304 -10.85 27.72 -27.92
C ARG A 304 -11.85 28.02 -26.81
N PHE A 305 -12.36 29.25 -26.80
CA PHE A 305 -13.34 29.73 -25.85
C PHE A 305 -14.53 30.28 -26.61
N PRO A 306 -15.72 30.32 -25.99
CA PRO A 306 -16.87 30.94 -26.66
C PRO A 306 -16.60 32.41 -26.94
N ASN A 307 -17.13 32.89 -28.06
CA ASN A 307 -16.96 34.28 -28.46
C ASN A 307 -17.94 35.13 -27.68
N ILE A 308 -17.52 35.55 -26.49
CA ILE A 308 -18.35 36.34 -25.59
C ILE A 308 -17.67 37.68 -25.34
N THR A 309 -18.45 38.75 -25.38
CA THR A 309 -17.93 40.11 -25.28
C THR A 309 -18.36 40.85 -24.01
N ASN A 310 -19.57 40.59 -23.51
CA ASN A 310 -20.06 41.32 -22.36
C ASN A 310 -19.24 41.03 -21.12
N LEU A 311 -18.99 42.06 -20.32
CA LEU A 311 -18.33 41.92 -19.03
C LEU A 311 -19.35 41.58 -17.96
N CYS A 312 -18.97 40.70 -17.04
CA CYS A 312 -19.90 40.24 -16.03
C CYS A 312 -20.23 41.36 -15.04
N PRO A 313 -21.47 41.43 -14.57
CA PRO A 313 -21.91 42.54 -13.71
C PRO A 313 -21.56 42.30 -12.24
N PHE A 314 -20.27 42.22 -11.94
CA PHE A 314 -19.81 42.07 -10.57
C PHE A 314 -19.82 43.38 -9.81
N ASP A 315 -19.95 44.51 -10.48
CA ASP A 315 -19.97 45.80 -9.79
C ASP A 315 -21.22 45.94 -8.94
N GLU A 316 -22.38 45.60 -9.50
CA GLU A 316 -23.64 45.82 -8.79
C GLU A 316 -23.87 44.80 -7.68
N VAL A 317 -23.03 43.78 -7.56
CA VAL A 317 -23.12 42.86 -6.43
C VAL A 317 -22.38 43.43 -5.23
N PHE A 318 -21.08 43.72 -5.40
CA PHE A 318 -20.27 44.19 -4.29
C PHE A 318 -20.57 45.65 -3.93
N ASN A 319 -20.95 46.46 -4.91
CA ASN A 319 -21.18 47.89 -4.71
C ASN A 319 -22.66 48.19 -4.51
N ALA A 320 -23.39 47.29 -3.86
CA ALA A 320 -24.79 47.53 -3.55
C ALA A 320 -24.91 48.53 -2.41
N THR A 321 -25.95 49.37 -2.49
CA THR A 321 -26.17 50.37 -1.45
C THR A 321 -26.49 49.71 -0.11
N ARG A 322 -27.30 48.66 -0.13
CA ARG A 322 -27.67 47.96 1.10
C ARG A 322 -27.85 46.48 0.78
N PHE A 323 -27.09 45.63 1.48
CA PHE A 323 -27.21 44.20 1.31
C PHE A 323 -28.49 43.69 1.98
N ALA A 324 -28.89 42.48 1.61
CA ALA A 324 -30.11 41.91 2.14
C ALA A 324 -29.84 41.22 3.49
N SER A 325 -30.92 40.96 4.22
CA SER A 325 -30.82 40.20 5.44
C SER A 325 -30.47 38.75 5.14
N VAL A 326 -29.83 38.09 6.10
CA VAL A 326 -29.34 36.73 5.85
C VAL A 326 -30.50 35.76 5.63
N TYR A 327 -31.62 35.95 6.32
CA TYR A 327 -32.75 35.05 6.13
C TYR A 327 -33.39 35.23 4.75
N ALA A 328 -33.18 36.37 4.11
CA ALA A 328 -33.72 36.68 2.79
C ALA A 328 -32.59 37.08 1.85
N TRP A 329 -31.55 36.26 1.83
CA TRP A 329 -30.33 36.59 1.09
C TRP A 329 -30.60 36.77 -0.40
N ASN A 330 -29.91 37.73 -1.00
CA ASN A 330 -30.09 38.00 -2.42
C ASN A 330 -29.31 36.98 -3.25
N ARG A 331 -29.91 36.56 -4.35
CA ARG A 331 -29.24 35.71 -5.33
C ARG A 331 -29.31 36.35 -6.70
N LYS A 332 -28.16 36.48 -7.35
CA LYS A 332 -28.07 37.03 -8.69
C LYS A 332 -27.36 36.02 -9.59
N ARG A 333 -27.86 35.88 -10.82
CA ARG A 333 -27.31 34.92 -11.76
C ARG A 333 -26.39 35.63 -12.75
N ILE A 334 -25.19 35.08 -12.94
CA ILE A 334 -24.19 35.61 -13.84
C ILE A 334 -24.03 34.61 -14.97
N SER A 335 -24.28 35.06 -16.20
CA SER A 335 -24.21 34.20 -17.37
C SER A 335 -23.99 35.07 -18.60
N ASN A 336 -23.48 34.44 -19.66
CA ASN A 336 -23.25 35.10 -20.95
C ASN A 336 -22.37 36.34 -20.80
N CYS A 337 -21.23 36.17 -20.12
CA CYS A 337 -20.30 37.26 -19.92
C CYS A 337 -18.94 36.69 -19.60
N VAL A 338 -17.92 37.54 -19.73
CA VAL A 338 -16.54 37.18 -19.36
C VAL A 338 -16.26 37.73 -17.98
N ALA A 339 -15.79 36.87 -17.08
CA ALA A 339 -15.57 37.22 -15.70
C ALA A 339 -14.09 37.39 -15.43
N ASP A 340 -13.70 38.60 -15.02
CA ASP A 340 -12.33 38.90 -14.62
C ASP A 340 -12.34 39.10 -13.11
N TYR A 341 -12.00 38.04 -12.38
CA TYR A 341 -12.08 38.09 -10.92
C TYR A 341 -11.01 38.97 -10.31
N SER A 342 -9.95 39.28 -11.05
CA SER A 342 -8.87 40.10 -10.51
C SER A 342 -9.33 41.52 -10.17
N VAL A 343 -10.49 41.95 -10.71
CA VAL A 343 -11.02 43.25 -10.35
C VAL A 343 -11.91 43.22 -9.12
N LEU A 344 -12.26 42.02 -8.63
CA LEU A 344 -13.10 41.94 -7.44
C LEU A 344 -12.43 42.58 -6.24
N TYR A 345 -11.09 42.61 -6.21
CA TYR A 345 -10.38 43.23 -5.12
C TYR A 345 -10.58 44.74 -5.07
N ASN A 346 -11.03 45.34 -6.18
CA ASN A 346 -11.23 46.78 -6.23
C ASN A 346 -12.59 47.22 -5.75
N PHE A 347 -13.54 46.31 -5.58
CA PHE A 347 -14.91 46.69 -5.24
C PHE A 347 -15.17 46.65 -3.74
N ALA A 348 -14.59 45.70 -3.03
CA ALA A 348 -14.77 45.60 -1.59
C ALA A 348 -13.41 45.43 -0.91
N PRO A 349 -13.25 45.98 0.28
CA PRO A 349 -11.96 45.88 1.00
C PRO A 349 -11.79 44.58 1.78
N PHE A 350 -12.12 43.46 1.14
CA PHE A 350 -11.93 42.17 1.77
C PHE A 350 -10.48 41.76 1.69
N PHE A 351 -10.05 40.95 2.65
CA PHE A 351 -8.64 40.58 2.72
C PHE A 351 -8.28 39.48 1.73
N ALA A 352 -9.10 38.43 1.66
CA ALA A 352 -8.80 37.32 0.76
C ALA A 352 -10.07 36.54 0.47
N PHE A 353 -10.01 35.75 -0.60
CA PHE A 353 -11.06 34.80 -0.91
C PHE A 353 -11.00 33.62 0.06
N LYS A 354 -12.10 32.86 0.12
CA LYS A 354 -12.13 31.56 0.77
C LYS A 354 -12.76 30.60 -0.23
N CYS A 355 -11.94 29.99 -1.08
CA CYS A 355 -12.45 29.20 -2.19
C CYS A 355 -12.35 27.71 -1.88
N TYR A 356 -13.43 26.99 -2.14
CA TYR A 356 -13.52 25.55 -1.93
C TYR A 356 -13.65 24.87 -3.28
N GLY A 357 -12.79 23.89 -3.54
CA GLY A 357 -12.79 23.17 -4.79
C GLY A 357 -12.06 23.86 -5.92
N VAL A 358 -11.51 25.05 -5.68
CA VAL A 358 -10.82 25.80 -6.72
C VAL A 358 -9.90 26.79 -6.03
N SER A 359 -8.87 27.24 -6.73
CA SER A 359 -7.99 28.24 -6.17
C SER A 359 -8.26 29.59 -6.80
N PRO A 360 -8.27 30.68 -6.02
CA PRO A 360 -8.63 31.99 -6.58
C PRO A 360 -7.77 32.40 -7.76
N THR A 361 -6.46 32.15 -7.68
CA THR A 361 -5.56 32.58 -8.74
C THR A 361 -5.84 31.87 -10.05
N LYS A 362 -6.54 30.74 -10.03
CA LYS A 362 -6.90 30.01 -11.23
C LYS A 362 -8.26 30.41 -11.78
N LEU A 363 -9.00 31.27 -11.09
CA LEU A 363 -10.37 31.56 -11.49
C LEU A 363 -10.46 32.20 -12.88
N ASN A 364 -9.39 32.82 -13.35
CA ASN A 364 -9.40 33.44 -14.67
C ASN A 364 -9.12 32.45 -15.80
N ASP A 365 -8.78 31.20 -15.47
CA ASP A 365 -8.42 30.22 -16.48
C ASP A 365 -9.53 29.20 -16.73
N LEU A 366 -10.73 29.43 -16.21
CA LEU A 366 -11.79 28.44 -16.23
C LEU A 366 -13.03 29.03 -16.88
N CYS A 367 -13.89 28.13 -17.34
CA CYS A 367 -15.22 28.46 -17.85
C CYS A 367 -16.27 27.77 -17.00
N PHE A 368 -17.34 28.49 -16.67
CA PHE A 368 -18.42 27.96 -15.87
C PHE A 368 -19.73 28.09 -16.63
N THR A 369 -20.60 27.10 -16.47
CA THR A 369 -21.90 27.15 -17.14
C THR A 369 -22.75 28.31 -16.62
N ASN A 370 -22.79 28.47 -15.31
CA ASN A 370 -23.47 29.61 -14.69
C ASN A 370 -22.77 29.93 -13.37
N VAL A 371 -22.87 31.19 -12.97
CA VAL A 371 -22.33 31.64 -11.69
C VAL A 371 -23.47 32.22 -10.87
N TYR A 372 -23.43 32.03 -9.56
CA TYR A 372 -24.43 32.60 -8.67
C TYR A 372 -23.76 33.42 -7.59
N ALA A 373 -24.18 34.68 -7.45
CA ALA A 373 -23.68 35.56 -6.41
C ALA A 373 -24.78 35.72 -5.36
N ASP A 374 -24.53 35.20 -4.17
CA ASP A 374 -25.46 35.29 -3.05
C ASP A 374 -24.90 36.28 -2.04
N SER A 375 -25.65 37.34 -1.77
CA SER A 375 -25.17 38.41 -0.91
C SER A 375 -26.08 38.56 0.31
N PHE A 376 -25.46 38.79 1.46
CA PHE A 376 -26.19 39.03 2.69
C PHE A 376 -25.26 39.66 3.72
N VAL A 377 -25.79 39.88 4.92
CA VAL A 377 -25.03 40.47 6.03
C VAL A 377 -25.23 39.61 7.27
N ILE A 378 -24.12 39.23 7.90
CA ILE A 378 -24.13 38.49 9.15
C ILE A 378 -23.20 39.21 10.11
N ARG A 379 -22.93 38.63 11.27
CA ARG A 379 -21.93 39.21 12.15
C ARG A 379 -20.68 38.33 12.18
N GLY A 380 -19.65 38.83 12.86
CA GLY A 380 -18.34 38.20 12.78
C GLY A 380 -18.34 36.76 13.25
N ASN A 381 -19.05 36.47 14.33
CA ASN A 381 -19.09 35.11 14.86
C ASN A 381 -19.61 34.11 13.84
N GLU A 382 -20.51 34.54 12.96
CA GLU A 382 -21.21 33.64 12.07
C GLU A 382 -20.54 33.51 10.70
N VAL A 383 -19.44 34.21 10.47
CA VAL A 383 -18.76 34.11 9.18
C VAL A 383 -18.18 32.72 8.99
N SER A 384 -17.79 32.05 10.08
CA SER A 384 -17.27 30.70 9.97
C SER A 384 -18.36 29.69 9.58
N GLN A 385 -19.63 30.05 9.75
CA GLN A 385 -20.71 29.14 9.39
C GLN A 385 -21.02 29.16 7.90
N ILE A 386 -20.45 30.09 7.14
CA ILE A 386 -20.63 30.11 5.69
C ILE A 386 -19.52 29.24 5.13
N ALA A 387 -19.76 27.93 5.15
CA ALA A 387 -18.80 26.93 4.72
C ALA A 387 -19.50 25.57 4.69
N PRO A 388 -19.09 24.65 3.82
CA PRO A 388 -19.73 23.33 3.80
C PRO A 388 -19.55 22.59 5.11
N GLY A 389 -20.60 21.88 5.53
CA GLY A 389 -20.52 21.07 6.72
C GLY A 389 -20.64 21.80 8.02
N GLN A 390 -21.13 23.04 8.02
CA GLN A 390 -21.27 23.83 9.23
C GLN A 390 -22.68 23.72 9.79
N THR A 391 -22.79 23.97 11.10
CA THR A 391 -24.06 24.03 11.79
C THR A 391 -24.11 25.26 12.68
N GLY A 392 -25.32 25.69 13.00
CA GLY A 392 -25.54 26.90 13.74
C GLY A 392 -26.83 27.54 13.28
N ASN A 393 -27.13 28.72 13.86
CA ASN A 393 -28.34 29.42 13.47
C ASN A 393 -28.32 29.77 11.99
N ILE A 394 -27.21 30.29 11.50
CA ILE A 394 -27.13 30.71 10.10
C ILE A 394 -27.12 29.49 9.18
N ALA A 395 -26.35 28.46 9.53
CA ALA A 395 -26.25 27.30 8.67
C ALA A 395 -27.52 26.46 8.67
N ASP A 396 -28.25 26.45 9.77
CA ASP A 396 -29.45 25.61 9.86
C ASP A 396 -30.70 26.33 9.37
N TYR A 397 -30.90 27.58 9.77
CA TYR A 397 -32.17 28.25 9.54
C TYR A 397 -32.10 29.39 8.52
N ASN A 398 -30.91 29.84 8.13
CA ASN A 398 -30.80 31.02 7.28
C ASN A 398 -30.16 30.73 5.94
N TYR A 399 -28.98 30.12 5.91
CA TYR A 399 -28.25 29.93 4.67
C TYR A 399 -27.38 28.70 4.81
N LYS A 400 -27.65 27.67 3.99
CA LYS A 400 -26.94 26.40 4.06
C LYS A 400 -26.21 26.16 2.74
N LEU A 401 -24.94 25.81 2.84
CA LEU A 401 -24.11 25.41 1.70
C LEU A 401 -24.01 23.90 1.62
N PRO A 402 -24.07 23.33 0.42
CA PRO A 402 -23.93 21.87 0.30
C PRO A 402 -22.54 21.41 0.68
N ASP A 403 -22.46 20.15 1.11
CA ASP A 403 -21.18 19.59 1.53
C ASP A 403 -20.20 19.47 0.37
N ASP A 404 -20.70 19.39 -0.86
CA ASP A 404 -19.87 19.32 -2.06
C ASP A 404 -19.77 20.68 -2.74
N PHE A 405 -19.75 21.75 -1.96
CA PHE A 405 -19.75 23.10 -2.50
C PHE A 405 -18.45 23.38 -3.25
N THR A 406 -18.57 23.94 -4.44
CA THR A 406 -17.44 24.34 -5.26
C THR A 406 -17.64 25.81 -5.62
N GLY A 407 -16.91 26.69 -4.93
CA GLY A 407 -17.09 28.12 -5.12
C GLY A 407 -16.17 28.94 -4.28
N CYS A 408 -16.57 30.16 -3.93
CA CYS A 408 -15.76 31.04 -3.12
C CYS A 408 -16.64 31.85 -2.18
N VAL A 409 -16.09 32.21 -1.03
CA VAL A 409 -16.77 33.03 -0.04
C VAL A 409 -15.93 34.27 0.22
N ILE A 410 -16.57 35.44 0.19
CA ILE A 410 -15.90 36.72 0.32
C ILE A 410 -16.65 37.51 1.39
N ALA A 411 -16.05 37.62 2.57
CA ALA A 411 -16.67 38.32 3.68
C ALA A 411 -15.77 39.46 4.11
N TRP A 412 -16.34 40.66 4.24
CA TRP A 412 -15.56 41.81 4.67
C TRP A 412 -16.34 42.63 5.68
N ASN A 413 -15.60 43.24 6.61
CA ASN A 413 -16.20 44.03 7.67
C ASN A 413 -16.83 45.29 7.11
N SER A 414 -18.06 45.57 7.50
CA SER A 414 -18.80 46.75 7.07
C SER A 414 -19.37 47.49 8.27
N ASN A 415 -18.53 47.67 9.30
CA ASN A 415 -18.98 48.36 10.51
C ASN A 415 -19.32 49.81 10.23
N LYS A 416 -18.70 50.41 9.22
CA LYS A 416 -18.98 51.82 8.93
C LYS A 416 -20.34 52.04 8.29
N LEU A 417 -20.80 51.09 7.47
CA LEU A 417 -22.03 51.26 6.71
C LEU A 417 -23.26 50.67 7.40
N ASP A 418 -23.11 49.53 8.07
CA ASP A 418 -24.24 48.78 8.60
C ASP A 418 -24.46 48.98 10.09
N SER A 419 -23.74 49.90 10.71
CA SER A 419 -23.90 50.17 12.13
C SER A 419 -24.48 51.56 12.35
N LYS A 420 -25.40 51.66 13.31
CA LYS A 420 -25.97 52.93 13.72
C LYS A 420 -25.68 53.15 15.20
N VAL A 421 -25.65 54.41 15.60
CA VAL A 421 -25.33 54.74 16.99
C VAL A 421 -26.38 54.16 17.93
N GLY A 422 -27.66 54.29 17.56
CA GLY A 422 -28.72 53.69 18.35
C GLY A 422 -28.97 52.23 18.08
N GLY A 423 -28.25 51.63 17.13
CA GLY A 423 -28.43 50.23 16.79
C GLY A 423 -29.19 50.04 15.49
N ASN A 424 -28.60 49.30 14.56
CA ASN A 424 -29.22 49.04 13.27
C ASN A 424 -30.07 47.78 13.39
N TYR A 425 -31.38 47.93 13.21
CA TYR A 425 -32.32 46.82 13.33
C TYR A 425 -32.93 46.43 11.99
N ASN A 426 -32.34 46.87 10.88
CA ASN A 426 -32.82 46.46 9.56
C ASN A 426 -32.42 45.04 9.21
N TYR A 427 -31.34 44.53 9.78
CA TYR A 427 -30.84 43.20 9.46
C TYR A 427 -31.37 42.21 10.48
N ARG A 428 -32.05 41.18 10.00
CA ARG A 428 -32.66 40.17 10.85
C ARG A 428 -32.21 38.79 10.40
N TYR A 429 -32.25 37.86 11.34
CA TYR A 429 -31.93 36.46 11.07
C TYR A 429 -32.99 35.57 11.68
N ARG A 430 -33.22 34.43 11.05
CA ARG A 430 -34.19 33.46 11.57
C ARG A 430 -33.58 32.69 12.73
N LEU A 431 -34.29 32.69 13.85
CA LEU A 431 -33.80 32.06 15.07
C LEU A 431 -34.46 30.72 15.36
N PHE A 432 -35.70 30.52 14.92
CA PHE A 432 -36.43 29.29 15.17
C PHE A 432 -36.96 28.72 13.87
N ARG A 433 -36.86 27.41 13.72
CA ARG A 433 -37.43 26.73 12.58
C ARG A 433 -37.66 25.27 12.93
N LYS A 434 -38.63 24.65 12.25
CA LYS A 434 -38.97 23.26 12.54
C LYS A 434 -37.80 22.34 12.18
N SER A 435 -37.13 22.59 11.06
CA SER A 435 -36.08 21.69 10.60
C SER A 435 -35.04 22.51 9.85
N ASN A 436 -33.86 21.91 9.68
CA ASN A 436 -32.76 22.58 9.01
C ASN A 436 -33.06 22.81 7.53
N LEU A 437 -32.52 23.89 7.00
CA LEU A 437 -32.69 24.20 5.59
C LEU A 437 -31.92 23.21 4.72
N LYS A 438 -32.49 22.89 3.56
CA LYS A 438 -31.74 22.22 2.53
C LYS A 438 -30.73 23.19 1.93
N PRO A 439 -29.65 22.69 1.32
CA PRO A 439 -28.66 23.59 0.74
C PRO A 439 -29.28 24.51 -0.30
N PHE A 440 -28.88 25.78 -0.25
CA PHE A 440 -29.33 26.82 -1.20
C PHE A 440 -30.86 26.96 -1.17
N GLU A 441 -31.44 26.86 0.01
CA GLU A 441 -32.87 27.06 0.20
C GLU A 441 -33.12 28.35 0.96
N ARG A 442 -34.17 29.06 0.58
CA ARG A 442 -34.55 30.31 1.22
C ARG A 442 -35.90 30.15 1.90
N ASP A 443 -36.04 30.76 3.07
CA ASP A 443 -37.27 30.66 3.88
C ASP A 443 -37.60 32.05 4.41
N ILE A 444 -38.44 32.77 3.68
CA ILE A 444 -38.82 34.13 4.05
C ILE A 444 -40.15 34.16 4.81
N SER A 445 -40.63 33.01 5.28
CA SER A 445 -41.86 32.96 6.04
C SER A 445 -41.71 33.66 7.39
N THR A 446 -42.79 34.27 7.85
CA THR A 446 -42.83 34.95 9.14
C THR A 446 -43.89 34.37 10.07
N GLU A 447 -44.28 33.11 9.84
CA GLU A 447 -45.27 32.48 10.71
C GLU A 447 -44.71 32.30 12.12
N ILE A 448 -45.59 32.44 13.12
CA ILE A 448 -45.17 32.33 14.50
C ILE A 448 -44.72 30.90 14.79
N TYR A 449 -43.55 30.77 15.43
CA TYR A 449 -43.01 29.46 15.76
C TYR A 449 -43.63 28.94 17.03
N GLN A 450 -44.00 27.67 17.03
CA GLN A 450 -44.67 27.02 18.15
C GLN A 450 -43.65 26.16 18.89
N ALA A 451 -43.19 26.65 20.04
CA ALA A 451 -42.20 25.91 20.81
C ALA A 451 -42.82 24.73 21.55
N GLY A 452 -43.98 24.93 22.16
CA GLY A 452 -44.63 23.91 22.97
C GLY A 452 -45.76 23.20 22.24
N ASN A 453 -46.69 22.66 23.02
CA ASN A 453 -47.84 21.96 22.47
C ASN A 453 -49.03 22.88 22.21
N LYS A 454 -49.09 24.02 22.89
CA LYS A 454 -50.21 24.93 22.70
C LYS A 454 -50.11 25.63 21.35
N PRO A 455 -51.13 25.55 20.50
CA PRO A 455 -51.09 26.29 19.23
C PRO A 455 -51.02 27.80 19.49
N CYS A 456 -50.30 28.50 18.62
CA CYS A 456 -50.10 29.93 18.79
C CYS A 456 -51.19 30.77 18.15
N ASN A 457 -51.78 30.28 17.05
CA ASN A 457 -52.86 30.98 16.35
C ASN A 457 -52.45 32.38 15.94
N GLY A 458 -51.19 32.52 15.53
CA GLY A 458 -50.70 33.80 15.05
C GLY A 458 -50.51 34.85 16.12
N VAL A 459 -50.33 34.46 17.37
CA VAL A 459 -50.13 35.39 18.47
C VAL A 459 -48.89 34.97 19.24
N ALA A 460 -47.98 35.92 19.45
CA ALA A 460 -46.78 35.65 20.22
C ALA A 460 -47.12 35.52 21.71
N GLY A 461 -46.36 34.67 22.40
CA GLY A 461 -46.59 34.43 23.80
C GLY A 461 -45.65 33.38 24.37
N VAL A 462 -46.06 32.73 25.46
CA VAL A 462 -45.25 31.69 26.07
C VAL A 462 -45.17 30.51 25.10
N ASN A 463 -43.93 30.08 24.81
CA ASN A 463 -43.67 29.02 23.84
C ASN A 463 -44.24 29.36 22.46
N CYS A 464 -44.30 30.65 22.14
CA CYS A 464 -44.76 31.12 20.83
C CYS A 464 -43.93 32.36 20.50
N TYR A 465 -42.90 32.18 19.68
CA TYR A 465 -41.94 33.23 19.39
C TYR A 465 -42.05 33.68 17.94
N PHE A 466 -41.68 34.94 17.72
CA PHE A 466 -41.53 35.45 16.36
C PHE A 466 -40.23 34.90 15.77
N PRO A 467 -40.26 34.22 14.63
CA PRO A 467 -39.06 33.49 14.18
C PRO A 467 -37.85 34.37 13.92
N LEU A 468 -38.04 35.62 13.52
CA LEU A 468 -36.94 36.48 13.13
C LEU A 468 -36.53 37.38 14.30
N GLN A 469 -35.23 37.61 14.43
CA GLN A 469 -34.68 38.52 15.44
C GLN A 469 -33.64 39.42 14.80
N SER A 470 -33.59 40.66 15.25
CA SER A 470 -32.72 41.67 14.64
C SER A 470 -31.35 41.68 15.29
N TYR A 471 -30.32 41.95 14.49
CA TYR A 471 -28.99 42.18 15.01
C TYR A 471 -28.90 43.53 15.69
N GLY A 472 -27.95 43.66 16.61
CA GLY A 472 -27.68 44.93 17.25
C GLY A 472 -26.95 45.90 16.34
N PHE A 473 -25.71 45.55 15.99
CA PHE A 473 -24.89 46.29 15.03
C PHE A 473 -24.70 47.74 15.47
N ARG A 474 -24.04 47.89 16.61
CA ARG A 474 -23.63 49.20 17.08
C ARG A 474 -22.13 49.39 16.87
N PRO A 475 -21.68 50.60 16.55
CA PRO A 475 -20.28 50.79 16.18
C PRO A 475 -19.29 50.53 17.30
N THR A 476 -19.74 50.50 18.55
CA THR A 476 -18.86 50.28 19.68
C THR A 476 -18.64 48.82 20.00
N TYR A 477 -19.28 47.91 19.26
CA TYR A 477 -19.15 46.49 19.54
C TYR A 477 -17.76 45.99 19.16
N GLY A 478 -17.43 44.81 19.65
CA GLY A 478 -16.17 44.18 19.32
C GLY A 478 -16.16 43.64 17.90
N VAL A 479 -15.00 43.13 17.50
CA VAL A 479 -14.82 42.66 16.13
C VAL A 479 -15.77 41.51 15.83
N GLY A 480 -15.94 40.59 16.77
CA GLY A 480 -16.78 39.44 16.55
C GLY A 480 -18.26 39.75 16.45
N HIS A 481 -18.67 40.92 16.92
CA HIS A 481 -20.07 41.32 16.90
C HIS A 481 -20.38 42.38 15.86
N GLN A 482 -19.40 42.82 15.10
CA GLN A 482 -19.62 43.83 14.09
C GLN A 482 -20.20 43.22 12.81
N PRO A 483 -20.96 43.99 12.04
CA PRO A 483 -21.52 43.44 10.81
C PRO A 483 -20.46 43.12 9.77
N TYR A 484 -20.74 42.09 8.99
CA TYR A 484 -19.88 41.63 7.90
C TYR A 484 -20.75 41.36 6.69
N ARG A 485 -20.36 41.89 5.55
CA ARG A 485 -21.04 41.64 4.30
C ARG A 485 -20.41 40.43 3.62
N VAL A 486 -21.24 39.48 3.19
CA VAL A 486 -20.79 38.21 2.65
C VAL A 486 -21.36 38.05 1.25
N VAL A 487 -20.48 37.71 0.30
CA VAL A 487 -20.84 37.37 -1.06
C VAL A 487 -20.30 35.98 -1.35
N VAL A 488 -21.17 35.07 -1.75
CA VAL A 488 -20.81 33.69 -2.05
C VAL A 488 -20.96 33.49 -3.55
N LEU A 489 -19.88 33.12 -4.21
CA LEU A 489 -19.89 32.79 -5.63
C LEU A 489 -19.96 31.29 -5.79
N SER A 490 -21.04 30.81 -6.38
CA SER A 490 -21.24 29.39 -6.65
C SER A 490 -21.01 29.14 -8.12
N PHE A 491 -20.12 28.19 -8.42
CA PHE A 491 -19.76 27.85 -9.79
C PHE A 491 -20.45 26.56 -10.17
N GLU A 492 -21.26 26.60 -11.23
CA GLU A 492 -21.92 25.40 -11.71
C GLU A 492 -20.98 24.44 -12.42
N LEU A 493 -19.73 24.83 -12.62
CA LEU A 493 -18.71 24.03 -13.31
C LEU A 493 -19.10 23.83 -14.77
N LEU A 494 -18.29 23.06 -15.51
CA LEU A 494 -18.42 22.96 -16.95
C LEU A 494 -18.92 21.56 -17.34
N HIS A 495 -20.20 21.48 -17.63
CA HIS A 495 -20.79 20.30 -18.26
C HIS A 495 -21.64 20.65 -19.47
N ALA A 496 -22.37 21.77 -19.41
CA ALA A 496 -23.18 22.27 -20.50
C ALA A 496 -22.37 23.33 -21.25
N PRO A 497 -22.89 23.91 -22.35
CA PRO A 497 -22.18 25.04 -22.97
C PRO A 497 -21.85 26.14 -21.98
N ALA A 498 -20.56 26.39 -21.77
CA ALA A 498 -20.14 27.40 -20.81
C ALA A 498 -20.59 28.79 -21.26
N THR A 499 -21.11 29.56 -20.31
CA THR A 499 -21.52 30.93 -20.58
C THR A 499 -20.71 31.97 -19.83
N VAL A 500 -20.00 31.58 -18.77
CA VAL A 500 -19.11 32.47 -18.04
C VAL A 500 -17.70 31.94 -18.21
N CYS A 501 -16.82 32.75 -18.76
CA CYS A 501 -15.44 32.36 -19.02
C CYS A 501 -14.50 33.47 -18.58
N GLY A 502 -13.26 33.10 -18.30
CA GLY A 502 -12.24 34.05 -17.96
C GLY A 502 -11.77 34.81 -19.19
N PRO A 503 -11.07 35.93 -18.99
CA PRO A 503 -10.56 36.68 -20.13
C PRO A 503 -9.41 35.94 -20.81
N LYS A 504 -9.68 35.36 -21.98
CA LYS A 504 -8.70 34.50 -22.62
C LYS A 504 -8.91 34.58 -24.13
N LYS A 505 -7.92 35.10 -24.85
CA LYS A 505 -8.01 35.15 -26.30
C LYS A 505 -7.97 33.75 -26.87
N SER A 506 -8.89 33.45 -27.78
CA SER A 506 -8.97 32.14 -28.40
C SER A 506 -8.23 32.15 -29.72
N THR A 507 -7.45 31.10 -29.97
CA THR A 507 -6.64 30.99 -31.16
C THR A 507 -7.40 30.24 -32.25
N ASN A 508 -6.74 30.01 -33.38
CA ASN A 508 -7.34 29.23 -34.44
C ASN A 508 -7.36 27.75 -34.08
N LEU A 509 -7.98 26.96 -34.95
CA LEU A 509 -8.11 25.52 -34.76
C LEU A 509 -7.11 24.79 -35.65
N VAL A 510 -6.31 23.92 -35.06
CA VAL A 510 -5.31 23.15 -35.78
C VAL A 510 -5.66 21.68 -35.65
N LYS A 511 -5.76 20.99 -36.78
CA LYS A 511 -6.15 19.59 -36.82
C LYS A 511 -5.01 18.74 -37.35
N ASN A 512 -5.06 17.45 -37.00
CA ASN A 512 -4.12 16.44 -37.50
C ASN A 512 -2.68 16.74 -37.09
N LYS A 513 -2.50 17.42 -35.96
CA LYS A 513 -1.18 17.70 -35.43
C LYS A 513 -1.18 17.52 -33.92
N CYS A 514 -0.01 17.24 -33.37
CA CYS A 514 0.16 17.15 -31.93
C CYS A 514 0.23 18.56 -31.37
N VAL A 515 -0.82 18.97 -30.64
CA VAL A 515 -0.93 20.32 -30.11
C VAL A 515 -1.38 20.26 -28.66
N ASN A 516 -1.12 21.34 -27.94
CA ASN A 516 -1.62 21.53 -26.58
C ASN A 516 -2.93 22.29 -26.69
N PHE A 517 -4.04 21.58 -26.52
CA PHE A 517 -5.36 22.19 -26.66
C PHE A 517 -5.92 22.63 -25.32
N ASN A 518 -6.80 23.62 -25.37
CA ASN A 518 -7.48 24.18 -24.20
C ASN A 518 -8.90 24.53 -24.66
N PHE A 519 -9.84 23.62 -24.44
CA PHE A 519 -11.24 23.82 -24.81
C PHE A 519 -12.03 24.17 -23.56
N ASN A 520 -12.37 25.45 -23.41
CA ASN A 520 -13.17 25.94 -22.29
C ASN A 520 -12.55 25.57 -20.95
N GLY A 521 -11.22 25.68 -20.87
CA GLY A 521 -10.52 25.34 -19.66
C GLY A 521 -10.13 23.89 -19.54
N LEU A 522 -10.67 23.01 -20.39
CA LEU A 522 -10.24 21.62 -20.45
C LEU A 522 -8.94 21.55 -21.23
N THR A 523 -7.83 21.37 -20.54
CA THR A 523 -6.51 21.36 -21.16
C THR A 523 -6.06 19.94 -21.45
N GLY A 524 -5.16 19.83 -22.41
CA GLY A 524 -4.60 18.53 -22.75
C GLY A 524 -3.62 18.65 -23.88
N THR A 525 -3.03 17.51 -24.25
CA THR A 525 -2.11 17.43 -25.37
C THR A 525 -2.52 16.25 -26.24
N GLY A 526 -2.62 16.48 -27.54
CA GLY A 526 -3.00 15.40 -28.42
C GLY A 526 -3.22 15.89 -29.85
N VAL A 527 -3.76 14.98 -30.65
CA VAL A 527 -4.11 15.23 -32.03
C VAL A 527 -5.62 15.36 -32.12
N LEU A 528 -6.08 16.45 -32.73
CA LEU A 528 -7.50 16.72 -32.89
C LEU A 528 -7.90 16.39 -34.32
N THR A 529 -8.85 15.48 -34.47
CA THR A 529 -9.31 15.07 -35.80
C THR A 529 -10.82 15.25 -35.89
N GLU A 530 -11.30 15.43 -37.12
CA GLU A 530 -12.74 15.51 -37.33
C GLU A 530 -13.40 14.18 -36.97
N SER A 531 -14.51 14.25 -36.25
CA SER A 531 -15.08 13.08 -35.60
C SER A 531 -16.40 12.68 -36.26
N ASN A 532 -16.63 11.38 -36.30
CA ASN A 532 -17.89 10.82 -36.77
C ASN A 532 -18.89 10.57 -35.65
N LYS A 533 -18.54 10.88 -34.41
CA LYS A 533 -19.42 10.63 -33.28
C LYS A 533 -20.67 11.49 -33.38
N LYS A 534 -21.83 10.87 -33.14
CA LYS A 534 -23.12 11.52 -33.32
C LYS A 534 -23.57 12.12 -31.99
N PHE A 535 -22.95 13.24 -31.64
CA PHE A 535 -23.34 13.96 -30.44
C PHE A 535 -24.76 14.47 -30.57
N LEU A 536 -25.54 14.28 -29.51
CA LEU A 536 -26.83 14.95 -29.43
C LEU A 536 -26.62 16.41 -29.03
N PRO A 537 -27.56 17.29 -29.39
CA PRO A 537 -27.31 18.74 -29.22
C PRO A 537 -26.98 19.15 -27.79
N PHE A 538 -27.51 18.46 -26.78
CA PHE A 538 -27.25 18.87 -25.41
C PHE A 538 -25.87 18.46 -24.91
N GLN A 539 -25.24 17.47 -25.54
CA GLN A 539 -23.94 16.99 -25.10
C GLN A 539 -22.84 17.97 -25.48
N GLN A 540 -21.74 17.91 -24.73
CA GLN A 540 -20.61 18.79 -24.96
C GLN A 540 -19.26 18.09 -25.05
N PHE A 541 -19.14 16.86 -24.58
CA PHE A 541 -17.90 16.10 -24.71
C PHE A 541 -18.21 14.63 -24.45
N GLY A 542 -17.31 13.77 -24.90
CA GLY A 542 -17.45 12.34 -24.71
C GLY A 542 -16.30 11.81 -23.88
N ARG A 543 -16.58 10.78 -23.09
CA ARG A 543 -15.59 10.16 -22.22
C ARG A 543 -15.31 8.74 -22.68
N ASP A 544 -14.23 8.18 -22.12
CA ASP A 544 -13.75 6.86 -22.47
C ASP A 544 -13.84 5.95 -21.23
N ILE A 545 -13.25 4.76 -21.34
CA ILE A 545 -13.34 3.77 -20.27
C ILE A 545 -12.68 4.32 -19.00
N ALA A 546 -11.52 4.95 -19.15
CA ALA A 546 -10.81 5.54 -18.02
C ALA A 546 -11.30 6.94 -17.67
N ASP A 547 -12.50 7.30 -18.10
CA ASP A 547 -13.05 8.64 -17.89
C ASP A 547 -12.10 9.71 -18.42
N THR A 548 -11.49 9.43 -19.57
CA THR A 548 -10.67 10.39 -20.27
C THR A 548 -11.48 11.03 -21.40
N THR A 549 -11.35 12.33 -21.54
CA THR A 549 -12.09 13.05 -22.57
C THR A 549 -11.60 12.60 -23.94
N ASP A 550 -12.43 11.83 -24.65
CA ASP A 550 -12.07 11.29 -25.96
C ASP A 550 -12.52 12.19 -27.10
N ALA A 551 -13.52 13.03 -26.88
CA ALA A 551 -13.98 13.95 -27.91
C ALA A 551 -14.52 15.20 -27.24
N VAL A 552 -14.44 16.32 -27.96
CA VAL A 552 -14.92 17.61 -27.46
C VAL A 552 -15.77 18.26 -28.53
N ARG A 553 -16.50 19.30 -28.12
CA ARG A 553 -17.28 20.12 -29.02
C ARG A 553 -16.67 21.50 -29.06
N ASP A 554 -16.29 21.96 -30.24
CA ASP A 554 -15.68 23.28 -30.37
C ASP A 554 -16.71 24.34 -30.00
N PRO A 555 -16.43 25.20 -29.03
CA PRO A 555 -17.45 26.16 -28.59
C PRO A 555 -17.88 27.15 -29.67
N GLN A 556 -16.99 27.52 -30.59
CA GLN A 556 -17.34 28.50 -31.60
C GLN A 556 -18.03 27.87 -32.81
N THR A 557 -17.40 26.86 -33.40
CA THR A 557 -18.02 26.06 -34.45
C THR A 557 -18.48 24.76 -33.80
N LEU A 558 -19.79 24.56 -33.69
CA LEU A 558 -20.29 23.47 -32.86
C LEU A 558 -20.05 22.12 -33.51
N GLU A 559 -18.80 21.75 -33.72
CA GLU A 559 -18.41 20.49 -34.34
C GLU A 559 -17.74 19.60 -33.31
N ILE A 560 -17.56 18.34 -33.68
CA ILE A 560 -17.00 17.32 -32.79
C ILE A 560 -15.58 17.04 -33.21
N LEU A 561 -14.67 17.03 -32.24
CA LEU A 561 -13.25 16.75 -32.46
C LEU A 561 -12.82 15.58 -31.60
N ASP A 562 -12.29 14.54 -32.23
CA ASP A 562 -11.68 13.43 -31.51
C ASP A 562 -10.28 13.81 -31.05
N ILE A 563 -9.95 13.41 -29.83
CA ILE A 563 -8.66 13.68 -29.22
C ILE A 563 -7.89 12.37 -29.13
N THR A 564 -6.69 12.33 -29.67
CA THR A 564 -5.88 11.13 -29.62
C THR A 564 -4.52 11.43 -29.00
N PRO A 565 -3.97 10.52 -28.19
CA PRO A 565 -2.58 10.71 -27.74
C PRO A 565 -1.66 10.81 -28.95
N CYS A 566 -0.67 11.69 -28.85
CA CYS A 566 0.05 12.12 -30.05
C CYS A 566 0.77 10.96 -30.75
N SER A 567 1.82 10.44 -30.12
CA SER A 567 2.50 9.25 -30.58
C SER A 567 3.53 8.84 -29.55
N PHE A 568 3.60 7.56 -29.21
CA PHE A 568 4.60 7.12 -28.25
C PHE A 568 4.75 5.61 -28.35
N GLY A 569 5.85 5.13 -27.81
CA GLY A 569 6.13 3.70 -27.83
C GLY A 569 7.35 3.39 -27.01
N GLY A 570 7.60 2.09 -26.83
CA GLY A 570 8.76 1.65 -26.10
C GLY A 570 9.99 1.59 -26.99
N VAL A 571 11.14 1.86 -26.38
CA VAL A 571 12.43 1.83 -27.07
C VAL A 571 13.37 0.95 -26.28
N SER A 572 13.80 -0.15 -26.89
CA SER A 572 14.76 -1.08 -26.33
C SER A 572 16.07 -1.00 -27.10
N VAL A 573 17.17 -1.31 -26.43
CA VAL A 573 18.49 -1.23 -27.02
C VAL A 573 19.10 -2.63 -27.05
N ILE A 574 19.41 -3.12 -28.25
CA ILE A 574 20.09 -4.39 -28.42
C ILE A 574 21.58 -4.12 -28.48
N THR A 575 22.34 -4.76 -27.59
CA THR A 575 23.76 -4.51 -27.53
C THR A 575 24.51 -5.79 -27.16
N PRO A 576 25.65 -6.05 -27.80
CA PRO A 576 26.62 -6.98 -27.21
C PRO A 576 27.27 -6.32 -26.01
N GLY A 577 28.13 -7.04 -25.30
CA GLY A 577 28.78 -6.44 -24.15
C GLY A 577 29.61 -5.24 -24.53
N THR A 578 29.66 -4.27 -23.61
CA THR A 578 30.55 -3.13 -23.82
C THR A 578 32.01 -3.55 -23.86
N ASN A 579 32.35 -4.70 -23.27
CA ASN A 579 33.68 -5.26 -23.43
C ASN A 579 33.94 -5.69 -24.86
N THR A 580 32.90 -5.93 -25.64
CA THR A 580 33.04 -6.35 -27.03
C THR A 580 33.00 -5.15 -27.98
N SER A 581 31.93 -4.37 -27.92
CA SER A 581 31.78 -3.23 -28.81
C SER A 581 30.82 -2.22 -28.19
N ASN A 582 30.91 -0.99 -28.69
CA ASN A 582 29.97 0.07 -28.34
C ASN A 582 28.85 0.21 -29.38
N GLN A 583 28.83 -0.67 -30.38
CA GLN A 583 27.83 -0.61 -31.42
C GLN A 583 26.52 -1.22 -30.92
N VAL A 584 25.40 -0.53 -31.18
CA VAL A 584 24.10 -0.95 -30.69
C VAL A 584 23.08 -0.88 -31.81
N ALA A 585 21.96 -1.56 -31.60
CA ALA A 585 20.78 -1.44 -32.43
C ALA A 585 19.61 -1.00 -31.55
N VAL A 586 18.57 -0.46 -32.18
CA VAL A 586 17.44 0.08 -31.44
C VAL A 586 16.17 -0.56 -31.95
N LEU A 587 15.34 -1.05 -31.03
CA LEU A 587 14.04 -1.63 -31.36
C LEU A 587 12.96 -0.69 -30.86
N TYR A 588 12.20 -0.11 -31.78
CA TYR A 588 10.99 0.63 -31.45
C TYR A 588 9.84 -0.37 -31.44
N GLN A 589 9.28 -0.60 -30.27
CA GLN A 589 8.38 -1.73 -30.07
C GLN A 589 6.99 -1.43 -30.60
N GLY A 590 6.47 -2.36 -31.42
CA GLY A 590 5.09 -2.28 -31.87
C GLY A 590 4.77 -1.07 -32.73
N VAL A 591 5.69 -0.69 -33.61
CA VAL A 591 5.46 0.42 -34.54
C VAL A 591 5.84 -0.03 -35.94
N ASN A 592 5.07 0.40 -36.92
CA ASN A 592 5.45 0.24 -38.31
C ASN A 592 6.70 1.06 -38.59
N CYS A 593 7.49 0.64 -39.58
CA CYS A 593 8.69 1.41 -39.87
C CYS A 593 8.34 2.60 -40.75
N THR A 594 7.29 3.34 -40.36
CA THR A 594 6.98 4.65 -40.91
C THR A 594 6.61 5.67 -39.83
N GLU A 595 6.11 5.24 -38.68
CA GLU A 595 5.86 6.12 -37.55
C GLU A 595 7.09 6.30 -36.68
N VAL A 596 8.20 5.65 -37.03
CA VAL A 596 9.46 5.89 -36.33
C VAL A 596 9.81 7.37 -36.47
N PRO A 597 9.94 8.11 -35.36
CA PRO A 597 10.16 9.56 -35.45
C PRO A 597 11.49 9.86 -36.14
N VAL A 598 11.39 10.61 -37.23
CA VAL A 598 12.53 10.87 -38.10
C VAL A 598 12.96 12.34 -38.02
N ALA A 599 12.00 13.25 -37.84
CA ALA A 599 12.29 14.68 -37.87
C ALA A 599 13.32 15.04 -36.80
N ILE A 600 14.30 15.84 -37.20
CA ILE A 600 15.42 16.22 -36.34
C ILE A 600 15.11 17.61 -35.77
N HIS A 601 14.52 17.63 -34.58
CA HIS A 601 14.23 18.88 -33.90
C HIS A 601 14.10 18.58 -32.40
N ALA A 602 13.58 19.54 -31.65
CA ALA A 602 13.35 19.37 -30.22
C ALA A 602 11.87 19.29 -29.88
N ASP A 603 11.03 18.92 -30.85
CA ASP A 603 9.59 18.77 -30.62
C ASP A 603 9.07 17.49 -31.25
N GLN A 604 9.93 16.47 -31.35
CA GLN A 604 9.54 15.18 -31.91
C GLN A 604 9.94 14.00 -31.06
N LEU A 605 10.74 14.19 -30.01
CA LEU A 605 11.21 13.03 -29.25
C LEU A 605 11.57 13.42 -27.83
N THR A 606 11.18 12.55 -26.89
CA THR A 606 11.79 12.58 -25.56
C THR A 606 13.27 12.18 -25.59
N PRO A 607 13.71 11.12 -26.33
CA PRO A 607 15.16 10.90 -26.44
C PRO A 607 15.79 11.87 -27.43
N THR A 608 16.63 12.78 -26.94
CA THR A 608 17.24 13.77 -27.81
C THR A 608 18.14 13.13 -28.87
N TRP A 609 18.70 11.96 -28.57
CA TRP A 609 19.49 11.25 -29.56
C TRP A 609 18.58 10.72 -30.68
N ARG A 610 19.19 10.49 -31.83
CA ARG A 610 18.45 9.97 -32.98
C ARG A 610 19.39 9.08 -33.78
N VAL A 611 19.26 7.77 -33.61
CA VAL A 611 19.97 6.82 -34.45
C VAL A 611 19.51 6.98 -35.88
N TYR A 612 20.46 7.00 -36.81
CA TYR A 612 20.19 7.28 -38.22
C TYR A 612 19.10 6.35 -38.75
N SER A 613 17.96 6.94 -39.12
CA SER A 613 16.79 6.15 -39.51
C SER A 613 16.80 5.74 -40.97
N THR A 614 17.78 6.17 -41.75
CA THR A 614 17.85 5.81 -43.17
C THR A 614 19.09 5.00 -43.51
N GLY A 615 20.28 5.52 -43.21
CA GLY A 615 21.49 4.79 -43.55
C GLY A 615 21.62 3.49 -42.77
N SER A 616 21.38 3.55 -41.46
CA SER A 616 21.38 2.33 -40.66
C SER A 616 20.25 1.43 -41.13
N ASN A 617 20.59 0.20 -41.49
CA ASN A 617 19.66 -0.68 -42.19
C ASN A 617 18.45 -0.99 -41.32
N VAL A 618 17.29 -0.48 -41.71
CA VAL A 618 16.07 -0.70 -40.95
C VAL A 618 15.45 -2.02 -41.36
N PHE A 619 14.68 -2.60 -40.45
CA PHE A 619 14.02 -3.86 -40.68
C PHE A 619 12.71 -3.85 -39.91
N GLN A 620 11.72 -4.59 -40.42
CA GLN A 620 10.38 -4.59 -39.85
C GLN A 620 10.06 -5.99 -39.33
N THR A 621 9.99 -6.12 -38.01
CA THR A 621 9.56 -7.35 -37.38
C THR A 621 8.19 -7.14 -36.75
N ARG A 622 7.51 -8.24 -36.43
CA ARG A 622 6.25 -8.13 -35.72
C ARG A 622 6.43 -7.55 -34.33
N ALA A 623 7.66 -7.55 -33.81
CA ALA A 623 7.94 -6.88 -32.55
C ALA A 623 8.00 -5.37 -32.72
N GLY A 624 8.36 -4.88 -33.90
CA GLY A 624 8.44 -3.45 -34.12
C GLY A 624 9.36 -3.12 -35.28
N CYS A 625 10.06 -2.00 -35.13
CA CYS A 625 11.02 -1.54 -36.13
C CYS A 625 12.42 -1.62 -35.53
N LEU A 626 13.30 -2.34 -36.21
CA LEU A 626 14.66 -2.55 -35.74
C LEU A 626 15.62 -1.75 -36.61
N ILE A 627 16.39 -0.86 -35.99
CA ILE A 627 17.28 0.06 -36.69
C ILE A 627 18.70 -0.24 -36.24
N GLY A 628 19.60 -0.41 -37.21
CA GLY A 628 21.00 -0.65 -36.92
C GLY A 628 21.43 -2.10 -37.03
N ALA A 629 20.54 -3.00 -37.42
CA ALA A 629 20.86 -4.40 -37.61
C ALA A 629 20.56 -4.79 -39.05
N GLU A 630 21.50 -5.48 -39.68
CA GLU A 630 21.35 -5.92 -41.07
C GLU A 630 20.74 -7.32 -41.09
N TYR A 631 19.57 -7.45 -41.71
CA TYR A 631 18.91 -8.74 -41.77
C TYR A 631 19.68 -9.68 -42.70
N VAL A 632 19.82 -10.92 -42.26
CA VAL A 632 20.57 -11.95 -42.98
C VAL A 632 19.66 -13.13 -43.25
N ASN A 633 19.73 -13.65 -44.48
CA ASN A 633 18.89 -14.79 -44.83
C ASN A 633 19.33 -16.08 -44.17
N ASN A 634 20.54 -16.13 -43.63
CA ASN A 634 20.95 -17.32 -42.89
C ASN A 634 20.20 -17.40 -41.56
N SER A 635 20.23 -18.58 -40.96
CA SER A 635 19.59 -18.82 -39.68
C SER A 635 20.58 -19.48 -38.75
N TYR A 636 20.75 -18.91 -37.56
CA TYR A 636 21.64 -19.40 -36.53
C TYR A 636 20.83 -19.63 -35.25
N GLU A 637 21.51 -20.11 -34.22
CA GLU A 637 20.89 -20.21 -32.91
C GLU A 637 20.65 -18.80 -32.36
N CYS A 638 19.60 -18.68 -31.56
CA CYS A 638 19.24 -17.36 -31.03
C CYS A 638 20.29 -16.89 -30.03
N ASP A 639 20.80 -15.68 -30.25
CA ASP A 639 21.78 -15.08 -29.36
C ASP A 639 21.17 -13.99 -28.50
N ILE A 640 20.56 -12.99 -29.11
CA ILE A 640 19.84 -11.95 -28.39
C ILE A 640 18.39 -11.97 -28.88
N PRO A 641 17.45 -12.44 -28.06
CA PRO A 641 16.07 -12.58 -28.54
C PRO A 641 15.41 -11.22 -28.73
N ILE A 642 14.94 -10.96 -29.95
CA ILE A 642 14.21 -9.75 -30.26
C ILE A 642 12.71 -10.00 -30.27
N GLY A 643 12.27 -11.12 -30.83
CA GLY A 643 10.87 -11.48 -30.77
C GLY A 643 10.29 -11.92 -32.10
N ALA A 644 9.16 -12.62 -32.04
CA ALA A 644 8.46 -13.10 -33.23
C ALA A 644 9.38 -13.93 -34.13
N GLY A 645 10.25 -14.72 -33.49
CA GLY A 645 11.18 -15.54 -34.23
C GLY A 645 12.43 -14.85 -34.72
N ILE A 646 12.62 -13.58 -34.39
CA ILE A 646 13.77 -12.82 -34.83
C ILE A 646 14.74 -12.66 -33.67
N CYS A 647 16.00 -12.96 -33.91
CA CYS A 647 17.06 -12.78 -32.93
C CYS A 647 18.18 -11.96 -33.58
N ALA A 648 19.11 -11.49 -32.74
CA ALA A 648 20.21 -10.66 -33.21
C ALA A 648 21.51 -11.11 -32.57
N SER A 649 22.61 -10.84 -33.27
CA SER A 649 23.93 -11.21 -32.76
C SER A 649 24.95 -10.24 -33.33
N TYR A 650 26.19 -10.36 -32.85
CA TYR A 650 27.29 -9.51 -33.26
C TYR A 650 28.31 -10.40 -33.97
N GLN A 651 28.35 -10.33 -35.29
CA GLN A 651 29.18 -11.23 -36.08
C GLN A 651 29.81 -10.47 -37.24
N THR A 652 30.83 -11.09 -37.84
CA THR A 652 31.54 -10.50 -38.97
C THR A 652 30.66 -10.41 -40.20
N SER A 665 35.10 -6.74 -41.18
CA SER A 665 34.54 -5.97 -40.07
C SER A 665 33.42 -6.74 -39.39
N GLN A 666 33.03 -6.28 -38.21
CA GLN A 666 31.98 -6.92 -37.42
C GLN A 666 30.83 -5.95 -37.21
N SER A 667 29.62 -6.48 -37.22
CA SER A 667 28.43 -5.66 -37.05
C SER A 667 27.31 -6.51 -36.46
N ILE A 668 26.20 -5.87 -36.14
CA ILE A 668 25.04 -6.53 -35.57
C ILE A 668 24.14 -7.01 -36.71
N ILE A 669 23.78 -8.28 -36.68
CA ILE A 669 22.94 -8.90 -37.69
C ILE A 669 21.69 -9.44 -37.03
N ALA A 670 20.57 -9.31 -37.73
CA ALA A 670 19.29 -9.86 -37.30
C ALA A 670 18.91 -11.00 -38.23
N TYR A 671 18.33 -12.06 -37.66
CA TYR A 671 18.03 -13.25 -38.43
C TYR A 671 16.83 -13.96 -37.82
N THR A 672 16.28 -14.89 -38.58
CA THR A 672 15.28 -15.81 -38.05
C THR A 672 15.99 -16.96 -37.34
N MET A 673 15.57 -17.25 -36.11
CA MET A 673 16.27 -18.25 -35.33
C MET A 673 16.12 -19.62 -35.95
N SER A 674 17.12 -20.47 -35.72
CA SER A 674 17.16 -21.81 -36.29
C SER A 674 16.73 -22.82 -35.24
N LEU A 675 15.72 -23.63 -35.57
CA LEU A 675 15.24 -24.63 -34.63
C LEU A 675 16.19 -25.82 -34.53
N GLY A 676 16.92 -26.11 -35.59
CA GLY A 676 17.83 -27.23 -35.61
C GLY A 676 17.96 -27.80 -37.00
N ALA A 677 18.90 -28.74 -37.13
CA ALA A 677 19.14 -29.37 -38.42
C ALA A 677 18.03 -30.37 -38.73
N GLU A 678 17.52 -30.32 -39.95
CA GLU A 678 16.52 -31.30 -40.38
C GLU A 678 17.17 -32.65 -40.60
N ASN A 679 16.42 -33.71 -40.29
CA ASN A 679 16.95 -35.07 -40.37
C ASN A 679 15.79 -36.01 -40.65
N SER A 680 15.67 -36.43 -41.91
CA SER A 680 14.68 -37.43 -42.28
C SER A 680 15.16 -38.81 -41.89
N VAL A 681 14.29 -39.58 -41.25
CA VAL A 681 14.62 -40.92 -40.79
C VAL A 681 14.27 -41.91 -41.89
N ALA A 682 15.22 -42.78 -42.22
CA ALA A 682 15.05 -43.74 -43.31
C ALA A 682 14.12 -44.85 -42.87
N TYR A 683 12.82 -44.55 -42.89
CA TYR A 683 11.80 -45.47 -42.42
C TYR A 683 11.29 -46.34 -43.56
N SER A 684 11.17 -47.64 -43.29
CA SER A 684 10.47 -48.57 -44.18
C SER A 684 9.97 -49.71 -43.32
N ASN A 685 9.03 -50.48 -43.87
CA ASN A 685 8.33 -51.47 -43.06
C ASN A 685 9.15 -52.73 -42.78
N ASN A 686 10.38 -52.84 -43.27
CA ASN A 686 11.19 -53.99 -42.94
C ASN A 686 12.65 -53.62 -42.71
N SER A 687 12.92 -52.42 -42.23
CA SER A 687 14.28 -51.97 -41.96
C SER A 687 14.38 -51.45 -40.53
N ILE A 688 15.40 -51.90 -39.80
CA ILE A 688 15.60 -51.49 -38.42
C ILE A 688 17.06 -51.11 -38.23
N ALA A 689 17.31 -50.08 -37.44
CA ALA A 689 18.65 -49.65 -37.09
C ALA A 689 18.96 -50.08 -35.67
N ILE A 690 20.06 -50.81 -35.50
CA ILE A 690 20.46 -51.37 -34.22
C ILE A 690 21.85 -50.88 -33.89
N PRO A 691 22.10 -50.34 -32.69
CA PRO A 691 23.45 -49.87 -32.37
C PRO A 691 24.40 -51.02 -32.11
N THR A 692 25.62 -50.89 -32.64
CA THR A 692 26.67 -51.87 -32.45
C THR A 692 27.69 -51.46 -31.40
N ASN A 693 27.50 -50.30 -30.78
CA ASN A 693 28.45 -49.78 -29.81
C ASN A 693 27.71 -48.78 -28.93
N PHE A 694 28.37 -48.34 -27.88
CA PHE A 694 27.72 -47.46 -26.90
C PHE A 694 28.69 -46.38 -26.45
N THR A 695 28.20 -45.57 -25.52
CA THR A 695 28.97 -44.46 -24.95
C THR A 695 28.44 -44.17 -23.55
N ILE A 696 29.34 -43.95 -22.62
CA ILE A 696 28.99 -43.60 -21.24
C ILE A 696 29.11 -42.09 -21.11
N SER A 697 27.99 -41.44 -20.82
CA SER A 697 27.94 -39.99 -20.75
C SER A 697 27.72 -39.54 -19.32
N VAL A 698 28.49 -38.56 -18.88
CA VAL A 698 28.32 -37.96 -17.56
C VAL A 698 27.88 -36.52 -17.78
N THR A 699 26.64 -36.23 -17.41
CA THR A 699 26.04 -34.91 -17.57
C THR A 699 25.94 -34.24 -16.21
N THR A 700 25.89 -32.91 -16.22
CA THR A 700 25.84 -32.12 -15.00
C THR A 700 24.52 -31.37 -14.92
N GLU A 701 23.83 -31.50 -13.79
CA GLU A 701 22.59 -30.77 -13.55
C GLU A 701 22.70 -29.99 -12.25
N ILE A 702 22.45 -28.69 -12.31
CA ILE A 702 22.54 -27.80 -11.15
C ILE A 702 21.13 -27.46 -10.71
N LEU A 703 20.85 -27.61 -9.42
CA LEU A 703 19.54 -27.30 -8.86
C LEU A 703 19.71 -26.43 -7.63
N PRO A 704 19.10 -25.25 -7.58
CA PRO A 704 19.05 -24.49 -6.33
C PRO A 704 18.25 -25.24 -5.28
N VAL A 705 18.67 -25.09 -4.02
CA VAL A 705 18.06 -25.77 -2.89
C VAL A 705 17.54 -24.80 -1.85
N SER A 706 18.38 -23.86 -1.44
CA SER A 706 18.01 -22.86 -0.44
C SER A 706 18.47 -21.50 -0.91
N MET A 707 18.02 -20.47 -0.19
CA MET A 707 18.46 -19.11 -0.49
C MET A 707 18.86 -18.40 0.80
N THR A 708 19.17 -17.10 0.69
CA THR A 708 19.67 -16.37 1.83
C THR A 708 18.58 -16.16 2.87
N LYS A 709 18.90 -16.46 4.13
CA LYS A 709 18.01 -16.21 5.26
C LYS A 709 18.25 -14.79 5.74
N THR A 710 17.25 -13.93 5.60
CA THR A 710 17.38 -12.54 5.98
C THR A 710 16.43 -12.19 7.10
N SER A 711 16.83 -11.22 7.92
CA SER A 711 16.02 -10.71 9.00
C SER A 711 16.02 -9.19 8.93
N VAL A 712 14.88 -8.58 9.24
CA VAL A 712 14.70 -7.14 9.14
C VAL A 712 14.26 -6.62 10.51
N ASP A 713 14.95 -5.61 11.00
CA ASP A 713 14.54 -4.89 12.20
C ASP A 713 13.63 -3.76 11.76
N CYS A 714 12.33 -3.95 11.96
CA CYS A 714 11.34 -3.02 11.42
C CYS A 714 11.55 -1.62 11.97
N THR A 715 11.70 -1.50 13.29
CA THR A 715 11.86 -0.20 13.91
C THR A 715 13.16 0.47 13.47
N MET A 716 14.25 -0.29 13.40
CA MET A 716 15.52 0.29 13.01
C MET A 716 15.50 0.74 11.56
N TYR A 717 14.85 -0.02 10.68
CA TYR A 717 14.77 0.38 9.28
C TYR A 717 13.89 1.61 9.11
N ILE A 718 12.71 1.60 9.71
CA ILE A 718 11.76 2.69 9.49
C ILE A 718 12.12 3.90 10.33
N CYS A 719 12.44 3.69 11.61
CA CYS A 719 12.53 4.76 12.60
C CYS A 719 13.86 4.69 13.34
N GLY A 720 14.94 4.55 12.59
CA GLY A 720 16.25 4.37 13.19
C GLY A 720 16.64 5.45 14.18
N ASP A 721 16.63 5.11 15.47
CA ASP A 721 16.98 6.03 16.56
C ASP A 721 16.08 7.27 16.54
N SER A 722 14.79 7.04 16.74
CA SER A 722 13.83 8.13 16.78
C SER A 722 12.64 7.67 17.62
N THR A 723 12.43 8.33 18.76
CA THR A 723 11.34 7.95 19.65
C THR A 723 10.00 8.39 19.09
N GLU A 724 9.94 9.59 18.52
CA GLU A 724 8.69 10.07 17.93
C GLU A 724 8.25 9.18 16.78
N CYS A 725 9.20 8.79 15.92
CA CYS A 725 8.88 7.91 14.81
C CYS A 725 8.41 6.55 15.32
N SER A 726 9.04 6.03 16.37
CA SER A 726 8.63 4.74 16.91
C SER A 726 7.21 4.81 17.48
N ASN A 727 6.91 5.88 18.22
CA ASN A 727 5.57 6.04 18.77
C ASN A 727 4.53 6.17 17.67
N LEU A 728 4.85 6.88 16.59
CA LEU A 728 3.92 6.96 15.47
C LEU A 728 3.77 5.62 14.78
N LEU A 729 4.86 4.84 14.69
CA LEU A 729 4.80 3.54 14.06
C LEU A 729 3.95 2.56 14.85
N LEU A 730 3.91 2.72 16.18
CA LEU A 730 3.05 1.87 16.99
C LEU A 730 1.58 1.98 16.57
N GLN A 731 1.20 3.12 15.98
CA GLN A 731 -0.19 3.33 15.58
C GLN A 731 -0.61 2.45 14.41
N TYR A 732 0.35 1.90 13.66
CA TYR A 732 0.04 1.18 12.42
C TYR A 732 -0.18 -0.31 12.65
N GLY A 733 -0.56 -0.71 13.85
CA GLY A 733 -0.96 -2.09 14.06
C GLY A 733 0.22 -3.04 14.10
N SER A 734 -0.01 -4.25 13.61
CA SER A 734 0.96 -5.34 13.67
C SER A 734 1.51 -5.69 12.30
N PHE A 735 1.75 -4.67 11.47
CA PHE A 735 2.38 -4.91 10.18
C PHE A 735 3.81 -5.43 10.37
N CYS A 736 4.57 -4.80 11.25
CA CYS A 736 5.95 -5.21 11.48
C CYS A 736 6.03 -6.63 12.01
N THR A 737 5.14 -6.99 12.93
CA THR A 737 5.18 -8.31 13.53
C THR A 737 4.92 -9.40 12.49
N GLN A 738 3.97 -9.17 11.58
CA GLN A 738 3.71 -10.19 10.58
C GLN A 738 4.76 -10.21 9.48
N LEU A 739 5.39 -9.08 9.17
CA LEU A 739 6.56 -9.13 8.29
C LEU A 739 7.67 -9.97 8.90
N LYS A 740 7.92 -9.76 10.19
CA LYS A 740 8.93 -10.54 10.90
C LYS A 740 8.56 -12.02 10.91
N ARG A 741 7.28 -12.33 11.13
CA ARG A 741 6.83 -13.71 11.11
C ARG A 741 7.04 -14.36 9.75
N ALA A 742 6.73 -13.63 8.68
CA ALA A 742 6.93 -14.17 7.33
C ALA A 742 8.40 -14.45 7.08
N LEU A 743 9.28 -13.52 7.45
CA LEU A 743 10.70 -13.74 7.20
C LEU A 743 11.24 -14.91 8.02
N THR A 744 10.79 -15.04 9.27
CA THR A 744 11.21 -16.18 10.08
C THR A 744 10.75 -17.49 9.46
N GLY A 745 9.50 -17.53 8.98
CA GLY A 745 9.03 -18.72 8.29
C GLY A 745 9.86 -19.06 7.08
N ILE A 746 10.26 -18.04 6.31
CA ILE A 746 11.09 -18.27 5.13
C ILE A 746 12.43 -18.87 5.53
N ALA A 747 13.04 -18.34 6.59
CA ALA A 747 14.34 -18.85 7.03
C ALA A 747 14.25 -20.31 7.47
N VAL A 748 13.24 -20.62 8.28
CA VAL A 748 13.05 -22.00 8.72
C VAL A 748 12.80 -22.91 7.52
N GLU A 749 12.07 -22.40 6.52
CA GLU A 749 11.83 -23.19 5.32
C GLU A 749 13.12 -23.47 4.56
N GLN A 750 14.03 -22.49 4.53
CA GLN A 750 15.31 -22.73 3.86
C GLN A 750 16.09 -23.83 4.55
N ASP A 751 16.13 -23.80 5.88
CA ASP A 751 16.79 -24.88 6.61
C ASP A 751 16.12 -26.22 6.32
N LYS A 752 14.80 -26.24 6.28
CA LYS A 752 14.09 -27.48 5.98
C LYS A 752 14.38 -27.98 4.57
N ASN A 753 14.51 -27.07 3.60
CA ASN A 753 14.84 -27.46 2.24
C ASN A 753 16.19 -28.15 2.20
N THR A 754 17.19 -27.54 2.84
CA THR A 754 18.52 -28.17 2.84
C THR A 754 18.46 -29.54 3.52
N GLN A 755 17.76 -29.63 4.66
CA GLN A 755 17.66 -30.89 5.37
C GLN A 755 17.02 -31.96 4.51
N GLU A 756 15.92 -31.62 3.84
CA GLU A 756 15.22 -32.61 3.01
C GLU A 756 16.06 -33.06 1.84
N VAL A 757 16.77 -32.13 1.20
CA VAL A 757 17.57 -32.52 0.03
C VAL A 757 18.72 -33.43 0.44
N PHE A 758 19.47 -33.05 1.48
CA PHE A 758 20.72 -33.75 1.76
C PHE A 758 20.61 -34.82 2.83
N ALA A 759 19.80 -34.62 3.87
CA ALA A 759 19.73 -35.59 4.95
C ALA A 759 18.80 -36.75 4.60
N GLN A 760 19.03 -37.39 3.46
CA GLN A 760 18.25 -38.56 3.06
C GLN A 760 18.89 -39.87 3.47
N VAL A 761 20.07 -39.83 4.09
CA VAL A 761 20.82 -41.02 4.46
C VAL A 761 20.81 -41.15 5.97
N LYS A 762 20.52 -42.36 6.46
CA LYS A 762 20.40 -42.58 7.89
C LYS A 762 21.77 -42.57 8.58
N GLN A 763 22.77 -43.21 7.98
CA GLN A 763 24.07 -43.37 8.58
C GLN A 763 25.15 -42.80 7.67
N ILE A 764 26.19 -42.24 8.28
CA ILE A 764 27.26 -41.63 7.52
C ILE A 764 28.22 -42.73 7.04
N TYR A 765 27.95 -43.26 5.85
CA TYR A 765 28.81 -44.30 5.30
C TYR A 765 30.15 -43.74 4.89
N LYS A 766 31.11 -44.64 4.68
CA LYS A 766 32.42 -44.23 4.19
C LYS A 766 33.05 -45.40 3.46
N THR A 767 33.81 -45.08 2.41
CA THR A 767 34.44 -46.09 1.58
C THR A 767 35.64 -46.71 2.30
N PRO A 768 35.98 -47.96 1.97
CA PRO A 768 37.17 -48.57 2.54
C PRO A 768 38.43 -47.90 2.05
N PRO A 769 39.56 -48.08 2.75
CA PRO A 769 40.80 -47.43 2.31
C PRO A 769 41.24 -47.82 0.92
N ILE A 770 40.95 -49.05 0.47
CA ILE A 770 41.23 -49.43 -0.91
C ILE A 770 40.29 -48.70 -1.84
N LYS A 771 40.79 -48.31 -3.01
CA LYS A 771 40.03 -47.50 -3.95
C LYS A 771 40.01 -48.11 -5.34
N TYR A 772 39.84 -49.42 -5.42
CA TYR A 772 39.69 -50.11 -6.71
C TYR A 772 38.23 -50.54 -6.85
N PHE A 773 37.43 -49.69 -7.48
CA PHE A 773 36.04 -50.02 -7.77
C PHE A 773 35.90 -50.53 -9.20
N GLY A 774 36.60 -51.63 -9.47
CA GLY A 774 36.50 -52.28 -10.77
C GLY A 774 37.01 -51.45 -11.93
N GLY A 775 38.03 -50.62 -11.72
CA GLY A 775 38.60 -49.80 -12.75
C GLY A 775 38.03 -48.40 -12.83
N PHE A 776 36.88 -48.15 -12.22
CA PHE A 776 36.29 -46.82 -12.20
C PHE A 776 37.04 -45.95 -11.21
N ASN A 777 37.22 -44.69 -11.56
CA ASN A 777 38.06 -43.77 -10.81
C ASN A 777 37.17 -42.68 -10.22
N PHE A 778 36.92 -42.75 -8.91
CA PHE A 778 36.08 -41.81 -8.20
C PHE A 778 36.89 -40.82 -7.37
N SER A 779 38.19 -40.73 -7.61
CA SER A 779 39.05 -39.89 -6.77
C SER A 779 38.68 -38.42 -6.85
N GLN A 780 38.06 -37.98 -7.94
CA GLN A 780 37.71 -36.58 -8.11
C GLN A 780 36.36 -36.22 -7.50
N ILE A 781 35.58 -37.19 -7.06
CA ILE A 781 34.32 -36.92 -6.38
C ILE A 781 34.33 -37.39 -4.93
N LEU A 782 35.24 -38.25 -4.53
CA LEU A 782 35.37 -38.63 -3.14
C LEU A 782 36.12 -37.55 -2.35
N PRO A 783 35.91 -37.48 -1.04
CA PRO A 783 36.53 -36.40 -0.26
C PRO A 783 38.05 -36.47 -0.27
N ASP A 784 38.66 -35.29 -0.14
CA ASP A 784 40.11 -35.18 0.02
C ASP A 784 40.42 -34.91 1.48
N PRO A 785 41.02 -35.85 2.21
CA PRO A 785 41.35 -35.58 3.62
C PRO A 785 42.38 -34.49 3.81
N SER A 786 43.15 -34.16 2.76
CA SER A 786 44.18 -33.13 2.90
C SER A 786 43.56 -31.76 3.19
N LYS A 787 42.45 -31.44 2.53
CA LYS A 787 41.85 -30.13 2.67
C LYS A 787 41.22 -29.98 4.06
N PRO A 788 41.16 -28.75 4.59
CA PRO A 788 40.51 -28.52 5.89
C PRO A 788 39.04 -28.95 5.86
N SER A 789 38.28 -28.39 4.92
CA SER A 789 36.93 -28.87 4.66
C SER A 789 37.03 -30.08 3.75
N LYS A 790 36.58 -31.23 4.22
CA LYS A 790 36.77 -32.47 3.48
C LYS A 790 35.86 -32.54 2.27
N ARG A 791 36.09 -31.66 1.30
CA ARG A 791 35.35 -31.64 0.05
C ARG A 791 36.15 -32.32 -1.04
N SER A 792 35.46 -32.74 -2.09
CA SER A 792 36.12 -33.34 -3.23
C SER A 792 36.74 -32.24 -4.10
N PHE A 793 37.45 -32.67 -5.14
CA PHE A 793 38.02 -31.71 -6.09
C PHE A 793 36.91 -30.93 -6.79
N ILE A 794 35.90 -31.64 -7.28
CA ILE A 794 34.83 -31.00 -8.03
C ILE A 794 34.01 -30.09 -7.12
N GLU A 795 33.80 -30.50 -5.87
CA GLU A 795 33.07 -29.65 -4.93
C GLU A 795 33.85 -28.36 -4.67
N ASP A 796 35.18 -28.44 -4.58
CA ASP A 796 35.97 -27.24 -4.42
C ASP A 796 35.87 -26.33 -5.64
N LEU A 797 35.88 -26.91 -6.84
CA LEU A 797 35.68 -26.10 -8.04
C LEU A 797 34.33 -25.40 -8.00
N LEU A 798 33.29 -26.13 -7.62
CA LEU A 798 31.95 -25.55 -7.55
C LEU A 798 31.90 -24.42 -6.52
N PHE A 799 32.54 -24.62 -5.37
CA PHE A 799 32.57 -23.58 -4.35
C PHE A 799 33.27 -22.33 -4.85
N ASN A 800 34.39 -22.52 -5.58
CA ASN A 800 35.07 -21.37 -6.15
C ASN A 800 34.27 -20.72 -7.27
N LYS A 801 33.32 -21.42 -7.86
CA LYS A 801 32.54 -20.83 -8.94
C LYS A 801 31.40 -19.94 -8.47
N VAL A 802 31.04 -20.00 -7.18
CA VAL A 802 29.94 -19.19 -6.64
C VAL A 802 30.48 -18.35 -5.49
N THR A 803 30.24 -17.04 -5.55
CA THR A 803 30.71 -16.10 -4.54
C THR A 803 29.52 -15.57 -3.77
N LEU A 804 29.40 -15.95 -2.51
CA LEU A 804 28.30 -15.46 -1.68
C LEU A 804 28.51 -14.00 -1.33
N ALA A 805 27.44 -13.22 -1.41
CA ALA A 805 27.52 -11.81 -1.02
C ALA A 805 27.74 -11.68 0.49
N ASP A 806 26.97 -12.42 1.29
CA ASP A 806 27.09 -12.38 2.74
C ASP A 806 26.83 -13.78 3.27
N ALA A 807 27.82 -14.34 3.96
CA ALA A 807 27.67 -15.68 4.52
C ALA A 807 26.88 -15.70 5.81
N GLY A 808 26.60 -14.53 6.41
CA GLY A 808 25.84 -14.47 7.63
C GLY A 808 26.63 -14.73 8.89
N PHE A 809 27.95 -14.80 8.81
CA PHE A 809 28.78 -15.09 9.97
C PHE A 809 28.99 -13.82 10.79
N ILE A 810 29.89 -13.89 11.77
CA ILE A 810 30.09 -12.76 12.68
C ILE A 810 30.74 -11.61 11.94
N LYS A 811 30.18 -10.41 12.10
CA LYS A 811 30.74 -9.19 11.54
C LYS A 811 31.28 -8.36 12.69
N GLN A 812 32.60 -8.16 12.70
CA GLN A 812 33.23 -7.38 13.75
C GLN A 812 32.77 -5.93 13.67
N TYR A 813 32.64 -5.30 14.84
CA TYR A 813 32.22 -3.91 14.87
C TYR A 813 33.25 -3.00 14.22
N GLY A 814 34.53 -3.28 14.44
CA GLY A 814 35.59 -2.52 13.78
C GLY A 814 35.65 -2.73 12.29
N ASP A 815 35.04 -3.80 11.79
CA ASP A 815 35.03 -4.04 10.34
C ASP A 815 34.28 -2.94 9.61
N CYS A 816 33.13 -2.51 10.15
CA CYS A 816 32.42 -1.37 9.58
C CYS A 816 32.82 -0.05 10.22
N LEU A 817 33.40 -0.09 11.43
CA LEU A 817 33.93 1.13 12.03
C LEU A 817 35.19 1.62 11.35
N GLY A 818 35.91 0.74 10.65
CA GLY A 818 37.15 1.14 10.02
C GLY A 818 36.99 2.18 8.94
N ASP A 819 35.82 2.20 8.29
CA ASP A 819 35.45 3.20 7.28
C ASP A 819 36.36 3.16 6.06
N ILE A 820 37.07 2.04 5.84
CA ILE A 820 37.93 1.88 4.68
C ILE A 820 37.51 0.62 3.93
N ALA A 821 36.67 -0.19 4.58
CA ALA A 821 36.27 -1.47 4.00
C ALA A 821 35.50 -1.27 2.70
N ALA A 822 35.72 -2.20 1.77
CA ALA A 822 35.01 -2.21 0.49
C ALA A 822 33.65 -2.87 0.58
N ARG A 823 33.25 -3.33 1.77
CA ARG A 823 31.95 -3.94 2.00
C ARG A 823 30.89 -2.94 2.45
N ASP A 824 30.99 -1.68 1.99
CA ASP A 824 30.09 -0.63 2.44
C ASP A 824 28.63 -0.98 2.19
N LEU A 825 28.35 -1.81 1.19
CA LEU A 825 26.97 -2.26 0.97
C LEU A 825 26.47 -3.07 2.15
N ILE A 826 27.28 -4.02 2.62
CA ILE A 826 26.86 -4.86 3.75
C ILE A 826 26.79 -4.05 5.02
N CYS A 827 27.72 -3.11 5.22
CA CYS A 827 27.65 -2.26 6.40
C CYS A 827 26.41 -1.38 6.39
N ALA A 828 26.07 -0.83 5.22
CA ALA A 828 24.85 -0.04 5.10
C ALA A 828 23.61 -0.88 5.36
N GLN A 829 23.59 -2.11 4.86
CA GLN A 829 22.47 -3.01 5.14
C GLN A 829 22.36 -3.30 6.62
N LYS A 830 23.50 -3.57 7.28
CA LYS A 830 23.46 -3.94 8.69
C LYS A 830 23.11 -2.76 9.58
N PHE A 831 23.52 -1.56 9.20
CA PHE A 831 23.24 -0.39 10.01
C PHE A 831 21.78 0.05 9.91
N ASN A 832 21.03 -0.47 8.95
CA ASN A 832 19.62 -0.15 8.79
C ASN A 832 18.72 -1.32 9.17
N GLY A 833 19.23 -2.29 9.93
CA GLY A 833 18.42 -3.36 10.45
C GLY A 833 18.29 -4.58 9.57
N LEU A 834 18.93 -4.60 8.40
CA LEU A 834 18.85 -5.73 7.48
C LEU A 834 20.07 -6.62 7.70
N THR A 835 19.84 -7.82 8.24
CA THR A 835 20.93 -8.74 8.55
C THR A 835 20.66 -10.08 7.89
N VAL A 836 21.71 -10.90 7.82
CA VAL A 836 21.65 -12.23 7.23
C VAL A 836 22.01 -13.25 8.29
N LEU A 837 21.14 -14.25 8.46
CA LEU A 837 21.29 -15.34 9.40
C LEU A 837 22.04 -16.50 8.76
N PRO A 838 22.93 -17.16 9.48
CA PRO A 838 23.69 -18.27 8.89
C PRO A 838 22.84 -19.52 8.78
N PRO A 839 23.07 -20.33 7.75
CA PRO A 839 22.33 -21.59 7.64
C PRO A 839 22.68 -22.55 8.76
N LEU A 840 21.70 -23.39 9.11
CA LEU A 840 21.89 -24.31 10.21
C LEU A 840 22.98 -25.33 9.91
N LEU A 841 23.01 -25.86 8.69
CA LEU A 841 24.00 -26.85 8.31
C LEU A 841 25.19 -26.15 7.67
N THR A 842 26.36 -26.31 8.28
CA THR A 842 27.57 -25.75 7.70
C THR A 842 27.95 -26.49 6.42
N ASP A 843 28.82 -25.87 5.62
CA ASP A 843 29.24 -26.49 4.37
C ASP A 843 29.94 -27.82 4.61
N GLU A 844 30.64 -27.96 5.74
CA GLU A 844 31.28 -29.23 6.04
C GLU A 844 30.25 -30.32 6.29
N MET A 845 29.13 -29.98 6.93
CA MET A 845 28.09 -30.97 7.15
C MET A 845 27.44 -31.40 5.84
N ILE A 846 27.22 -30.45 4.92
CA ILE A 846 26.69 -30.80 3.60
C ILE A 846 27.68 -31.69 2.87
N ALA A 847 28.98 -31.39 2.98
CA ALA A 847 29.99 -32.23 2.36
C ALA A 847 29.97 -33.63 2.94
N GLN A 848 29.80 -33.75 4.26
CA GLN A 848 29.69 -35.06 4.89
C GLN A 848 28.47 -35.83 4.38
N TYR A 849 27.35 -35.13 4.24
CA TYR A 849 26.14 -35.79 3.73
C TYR A 849 26.35 -36.30 2.31
N THR A 850 26.93 -35.47 1.44
CA THR A 850 27.17 -35.91 0.08
C THR A 850 28.18 -37.05 0.04
N SER A 851 29.20 -37.00 0.91
CA SER A 851 30.17 -38.09 0.98
C SER A 851 29.51 -39.39 1.42
N ALA A 852 28.62 -39.32 2.40
CA ALA A 852 27.91 -40.52 2.85
C ALA A 852 27.05 -41.09 1.73
N LEU A 853 26.31 -40.23 1.03
CA LEU A 853 25.50 -40.69 -0.08
C LEU A 853 26.36 -41.34 -1.16
N LEU A 854 27.49 -40.71 -1.48
CA LEU A 854 28.38 -41.23 -2.51
C LEU A 854 28.97 -42.58 -2.10
N ALA A 855 29.43 -42.70 -0.87
CA ALA A 855 30.01 -43.95 -0.39
C ALA A 855 28.96 -45.06 -0.39
N GLY A 856 27.74 -44.75 0.05
CA GLY A 856 26.69 -45.74 0.01
C GLY A 856 26.37 -46.20 -1.40
N THR A 857 26.28 -45.25 -2.33
CA THR A 857 26.00 -45.59 -3.73
C THR A 857 27.11 -46.46 -4.32
N ILE A 858 28.36 -46.11 -4.03
CA ILE A 858 29.48 -46.83 -4.65
C ILE A 858 29.61 -48.23 -4.06
N THR A 859 29.48 -48.36 -2.74
CA THR A 859 29.75 -49.64 -2.10
C THR A 859 28.53 -50.53 -1.93
N SER A 860 27.32 -50.04 -2.18
CA SER A 860 26.15 -50.86 -1.95
C SER A 860 25.07 -50.73 -3.01
N GLY A 861 25.30 -49.97 -4.09
CA GLY A 861 24.28 -49.83 -5.10
C GLY A 861 23.06 -49.09 -4.57
N TRP A 862 21.88 -49.57 -4.92
CA TRP A 862 20.64 -48.98 -4.45
C TRP A 862 20.12 -49.65 -3.18
N THR A 863 20.85 -50.62 -2.64
CA THR A 863 20.34 -51.37 -1.50
C THR A 863 20.31 -50.54 -0.23
N PHE A 864 21.16 -49.52 -0.13
CA PHE A 864 21.20 -48.71 1.08
C PHE A 864 20.02 -47.75 1.17
N GLY A 865 19.34 -47.49 0.07
CA GLY A 865 18.15 -46.66 0.09
C GLY A 865 16.89 -47.37 0.52
N ALA A 866 16.90 -48.70 0.55
CA ALA A 866 15.75 -49.49 0.99
C ALA A 866 15.91 -49.95 2.42
N GLY A 867 17.00 -50.64 2.73
CA GLY A 867 17.27 -51.07 4.08
C GLY A 867 18.73 -50.89 4.47
N ALA A 868 19.33 -51.90 5.06
CA ALA A 868 20.74 -51.85 5.39
C ALA A 868 21.57 -51.92 4.12
N ALA A 869 22.72 -51.24 4.14
CA ALA A 869 23.60 -51.24 2.98
C ALA A 869 24.22 -52.62 2.81
N LEU A 870 24.01 -53.21 1.63
CA LEU A 870 24.51 -54.55 1.31
C LEU A 870 25.61 -54.39 0.28
N GLN A 871 26.84 -54.74 0.66
CA GLN A 871 27.97 -54.53 -0.22
C GLN A 871 27.88 -55.44 -1.44
N ILE A 872 28.45 -54.97 -2.55
CA ILE A 872 28.47 -55.71 -3.80
C ILE A 872 29.59 -55.13 -4.65
N PRO A 873 30.38 -55.96 -5.34
CA PRO A 873 31.45 -55.43 -6.18
C PRO A 873 30.89 -54.48 -7.23
N PHE A 874 31.63 -53.41 -7.51
CA PHE A 874 31.11 -52.35 -8.35
C PHE A 874 30.83 -52.82 -9.76
N ALA A 875 31.65 -53.73 -10.29
CA ALA A 875 31.39 -54.26 -11.62
C ALA A 875 30.07 -55.00 -11.67
N MET A 876 29.76 -55.77 -10.63
CA MET A 876 28.49 -56.48 -10.59
C MET A 876 27.32 -55.52 -10.45
N GLN A 877 27.50 -54.44 -9.69
CA GLN A 877 26.46 -53.42 -9.59
C GLN A 877 26.21 -52.76 -10.94
N MET A 878 27.29 -52.46 -11.68
CA MET A 878 27.11 -51.89 -13.01
C MET A 878 26.46 -52.87 -13.96
N ALA A 879 26.73 -54.17 -13.79
CA ALA A 879 26.03 -55.18 -14.57
C ALA A 879 24.54 -55.20 -14.23
N TYR A 880 24.22 -55.01 -12.94
CA TYR A 880 22.81 -54.87 -12.56
C TYR A 880 22.17 -53.68 -13.25
N ARG A 881 22.87 -52.55 -13.30
CA ARG A 881 22.34 -51.37 -13.99
C ARG A 881 22.14 -51.66 -15.48
N PHE A 882 23.09 -52.34 -16.10
CA PHE A 882 22.96 -52.69 -17.51
C PHE A 882 21.75 -53.58 -17.74
N ASN A 883 21.53 -54.55 -16.86
CA ASN A 883 20.28 -55.32 -16.91
C ASN A 883 19.07 -54.40 -16.74
N GLY A 884 19.21 -53.35 -15.93
CA GLY A 884 18.10 -52.46 -15.69
C GLY A 884 17.74 -51.57 -16.85
N ILE A 885 18.69 -51.32 -17.76
CA ILE A 885 18.40 -50.56 -18.97
C ILE A 885 18.16 -51.47 -20.16
N GLY A 886 18.06 -52.78 -19.95
CA GLY A 886 17.74 -53.70 -21.03
C GLY A 886 18.90 -54.25 -21.80
N VAL A 887 20.12 -54.18 -21.26
CA VAL A 887 21.31 -54.72 -21.90
C VAL A 887 21.82 -55.86 -21.04
N THR A 888 22.08 -57.01 -21.67
CA THR A 888 22.55 -58.17 -20.92
C THR A 888 23.91 -57.87 -20.29
N GLN A 889 24.12 -58.45 -19.10
CA GLN A 889 25.28 -58.10 -18.29
C GLN A 889 26.60 -58.56 -18.90
N ASN A 890 26.57 -59.55 -19.78
CA ASN A 890 27.81 -59.95 -20.45
C ASN A 890 28.38 -58.82 -21.29
N VAL A 891 27.54 -57.88 -21.73
CA VAL A 891 28.05 -56.70 -22.41
C VAL A 891 28.93 -55.89 -21.48
N LEU A 892 28.48 -55.70 -20.24
CA LEU A 892 29.29 -54.99 -19.25
C LEU A 892 30.57 -55.77 -18.94
N TYR A 893 30.45 -57.08 -18.73
CA TYR A 893 31.59 -57.86 -18.30
C TYR A 893 32.64 -58.00 -19.40
N GLU A 894 32.23 -57.96 -20.66
CA GLU A 894 33.16 -58.10 -21.77
C GLU A 894 33.70 -56.77 -22.28
N ASN A 895 33.14 -55.66 -21.82
CA ASN A 895 33.63 -54.33 -22.17
C ASN A 895 33.99 -53.52 -20.94
N GLN A 896 34.37 -54.20 -19.86
CA GLN A 896 34.52 -53.53 -18.57
C GLN A 896 35.59 -52.44 -18.63
N LYS A 897 36.74 -52.76 -19.21
CA LYS A 897 37.81 -51.77 -19.29
C LYS A 897 37.42 -50.58 -20.16
N LEU A 898 36.75 -50.85 -21.28
CA LEU A 898 36.31 -49.76 -22.15
C LEU A 898 35.32 -48.84 -21.43
N ILE A 899 34.37 -49.44 -20.70
CA ILE A 899 33.39 -48.65 -19.99
C ILE A 899 34.05 -47.84 -18.87
N ALA A 900 35.01 -48.44 -18.16
CA ALA A 900 35.73 -47.70 -17.14
C ALA A 900 36.49 -46.52 -17.74
N ASN A 901 37.15 -46.74 -18.88
CA ASN A 901 37.89 -45.67 -19.52
C ASN A 901 36.95 -44.55 -19.97
N GLN A 902 35.79 -44.91 -20.53
CA GLN A 902 34.84 -43.88 -20.95
C GLN A 902 34.34 -43.08 -19.77
N PHE A 903 34.04 -43.75 -18.66
CA PHE A 903 33.58 -43.04 -17.46
C PHE A 903 34.66 -42.11 -16.94
N ASN A 904 35.92 -42.58 -16.90
CA ASN A 904 37.01 -41.74 -16.41
C ASN A 904 37.21 -40.53 -17.31
N SER A 905 37.14 -40.72 -18.63
CA SER A 905 37.28 -39.61 -19.56
C SER A 905 36.16 -38.60 -19.39
N ALA A 906 34.92 -39.08 -19.18
CA ALA A 906 33.81 -38.17 -18.97
C ALA A 906 33.98 -37.36 -17.69
N ILE A 907 34.45 -38.02 -16.62
CA ILE A 907 34.70 -37.29 -15.38
C ILE A 907 35.79 -36.24 -15.58
N GLY A 908 36.85 -36.60 -16.31
CA GLY A 908 37.90 -35.63 -16.60
C GLY A 908 37.39 -34.45 -17.40
N LYS A 909 36.51 -34.70 -18.37
CA LYS A 909 35.94 -33.61 -19.14
C LYS A 909 35.04 -32.72 -18.28
N ILE A 910 34.32 -33.32 -17.33
CA ILE A 910 33.56 -32.51 -16.38
C ILE A 910 34.50 -31.62 -15.59
N GLN A 911 35.61 -32.19 -15.11
CA GLN A 911 36.62 -31.40 -14.41
C GLN A 911 37.09 -30.22 -15.24
N ASP A 912 37.45 -30.47 -16.50
CA ASP A 912 37.96 -29.41 -17.35
C ASP A 912 36.90 -28.35 -17.62
N SER A 913 35.66 -28.77 -17.86
CA SER A 913 34.59 -27.81 -18.11
C SER A 913 34.37 -26.92 -16.90
N LEU A 914 34.41 -27.50 -15.70
CA LEU A 914 34.24 -26.69 -14.50
C LEU A 914 35.43 -25.76 -14.27
N SER A 915 36.64 -26.25 -14.55
CA SER A 915 37.84 -25.47 -14.28
C SER A 915 38.12 -24.40 -15.33
N SER A 916 37.47 -24.47 -16.49
CA SER A 916 37.71 -23.49 -17.56
C SER A 916 36.63 -22.41 -17.60
N THR A 917 35.37 -22.80 -17.74
CA THR A 917 34.28 -21.84 -17.87
C THR A 917 33.88 -21.31 -16.50
N ALA A 918 34.10 -20.02 -16.27
CA ALA A 918 33.72 -19.42 -14.99
C ALA A 918 32.21 -19.32 -14.86
N SER A 919 31.51 -19.03 -15.95
CA SER A 919 30.06 -18.87 -15.93
C SER A 919 29.38 -20.21 -16.17
N ALA A 920 29.50 -21.09 -15.17
CA ALA A 920 28.89 -22.41 -15.21
C ALA A 920 27.71 -22.54 -14.27
N LEU A 921 27.85 -22.12 -13.02
CA LEU A 921 26.77 -22.21 -12.03
C LEU A 921 25.93 -20.95 -12.09
N GLY A 922 25.18 -20.84 -13.19
CA GLY A 922 24.37 -19.65 -13.40
C GLY A 922 23.22 -19.51 -12.41
N LYS A 923 22.56 -20.62 -12.09
CA LYS A 923 21.35 -20.54 -11.28
C LYS A 923 21.64 -20.12 -9.84
N LEU A 924 22.66 -20.71 -9.24
CA LEU A 924 23.00 -20.38 -7.86
C LEU A 924 23.44 -18.92 -7.75
N GLN A 925 24.27 -18.48 -8.69
CA GLN A 925 24.69 -17.08 -8.69
C GLN A 925 23.52 -16.16 -8.93
N ASP A 926 22.55 -16.57 -9.76
CA ASP A 926 21.34 -15.77 -9.95
C ASP A 926 20.57 -15.63 -8.66
N VAL A 927 20.45 -16.72 -7.89
CA VAL A 927 19.77 -16.66 -6.60
C VAL A 927 20.46 -15.67 -5.67
N VAL A 928 21.79 -15.79 -5.56
CA VAL A 928 22.54 -14.92 -4.66
C VAL A 928 22.41 -13.47 -5.09
N ASN A 929 22.52 -13.22 -6.40
CA ASN A 929 22.44 -11.86 -6.90
C ASN A 929 21.05 -11.27 -6.71
N HIS A 930 20.00 -12.08 -6.89
CA HIS A 930 18.65 -11.58 -6.67
C HIS A 930 18.46 -11.18 -5.21
N ASN A 931 18.90 -12.01 -4.27
CA ASN A 931 18.74 -11.65 -2.87
C ASN A 931 19.53 -10.39 -2.52
N ALA A 932 20.79 -10.31 -2.98
CA ALA A 932 21.62 -9.15 -2.69
C ALA A 932 21.02 -7.88 -3.29
N GLN A 933 20.52 -7.98 -4.53
CA GLN A 933 19.91 -6.83 -5.18
C GLN A 933 18.65 -6.38 -4.45
N ALA A 934 17.85 -7.34 -3.97
CA ALA A 934 16.67 -6.98 -3.19
C ALA A 934 17.05 -6.22 -1.93
N LEU A 935 18.08 -6.69 -1.22
CA LEU A 935 18.51 -5.97 -0.02
C LEU A 935 19.05 -4.59 -0.36
N ASN A 936 19.82 -4.48 -1.45
CA ASN A 936 20.36 -3.17 -1.82
C ASN A 936 19.26 -2.20 -2.22
N THR A 937 18.24 -2.68 -2.94
CA THR A 937 17.11 -1.84 -3.27
C THR A 937 16.37 -1.39 -2.01
N LEU A 938 16.19 -2.30 -1.06
CA LEU A 938 15.54 -1.94 0.19
C LEU A 938 16.32 -0.86 0.92
N VAL A 939 17.65 -0.95 0.89
CA VAL A 939 18.47 0.08 1.52
C VAL A 939 18.33 1.41 0.79
N LYS A 940 18.40 1.39 -0.54
CA LYS A 940 18.33 2.63 -1.30
C LYS A 940 16.97 3.28 -1.23
N GLN A 941 15.92 2.53 -0.87
CA GLN A 941 14.60 3.13 -0.70
C GLN A 941 14.58 4.14 0.44
N LEU A 942 15.58 4.14 1.32
CA LEU A 942 15.58 5.04 2.47
C LEU A 942 15.89 6.48 2.10
N SER A 943 16.34 6.74 0.88
CA SER A 943 16.66 8.10 0.45
C SER A 943 15.51 8.80 -0.22
N SER A 944 14.33 8.17 -0.27
CA SER A 944 13.17 8.75 -0.94
C SER A 944 12.34 9.57 0.04
N LYS A 945 11.90 10.75 -0.41
CA LYS A 945 11.11 11.63 0.43
C LYS A 945 9.67 11.16 0.58
N PHE A 946 9.13 10.47 -0.42
CA PHE A 946 7.73 10.05 -0.43
C PHE A 946 6.78 11.23 -0.27
N GLY A 947 7.16 12.38 -0.80
CA GLY A 947 6.34 13.58 -0.68
C GLY A 947 6.63 14.43 0.54
N ALA A 948 7.44 13.96 1.47
CA ALA A 948 7.79 14.76 2.64
C ALA A 948 8.84 15.80 2.26
N ILE A 949 9.11 16.72 3.19
CA ILE A 949 10.07 17.78 2.93
C ILE A 949 11.49 17.21 2.83
N SER A 950 11.79 16.16 3.58
CA SER A 950 13.11 15.58 3.60
C SER A 950 12.99 14.08 3.85
N SER A 951 14.02 13.34 3.43
CA SER A 951 14.08 11.91 3.66
C SER A 951 14.79 11.55 4.96
N VAL A 952 15.22 12.54 5.73
CA VAL A 952 15.93 12.32 6.99
C VAL A 952 14.99 12.70 8.12
N LEU A 953 14.78 11.77 9.06
CA LEU A 953 13.89 12.03 10.17
C LEU A 953 14.42 13.14 11.08
N ASN A 954 15.74 13.18 11.28
CA ASN A 954 16.31 14.18 12.16
C ASN A 954 16.12 15.59 11.61
N ASP A 955 16.24 15.76 10.29
CA ASP A 955 15.99 17.06 9.69
C ASP A 955 14.53 17.48 9.87
N ILE A 956 13.60 16.55 9.68
CA ILE A 956 12.18 16.86 9.88
C ILE A 956 11.92 17.26 11.32
N LEU A 957 12.50 16.53 12.27
CA LEU A 957 12.30 16.85 13.68
C LEU A 957 12.91 18.19 14.05
N SER A 958 14.06 18.53 13.47
CA SER A 958 14.73 19.78 13.81
C SER A 958 14.09 20.99 13.16
N ARG A 959 13.55 20.84 11.94
CA ARG A 959 13.02 21.99 11.22
C ARG A 959 11.55 22.26 11.47
N LEU A 960 10.84 21.37 12.15
CA LEU A 960 9.40 21.53 12.33
C LEU A 960 9.01 21.26 13.78
N ASP A 961 7.90 21.89 14.19
CA ASP A 961 7.34 21.62 15.50
C ASP A 961 6.67 20.24 15.50
N PRO A 962 6.48 19.65 16.69
CA PRO A 962 5.95 18.28 16.77
C PRO A 962 4.71 18.05 15.92
N PRO A 963 3.66 18.89 16.03
CA PRO A 963 2.43 18.57 15.28
C PRO A 963 2.63 18.52 13.78
N GLU A 964 3.29 19.51 13.18
CA GLU A 964 3.57 19.45 11.75
C GLU A 964 4.52 18.31 11.43
N ALA A 965 5.55 18.12 12.26
CA ALA A 965 6.52 17.06 12.00
C ALA A 965 5.88 15.69 11.98
N GLU A 966 4.80 15.50 12.74
CA GLU A 966 4.12 14.21 12.74
C GLU A 966 3.60 13.84 11.36
N VAL A 967 3.17 14.83 10.59
CA VAL A 967 2.66 14.56 9.24
C VAL A 967 3.77 14.04 8.34
N GLN A 968 4.92 14.71 8.35
CA GLN A 968 6.03 14.28 7.51
C GLN A 968 6.56 12.92 7.95
N ILE A 969 6.61 12.69 9.27
CA ILE A 969 7.04 11.39 9.76
C ILE A 969 6.04 10.31 9.34
N ASP A 970 4.75 10.63 9.33
CA ASP A 970 3.75 9.67 8.85
C ASP A 970 3.97 9.33 7.39
N ARG A 971 4.27 10.35 6.57
CA ARG A 971 4.53 10.09 5.16
C ARG A 971 5.73 9.16 4.98
N LEU A 972 6.82 9.45 5.70
CA LEU A 972 8.00 8.60 5.62
C LEU A 972 7.72 7.18 6.11
N ILE A 973 6.95 7.06 7.20
CA ILE A 973 6.62 5.75 7.74
C ILE A 973 5.82 4.94 6.74
N THR A 974 4.83 5.57 6.10
CA THR A 974 4.03 4.87 5.11
C THR A 974 4.89 4.42 3.93
N GLY A 975 5.77 5.29 3.44
CA GLY A 975 6.62 4.91 2.33
C GLY A 975 7.53 3.75 2.66
N ARG A 976 8.20 3.81 3.81
CA ARG A 976 9.13 2.75 4.17
C ARG A 976 8.41 1.45 4.49
N LEU A 977 7.21 1.54 5.07
CA LEU A 977 6.41 0.35 5.31
C LEU A 977 5.99 -0.30 4.00
N GLN A 978 5.63 0.51 3.00
CA GLN A 978 5.30 -0.06 1.69
C GLN A 978 6.51 -0.73 1.07
N SER A 979 7.69 -0.12 1.20
CA SER A 979 8.89 -0.75 0.66
C SER A 979 9.16 -2.09 1.35
N LEU A 980 8.99 -2.14 2.67
CA LEU A 980 9.18 -3.40 3.38
C LEU A 980 8.17 -4.45 2.94
N GLN A 981 6.91 -4.05 2.75
CA GLN A 981 5.90 -5.00 2.31
C GLN A 981 6.22 -5.53 0.92
N THR A 982 6.69 -4.67 0.03
CA THR A 982 7.10 -5.12 -1.31
C THR A 982 8.23 -6.13 -1.20
N TYR A 983 9.24 -5.84 -0.37
CA TYR A 983 10.34 -6.77 -0.20
C TYR A 983 9.88 -8.11 0.32
N VAL A 984 8.98 -8.10 1.31
CA VAL A 984 8.54 -9.35 1.92
C VAL A 984 7.70 -10.16 0.94
N THR A 985 6.86 -9.49 0.15
CA THR A 985 6.07 -10.23 -0.83
C THR A 985 6.95 -10.87 -1.89
N GLN A 986 7.95 -10.12 -2.39
CA GLN A 986 8.89 -10.69 -3.34
C GLN A 986 9.63 -11.88 -2.74
N GLN A 987 10.02 -11.76 -1.47
CA GLN A 987 10.73 -12.84 -0.81
C GLN A 987 9.86 -14.07 -0.66
N LEU A 988 8.57 -13.87 -0.34
CA LEU A 988 7.67 -15.01 -0.21
C LEU A 988 7.51 -15.74 -1.55
N ILE A 989 7.33 -14.99 -2.64
CA ILE A 989 7.18 -15.62 -3.94
C ILE A 989 8.45 -16.36 -4.34
N ARG A 990 9.60 -15.72 -4.16
CA ARG A 990 10.86 -16.36 -4.51
C ARG A 990 11.14 -17.57 -3.62
N ALA A 991 10.72 -17.52 -2.37
CA ALA A 991 10.89 -18.68 -1.48
C ALA A 991 10.01 -19.84 -1.91
N ALA A 992 8.81 -19.54 -2.40
CA ALA A 992 7.97 -20.61 -2.94
C ALA A 992 8.64 -21.26 -4.16
N GLU A 993 9.22 -20.43 -5.04
CA GLU A 993 9.94 -20.97 -6.19
C GLU A 993 11.12 -21.84 -5.75
N ILE A 994 11.88 -21.35 -4.78
CA ILE A 994 13.04 -22.10 -4.29
C ILE A 994 12.61 -23.39 -3.63
N ARG A 995 11.47 -23.39 -2.93
CA ARG A 995 10.98 -24.61 -2.31
C ARG A 995 10.56 -25.63 -3.36
N ALA A 996 9.95 -25.17 -4.45
CA ALA A 996 9.64 -26.08 -5.54
C ALA A 996 10.92 -26.69 -6.10
N SER A 997 11.95 -25.87 -6.30
CA SER A 997 13.22 -26.39 -6.80
C SER A 997 13.84 -27.38 -5.82
N ALA A 998 13.73 -27.11 -4.52
CA ALA A 998 14.30 -28.00 -3.51
C ALA A 998 13.55 -29.33 -3.45
N ASN A 999 12.23 -29.29 -3.61
CA ASN A 999 11.47 -30.53 -3.69
C ASN A 999 11.88 -31.35 -4.91
N LEU A 1000 12.08 -30.68 -6.04
CA LEU A 1000 12.57 -31.39 -7.23
C LEU A 1000 13.94 -32.00 -6.97
N ALA A 1001 14.82 -31.26 -6.31
CA ALA A 1001 16.16 -31.78 -6.01
C ALA A 1001 16.09 -32.97 -5.06
N ALA A 1002 15.21 -32.91 -4.07
CA ALA A 1002 15.04 -34.05 -3.16
C ALA A 1002 14.52 -35.27 -3.91
N THR A 1003 13.58 -35.07 -4.82
CA THR A 1003 13.08 -36.20 -5.61
C THR A 1003 14.19 -36.78 -6.48
N LYS A 1004 15.00 -35.93 -7.09
CA LYS A 1004 16.11 -36.42 -7.90
C LYS A 1004 17.13 -37.16 -7.05
N MET A 1005 17.38 -36.69 -5.83
CA MET A 1005 18.27 -37.41 -4.94
C MET A 1005 17.71 -38.78 -4.60
N SER A 1006 16.41 -38.86 -4.34
CA SER A 1006 15.81 -40.14 -3.97
C SER A 1006 15.83 -41.12 -5.15
N GLU A 1007 15.54 -40.64 -6.35
CA GLU A 1007 15.33 -41.56 -7.47
C GLU A 1007 16.58 -41.79 -8.30
N CYS A 1008 17.30 -40.72 -8.65
CA CYS A 1008 18.51 -40.86 -9.47
C CYS A 1008 19.68 -41.42 -8.67
N VAL A 1009 19.86 -40.98 -7.43
CA VAL A 1009 21.03 -41.35 -6.66
C VAL A 1009 20.80 -42.64 -5.87
N LEU A 1010 19.69 -42.71 -5.14
CA LEU A 1010 19.41 -43.90 -4.33
C LEU A 1010 18.81 -45.04 -5.14
N GLY A 1011 18.65 -44.87 -6.44
CA GLY A 1011 18.15 -45.94 -7.27
C GLY A 1011 18.40 -45.65 -8.73
N GLN A 1012 17.87 -46.51 -9.58
CA GLN A 1012 17.96 -46.34 -11.03
C GLN A 1012 16.57 -45.98 -11.55
N SER A 1013 16.50 -44.93 -12.34
CA SER A 1013 15.23 -44.35 -12.76
C SER A 1013 14.89 -44.77 -14.18
N LYS A 1014 13.67 -45.25 -14.38
CA LYS A 1014 13.15 -45.54 -15.71
C LYS A 1014 12.50 -44.34 -16.37
N ARG A 1015 12.32 -43.24 -15.64
CA ARG A 1015 11.70 -42.05 -16.20
C ARG A 1015 12.64 -41.40 -17.21
N VAL A 1016 12.10 -41.06 -18.37
CA VAL A 1016 12.91 -40.54 -19.47
C VAL A 1016 13.30 -39.10 -19.18
N ASP A 1017 14.59 -38.80 -19.37
CA ASP A 1017 15.14 -37.45 -19.23
C ASP A 1017 14.96 -36.87 -17.84
N PHE A 1018 14.66 -37.71 -16.84
CA PHE A 1018 14.57 -37.23 -15.48
C PHE A 1018 15.95 -37.18 -14.83
N CYS A 1019 16.79 -38.17 -15.11
CA CYS A 1019 18.13 -38.22 -14.55
C CYS A 1019 19.18 -38.10 -15.65
N GLY A 1020 18.97 -37.18 -16.58
CA GLY A 1020 19.90 -36.96 -17.66
C GLY A 1020 19.41 -37.58 -18.96
N LYS A 1021 20.02 -37.14 -20.06
CA LYS A 1021 19.63 -37.61 -21.38
C LYS A 1021 20.29 -38.94 -21.68
N GLY A 1022 19.49 -39.91 -22.11
CA GLY A 1022 19.95 -41.27 -22.32
C GLY A 1022 19.34 -42.22 -21.33
N TYR A 1023 19.77 -43.47 -21.40
CA TYR A 1023 19.32 -44.49 -20.46
C TYR A 1023 20.11 -44.33 -19.16
N HIS A 1024 19.40 -44.04 -18.08
CA HIS A 1024 20.06 -43.70 -16.82
C HIS A 1024 20.74 -44.93 -16.23
N LEU A 1025 22.00 -44.77 -15.84
CA LEU A 1025 22.74 -45.80 -15.12
C LEU A 1025 22.87 -45.46 -13.64
N MET A 1026 23.40 -44.28 -13.31
CA MET A 1026 23.53 -43.88 -11.92
C MET A 1026 23.69 -42.37 -11.83
N SER A 1027 23.84 -41.87 -10.62
CA SER A 1027 24.02 -40.44 -10.39
C SER A 1027 24.83 -40.23 -9.13
N PHE A 1028 25.61 -39.15 -9.12
CA PHE A 1028 26.47 -38.81 -8.00
C PHE A 1028 26.18 -37.38 -7.56
N PRO A 1029 25.88 -37.15 -6.29
CA PRO A 1029 25.63 -35.79 -5.82
C PRO A 1029 26.90 -35.07 -5.41
N GLN A 1030 26.87 -33.74 -5.58
CA GLN A 1030 27.93 -32.86 -5.11
C GLN A 1030 27.28 -31.61 -4.55
N SER A 1031 27.80 -31.13 -3.42
CA SER A 1031 27.24 -29.94 -2.83
C SER A 1031 27.73 -28.70 -3.58
N ALA A 1032 27.00 -27.59 -3.41
CA ALA A 1032 27.41 -26.32 -3.96
C ALA A 1032 26.73 -25.23 -3.15
N PRO A 1033 27.30 -24.01 -3.12
CA PRO A 1033 26.66 -22.93 -2.38
C PRO A 1033 25.20 -22.74 -2.77
N HIS A 1034 24.30 -22.99 -1.82
CA HIS A 1034 22.86 -22.85 -2.02
C HIS A 1034 22.32 -23.78 -3.10
N GLY A 1035 22.90 -24.98 -3.25
CA GLY A 1035 22.37 -25.87 -4.27
C GLY A 1035 23.13 -27.18 -4.33
N VAL A 1036 22.68 -28.02 -5.25
CA VAL A 1036 23.24 -29.35 -5.45
C VAL A 1036 23.53 -29.53 -6.93
N VAL A 1037 24.49 -30.40 -7.22
CA VAL A 1037 24.91 -30.70 -8.59
C VAL A 1037 24.91 -32.21 -8.75
N PHE A 1038 24.13 -32.71 -9.70
CA PHE A 1038 24.06 -34.14 -9.97
C PHE A 1038 24.90 -34.45 -11.20
N LEU A 1039 25.81 -35.41 -11.05
CA LEU A 1039 26.53 -35.99 -12.17
C LEU A 1039 25.78 -37.25 -12.57
N HIS A 1040 25.06 -37.17 -13.68
CA HIS A 1040 24.25 -38.28 -14.17
C HIS A 1040 25.07 -39.11 -15.13
N VAL A 1041 25.29 -40.38 -14.80
CA VAL A 1041 25.95 -41.33 -15.69
C VAL A 1041 24.88 -42.10 -16.43
N THR A 1042 24.87 -41.97 -17.75
CA THR A 1042 23.86 -42.54 -18.62
C THR A 1042 24.52 -43.29 -19.77
N TYR A 1043 23.72 -44.13 -20.42
CA TYR A 1043 24.15 -45.01 -21.49
C TYR A 1043 23.52 -44.52 -22.79
N VAL A 1044 24.35 -44.25 -23.80
CA VAL A 1044 23.89 -43.72 -25.07
C VAL A 1044 24.34 -44.66 -26.18
N PRO A 1045 23.44 -45.21 -27.00
CA PRO A 1045 23.88 -46.00 -28.16
C PRO A 1045 24.70 -45.14 -29.10
N ALA A 1046 25.71 -45.77 -29.71
CA ALA A 1046 26.74 -45.00 -30.42
C ALA A 1046 26.75 -45.24 -31.92
N GLN A 1047 26.88 -46.48 -32.37
CA GLN A 1047 27.12 -46.76 -33.79
C GLN A 1047 26.03 -47.71 -34.29
N GLU A 1048 25.06 -47.16 -35.00
CA GLU A 1048 23.93 -47.94 -35.47
C GLU A 1048 24.17 -48.46 -36.88
N LYS A 1049 23.62 -49.64 -37.15
CA LYS A 1049 23.72 -50.27 -38.45
C LYS A 1049 22.33 -50.72 -38.90
N ASN A 1050 22.10 -50.66 -40.21
CA ASN A 1050 20.86 -51.10 -40.82
C ASN A 1050 20.78 -52.62 -40.88
N PHE A 1051 19.57 -53.15 -40.71
CA PHE A 1051 19.31 -54.56 -40.85
C PHE A 1051 17.90 -54.74 -41.38
N THR A 1052 17.65 -55.90 -41.99
CA THR A 1052 16.32 -56.22 -42.48
C THR A 1052 15.59 -57.04 -41.42
N THR A 1053 14.47 -56.54 -40.94
CA THR A 1053 13.80 -57.15 -39.80
C THR A 1053 12.50 -57.82 -40.24
N ALA A 1054 11.92 -58.58 -39.31
CA ALA A 1054 10.69 -59.32 -39.56
C ALA A 1054 9.95 -59.52 -38.25
N PRO A 1055 8.64 -59.34 -38.23
CA PRO A 1055 7.90 -59.54 -36.98
C PRO A 1055 7.96 -60.96 -36.44
N ALA A 1056 7.99 -61.96 -37.30
CA ALA A 1056 7.98 -63.35 -36.86
C ALA A 1056 8.64 -64.22 -37.93
N ILE A 1057 8.60 -65.53 -37.72
CA ILE A 1057 9.29 -66.47 -38.59
C ILE A 1057 8.50 -67.78 -38.65
N CYS A 1058 8.33 -68.32 -39.85
CA CYS A 1058 7.66 -69.60 -40.05
C CYS A 1058 8.70 -70.71 -40.18
N HIS A 1059 8.51 -71.79 -39.43
CA HIS A 1059 9.36 -72.96 -39.57
C HIS A 1059 8.58 -74.17 -40.06
N ASP A 1060 7.51 -74.57 -39.36
CA ASP A 1060 6.69 -75.72 -39.73
C ASP A 1060 5.23 -75.33 -39.74
N GLY A 1061 4.92 -74.21 -40.36
CA GLY A 1061 3.59 -73.66 -40.28
C GLY A 1061 3.27 -72.99 -38.96
N LYS A 1062 4.28 -72.79 -38.12
CA LYS A 1062 4.11 -72.12 -36.83
C LYS A 1062 4.88 -70.81 -36.84
N ALA A 1063 4.26 -69.77 -36.30
CA ALA A 1063 4.88 -68.46 -36.22
C ALA A 1063 5.70 -68.36 -34.94
N HIS A 1064 6.98 -68.01 -35.10
CA HIS A 1064 7.89 -67.89 -33.97
C HIS A 1064 8.19 -66.43 -33.69
N PHE A 1065 7.98 -66.01 -32.44
CA PHE A 1065 8.26 -64.66 -31.99
C PHE A 1065 9.39 -64.66 -30.99
N PRO A 1066 10.20 -63.60 -30.96
CA PRO A 1066 11.35 -63.58 -30.05
C PRO A 1066 10.92 -63.41 -28.61
N ARG A 1067 11.57 -64.17 -27.71
CA ARG A 1067 11.30 -64.02 -26.29
C ARG A 1067 11.74 -62.65 -25.79
N GLU A 1068 12.97 -62.27 -26.11
CA GLU A 1068 13.52 -60.96 -25.72
C GLU A 1068 14.53 -60.56 -26.78
N GLY A 1069 14.10 -59.77 -27.73
CA GLY A 1069 14.97 -59.35 -28.82
C GLY A 1069 14.15 -59.10 -30.06
N VAL A 1070 14.87 -58.94 -31.17
CA VAL A 1070 14.28 -58.65 -32.47
C VAL A 1070 14.98 -59.52 -33.50
N PHE A 1071 14.22 -60.01 -34.47
CA PHE A 1071 14.80 -60.71 -35.60
C PHE A 1071 15.43 -59.71 -36.56
N VAL A 1072 16.67 -59.99 -36.97
CA VAL A 1072 17.39 -59.16 -37.91
C VAL A 1072 18.04 -60.03 -38.96
N SER A 1073 18.39 -59.42 -40.09
CA SER A 1073 19.07 -60.09 -41.17
C SER A 1073 20.09 -59.16 -41.78
N ASN A 1074 21.27 -59.70 -42.05
CA ASN A 1074 22.37 -58.99 -42.68
C ASN A 1074 22.35 -59.13 -44.19
N GLY A 1075 21.33 -59.77 -44.75
CA GLY A 1075 21.20 -59.91 -46.18
C GLY A 1075 20.95 -61.33 -46.63
N THR A 1076 21.57 -62.30 -45.96
CA THR A 1076 21.44 -63.70 -46.32
C THR A 1076 20.92 -64.58 -45.20
N HIS A 1077 21.31 -64.31 -43.96
CA HIS A 1077 20.93 -65.15 -42.83
C HIS A 1077 20.14 -64.33 -41.81
N TRP A 1078 19.39 -65.04 -40.97
CA TRP A 1078 18.55 -64.43 -39.95
C TRP A 1078 19.07 -64.76 -38.57
N PHE A 1079 19.06 -63.77 -37.69
CA PHE A 1079 19.46 -63.93 -36.30
C PHE A 1079 18.45 -63.24 -35.41
N VAL A 1080 18.54 -63.51 -34.12
CA VAL A 1080 17.76 -62.81 -33.11
C VAL A 1080 18.74 -62.10 -32.19
N THR A 1081 18.52 -60.82 -31.94
CA THR A 1081 19.47 -60.01 -31.18
C THR A 1081 18.74 -59.23 -30.10
N GLN A 1082 19.52 -58.61 -29.22
CA GLN A 1082 18.95 -57.67 -28.28
C GLN A 1082 18.48 -56.43 -29.01
N ARG A 1083 17.67 -55.64 -28.33
CA ARG A 1083 17.09 -54.45 -28.94
C ARG A 1083 17.96 -53.20 -28.76
N ASN A 1084 19.02 -53.28 -27.96
CA ASN A 1084 19.85 -52.12 -27.67
C ASN A 1084 21.34 -52.36 -27.96
N PHE A 1085 21.72 -53.55 -28.39
CA PHE A 1085 23.13 -53.84 -28.65
C PHE A 1085 23.19 -54.99 -29.63
N TYR A 1086 23.83 -54.78 -30.77
CA TYR A 1086 23.86 -55.80 -31.82
C TYR A 1086 24.71 -56.98 -31.37
N GLU A 1087 24.05 -58.05 -30.96
CA GLU A 1087 24.71 -59.30 -30.59
C GLU A 1087 23.95 -60.45 -31.23
N PRO A 1088 24.17 -60.70 -32.51
CA PRO A 1088 23.35 -61.69 -33.22
C PRO A 1088 23.59 -63.09 -32.69
N GLN A 1089 22.52 -63.90 -32.71
CA GLN A 1089 22.56 -65.27 -32.27
C GLN A 1089 21.70 -66.13 -33.19
N ILE A 1090 22.04 -67.42 -33.25
CA ILE A 1090 21.25 -68.35 -34.04
C ILE A 1090 19.85 -68.44 -33.47
N ILE A 1091 18.85 -68.51 -34.36
CA ILE A 1091 17.46 -68.58 -33.94
C ILE A 1091 17.14 -70.01 -33.57
N THR A 1092 16.92 -70.26 -32.29
CA THR A 1092 16.59 -71.57 -31.76
C THR A 1092 15.25 -71.50 -31.03
N THR A 1093 14.80 -72.66 -30.55
CA THR A 1093 13.53 -72.70 -29.81
C THR A 1093 13.65 -72.08 -28.43
N ASP A 1094 14.87 -71.84 -27.94
CA ASP A 1094 15.03 -71.16 -26.66
C ASP A 1094 14.79 -69.66 -26.80
N ASN A 1095 15.23 -69.07 -27.92
CA ASN A 1095 15.05 -67.64 -28.12
C ASN A 1095 13.63 -67.26 -28.49
N THR A 1096 12.84 -68.20 -28.99
CA THR A 1096 11.55 -67.91 -29.59
C THR A 1096 10.45 -68.74 -28.95
N PHE A 1097 9.22 -68.28 -29.12
CA PHE A 1097 8.03 -69.03 -28.74
C PHE A 1097 7.05 -69.02 -29.90
N VAL A 1098 6.28 -70.09 -30.02
CA VAL A 1098 5.35 -70.23 -31.14
C VAL A 1098 3.99 -69.74 -30.72
N SER A 1099 3.20 -69.27 -31.69
CA SER A 1099 1.83 -68.86 -31.44
C SER A 1099 1.06 -68.92 -32.75
N GLY A 1100 0.26 -69.97 -32.91
CA GLY A 1100 -0.62 -70.07 -34.05
C GLY A 1100 0.09 -70.46 -35.33
N ASN A 1101 -0.67 -70.38 -36.42
CA ASN A 1101 -0.15 -70.71 -37.74
C ASN A 1101 0.45 -69.46 -38.38
N CYS A 1102 0.79 -69.54 -39.66
CA CYS A 1102 1.47 -68.47 -40.38
C CYS A 1102 0.57 -67.79 -41.40
N ASP A 1103 -0.68 -67.55 -41.02
CA ASP A 1103 -1.64 -66.91 -41.91
C ASP A 1103 -2.17 -65.59 -41.38
N VAL A 1104 -1.69 -65.13 -40.23
CA VAL A 1104 -2.22 -63.93 -39.59
C VAL A 1104 -1.18 -62.82 -39.53
N VAL A 1105 0.08 -63.15 -39.23
CA VAL A 1105 1.10 -62.13 -39.05
C VAL A 1105 1.42 -61.49 -40.39
N ILE A 1106 1.45 -60.16 -40.42
CA ILE A 1106 1.76 -59.41 -41.63
C ILE A 1106 3.24 -59.13 -41.68
N GLY A 1107 3.91 -59.61 -42.72
CA GLY A 1107 5.34 -59.45 -42.86
C GLY A 1107 6.18 -60.60 -42.36
N ILE A 1108 5.56 -61.75 -42.08
CA ILE A 1108 6.31 -62.90 -41.61
C ILE A 1108 7.22 -63.42 -42.72
N VAL A 1109 8.32 -64.06 -42.33
CA VAL A 1109 9.31 -64.55 -43.28
C VAL A 1109 9.57 -66.03 -43.02
N ASN A 1110 10.17 -66.68 -44.01
CA ASN A 1110 10.48 -68.10 -43.96
C ASN A 1110 11.93 -68.29 -43.54
N ASN A 1111 12.15 -69.03 -42.46
CA ASN A 1111 13.50 -69.36 -42.04
C ASN A 1111 13.43 -70.56 -41.10
N THR A 1112 14.56 -71.23 -40.94
CA THR A 1112 14.64 -72.42 -40.11
C THR A 1112 14.94 -72.03 -38.67
N VAL A 1113 14.24 -72.67 -37.74
CA VAL A 1113 14.47 -72.48 -36.31
C VAL A 1113 15.16 -73.73 -35.78
N TYR A 1114 16.38 -73.56 -35.30
CA TYR A 1114 17.19 -74.67 -34.85
C TYR A 1114 16.62 -75.29 -33.58
N ASP A 1115 16.65 -76.61 -33.51
CA ASP A 1115 16.18 -77.34 -32.34
C ASP A 1115 17.37 -77.93 -31.59
N PRO A 1116 17.69 -77.43 -30.40
CA PRO A 1116 18.88 -77.93 -29.69
C PRO A 1116 18.83 -79.42 -29.38
N LEU A 1117 17.65 -79.98 -29.15
CA LEU A 1117 17.54 -81.36 -28.74
C LEU A 1117 17.77 -82.35 -29.87
N GLN A 1118 17.65 -81.91 -31.12
CA GLN A 1118 17.76 -82.84 -32.25
C GLN A 1118 19.14 -83.49 -32.36
N PRO A 1119 20.26 -82.75 -32.35
CA PRO A 1119 21.56 -83.44 -32.40
C PRO A 1119 21.82 -84.33 -31.19
N GLU A 1120 21.37 -83.91 -30.02
CA GLU A 1120 21.54 -84.74 -28.82
C GLU A 1120 20.78 -86.06 -28.95
N LEU A 1121 19.56 -86.00 -29.46
CA LEU A 1121 18.79 -87.22 -29.70
C LEU A 1121 19.48 -88.08 -30.76
N ASP A 1122 19.96 -87.46 -31.84
CA ASP A 1122 20.61 -88.22 -32.90
C ASP A 1122 21.90 -88.87 -32.41
N SER A 1123 22.68 -88.15 -31.63
CA SER A 1123 23.95 -88.67 -31.11
C SER A 1123 23.74 -89.86 -30.20
N THR B 1 14.17 2.20 61.71
CA THR B 1 14.36 0.80 61.30
C THR B 1 13.96 0.61 59.85
N GLN B 2 14.90 0.16 59.02
CA GLN B 2 14.67 -0.04 57.60
C GLN B 2 15.22 -1.39 57.18
N SER B 3 14.34 -2.34 56.92
CA SER B 3 14.70 -3.61 56.31
C SER B 3 14.35 -3.54 54.82
N TYR B 4 14.66 -4.62 54.10
CA TYR B 4 14.40 -4.65 52.65
C TYR B 4 13.73 -5.96 52.30
N THR B 5 12.89 -5.91 51.26
CA THR B 5 12.13 -7.08 50.85
C THR B 5 11.89 -7.03 49.34
N ASN B 6 11.58 -8.19 48.78
CA ASN B 6 11.12 -8.28 47.40
C ASN B 6 9.62 -8.05 47.34
N SER B 7 9.19 -7.27 46.35
CA SER B 7 7.77 -7.01 46.17
C SER B 7 7.01 -8.18 45.60
N PHE B 8 7.70 -9.19 45.08
CA PHE B 8 7.09 -10.35 44.42
C PHE B 8 6.23 -9.82 43.27
N THR B 9 4.97 -10.23 43.15
CA THR B 9 4.09 -9.75 42.09
C THR B 9 3.05 -8.78 42.61
N ARG B 10 3.30 -8.16 43.76
CA ARG B 10 2.35 -7.22 44.34
C ARG B 10 2.39 -5.89 43.60
N GLY B 11 1.26 -5.17 43.65
CA GLY B 11 1.19 -3.83 43.13
C GLY B 11 0.57 -3.66 41.76
N VAL B 12 -0.26 -4.60 41.31
CA VAL B 12 -0.90 -4.52 40.01
C VAL B 12 -2.28 -3.90 40.19
N TYR B 13 -2.57 -2.85 39.43
CA TYR B 13 -3.83 -2.14 39.52
C TYR B 13 -4.48 -2.05 38.15
N TYR B 14 -5.79 -1.83 38.14
CA TYR B 14 -6.52 -1.68 36.89
C TYR B 14 -6.10 -0.38 36.22
N PRO B 15 -5.54 -0.42 35.01
CA PRO B 15 -5.00 0.82 34.41
C PRO B 15 -6.07 1.76 33.87
N ASP B 16 -7.30 1.30 33.70
CA ASP B 16 -8.36 2.14 33.14
C ASP B 16 -9.71 1.68 33.67
N LYS B 17 -10.76 2.33 33.20
CA LYS B 17 -12.13 2.04 33.63
C LYS B 17 -12.93 1.37 32.51
N VAL B 18 -12.28 0.49 31.76
CA VAL B 18 -12.90 -0.25 30.68
C VAL B 18 -12.99 -1.71 31.08
N PHE B 19 -14.18 -2.29 30.98
CA PHE B 19 -14.36 -3.70 31.29
C PHE B 19 -13.74 -4.55 30.19
N ARG B 20 -12.94 -5.53 30.58
CA ARG B 20 -12.37 -6.50 29.65
C ARG B 20 -12.42 -7.87 30.30
N SER B 21 -12.78 -8.89 29.51
CA SER B 21 -12.93 -10.23 30.04
C SER B 21 -12.31 -11.24 29.10
N SER B 22 -11.61 -12.22 29.68
CA SER B 22 -11.00 -13.33 28.95
C SER B 22 -10.11 -12.81 27.82
N VAL B 23 -9.11 -12.03 28.19
CA VAL B 23 -8.26 -11.38 27.20
C VAL B 23 -6.92 -11.06 27.85
N LEU B 24 -5.87 -11.02 27.04
CA LEU B 24 -4.55 -10.57 27.46
C LEU B 24 -4.33 -9.18 26.89
N HIS B 25 -4.09 -8.21 27.76
CA HIS B 25 -4.00 -6.81 27.36
C HIS B 25 -2.63 -6.25 27.75
N SER B 26 -1.99 -5.57 26.81
CA SER B 26 -0.66 -4.99 27.04
C SER B 26 -0.84 -3.52 27.38
N THR B 27 -0.32 -3.11 28.54
CA THR B 27 -0.48 -1.74 29.01
C THR B 27 0.86 -1.19 29.47
N GLN B 28 1.21 0.00 29.02
CA GLN B 28 2.39 0.71 29.51
C GLN B 28 1.93 1.80 30.46
N ASP B 29 2.44 1.77 31.69
CA ASP B 29 1.99 2.70 32.72
C ASP B 29 2.98 2.62 33.88
N LEU B 30 2.74 3.44 34.90
CA LEU B 30 3.56 3.43 36.11
C LEU B 30 3.15 2.25 36.96
N PHE B 31 3.94 1.20 36.92
CA PHE B 31 3.70 0.00 37.72
C PHE B 31 4.87 -0.24 38.66
N LEU B 32 4.61 -1.00 39.72
CA LEU B 32 5.67 -1.43 40.60
C LEU B 32 6.33 -2.66 39.99
N PRO B 33 7.61 -2.60 39.63
CA PRO B 33 8.24 -3.72 38.94
C PRO B 33 8.25 -4.98 39.80
N PHE B 34 8.15 -6.13 39.13
CA PHE B 34 8.15 -7.40 39.84
C PHE B 34 9.50 -7.62 40.52
N PHE B 35 9.45 -8.19 41.73
CA PHE B 35 10.64 -8.51 42.50
C PHE B 35 11.52 -7.28 42.70
N SER B 36 10.88 -6.13 42.91
CA SER B 36 11.62 -4.92 43.18
C SER B 36 12.06 -4.88 44.64
N ASN B 37 12.72 -3.81 45.02
CA ASN B 37 13.35 -3.67 46.34
C ASN B 37 12.53 -2.68 47.16
N VAL B 38 11.59 -3.21 47.93
CA VAL B 38 10.73 -2.38 48.76
C VAL B 38 11.35 -2.27 50.15
N THR B 39 11.10 -1.14 50.81
CA THR B 39 11.67 -0.84 52.11
C THR B 39 10.62 -1.08 53.19
N TRP B 40 11.02 -1.78 54.25
CA TRP B 40 10.14 -2.13 55.35
C TRP B 40 10.51 -1.26 56.54
N PHE B 41 9.53 -0.55 57.09
CA PHE B 41 9.72 0.35 58.23
C PHE B 41 8.99 -0.20 59.44
N HIS B 42 9.63 -0.05 60.60
CA HIS B 42 9.02 -0.36 61.89
C HIS B 42 8.92 0.92 62.71
N ALA B 43 8.01 0.91 63.68
CA ALA B 43 7.80 2.07 64.54
C ALA B 43 8.39 1.84 65.92
N ASN B 57 11.90 10.65 62.56
CA ASN B 57 11.29 9.96 61.43
C ASN B 57 10.99 10.94 60.31
N PRO B 58 11.97 11.16 59.43
CA PRO B 58 11.80 12.17 58.36
C PRO B 58 10.84 11.71 57.27
N VAL B 59 10.72 12.52 56.22
CA VAL B 59 9.75 12.30 55.16
C VAL B 59 10.45 11.61 53.98
N LEU B 60 9.83 10.54 53.49
CA LEU B 60 10.34 9.79 52.36
C LEU B 60 10.06 10.53 51.05
N PRO B 61 10.85 10.29 50.02
CA PRO B 61 10.55 10.86 48.70
C PRO B 61 9.32 10.20 48.09
N PHE B 62 8.78 10.87 47.08
CA PHE B 62 7.60 10.37 46.36
C PHE B 62 7.94 9.79 45.01
N ASN B 63 8.87 10.39 44.28
CA ASN B 63 9.30 9.94 42.95
C ASN B 63 8.07 9.95 42.03
N ASP B 64 7.85 8.91 41.23
CA ASP B 64 6.72 8.88 40.31
C ASP B 64 5.46 8.29 40.91
N GLY B 65 5.59 7.53 41.99
CA GLY B 65 4.43 6.93 42.64
C GLY B 65 4.88 6.20 43.87
N VAL B 66 3.89 5.77 44.65
CA VAL B 66 4.17 5.09 45.91
C VAL B 66 3.25 3.89 46.05
N TYR B 67 3.82 2.76 46.43
CA TYR B 67 3.07 1.57 46.82
C TYR B 67 3.24 1.39 48.32
N PHE B 68 2.14 1.54 49.06
CA PHE B 68 2.11 1.39 50.50
C PHE B 68 1.45 0.06 50.83
N ALA B 69 1.96 -0.62 51.85
CA ALA B 69 1.35 -1.88 52.24
C ALA B 69 1.49 -2.06 53.75
N SER B 70 0.54 -2.76 54.35
CA SER B 70 0.60 -3.02 55.79
C SER B 70 -0.26 -4.21 56.14
N THR B 71 0.31 -5.15 56.89
CA THR B 71 -0.44 -6.28 57.43
C THR B 71 -0.80 -5.96 58.87
N GLU B 72 -2.09 -5.97 59.18
CA GLU B 72 -2.55 -5.54 60.49
C GLU B 72 -3.76 -6.35 60.93
N LYS B 73 -4.12 -6.16 62.20
CA LYS B 73 -5.39 -6.64 62.73
C LYS B 73 -5.99 -5.65 63.71
N SER B 74 -5.39 -4.47 63.89
CA SER B 74 -5.84 -3.50 64.87
C SER B 74 -6.04 -2.09 64.32
N ASN B 75 -5.64 -1.82 63.07
CA ASN B 75 -5.85 -0.52 62.43
C ASN B 75 -5.21 0.61 63.23
N ILE B 76 -3.88 0.54 63.33
CA ILE B 76 -3.10 1.60 63.97
C ILE B 76 -2.73 2.69 62.99
N ILE B 77 -2.25 2.31 61.81
CA ILE B 77 -1.96 3.28 60.76
C ILE B 77 -3.26 3.87 60.25
N ARG B 78 -3.36 5.19 60.20
CA ARG B 78 -4.61 5.84 59.84
C ARG B 78 -4.51 6.66 58.56
N GLY B 79 -3.55 7.57 58.46
CA GLY B 79 -3.54 8.49 57.35
C GLY B 79 -2.22 8.66 56.62
N TRP B 80 -2.18 9.67 55.76
CA TRP B 80 -0.99 9.97 54.98
C TRP B 80 -0.89 11.48 54.77
N ILE B 81 0.31 11.93 54.49
CA ILE B 81 0.61 13.33 54.24
C ILE B 81 1.45 13.42 52.97
N PHE B 82 1.13 14.38 52.11
CA PHE B 82 1.82 14.55 50.85
C PHE B 82 2.12 16.02 50.64
N GLY B 83 3.15 16.29 49.85
CA GLY B 83 3.52 17.66 49.53
C GLY B 83 4.98 17.73 49.09
N THR B 84 5.51 18.95 49.11
CA THR B 84 6.90 19.18 48.79
C THR B 84 7.70 19.68 49.98
N THR B 85 7.28 20.79 50.60
CA THR B 85 7.98 21.34 51.75
C THR B 85 7.23 21.17 53.06
N LEU B 86 5.89 21.14 53.02
CA LEU B 86 5.07 20.84 54.20
C LEU B 86 5.32 21.85 55.32
N ASP B 87 5.45 23.13 54.97
CA ASP B 87 5.70 24.17 55.95
C ASP B 87 4.82 25.38 55.70
N SER B 88 3.57 25.14 55.28
CA SER B 88 2.55 26.16 55.08
C SER B 88 2.92 27.19 54.01
N LYS B 89 4.04 27.00 53.31
CA LYS B 89 4.39 27.86 52.20
C LYS B 89 3.77 27.41 50.89
N THR B 90 3.18 26.22 50.85
CA THR B 90 2.55 25.68 49.65
C THR B 90 1.51 24.66 50.07
N GLN B 91 0.65 24.31 49.12
CA GLN B 91 -0.43 23.38 49.41
C GLN B 91 0.11 21.99 49.69
N SER B 92 -0.51 21.31 50.65
CA SER B 92 -0.13 19.95 51.02
C SER B 92 -1.39 19.12 51.25
N LEU B 93 -1.30 17.84 50.92
CA LEU B 93 -2.42 16.92 51.00
C LEU B 93 -2.40 16.18 52.33
N LEU B 94 -3.55 16.12 53.00
CA LEU B 94 -3.69 15.39 54.26
C LEU B 94 -4.86 14.44 54.14
N ILE B 95 -4.62 13.16 54.41
CA ILE B 95 -5.65 12.13 54.39
C ILE B 95 -5.70 11.51 55.77
N VAL B 96 -6.86 11.54 56.40
CA VAL B 96 -7.09 10.90 57.68
C VAL B 96 -8.40 10.13 57.60
N ASN B 97 -8.67 9.32 58.63
CA ASN B 97 -9.93 8.61 58.66
C ASN B 97 -10.29 8.26 60.09
N ASN B 98 -11.52 8.58 60.47
CA ASN B 98 -12.05 8.20 61.78
C ASN B 98 -12.50 6.73 61.71
N ALA B 99 -13.23 6.29 62.72
CA ALA B 99 -13.77 4.93 62.70
C ALA B 99 -14.83 4.76 61.62
N THR B 100 -15.40 5.85 61.12
CA THR B 100 -16.46 5.77 60.12
C THR B 100 -16.15 6.55 58.85
N ASN B 101 -15.60 7.75 58.96
CA ASN B 101 -15.45 8.65 57.83
C ASN B 101 -13.98 8.79 57.43
N VAL B 102 -13.77 9.13 56.16
CA VAL B 102 -12.44 9.42 55.62
C VAL B 102 -12.44 10.87 55.18
N VAL B 103 -11.51 11.65 55.73
CA VAL B 103 -11.43 13.09 55.50
C VAL B 103 -10.14 13.40 54.76
N ILE B 104 -10.28 14.08 53.61
CA ILE B 104 -9.16 14.46 52.78
C ILE B 104 -9.20 15.97 52.59
N LYS B 105 -8.08 16.63 52.86
CA LYS B 105 -7.97 18.09 52.74
C LYS B 105 -6.69 18.43 52.00
N VAL B 106 -6.65 19.64 51.43
CA VAL B 106 -5.45 20.10 50.74
C VAL B 106 -5.04 21.47 51.25
N CYS B 107 -5.37 21.78 52.50
CA CYS B 107 -5.02 23.06 53.08
C CYS B 107 -3.50 23.25 53.11
N GLU B 108 -3.08 24.48 53.36
CA GLU B 108 -1.66 24.78 53.52
C GLU B 108 -1.26 24.59 54.98
N PHE B 109 -1.17 23.32 55.37
CA PHE B 109 -0.88 22.97 56.74
C PHE B 109 0.55 23.34 57.12
N GLN B 110 0.72 23.70 58.39
CA GLN B 110 2.04 23.86 59.00
C GLN B 110 2.27 22.61 59.85
N PHE B 111 2.87 21.60 59.25
CA PHE B 111 3.01 20.31 59.89
C PHE B 111 4.09 20.33 60.97
N CYS B 112 3.86 19.54 62.02
CA CYS B 112 4.89 19.31 63.01
C CYS B 112 6.00 18.42 62.43
N ASN B 113 7.13 18.37 63.14
CA ASN B 113 8.25 17.57 62.68
C ASN B 113 7.91 16.08 62.65
N ASP B 114 7.19 15.60 63.66
CA ASP B 114 6.78 14.19 63.75
C ASP B 114 5.28 14.14 64.00
N PRO B 115 4.47 14.39 62.97
CA PRO B 115 3.02 14.42 63.16
C PRO B 115 2.45 13.06 63.53
N PHE B 116 1.35 13.09 64.26
CA PHE B 116 0.62 11.88 64.64
C PHE B 116 -0.74 12.29 65.20
N LEU B 117 -1.77 11.53 64.83
CA LEU B 117 -3.10 11.80 65.34
C LEU B 117 -3.17 11.46 66.83
N ASP B 118 -3.52 12.44 67.65
CA ASP B 118 -3.60 12.25 69.09
C ASP B 118 -4.83 11.41 69.42
N VAL B 119 -4.62 10.20 69.93
CA VAL B 119 -5.73 9.31 70.24
C VAL B 119 -6.54 9.84 71.41
N SER B 131 -8.55 12.26 68.77
CA SER B 131 -8.49 12.93 67.47
C SER B 131 -7.44 14.05 67.49
N GLU B 132 -7.89 15.25 67.83
CA GLU B 132 -7.04 16.43 67.92
C GLU B 132 -6.39 16.76 66.58
N PHE B 133 -5.45 17.71 66.59
CA PHE B 133 -4.81 18.16 65.36
C PHE B 133 -3.32 18.41 65.57
N ARG B 134 -2.70 17.68 66.50
CA ARG B 134 -1.25 17.81 66.75
C ARG B 134 -0.43 17.63 65.48
N VAL B 135 -1.00 17.03 64.44
CA VAL B 135 -0.30 16.87 63.16
C VAL B 135 0.14 18.22 62.62
N TYR B 136 -0.77 19.19 62.57
CA TYR B 136 -0.50 20.49 61.99
C TYR B 136 -0.86 21.59 62.98
N SER B 137 0.03 22.57 63.12
CA SER B 137 -0.27 23.71 63.98
C SER B 137 -1.24 24.68 63.32
N SER B 138 -1.17 24.84 62.01
CA SER B 138 -1.99 25.80 61.29
C SER B 138 -2.57 25.15 60.04
N ALA B 139 -3.70 25.69 59.58
CA ALA B 139 -4.36 25.20 58.37
C ALA B 139 -5.15 26.34 57.77
N ASN B 140 -4.68 26.87 56.64
CA ASN B 140 -5.33 28.00 55.98
C ASN B 140 -5.50 27.71 54.50
N ASN B 141 -6.55 28.29 53.92
CA ASN B 141 -6.83 28.21 52.49
C ASN B 141 -7.03 26.76 52.04
N CYS B 142 -8.07 26.12 52.58
CA CYS B 142 -8.43 24.77 52.20
C CYS B 142 -9.19 24.82 50.88
N THR B 143 -8.55 24.38 49.80
CA THR B 143 -9.12 24.49 48.46
C THR B 143 -9.78 23.20 47.99
N PHE B 144 -9.85 22.16 48.83
CA PHE B 144 -10.51 20.92 48.45
C PHE B 144 -10.75 20.10 49.71
N GLU B 145 -11.96 19.54 49.85
CA GLU B 145 -12.29 18.68 50.95
C GLU B 145 -13.16 17.54 50.47
N TYR B 146 -12.88 16.34 50.95
CA TYR B 146 -13.60 15.13 50.54
C TYR B 146 -13.87 14.29 51.78
N VAL B 147 -15.10 13.80 51.90
CA VAL B 147 -15.51 13.00 53.04
C VAL B 147 -16.18 11.73 52.55
N SER B 148 -15.78 10.59 53.10
CA SER B 148 -16.38 9.30 52.77
C SER B 148 -16.06 8.25 53.83
N PHE B 162 -4.73 -15.23 61.52
CA PHE B 162 -4.89 -14.54 60.24
C PHE B 162 -4.88 -13.02 60.42
N LYS B 163 -4.26 -12.32 59.49
CA LYS B 163 -4.22 -10.86 59.47
C LYS B 163 -4.86 -10.37 58.18
N ASN B 164 -5.00 -9.05 58.06
CA ASN B 164 -5.48 -8.43 56.84
C ASN B 164 -4.36 -7.59 56.25
N LEU B 165 -4.00 -7.87 55.02
CA LEU B 165 -2.99 -7.10 54.30
C LEU B 165 -3.69 -6.07 53.44
N ARG B 166 -3.38 -4.80 53.68
CA ARG B 166 -3.98 -3.69 52.95
C ARG B 166 -2.92 -3.02 52.11
N GLU B 167 -3.19 -2.87 50.82
CA GLU B 167 -2.26 -2.31 49.86
C GLU B 167 -2.90 -1.10 49.19
N PHE B 168 -2.09 -0.07 48.99
CA PHE B 168 -2.53 1.18 48.38
C PHE B 168 -1.48 1.62 47.38
N VAL B 169 -1.93 2.27 46.31
CA VAL B 169 -1.06 2.85 45.31
C VAL B 169 -1.46 4.30 45.10
N PHE B 170 -0.53 5.21 45.26
CA PHE B 170 -0.76 6.63 45.07
C PHE B 170 0.08 7.11 43.90
N LYS B 171 -0.55 7.78 42.95
CA LYS B 171 0.19 8.42 41.87
C LYS B 171 -0.46 9.73 41.47
N ASN B 172 0.35 10.72 41.15
CA ASN B 172 -0.10 12.09 40.97
C ASN B 172 0.11 12.58 39.54
N ILE B 173 -0.25 11.74 38.56
CA ILE B 173 -0.13 12.17 37.17
C ILE B 173 -1.21 13.19 36.83
N ASP B 174 -0.97 13.94 35.75
CA ASP B 174 -1.87 14.98 35.23
C ASP B 174 -2.25 15.92 36.36
N GLY B 175 -3.52 16.16 36.62
CA GLY B 175 -3.94 16.96 37.75
C GLY B 175 -4.78 16.14 38.71
N TYR B 176 -4.59 14.82 38.68
CA TYR B 176 -5.36 13.89 39.49
C TYR B 176 -4.44 13.14 40.43
N PHE B 177 -4.83 13.07 41.69
CA PHE B 177 -4.21 12.18 42.66
C PHE B 177 -5.02 10.91 42.69
N LYS B 178 -4.45 9.82 42.18
CA LYS B 178 -5.14 8.55 42.06
C LYS B 178 -4.70 7.61 43.17
N ILE B 179 -5.68 7.07 43.90
CA ILE B 179 -5.47 6.15 45.00
C ILE B 179 -6.19 4.86 44.65
N TYR B 180 -5.42 3.78 44.57
CA TYR B 180 -5.95 2.43 44.37
C TYR B 180 -5.76 1.66 45.66
N SER B 181 -6.71 0.78 45.99
CA SER B 181 -6.63 0.06 47.25
C SER B 181 -7.12 -1.37 47.08
N LYS B 182 -6.64 -2.23 47.97
CA LYS B 182 -7.06 -3.62 48.00
C LYS B 182 -6.64 -4.27 49.32
N HIS B 183 -7.58 -4.87 50.04
CA HIS B 183 -7.28 -5.56 51.29
C HIS B 183 -7.68 -7.02 51.17
N THR B 184 -6.79 -7.91 51.57
CA THR B 184 -7.00 -9.34 51.47
C THR B 184 -6.63 -10.04 52.77
N PRO B 185 -7.33 -11.13 53.10
CA PRO B 185 -6.96 -11.90 54.29
C PRO B 185 -5.79 -12.83 54.02
N ILE B 186 -4.86 -12.87 54.96
CA ILE B 186 -3.69 -13.74 54.87
C ILE B 186 -3.54 -14.49 56.17
N ASN B 187 -2.79 -15.59 56.10
CA ASN B 187 -2.54 -16.42 57.28
C ASN B 187 -1.07 -16.33 57.72
N ARG B 190 2.64 -12.91 56.87
CA ARG B 190 3.44 -12.78 55.66
C ARG B 190 3.52 -11.33 55.20
N ASP B 191 4.73 -10.88 54.87
CA ASP B 191 4.94 -9.52 54.40
C ASP B 191 4.16 -9.27 53.11
N LEU B 192 4.52 -9.99 52.05
CA LEU B 192 3.87 -9.85 50.75
C LEU B 192 3.74 -11.24 50.15
N PRO B 193 2.57 -11.88 50.29
CA PRO B 193 2.42 -13.26 49.79
C PRO B 193 2.64 -13.35 48.29
N GLN B 194 3.17 -14.49 47.87
CA GLN B 194 3.51 -14.72 46.47
C GLN B 194 2.27 -14.98 45.60
N GLY B 195 1.08 -14.82 46.14
CA GLY B 195 -0.13 -14.93 45.33
C GLY B 195 -0.33 -13.72 44.45
N PHE B 196 -1.53 -13.53 43.92
CA PHE B 196 -1.83 -12.40 43.06
C PHE B 196 -3.14 -11.76 43.49
N SER B 197 -3.18 -10.44 43.42
CA SER B 197 -4.39 -9.69 43.78
C SER B 197 -4.30 -8.31 43.15
N ALA B 198 -5.21 -8.01 42.23
CA ALA B 198 -5.24 -6.69 41.62
C ALA B 198 -5.77 -5.65 42.59
N LEU B 199 -5.46 -4.39 42.31
CA LEU B 199 -5.85 -3.26 43.16
C LEU B 199 -6.88 -2.43 42.42
N GLU B 200 -8.14 -2.59 42.78
CA GLU B 200 -9.19 -1.80 42.16
C GLU B 200 -9.01 -0.33 42.51
N PRO B 201 -9.26 0.59 41.57
CA PRO B 201 -9.17 2.01 41.89
C PRO B 201 -10.18 2.38 42.97
N LEU B 202 -9.74 3.27 43.86
CA LEU B 202 -10.54 3.70 45.00
C LEU B 202 -11.01 5.14 44.87
N VAL B 203 -10.08 6.07 44.70
CA VAL B 203 -10.40 7.49 44.63
C VAL B 203 -9.56 8.14 43.54
N ASP B 204 -10.12 9.14 42.88
CA ASP B 204 -9.36 10.03 42.01
C ASP B 204 -9.72 11.46 42.37
N LEU B 205 -8.70 12.26 42.70
CA LEU B 205 -8.90 13.62 43.16
C LEU B 205 -8.45 14.62 42.12
N PRO B 206 -9.26 15.63 41.80
CA PRO B 206 -8.90 16.60 40.77
C PRO B 206 -7.90 17.66 41.21
N ILE B 207 -7.22 17.47 42.34
CA ILE B 207 -6.30 18.48 42.84
C ILE B 207 -5.02 18.49 42.01
N GLY B 208 -4.61 19.67 41.58
CA GLY B 208 -3.40 19.80 40.77
C GLY B 208 -2.16 20.09 41.60
N ILE B 209 -2.03 19.39 42.72
CA ILE B 209 -0.95 19.64 43.66
C ILE B 209 0.34 19.01 43.14
N ASN B 210 1.44 19.74 43.25
CA ASN B 210 2.76 19.18 43.02
C ASN B 210 3.24 18.46 44.28
N ILE B 211 3.65 17.21 44.14
CA ILE B 211 4.02 16.37 45.27
C ILE B 211 5.42 15.81 45.03
N THR B 212 6.27 15.88 46.07
CA THR B 212 7.61 15.31 46.02
C THR B 212 7.98 14.49 47.25
N ARG B 213 7.33 14.72 48.39
CA ARG B 213 7.59 13.97 49.60
C ARG B 213 6.29 13.51 50.22
N PHE B 214 6.37 12.50 51.08
CA PHE B 214 5.18 11.99 51.75
C PHE B 214 5.58 11.37 53.08
N GLN B 215 4.60 11.14 53.93
CA GLN B 215 4.85 10.61 55.26
C GLN B 215 3.63 9.83 55.76
N THR B 216 3.90 8.76 56.49
CA THR B 216 2.86 7.96 57.09
C THR B 216 2.27 8.68 58.31
N LEU B 217 1.11 8.21 58.75
CA LEU B 217 0.43 8.79 59.89
C LEU B 217 -0.27 7.70 60.69
N LEU B 218 -0.12 7.73 62.00
CA LEU B 218 -0.69 6.71 62.86
C LEU B 218 -1.07 7.33 64.21
N ALA B 219 -1.92 6.62 64.93
CA ALA B 219 -2.39 7.09 66.23
C ALA B 219 -1.55 6.51 67.35
N ALA B 236 3.01 4.15 74.45
CA ALA B 236 3.83 3.89 73.27
C ALA B 236 3.32 2.70 72.49
N GLY B 237 3.36 2.80 71.15
CA GLY B 237 2.89 1.74 70.29
C GLY B 237 3.93 1.38 69.24
N ALA B 238 3.59 0.37 68.44
CA ALA B 238 4.45 -0.11 67.38
C ALA B 238 3.64 -0.35 66.12
N ALA B 239 4.31 -0.23 64.98
CA ALA B 239 3.67 -0.43 63.69
C ALA B 239 4.75 -0.78 62.67
N ALA B 240 4.31 -1.27 61.52
CA ALA B 240 5.22 -1.66 60.45
C ALA B 240 4.51 -1.55 59.12
N TYR B 241 5.25 -1.12 58.10
CA TYR B 241 4.65 -0.95 56.78
C TYR B 241 5.73 -0.98 55.71
N TYR B 242 5.31 -1.28 54.48
CA TYR B 242 6.20 -1.45 53.34
C TYR B 242 5.95 -0.36 52.33
N VAL B 243 7.03 0.15 51.73
CA VAL B 243 6.95 1.23 50.75
C VAL B 243 7.80 0.86 49.53
N GLY B 244 7.20 0.99 48.35
CA GLY B 244 7.92 0.81 47.11
C GLY B 244 7.61 1.94 46.14
N TYR B 245 8.39 2.01 45.06
CA TYR B 245 8.28 3.10 44.11
C TYR B 245 7.93 2.56 42.73
N LEU B 246 7.02 3.27 42.05
CA LEU B 246 6.57 2.88 40.72
C LEU B 246 7.56 3.36 39.65
N GLN B 247 7.52 2.70 38.51
CA GLN B 247 8.35 3.03 37.36
C GLN B 247 7.54 2.83 36.10
N PRO B 248 7.91 3.51 35.01
CA PRO B 248 7.15 3.37 33.76
C PRO B 248 7.41 2.05 33.05
N ARG B 249 6.69 1.01 33.45
CA ARG B 249 6.88 -0.33 32.92
C ARG B 249 5.73 -0.72 32.00
N THR B 250 5.99 -1.74 31.18
CA THR B 250 4.98 -2.35 30.32
C THR B 250 4.61 -3.71 30.88
N PHE B 251 3.32 -3.94 31.06
CA PHE B 251 2.81 -5.17 31.65
C PHE B 251 1.85 -5.85 30.68
N LEU B 252 1.76 -7.16 30.81
CA LEU B 252 0.75 -7.96 30.10
C LEU B 252 -0.20 -8.50 31.15
N LEU B 253 -1.45 -8.04 31.12
CA LEU B 253 -2.44 -8.38 32.13
C LEU B 253 -3.41 -9.41 31.58
N LYS B 254 -3.92 -10.26 32.46
CA LYS B 254 -4.80 -11.36 32.10
C LYS B 254 -6.16 -11.13 32.74
N TYR B 255 -7.15 -10.76 31.94
CA TYR B 255 -8.52 -10.60 32.42
C TYR B 255 -9.28 -11.91 32.22
N ASN B 256 -9.80 -12.47 33.30
CA ASN B 256 -10.52 -13.73 33.23
C ASN B 256 -11.97 -13.46 32.82
N GLU B 257 -12.83 -14.47 32.96
CA GLU B 257 -14.20 -14.37 32.48
C GLU B 257 -14.96 -13.26 33.21
N ASN B 258 -14.78 -13.16 34.52
CA ASN B 258 -15.48 -12.17 35.32
C ASN B 258 -14.88 -10.78 35.21
N GLY B 259 -13.91 -10.57 34.33
CA GLY B 259 -13.29 -9.27 34.19
C GLY B 259 -12.26 -8.93 35.23
N THR B 260 -11.79 -9.92 36.00
CA THR B 260 -10.85 -9.71 37.08
C THR B 260 -9.44 -10.01 36.60
N ILE B 261 -8.50 -9.10 36.88
CA ILE B 261 -7.10 -9.36 36.57
C ILE B 261 -6.60 -10.48 37.47
N THR B 262 -6.20 -11.59 36.87
CA THR B 262 -5.74 -12.75 37.62
C THR B 262 -4.25 -13.01 37.50
N ASP B 263 -3.58 -12.42 36.52
CA ASP B 263 -2.15 -12.64 36.35
C ASP B 263 -1.56 -11.50 35.54
N ALA B 264 -0.24 -11.34 35.65
CA ALA B 264 0.45 -10.29 34.92
C ALA B 264 1.87 -10.74 34.63
N VAL B 265 2.44 -10.15 33.58
CA VAL B 265 3.81 -10.41 33.16
C VAL B 265 4.52 -9.07 33.00
N ASP B 266 5.67 -8.93 33.67
CA ASP B 266 6.48 -7.72 33.58
C ASP B 266 7.45 -7.89 32.42
N CYS B 267 7.21 -7.17 31.32
CA CYS B 267 7.89 -7.45 30.07
C CYS B 267 9.39 -7.19 30.12
N ALA B 268 9.88 -6.45 31.11
CA ALA B 268 11.30 -6.12 31.18
C ALA B 268 11.99 -6.77 32.37
N LEU B 269 11.36 -7.78 32.98
CA LEU B 269 11.96 -8.42 34.15
C LEU B 269 13.14 -9.30 33.75
N ASP B 270 12.97 -10.11 32.71
CA ASP B 270 13.99 -11.07 32.29
C ASP B 270 13.67 -11.51 30.87
N PRO B 271 14.59 -12.21 30.20
CA PRO B 271 14.31 -12.63 28.81
C PRO B 271 13.07 -13.46 28.65
N LEU B 272 12.74 -14.31 29.61
CA LEU B 272 11.53 -15.14 29.49
C LEU B 272 10.28 -14.29 29.47
N SER B 273 10.20 -13.27 30.34
CA SER B 273 9.04 -12.39 30.34
C SER B 273 8.97 -11.57 29.07
N GLU B 274 10.12 -11.16 28.54
CA GLU B 274 10.13 -10.46 27.26
C GLU B 274 9.60 -11.35 26.15
N THR B 275 9.99 -12.63 26.15
CA THR B 275 9.45 -13.58 25.18
C THR B 275 7.95 -13.72 25.34
N LYS B 276 7.47 -13.81 26.58
CA LYS B 276 6.03 -13.95 26.82
C LYS B 276 5.28 -12.74 26.29
N CYS B 277 5.80 -11.53 26.53
CA CYS B 277 5.13 -10.34 26.03
C CYS B 277 5.18 -10.26 24.51
N THR B 278 6.30 -10.69 23.91
CA THR B 278 6.38 -10.70 22.46
C THR B 278 5.38 -11.66 21.85
N LEU B 279 5.22 -12.85 22.45
CA LEU B 279 4.26 -13.83 21.95
C LEU B 279 2.84 -13.55 22.41
N LYS B 280 2.65 -12.60 23.32
CA LYS B 280 1.33 -12.31 23.91
C LYS B 280 0.72 -13.57 24.52
N SER B 281 1.55 -14.32 25.24
CA SER B 281 1.11 -15.56 25.87
C SER B 281 1.82 -15.72 27.20
N PHE B 282 1.19 -16.48 28.09
CA PHE B 282 1.78 -16.81 29.38
C PHE B 282 2.52 -18.13 29.38
N THR B 283 2.38 -18.93 28.33
CA THR B 283 3.11 -20.18 28.18
C THR B 283 3.88 -20.15 26.86
N VAL B 284 5.12 -20.62 26.90
CA VAL B 284 6.02 -20.56 25.76
C VAL B 284 6.43 -21.98 25.38
N GLU B 285 6.25 -22.34 24.12
CA GLU B 285 6.68 -23.64 23.64
C GLU B 285 8.19 -23.68 23.49
N LYS B 286 8.72 -24.90 23.42
CA LYS B 286 10.15 -25.08 23.22
C LYS B 286 10.58 -24.51 21.87
N GLY B 287 11.67 -23.76 21.88
CA GLY B 287 12.17 -23.19 20.65
C GLY B 287 13.06 -21.99 20.93
N ILE B 288 13.45 -21.33 19.86
CA ILE B 288 14.28 -20.12 19.92
C ILE B 288 13.47 -18.99 19.31
N TYR B 289 13.27 -17.93 20.09
CA TYR B 289 12.38 -16.84 19.71
C TYR B 289 13.17 -15.55 19.57
N GLN B 290 13.07 -14.93 18.39
CA GLN B 290 13.74 -13.65 18.13
C GLN B 290 12.96 -12.57 18.85
N THR B 291 13.40 -12.24 20.06
CA THR B 291 12.61 -11.37 20.92
C THR B 291 12.79 -9.90 20.56
N SER B 292 14.00 -9.38 20.67
CA SER B 292 14.12 -7.92 20.61
C SER B 292 15.47 -7.55 20.01
N ASN B 293 15.86 -6.30 20.19
CA ASN B 293 17.15 -5.80 19.76
C ASN B 293 17.82 -5.06 20.91
N PHE B 294 19.10 -5.34 21.11
CA PHE B 294 19.89 -4.61 22.10
C PHE B 294 20.57 -3.43 21.43
N ARG B 295 20.60 -2.31 22.14
CA ARG B 295 21.18 -1.08 21.59
C ARG B 295 21.85 -0.30 22.71
N VAL B 296 23.07 0.17 22.45
CA VAL B 296 23.80 0.99 23.41
C VAL B 296 23.27 2.40 23.36
N GLN B 297 22.92 2.95 24.52
CA GLN B 297 22.34 4.29 24.61
C GLN B 297 23.43 5.36 24.71
N PRO B 298 23.17 6.55 24.20
CA PRO B 298 24.16 7.63 24.28
C PRO B 298 24.40 8.07 25.71
N THR B 299 25.64 8.51 25.97
CA THR B 299 26.06 8.91 27.30
C THR B 299 25.92 10.41 27.53
N GLU B 300 26.23 11.22 26.52
CA GLU B 300 26.27 12.67 26.70
C GLU B 300 25.89 13.35 25.39
N SER B 301 25.68 14.66 25.48
CA SER B 301 25.27 15.47 24.34
C SER B 301 26.38 16.43 23.96
N ILE B 302 26.61 16.56 22.67
CA ILE B 302 27.66 17.41 22.11
C ILE B 302 27.01 18.37 21.13
N VAL B 303 27.32 19.65 21.25
CA VAL B 303 26.85 20.67 20.33
C VAL B 303 28.05 21.42 19.79
N ARG B 304 28.14 21.53 18.47
CA ARG B 304 29.26 22.21 17.82
C ARG B 304 28.70 23.21 16.82
N PHE B 305 28.89 24.48 17.10
CA PHE B 305 28.47 25.60 16.26
C PHE B 305 29.68 26.48 15.97
N PRO B 306 29.67 27.22 14.87
CA PRO B 306 30.76 28.16 14.62
C PRO B 306 30.86 29.20 15.71
N ASN B 307 32.09 29.61 16.01
CA ASN B 307 32.34 30.60 17.06
C ASN B 307 32.07 31.97 16.48
N ILE B 308 30.81 32.39 16.57
CA ILE B 308 30.36 33.67 16.02
C ILE B 308 29.81 34.52 17.16
N THR B 309 30.18 35.79 17.18
CA THR B 309 29.82 36.70 18.26
C THR B 309 28.88 37.82 17.86
N ASN B 310 28.97 38.31 16.62
CA ASN B 310 28.16 39.44 16.20
C ASN B 310 26.68 39.07 16.18
N LEU B 311 25.84 40.00 16.61
CA LEU B 311 24.39 39.84 16.52
C LEU B 311 23.91 40.31 15.16
N CYS B 312 22.94 39.60 14.61
CA CYS B 312 22.46 39.91 13.26
C CYS B 312 21.71 41.24 13.26
N PRO B 313 21.84 42.01 12.19
CA PRO B 313 21.25 43.36 12.12
C PRO B 313 19.78 43.32 11.68
N PHE B 314 18.94 42.68 12.48
CA PHE B 314 17.51 42.65 12.21
C PHE B 314 16.79 43.93 12.63
N ASP B 315 17.44 44.79 13.41
CA ASP B 315 16.80 46.04 13.82
C ASP B 315 16.61 46.97 12.63
N GLU B 316 17.64 47.13 11.80
CA GLU B 316 17.57 48.09 10.71
C GLU B 316 16.70 47.61 9.56
N VAL B 317 16.24 46.36 9.58
CA VAL B 317 15.29 45.89 8.58
C VAL B 317 13.87 46.27 8.97
N PHE B 318 13.43 45.84 10.16
CA PHE B 318 12.06 46.09 10.58
C PHE B 318 11.85 47.54 11.01
N ASN B 319 12.88 48.19 11.55
CA ASN B 319 12.77 49.56 12.07
C ASN B 319 13.25 50.58 11.07
N ALA B 320 13.02 50.33 9.78
CA ALA B 320 13.37 51.30 8.75
C ALA B 320 12.39 52.46 8.76
N THR B 321 12.91 53.65 8.47
CA THR B 321 12.06 54.84 8.45
C THR B 321 11.02 54.75 7.33
N ARG B 322 11.43 54.27 6.16
CA ARG B 322 10.51 54.14 5.03
C ARG B 322 10.91 52.91 4.22
N PHE B 323 9.97 51.99 4.06
CA PHE B 323 10.19 50.81 3.25
C PHE B 323 10.17 51.17 1.76
N ALA B 324 10.72 50.27 0.95
CA ALA B 324 10.79 50.50 -0.48
C ALA B 324 9.49 50.11 -1.17
N SER B 325 9.32 50.59 -2.39
CA SER B 325 8.20 50.18 -3.21
C SER B 325 8.35 48.72 -3.63
N VAL B 326 7.23 48.07 -3.88
CA VAL B 326 7.26 46.63 -4.16
C VAL B 326 7.99 46.34 -5.46
N TYR B 327 7.88 47.21 -6.47
CA TYR B 327 8.59 46.97 -7.71
C TYR B 327 10.09 47.11 -7.56
N ALA B 328 10.55 47.82 -6.53
CA ALA B 328 11.96 48.05 -6.25
C ALA B 328 12.28 47.61 -4.84
N TRP B 329 11.85 46.40 -4.49
CA TRP B 329 11.95 45.91 -3.12
C TRP B 329 13.40 45.85 -2.65
N ASN B 330 13.60 46.18 -1.38
CA ASN B 330 14.95 46.17 -0.81
C ASN B 330 15.37 44.74 -0.46
N ARG B 331 16.63 44.43 -0.69
CA ARG B 331 17.20 43.16 -0.28
C ARG B 331 18.46 43.41 0.53
N LYS B 332 18.52 42.81 1.72
CA LYS B 332 19.67 42.91 2.61
C LYS B 332 20.18 41.52 2.94
N ARG B 333 21.49 41.36 2.96
CA ARG B 333 22.11 40.06 3.21
C ARG B 333 22.56 39.98 4.67
N ILE B 334 22.18 38.90 5.33
CA ILE B 334 22.53 38.63 6.73
C ILE B 334 23.49 37.46 6.73
N SER B 335 24.69 37.69 7.26
CA SER B 335 25.72 36.65 7.31
C SER B 335 26.70 36.99 8.42
N ASN B 336 27.43 35.97 8.87
CA ASN B 336 28.46 36.11 9.90
C ASN B 336 27.91 36.75 11.18
N CYS B 337 26.79 36.19 11.66
CA CYS B 337 26.17 36.71 12.87
C CYS B 337 25.28 35.63 13.46
N VAL B 338 24.92 35.81 14.73
CA VAL B 338 23.99 34.92 15.40
C VAL B 338 22.61 35.56 15.38
N ALA B 339 21.62 34.80 14.91
CA ALA B 339 20.27 35.31 14.72
C ALA B 339 19.37 34.79 15.83
N ASP B 340 18.80 35.70 16.61
CA ASP B 340 17.81 35.37 17.63
C ASP B 340 16.47 35.89 17.14
N TYR B 341 15.68 35.01 16.54
CA TYR B 341 14.42 35.42 15.94
C TYR B 341 13.36 35.77 16.98
N SER B 342 13.55 35.32 18.23
CA SER B 342 12.57 35.61 19.26
C SER B 342 12.45 37.10 19.55
N VAL B 343 13.43 37.92 19.15
CA VAL B 343 13.33 39.36 19.32
C VAL B 343 12.63 40.04 18.16
N LEU B 344 12.37 39.32 17.06
CA LEU B 344 11.70 39.94 15.93
C LEU B 344 10.31 40.43 16.31
N TYR B 345 9.68 39.79 17.30
CA TYR B 345 8.36 40.23 17.73
C TYR B 345 8.39 41.60 18.40
N ASN B 346 9.56 42.07 18.82
CA ASN B 346 9.67 43.37 19.47
C ASN B 346 9.84 44.52 18.51
N PHE B 347 10.14 44.26 17.24
CA PHE B 347 10.44 45.33 16.30
C PHE B 347 9.23 45.77 15.50
N ALA B 348 8.34 44.84 15.16
CA ALA B 348 7.14 45.18 14.41
C ALA B 348 5.93 44.53 15.06
N PRO B 349 4.78 45.18 15.03
CA PRO B 349 3.57 44.63 15.65
C PRO B 349 2.82 43.64 14.76
N PHE B 350 3.57 42.71 14.16
CA PHE B 350 2.94 41.69 13.35
C PHE B 350 2.36 40.60 14.24
N PHE B 351 1.32 39.93 13.74
CA PHE B 351 0.64 38.94 14.57
C PHE B 351 1.38 37.61 14.61
N ALA B 352 1.84 37.12 13.46
CA ALA B 352 2.53 35.84 13.43
C ALA B 352 3.38 35.74 12.17
N PHE B 353 4.33 34.81 12.21
CA PHE B 353 5.09 34.45 11.02
C PHE B 353 4.22 33.65 10.05
N LYS B 354 4.69 33.57 8.81
CA LYS B 354 4.15 32.63 7.82
C LYS B 354 5.34 31.92 7.23
N CYS B 355 5.75 30.81 7.83
CA CYS B 355 6.99 30.14 7.45
C CYS B 355 6.69 28.91 6.60
N TYR B 356 7.43 28.78 5.50
CA TYR B 356 7.30 27.66 4.58
C TYR B 356 8.58 26.84 4.63
N GLY B 357 8.43 25.53 4.83
CA GLY B 357 9.57 24.64 4.94
C GLY B 357 10.23 24.60 6.28
N VAL B 358 9.75 25.38 7.25
CA VAL B 358 10.35 25.44 8.58
C VAL B 358 9.30 25.98 9.53
N SER B 359 9.45 25.70 10.81
CA SER B 359 8.53 26.22 11.79
C SER B 359 9.19 27.35 12.57
N PRO B 360 8.47 28.44 12.85
CA PRO B 360 9.12 29.60 13.50
C PRO B 360 9.77 29.24 14.83
N THR B 361 9.12 28.41 15.64
CA THR B 361 9.64 28.08 16.95
C THR B 361 10.96 27.32 16.87
N LYS B 362 11.27 26.72 15.73
CA LYS B 362 12.53 26.01 15.53
C LYS B 362 13.63 26.88 14.94
N LEU B 363 13.32 28.14 14.59
CA LEU B 363 14.30 28.96 13.89
C LEU B 363 15.55 29.22 14.71
N ASN B 364 15.48 29.11 16.03
CA ASN B 364 16.65 29.33 16.87
C ASN B 364 17.54 28.10 16.98
N ASP B 365 17.13 26.97 16.42
CA ASP B 365 17.88 25.73 16.54
C ASP B 365 18.63 25.36 15.27
N LEU B 366 18.71 26.27 14.30
CA LEU B 366 19.23 25.96 12.98
C LEU B 366 20.35 26.91 12.62
N CYS B 367 21.18 26.48 11.67
CA CYS B 367 22.22 27.29 11.07
C CYS B 367 21.95 27.42 9.58
N PHE B 368 22.11 28.63 9.05
CA PHE B 368 21.90 28.90 7.64
C PHE B 368 23.17 29.49 7.04
N THR B 369 23.44 29.12 5.78
CA THR B 369 24.62 29.65 5.11
C THR B 369 24.52 31.15 4.90
N ASN B 370 23.36 31.62 4.45
CA ASN B 370 23.09 33.05 4.33
C ASN B 370 21.59 33.27 4.52
N VAL B 371 21.25 34.48 4.96
CA VAL B 371 19.86 34.88 5.11
C VAL B 371 19.64 36.12 4.26
N TYR B 372 18.45 36.24 3.67
CA TYR B 372 18.10 37.42 2.89
C TYR B 372 16.82 38.02 3.42
N ALA B 373 16.85 39.32 3.73
CA ALA B 373 15.68 40.05 4.18
C ALA B 373 15.23 40.96 3.05
N ASP B 374 14.06 40.68 2.48
CA ASP B 374 13.48 41.47 1.41
C ASP B 374 12.31 42.26 1.97
N SER B 375 12.38 43.58 1.88
CA SER B 375 11.38 44.44 2.48
C SER B 375 10.70 45.28 1.41
N PHE B 376 9.38 45.44 1.55
CA PHE B 376 8.60 46.29 0.65
C PHE B 376 7.26 46.59 1.30
N VAL B 377 6.42 47.31 0.57
CA VAL B 377 5.08 47.68 1.02
C VAL B 377 4.08 47.35 -0.07
N ILE B 378 3.02 46.63 0.30
CA ILE B 378 1.93 46.30 -0.60
C ILE B 378 0.64 46.67 0.10
N ARG B 379 -0.51 46.32 -0.46
CA ARG B 379 -1.76 46.51 0.26
C ARG B 379 -2.33 45.16 0.70
N GLY B 380 -3.41 45.23 1.46
CA GLY B 380 -3.92 44.04 2.13
C GLY B 380 -4.30 42.93 1.17
N ASN B 381 -4.95 43.29 0.06
CA ASN B 381 -5.38 42.29 -0.91
C ASN B 381 -4.21 41.47 -1.45
N GLU B 382 -3.03 42.08 -1.54
CA GLU B 382 -1.89 41.46 -2.20
C GLU B 382 -0.97 40.71 -1.25
N VAL B 383 -1.27 40.70 0.05
CA VAL B 383 -0.43 39.99 1.00
C VAL B 383 -0.48 38.48 0.75
N SER B 384 -1.62 37.98 0.26
CA SER B 384 -1.73 36.57 -0.05
C SER B 384 -0.90 36.17 -1.26
N GLN B 385 -0.46 37.13 -2.07
CA GLN B 385 0.36 36.82 -3.23
C GLN B 385 1.83 36.65 -2.87
N ILE B 386 2.23 36.98 -1.65
CA ILE B 386 3.61 36.74 -1.21
C ILE B 386 3.63 35.33 -0.63
N ALA B 387 3.75 34.36 -1.52
CA ALA B 387 3.73 32.94 -1.20
C ALA B 387 4.10 32.16 -2.45
N PRO B 388 4.71 30.98 -2.30
CA PRO B 388 5.05 30.19 -3.49
C PRO B 388 3.79 29.78 -4.26
N GLY B 389 3.90 29.79 -5.59
CA GLY B 389 2.83 29.34 -6.43
C GLY B 389 1.69 30.31 -6.63
N GLN B 390 1.90 31.59 -6.33
CA GLN B 390 0.86 32.60 -6.47
C GLN B 390 0.99 33.34 -7.80
N THR B 391 -0.13 33.90 -8.25
CA THR B 391 -0.15 34.74 -9.44
C THR B 391 -0.96 36.00 -9.15
N GLY B 392 -0.71 37.02 -9.94
CA GLY B 392 -1.30 38.32 -9.73
C GLY B 392 -0.33 39.39 -10.18
N ASN B 393 -0.72 40.64 -9.97
CA ASN B 393 0.15 41.74 -10.35
C ASN B 393 1.46 41.69 -9.57
N ILE B 394 1.38 41.47 -8.26
CA ILE B 394 2.58 41.45 -7.43
C ILE B 394 3.42 40.23 -7.72
N ALA B 395 2.78 39.06 -7.86
CA ALA B 395 3.54 37.83 -8.07
C ALA B 395 4.13 37.77 -9.47
N ASP B 396 3.47 38.37 -10.45
CA ASP B 396 3.96 38.28 -11.83
C ASP B 396 4.94 39.39 -12.18
N TYR B 397 4.65 40.63 -11.80
CA TYR B 397 5.41 41.77 -12.30
C TYR B 397 6.26 42.44 -11.24
N ASN B 398 6.06 42.16 -9.96
CA ASN B 398 6.75 42.89 -8.90
C ASN B 398 7.67 42.02 -8.07
N TYR B 399 7.17 40.93 -7.51
CA TYR B 399 7.96 40.12 -6.59
C TYR B 399 7.48 38.68 -6.66
N LYS B 400 8.35 37.78 -7.10
CA LYS B 400 8.00 36.38 -7.29
C LYS B 400 8.85 35.51 -6.37
N LEU B 401 8.20 34.61 -5.65
CA LEU B 401 8.84 33.60 -4.79
C LEU B 401 8.88 32.26 -5.51
N PRO B 402 10.00 31.54 -5.40
CA PRO B 402 10.08 30.22 -6.04
C PRO B 402 9.12 29.23 -5.40
N ASP B 403 8.72 28.23 -6.20
CA ASP B 403 7.78 27.23 -5.71
C ASP B 403 8.39 26.38 -4.60
N ASP B 404 9.70 26.28 -4.54
CA ASP B 404 10.40 25.54 -3.49
C ASP B 404 10.94 26.48 -2.42
N PHE B 405 10.20 27.54 -2.13
CA PHE B 405 10.66 28.55 -1.18
C PHE B 405 10.74 27.97 0.22
N THR B 406 11.85 28.24 0.91
CA THR B 406 12.07 27.82 2.29
C THR B 406 12.43 29.07 3.08
N GLY B 407 11.48 29.60 3.84
CA GLY B 407 11.72 30.84 4.55
C GLY B 407 10.51 31.27 5.36
N CYS B 408 10.36 32.58 5.58
CA CYS B 408 9.25 33.10 6.35
C CYS B 408 8.80 34.43 5.76
N VAL B 409 7.51 34.73 5.91
CA VAL B 409 6.91 35.98 5.47
C VAL B 409 6.29 36.66 6.68
N ILE B 410 6.59 37.95 6.86
CA ILE B 410 6.15 38.73 8.00
C ILE B 410 5.51 40.00 7.46
N ALA B 411 4.18 40.07 7.51
CA ALA B 411 3.45 41.22 6.99
C ALA B 411 2.63 41.84 8.11
N TRP B 412 2.75 43.15 8.28
CA TRP B 412 2.00 43.83 9.32
C TRP B 412 1.42 45.13 8.79
N ASN B 413 0.25 45.49 9.30
CA ASN B 413 -0.44 46.70 8.87
C ASN B 413 0.33 47.94 9.31
N SER B 414 0.52 48.88 8.39
CA SER B 414 1.21 50.13 8.66
C SER B 414 0.38 51.30 8.17
N ASN B 415 -0.91 51.28 8.49
CA ASN B 415 -1.80 52.35 8.05
C ASN B 415 -1.44 53.68 8.71
N LYS B 416 -0.81 53.65 9.88
CA LYS B 416 -0.47 54.90 10.55
C LYS B 416 0.71 55.61 9.91
N LEU B 417 1.66 54.85 9.37
CA LEU B 417 2.90 55.42 8.84
C LEU B 417 2.85 55.68 7.34
N ASP B 418 2.20 54.81 6.58
CA ASP B 418 2.26 54.85 5.12
C ASP B 418 1.03 55.49 4.49
N SER B 419 0.12 56.06 5.28
CA SER B 419 -1.08 56.67 4.76
C SER B 419 -1.04 58.18 5.00
N LYS B 420 -1.48 58.94 4.00
CA LYS B 420 -1.62 60.37 4.09
C LYS B 420 -3.07 60.76 3.85
N VAL B 421 -3.48 61.90 4.41
CA VAL B 421 -4.87 62.33 4.27
C VAL B 421 -5.21 62.58 2.81
N GLY B 422 -4.32 63.23 2.08
CA GLY B 422 -4.52 63.43 0.66
C GLY B 422 -4.14 62.26 -0.21
N GLY B 423 -3.60 61.19 0.37
CA GLY B 423 -3.19 60.03 -0.39
C GLY B 423 -1.69 59.94 -0.55
N ASN B 424 -1.11 58.82 -0.16
CA ASN B 424 0.33 58.61 -0.27
C ASN B 424 0.63 58.00 -1.63
N TYR B 425 1.39 58.73 -2.44
CA TYR B 425 1.72 58.28 -3.79
C TYR B 425 3.19 57.95 -3.95
N ASN B 426 3.91 57.78 -2.84
CA ASN B 426 5.31 57.37 -2.91
C ASN B 426 5.48 55.90 -3.24
N TYR B 427 4.48 55.07 -2.93
CA TYR B 427 4.56 53.63 -3.16
C TYR B 427 3.92 53.30 -4.48
N ARG B 428 4.67 52.66 -5.37
CA ARG B 428 4.21 52.31 -6.69
C ARG B 428 4.45 50.83 -6.95
N TYR B 429 3.65 50.27 -7.85
CA TYR B 429 3.78 48.89 -8.26
C TYR B 429 3.72 48.79 -9.77
N ARG B 430 4.41 47.80 -10.32
CA ARG B 430 4.42 47.59 -11.77
C ARG B 430 3.12 46.92 -12.18
N LEU B 431 2.44 47.51 -13.15
CA LEU B 431 1.15 47.02 -13.60
C LEU B 431 1.21 46.30 -14.94
N PHE B 432 2.17 46.65 -15.80
CA PHE B 432 2.29 46.04 -17.10
C PHE B 432 3.70 45.51 -17.29
N ARG B 433 3.81 44.33 -17.88
CA ARG B 433 5.11 43.76 -18.23
C ARG B 433 4.93 42.75 -19.33
N LYS B 434 5.98 42.55 -20.12
CA LYS B 434 5.91 41.61 -21.24
C LYS B 434 5.72 40.18 -20.74
N SER B 435 6.41 39.79 -19.67
CA SER B 435 6.36 38.43 -19.18
C SER B 435 6.55 38.42 -17.68
N ASN B 436 6.19 37.29 -17.06
CA ASN B 436 6.27 37.16 -15.62
C ASN B 436 7.72 37.16 -15.16
N LEU B 437 7.93 37.69 -13.94
CA LEU B 437 9.26 37.71 -13.36
C LEU B 437 9.71 36.31 -12.99
N LYS B 438 11.00 36.05 -13.14
CA LYS B 438 11.61 34.88 -12.54
C LYS B 438 11.67 35.06 -11.03
N PRO B 439 11.74 33.96 -10.27
CA PRO B 439 11.79 34.09 -8.81
C PRO B 439 12.97 34.94 -8.36
N PHE B 440 12.71 35.81 -7.39
CA PHE B 440 13.74 36.69 -6.80
C PHE B 440 14.40 37.57 -7.86
N GLU B 441 13.61 38.04 -8.82
CA GLU B 441 14.09 38.95 -9.85
C GLU B 441 13.50 40.34 -9.62
N ARG B 442 14.29 41.37 -9.87
CA ARG B 442 13.88 42.76 -9.72
C ARG B 442 13.87 43.43 -11.08
N ASP B 443 12.88 44.29 -11.31
CA ASP B 443 12.72 44.99 -12.59
C ASP B 443 12.36 46.45 -12.29
N ILE B 444 13.38 47.30 -12.23
CA ILE B 444 13.19 48.71 -11.93
C ILE B 444 13.11 49.57 -13.19
N SER B 445 12.92 48.95 -14.35
CA SER B 445 12.80 49.69 -15.60
C SER B 445 11.52 50.51 -15.63
N THR B 446 11.59 51.66 -16.29
CA THR B 446 10.44 52.55 -16.44
C THR B 446 10.10 52.79 -17.91
N GLU B 447 10.50 51.88 -18.80
CA GLU B 447 10.19 52.03 -20.20
C GLU B 447 8.69 51.93 -20.43
N ILE B 448 8.20 52.71 -21.40
CA ILE B 448 6.76 52.73 -21.69
C ILE B 448 6.33 51.38 -22.24
N TYR B 449 5.25 50.85 -21.70
CA TYR B 449 4.73 49.55 -22.13
C TYR B 449 3.87 49.71 -23.38
N GLN B 450 4.08 48.82 -24.34
CA GLN B 450 3.38 48.87 -25.63
C GLN B 450 2.29 47.81 -25.62
N ALA B 451 1.04 48.25 -25.45
CA ALA B 451 -0.08 47.33 -25.42
C ALA B 451 -0.44 46.82 -26.81
N GLY B 452 -0.46 47.70 -27.81
CA GLY B 452 -0.86 47.34 -29.16
C GLY B 452 0.32 47.13 -30.09
N ASN B 453 0.05 47.32 -31.38
CA ASN B 453 1.08 47.18 -32.40
C ASN B 453 1.81 48.48 -32.69
N LYS B 454 1.22 49.62 -32.38
CA LYS B 454 1.88 50.89 -32.64
C LYS B 454 3.02 51.10 -31.66
N PRO B 455 4.23 51.35 -32.13
CA PRO B 455 5.33 51.67 -31.21
C PRO B 455 5.05 52.95 -30.45
N CYS B 456 5.48 52.99 -29.19
CA CYS B 456 5.21 54.13 -28.33
C CYS B 456 6.26 55.22 -28.44
N ASN B 457 7.51 54.85 -28.72
CA ASN B 457 8.61 55.81 -28.88
C ASN B 457 8.77 56.68 -27.64
N GLY B 458 8.56 56.09 -26.46
CA GLY B 458 8.73 56.81 -25.22
C GLY B 458 7.67 57.85 -24.93
N VAL B 459 6.48 57.73 -25.51
CA VAL B 459 5.39 58.66 -25.27
C VAL B 459 4.16 57.87 -24.87
N ALA B 460 3.55 58.27 -23.76
CA ALA B 460 2.32 57.63 -23.31
C ALA B 460 1.15 58.02 -24.21
N GLY B 461 0.21 57.09 -24.37
CA GLY B 461 -0.94 57.32 -25.22
C GLY B 461 -1.85 56.11 -25.31
N VAL B 462 -2.62 56.03 -26.39
CA VAL B 462 -3.50 54.89 -26.59
C VAL B 462 -2.67 53.63 -26.79
N ASN B 463 -2.95 52.60 -25.99
CA ASN B 463 -2.17 51.36 -25.99
C ASN B 463 -0.69 51.60 -25.71
N CYS B 464 -0.41 52.65 -24.92
CA CYS B 464 0.95 52.97 -24.50
C CYS B 464 0.85 53.52 -23.08
N TYR B 465 1.12 52.68 -22.10
CA TYR B 465 0.92 53.02 -20.70
C TYR B 465 2.25 53.12 -19.97
N PHE B 466 2.27 53.93 -18.93
CA PHE B 466 3.39 53.98 -18.01
C PHE B 466 3.35 52.74 -17.11
N PRO B 467 4.40 51.93 -17.06
CA PRO B 467 4.27 50.62 -16.39
C PRO B 467 3.95 50.69 -14.91
N LEU B 468 4.36 51.74 -14.22
CA LEU B 468 4.19 51.84 -12.78
C LEU B 468 2.95 52.66 -12.44
N GLN B 469 2.24 52.25 -11.39
CA GLN B 469 1.09 52.97 -10.89
C GLN B 469 1.16 53.06 -9.37
N SER B 470 0.71 54.19 -8.82
CA SER B 470 0.84 54.47 -7.40
C SER B 470 -0.37 53.95 -6.62
N TYR B 471 -0.12 53.49 -5.40
CA TYR B 471 -1.19 53.13 -4.49
C TYR B 471 -1.87 54.39 -3.95
N GLY B 472 -3.12 54.23 -3.52
CA GLY B 472 -3.83 55.32 -2.89
C GLY B 472 -3.37 55.56 -1.47
N PHE B 473 -3.61 54.57 -0.60
CA PHE B 473 -3.13 54.57 0.79
C PHE B 473 -3.65 55.80 1.55
N ARG B 474 -4.97 55.85 1.67
CA ARG B 474 -5.60 56.86 2.50
C ARG B 474 -6.09 56.23 3.80
N PRO B 475 -6.03 56.96 4.92
CA PRO B 475 -6.34 56.33 6.21
C PRO B 475 -7.78 55.88 6.36
N THR B 476 -8.68 56.38 5.54
CA THR B 476 -10.10 56.03 5.64
C THR B 476 -10.45 54.75 4.87
N TYR B 477 -9.48 54.14 4.19
CA TYR B 477 -9.76 52.95 3.41
C TYR B 477 -10.03 51.75 4.32
N GLY B 478 -10.60 50.71 3.74
CA GLY B 478 -10.85 49.49 4.47
C GLY B 478 -9.58 48.70 4.73
N VAL B 479 -9.73 47.61 5.47
CA VAL B 479 -8.58 46.82 5.88
C VAL B 479 -7.87 46.25 4.67
N GLY B 480 -8.62 45.77 3.68
CA GLY B 480 -8.01 45.17 2.51
C GLY B 480 -7.27 46.15 1.62
N HIS B 481 -7.52 47.45 1.76
CA HIS B 481 -6.89 48.45 0.94
C HIS B 481 -5.84 49.26 1.69
N GLN B 482 -5.61 48.97 2.96
CA GLN B 482 -4.63 49.71 3.74
C GLN B 482 -3.22 49.18 3.46
N PRO B 483 -2.19 50.02 3.63
CA PRO B 483 -0.83 49.55 3.38
C PRO B 483 -0.37 48.52 4.40
N TYR B 484 0.47 47.61 3.93
CA TYR B 484 1.06 46.56 4.75
C TYR B 484 2.54 46.48 4.43
N ARG B 485 3.38 46.47 5.46
CA ARG B 485 4.80 46.30 5.29
C ARG B 485 5.14 44.82 5.37
N VAL B 486 5.92 44.35 4.40
CA VAL B 486 6.23 42.93 4.26
C VAL B 486 7.74 42.75 4.30
N VAL B 487 8.20 41.82 5.12
CA VAL B 487 9.58 41.38 5.20
C VAL B 487 9.62 39.88 4.96
N VAL B 488 10.40 39.47 3.98
CA VAL B 488 10.53 38.07 3.61
C VAL B 488 11.94 37.63 3.96
N LEU B 489 12.05 36.62 4.83
CA LEU B 489 13.32 36.04 5.20
C LEU B 489 13.52 34.76 4.39
N SER B 490 14.54 34.77 3.55
CA SER B 490 14.90 33.61 2.73
C SER B 490 16.12 32.95 3.35
N PHE B 491 16.01 31.66 3.61
CA PHE B 491 17.07 30.88 4.22
C PHE B 491 17.76 30.04 3.15
N GLU B 492 19.06 30.23 2.99
CA GLU B 492 19.81 29.43 2.03
C GLU B 492 20.05 28.01 2.49
N LEU B 493 19.65 27.68 3.72
CA LEU B 493 19.83 26.34 4.30
C LEU B 493 21.31 26.02 4.46
N LEU B 494 21.62 24.82 4.93
CA LEU B 494 22.97 24.46 5.34
C LEU B 494 23.57 23.45 4.36
N HIS B 495 24.41 23.94 3.48
CA HIS B 495 25.26 23.09 2.64
C HIS B 495 26.71 23.53 2.67
N ALA B 496 26.97 24.84 2.71
CA ALA B 496 28.30 25.42 2.80
C ALA B 496 28.58 25.74 4.27
N PRO B 497 29.79 26.22 4.63
CA PRO B 497 29.99 26.68 6.01
C PRO B 497 28.93 27.67 6.47
N ALA B 498 28.16 27.29 7.48
CA ALA B 498 27.09 28.15 7.97
C ALA B 498 27.66 29.43 8.57
N THR B 499 27.04 30.55 8.23
CA THR B 499 27.44 31.85 8.78
C THR B 499 26.39 32.49 9.66
N VAL B 500 25.13 32.06 9.56
CA VAL B 500 24.06 32.53 10.42
C VAL B 500 23.57 31.36 11.25
N CYS B 501 23.67 31.47 12.56
CA CYS B 501 23.28 30.41 13.46
C CYS B 501 22.45 30.98 14.61
N GLY B 502 21.63 30.12 15.21
CA GLY B 502 20.86 30.50 16.37
C GLY B 502 21.74 30.62 17.60
N PRO B 503 21.21 31.25 18.65
CA PRO B 503 21.98 31.37 19.90
C PRO B 503 22.08 30.03 20.60
N LYS B 504 23.25 29.40 20.55
CA LYS B 504 23.41 28.05 21.05
C LYS B 504 24.85 27.88 21.52
N LYS B 505 25.02 27.66 22.82
CA LYS B 505 26.37 27.42 23.35
C LYS B 505 26.88 26.09 22.84
N SER B 506 28.12 26.08 22.34
CA SER B 506 28.73 24.88 21.80
C SER B 506 29.58 24.22 22.88
N THR B 507 29.46 22.90 22.98
CA THR B 507 30.17 22.14 23.99
C THR B 507 31.50 21.62 23.43
N ASN B 508 32.21 20.84 24.24
CA ASN B 508 33.45 20.25 23.78
C ASN B 508 33.17 19.09 22.83
N LEU B 509 34.23 18.53 22.29
CA LEU B 509 34.14 17.43 21.33
C LEU B 509 34.51 16.13 22.01
N VAL B 510 33.64 15.14 21.91
CA VAL B 510 33.84 13.83 22.52
C VAL B 510 33.92 12.80 21.40
N LYS B 511 34.99 12.01 21.39
CA LYS B 511 35.23 11.02 20.36
C LYS B 511 35.19 9.63 20.95
N ASN B 512 34.95 8.65 20.08
CA ASN B 512 35.00 7.23 20.43
C ASN B 512 33.97 6.86 21.51
N LYS B 513 32.86 7.60 21.57
CA LYS B 513 31.80 7.31 22.50
C LYS B 513 30.45 7.50 21.80
N CYS B 514 29.44 6.82 22.32
CA CYS B 514 28.08 6.99 21.83
C CYS B 514 27.51 8.27 22.42
N VAL B 515 27.33 9.29 21.59
CA VAL B 515 26.89 10.60 22.04
C VAL B 515 25.79 11.10 21.11
N ASN B 516 25.01 12.04 21.62
CA ASN B 516 24.02 12.77 20.81
C ASN B 516 24.70 14.03 20.28
N PHE B 517 25.06 14.03 19.00
CA PHE B 517 25.76 15.15 18.41
C PHE B 517 24.81 16.10 17.71
N ASN B 518 25.23 17.36 17.63
CA ASN B 518 24.49 18.43 16.96
C ASN B 518 25.53 19.32 16.28
N PHE B 519 25.78 19.07 15.00
CA PHE B 519 26.73 19.84 14.20
C PHE B 519 25.95 20.81 13.31
N ASN B 520 25.97 22.09 13.70
CA ASN B 520 25.31 23.15 12.93
C ASN B 520 23.83 22.84 12.69
N GLY B 521 23.17 22.30 13.69
CA GLY B 521 21.77 21.94 13.57
C GLY B 521 21.51 20.55 13.03
N LEU B 522 22.54 19.89 12.49
CA LEU B 522 22.43 18.50 12.07
C LEU B 522 22.55 17.62 13.31
N THR B 523 21.43 17.08 13.75
CA THR B 523 21.39 16.28 14.98
C THR B 523 21.46 14.80 14.66
N GLY B 524 21.93 14.04 15.64
CA GLY B 524 21.99 12.60 15.47
C GLY B 524 22.57 11.95 16.72
N THR B 525 22.65 10.63 16.67
CA THR B 525 23.23 9.85 17.75
C THR B 525 24.22 8.86 17.13
N GLY B 526 25.43 8.80 17.69
CA GLY B 526 26.41 7.88 17.16
C GLY B 526 27.76 8.07 17.81
N VAL B 527 28.74 7.40 17.23
CA VAL B 527 30.13 7.46 17.65
C VAL B 527 30.89 8.29 16.64
N LEU B 528 31.62 9.30 17.12
CA LEU B 528 32.41 10.18 16.27
C LEU B 528 33.86 9.77 16.35
N THR B 529 34.44 9.44 15.21
CA THR B 529 35.85 9.02 15.16
C THR B 529 36.61 9.90 14.17
N GLU B 530 37.91 10.00 14.38
CA GLU B 530 38.74 10.73 13.44
C GLU B 530 38.75 10.02 12.10
N SER B 531 38.60 10.78 11.03
CA SER B 531 38.31 10.24 9.71
C SER B 531 39.49 10.40 8.76
N ASN B 532 39.66 9.42 7.89
CA ASN B 532 40.66 9.46 6.84
C ASN B 532 40.11 10.00 5.52
N LYS B 533 38.84 10.37 5.48
CA LYS B 533 38.25 10.85 4.24
C LYS B 533 38.88 12.17 3.82
N LYS B 534 39.19 12.27 2.52
CA LYS B 534 39.93 13.41 1.99
C LYS B 534 38.93 14.44 1.47
N PHE B 535 38.32 15.16 2.40
CA PHE B 535 37.41 16.23 2.04
C PHE B 535 38.15 17.35 1.31
N LEU B 536 37.55 17.81 0.22
CA LEU B 536 38.05 19.02 -0.41
C LEU B 536 37.58 20.23 0.38
N PRO B 537 38.30 21.36 0.30
CA PRO B 537 38.01 22.48 1.20
C PRO B 537 36.59 23.01 1.12
N PHE B 538 35.93 22.91 -0.04
CA PHE B 538 34.58 23.44 -0.16
C PHE B 538 33.53 22.53 0.45
N GLN B 539 33.83 21.24 0.63
CA GLN B 539 32.86 20.29 1.16
C GLN B 539 32.68 20.49 2.66
N GLN B 540 31.51 20.07 3.15
CA GLN B 540 31.19 20.20 4.57
C GLN B 540 30.67 18.93 5.22
N PHE B 541 30.22 17.95 4.45
CA PHE B 541 29.80 16.67 5.01
C PHE B 541 29.73 15.64 3.89
N GLY B 542 29.75 14.37 4.26
CA GLY B 542 29.67 13.29 3.31
C GLY B 542 28.42 12.46 3.55
N ARG B 543 27.87 11.93 2.47
CA ARG B 543 26.66 11.11 2.55
C ARG B 543 26.96 9.68 2.15
N ASP B 544 26.00 8.81 2.43
CA ASP B 544 26.11 7.38 2.20
C ASP B 544 25.07 6.94 1.16
N ILE B 545 24.94 5.63 1.00
CA ILE B 545 24.03 5.09 -0.02
C ILE B 545 22.59 5.51 0.28
N ALA B 546 22.18 5.44 1.54
CA ALA B 546 20.84 5.84 1.95
C ALA B 546 20.72 7.33 2.21
N ASP B 547 21.65 8.14 1.68
CA ASP B 547 21.68 9.58 1.92
C ASP B 547 21.70 9.89 3.42
N THR B 548 22.46 9.09 4.17
CA THR B 548 22.69 9.33 5.58
C THR B 548 24.05 10.01 5.75
N THR B 549 24.10 11.00 6.61
CA THR B 549 25.34 11.73 6.85
C THR B 549 26.34 10.81 7.51
N ASP B 550 27.36 10.40 6.74
CA ASP B 550 28.38 9.48 7.22
C ASP B 550 29.58 10.18 7.82
N ALA B 551 29.83 11.44 7.44
CA ALA B 551 30.94 12.20 8.01
C ALA B 551 30.56 13.67 8.02
N VAL B 552 31.14 14.40 8.97
CA VAL B 552 30.89 15.82 9.13
C VAL B 552 32.21 16.55 9.27
N ARG B 553 32.15 17.87 9.14
CA ARG B 553 33.29 18.74 9.34
C ARG B 553 33.01 19.59 10.57
N ASP B 554 33.89 19.52 11.55
CA ASP B 554 33.70 20.29 12.78
C ASP B 554 33.82 21.77 12.44
N PRO B 555 32.81 22.59 12.73
CA PRO B 555 32.86 24.00 12.33
C PRO B 555 33.99 24.79 12.97
N GLN B 556 34.41 24.45 14.18
CA GLN B 556 35.44 25.21 14.86
C GLN B 556 36.84 24.75 14.46
N THR B 557 37.11 23.46 14.62
CA THR B 557 38.35 22.85 14.12
C THR B 557 38.00 22.12 12.83
N LEU B 558 38.48 22.63 11.70
CA LEU B 558 37.99 22.16 10.42
C LEU B 558 38.50 20.76 10.11
N GLU B 559 38.13 19.78 10.93
CA GLU B 559 38.53 18.39 10.77
C GLU B 559 37.33 17.54 10.39
N ILE B 560 37.60 16.31 9.99
CA ILE B 560 36.58 15.39 9.50
C ILE B 560 36.32 14.34 10.57
N LEU B 561 35.04 14.12 10.86
CA LEU B 561 34.62 13.14 11.85
C LEU B 561 33.68 12.14 11.19
N ASP B 562 34.01 10.86 11.28
CA ASP B 562 33.12 9.80 10.84
C ASP B 562 32.07 9.53 11.91
N ILE B 563 30.84 9.31 11.46
CA ILE B 563 29.70 9.04 12.34
C ILE B 563 29.31 7.59 12.15
N THR B 564 29.25 6.85 13.25
CA THR B 564 28.86 5.44 13.18
C THR B 564 27.70 5.16 14.10
N PRO B 565 26.74 4.32 13.71
CA PRO B 565 25.72 3.90 14.67
C PRO B 565 26.37 3.24 15.88
N CYS B 566 25.82 3.51 17.06
CA CYS B 566 26.55 3.25 18.28
C CYS B 566 26.87 1.77 18.48
N SER B 567 25.85 0.95 18.73
CA SER B 567 25.98 -0.49 18.77
C SER B 567 24.60 -1.10 18.90
N PHE B 568 24.30 -2.14 18.13
CA PHE B 568 23.01 -2.78 18.26
C PHE B 568 23.05 -4.13 17.59
N GLY B 569 22.08 -4.96 17.94
CA GLY B 569 22.01 -6.31 17.39
C GLY B 569 20.73 -6.98 17.80
N GLY B 570 20.50 -8.14 17.20
CA GLY B 570 19.33 -8.92 17.55
C GLY B 570 19.56 -9.78 18.78
N VAL B 571 18.49 -9.99 19.54
CA VAL B 571 18.52 -10.80 20.75
C VAL B 571 17.41 -11.83 20.66
N SER B 572 17.79 -13.10 20.63
CA SER B 572 16.87 -14.23 20.62
C SER B 572 16.97 -14.98 21.94
N VAL B 573 15.88 -15.63 22.32
CA VAL B 573 15.81 -16.35 23.59
C VAL B 573 15.59 -17.83 23.28
N ILE B 574 16.53 -18.67 23.71
CA ILE B 574 16.41 -20.11 23.60
C ILE B 574 15.78 -20.63 24.88
N THR B 575 14.65 -21.33 24.75
CA THR B 575 13.95 -21.82 25.91
C THR B 575 13.31 -23.16 25.64
N PRO B 576 13.38 -24.10 26.58
CA PRO B 576 12.44 -25.22 26.58
C PRO B 576 11.06 -24.72 26.96
N GLY B 577 10.05 -25.58 26.93
CA GLY B 577 8.72 -25.13 27.28
C GLY B 577 8.66 -24.62 28.70
N THR B 578 7.79 -23.62 28.92
CA THR B 578 7.55 -23.15 30.27
C THR B 578 6.94 -24.23 31.15
N ASN B 579 6.29 -25.23 30.55
CA ASN B 579 5.83 -26.39 31.30
C ASN B 579 7.00 -27.21 31.82
N THR B 580 8.18 -27.08 31.21
CA THR B 580 9.37 -27.82 31.64
C THR B 580 10.21 -27.01 32.62
N SER B 581 10.62 -25.81 32.22
CA SER B 581 11.46 -24.99 33.08
C SER B 581 11.31 -23.52 32.68
N ASN B 582 11.70 -22.65 33.60
CA ASN B 582 11.79 -21.22 33.34
C ASN B 582 13.20 -20.79 32.99
N GLN B 583 14.13 -21.73 32.88
CA GLN B 583 15.52 -21.43 32.57
C GLN B 583 15.67 -21.19 31.07
N VAL B 584 16.38 -20.12 30.71
CA VAL B 584 16.55 -19.72 29.33
C VAL B 584 18.02 -19.42 29.04
N ALA B 585 18.34 -19.39 27.76
CA ALA B 585 19.62 -18.90 27.27
C ALA B 585 19.34 -17.75 26.30
N VAL B 586 20.36 -16.93 26.06
CA VAL B 586 20.21 -15.73 25.24
C VAL B 586 21.25 -15.77 24.13
N LEU B 587 20.81 -15.57 22.90
CA LEU B 587 21.70 -15.48 21.75
C LEU B 587 21.72 -14.04 21.25
N TYR B 588 22.88 -13.40 21.36
CA TYR B 588 23.11 -12.10 20.73
C TYR B 588 23.64 -12.37 19.34
N GLN B 589 22.86 -12.02 18.32
CA GLN B 589 23.10 -12.49 16.97
C GLN B 589 24.20 -11.67 16.30
N GLY B 590 25.18 -12.38 15.73
CA GLY B 590 26.20 -11.73 14.92
C GLY B 590 27.09 -10.77 15.67
N VAL B 591 27.45 -11.09 16.91
CA VAL B 591 28.37 -10.27 17.69
C VAL B 591 29.44 -11.15 18.29
N ASN B 592 30.67 -10.63 18.32
CA ASN B 592 31.74 -11.27 19.06
C ASN B 592 31.40 -11.27 20.54
N CYS B 593 31.94 -12.24 21.28
CA CYS B 593 31.64 -12.25 22.71
C CYS B 593 32.56 -11.28 23.44
N THR B 594 32.67 -10.06 22.91
CA THR B 594 33.27 -8.93 23.61
C THR B 594 32.46 -7.65 23.47
N GLU B 595 31.66 -7.48 22.41
CA GLU B 595 30.75 -6.37 22.26
C GLU B 595 29.42 -6.63 22.94
N VAL B 596 29.24 -7.80 23.54
CA VAL B 596 28.05 -8.06 24.35
C VAL B 596 27.97 -7.02 25.46
N PRO B 597 26.92 -6.21 25.53
CA PRO B 597 26.86 -5.12 26.52
C PRO B 597 26.88 -5.68 27.93
N VAL B 598 27.88 -5.26 28.70
CA VAL B 598 28.14 -5.80 30.03
C VAL B 598 27.85 -4.76 31.11
N ALA B 599 28.10 -3.48 30.83
CA ALA B 599 27.96 -2.43 31.82
C ALA B 599 26.54 -2.39 32.37
N ILE B 600 26.44 -2.29 33.70
CA ILE B 600 25.16 -2.33 34.40
C ILE B 600 24.76 -0.88 34.69
N HIS B 601 23.97 -0.30 33.81
CA HIS B 601 23.46 1.05 34.01
C HIS B 601 22.19 1.21 33.16
N ALA B 602 21.73 2.44 33.02
CA ALA B 602 20.56 2.74 32.20
C ALA B 602 20.92 3.48 30.91
N ASP B 603 22.18 3.36 30.46
CA ASP B 603 22.63 3.99 29.23
C ASP B 603 23.45 3.03 28.39
N GLN B 604 23.17 1.74 28.50
CA GLN B 604 23.88 0.72 27.74
C GLN B 604 22.96 -0.28 27.05
N LEU B 605 21.66 -0.28 27.35
CA LEU B 605 20.80 -1.30 26.79
C LEU B 605 19.36 -0.83 26.70
N THR B 606 18.71 -1.14 25.57
CA THR B 606 17.25 -1.13 25.54
C THR B 606 16.62 -2.19 26.43
N PRO B 607 17.10 -3.47 26.47
CA PRO B 607 16.55 -4.39 27.47
C PRO B 607 17.13 -4.12 28.85
N THR B 608 16.29 -3.66 29.78
CA THR B 608 16.77 -3.33 31.11
C THR B 608 17.32 -4.55 31.83
N TRP B 609 16.82 -5.74 31.51
CA TRP B 609 17.37 -6.95 32.09
C TRP B 609 18.78 -7.20 31.56
N ARG B 610 19.54 -7.97 32.33
CA ARG B 610 20.92 -8.30 31.95
C ARG B 610 21.23 -9.69 32.48
N VAL B 611 21.17 -10.69 31.60
CA VAL B 611 21.61 -12.04 31.95
C VAL B 611 23.10 -12.00 32.24
N TYR B 612 23.49 -12.66 33.32
CA TYR B 612 24.87 -12.62 33.82
C TYR B 612 25.85 -12.97 32.72
N SER B 613 26.68 -12.01 32.32
CA SER B 613 27.56 -12.18 31.17
C SER B 613 28.87 -12.87 31.53
N THR B 614 29.12 -13.17 32.80
CA THR B 614 30.37 -13.83 33.20
C THR B 614 30.13 -15.20 33.81
N GLY B 615 29.32 -15.29 34.87
CA GLY B 615 29.08 -16.56 35.51
C GLY B 615 28.36 -17.54 34.60
N SER B 616 27.30 -17.08 33.94
CA SER B 616 26.61 -17.91 32.97
C SER B 616 27.56 -18.22 31.81
N ASN B 617 27.74 -19.51 31.54
CA ASN B 617 28.81 -19.94 30.63
C ASN B 617 28.59 -19.40 29.23
N VAL B 618 29.45 -18.49 28.80
CA VAL B 618 29.32 -17.89 27.48
C VAL B 618 30.00 -18.80 26.46
N PHE B 619 29.54 -18.70 25.22
CA PHE B 619 30.08 -19.49 24.12
C PHE B 619 29.97 -18.66 22.86
N GLN B 620 30.89 -18.91 21.92
CA GLN B 620 30.98 -18.12 20.70
C GLN B 620 30.69 -19.01 19.51
N THR B 621 29.56 -18.78 18.85
CA THR B 621 29.22 -19.46 17.61
C THR B 621 29.25 -18.46 16.47
N ARG B 622 29.31 -18.98 15.25
CA ARG B 622 29.24 -18.10 14.09
C ARG B 622 27.90 -17.38 14.01
N ALA B 623 26.88 -17.87 14.72
CA ALA B 623 25.62 -17.16 14.81
C ALA B 623 25.70 -15.96 15.75
N GLY B 624 26.59 -16.00 16.74
CA GLY B 624 26.72 -14.89 17.64
C GLY B 624 27.34 -15.33 18.97
N CYS B 625 26.87 -14.70 20.05
CA CYS B 625 27.31 -15.02 21.39
C CYS B 625 26.16 -15.64 22.16
N LEU B 626 26.37 -16.83 22.70
CA LEU B 626 25.34 -17.59 23.41
C LEU B 626 25.67 -17.57 24.89
N ILE B 627 24.76 -17.05 25.70
CA ILE B 627 24.96 -16.89 27.14
C ILE B 627 23.92 -17.73 27.88
N GLY B 628 24.39 -18.54 28.82
CA GLY B 628 23.50 -19.37 29.62
C GLY B 628 23.45 -20.82 29.20
N ALA B 629 24.22 -21.23 28.20
CA ALA B 629 24.27 -22.61 27.76
C ALA B 629 25.69 -23.11 27.87
N GLU B 630 25.85 -24.31 28.45
CA GLU B 630 27.16 -24.92 28.62
C GLU B 630 27.49 -25.79 27.42
N TYR B 631 28.56 -25.47 26.72
CA TYR B 631 28.95 -26.24 25.55
C TYR B 631 29.45 -27.62 25.96
N VAL B 632 29.02 -28.65 25.22
CA VAL B 632 29.34 -30.03 25.52
C VAL B 632 30.02 -30.64 24.30
N ASN B 633 31.09 -31.39 24.53
CA ASN B 633 31.81 -32.02 23.43
C ASN B 633 31.05 -33.16 22.80
N ASN B 634 30.02 -33.68 23.45
CA ASN B 634 29.19 -34.71 22.84
C ASN B 634 28.35 -34.10 21.72
N SER B 635 27.83 -34.97 20.86
CA SER B 635 26.98 -34.56 19.76
C SER B 635 25.71 -35.39 19.77
N TYR B 636 24.57 -34.71 19.76
CA TYR B 636 23.25 -35.33 19.74
C TYR B 636 22.48 -34.84 18.54
N GLU B 637 21.27 -35.34 18.37
CA GLU B 637 20.38 -34.80 17.35
C GLU B 637 19.97 -33.39 17.72
N CYS B 638 19.72 -32.57 16.69
CA CYS B 638 19.39 -31.18 16.93
C CYS B 638 18.01 -31.07 17.58
N ASP B 639 17.94 -30.35 18.69
CA ASP B 639 16.70 -30.13 19.42
C ASP B 639 16.18 -28.72 19.22
N ILE B 640 16.98 -27.72 19.55
CA ILE B 640 16.64 -26.32 19.29
C ILE B 640 17.72 -25.73 18.40
N PRO B 641 17.45 -25.48 17.13
CA PRO B 641 18.50 -25.02 16.21
C PRO B 641 18.93 -23.60 16.52
N ILE B 642 20.22 -23.43 16.80
CA ILE B 642 20.81 -22.13 17.03
C ILE B 642 21.50 -21.60 15.77
N GLY B 643 22.22 -22.46 15.07
CA GLY B 643 22.81 -22.05 13.80
C GLY B 643 24.26 -22.44 13.65
N ALA B 644 24.74 -22.46 12.40
CA ALA B 644 26.12 -22.79 12.08
C ALA B 644 26.52 -24.15 12.67
N GLY B 645 25.58 -25.09 12.65
CA GLY B 645 25.85 -26.41 13.17
C GLY B 645 25.71 -26.56 14.66
N ILE B 646 25.29 -25.51 15.36
CA ILE B 646 25.15 -25.53 16.81
C ILE B 646 23.67 -25.62 17.16
N CYS B 647 23.32 -26.55 18.03
CA CYS B 647 21.97 -26.70 18.55
C CYS B 647 22.02 -26.71 20.07
N ALA B 648 20.85 -26.56 20.69
CA ALA B 648 20.75 -26.53 22.14
C ALA B 648 19.61 -27.40 22.61
N SER B 649 19.72 -27.88 23.85
CA SER B 649 18.68 -28.72 24.44
C SER B 649 18.71 -28.54 25.94
N TYR B 650 17.73 -29.14 26.60
CA TYR B 650 17.58 -29.07 28.06
C TYR B 650 17.77 -30.48 28.61
N GLN B 651 18.93 -30.74 29.19
CA GLN B 651 19.29 -32.09 29.62
C GLN B 651 20.02 -32.02 30.95
N THR B 652 20.12 -33.19 31.60
CA THR B 652 20.77 -33.31 32.89
C THR B 652 22.28 -33.07 32.77
N SER B 665 21.07 -32.41 38.46
CA SER B 665 20.33 -31.23 38.03
C SER B 665 20.24 -31.17 36.50
N GLN B 666 19.35 -30.32 36.01
CA GLN B 666 19.13 -30.16 34.57
C GLN B 666 19.44 -28.73 34.16
N SER B 667 20.00 -28.58 32.97
CA SER B 667 20.37 -27.27 32.46
C SER B 667 20.36 -27.30 30.95
N ILE B 668 20.56 -26.14 30.35
CA ILE B 668 20.60 -25.99 28.90
C ILE B 668 22.02 -26.21 28.41
N ILE B 669 22.18 -27.09 27.44
CA ILE B 669 23.47 -27.43 26.87
C ILE B 669 23.47 -27.11 25.39
N ALA B 670 24.59 -26.61 24.90
CA ALA B 670 24.80 -26.35 23.48
C ALA B 670 25.83 -27.33 22.94
N TYR B 671 25.60 -27.80 21.72
CA TYR B 671 26.46 -28.83 21.14
C TYR B 671 26.46 -28.70 19.63
N THR B 672 27.41 -29.38 19.00
CA THR B 672 27.41 -29.54 17.56
C THR B 672 26.48 -30.69 17.18
N MET B 673 25.57 -30.44 16.24
CA MET B 673 24.58 -31.45 15.91
C MET B 673 25.23 -32.66 15.28
N SER B 674 24.61 -33.81 15.49
CA SER B 674 25.13 -35.09 15.01
C SER B 674 24.40 -35.49 13.74
N LEU B 675 25.16 -35.74 12.67
CA LEU B 675 24.56 -36.13 11.41
C LEU B 675 24.07 -37.57 11.42
N GLY B 676 24.69 -38.42 12.22
CA GLY B 676 24.31 -39.81 12.30
C GLY B 676 25.50 -40.68 12.63
N ALA B 677 25.22 -41.96 12.86
CA ALA B 677 26.27 -42.90 13.19
C ALA B 677 27.07 -43.27 11.96
N GLU B 678 28.39 -43.25 12.08
CA GLU B 678 29.24 -43.67 10.96
C GLU B 678 29.17 -45.19 10.80
N ASN B 679 29.27 -45.63 9.55
CA ASN B 679 29.12 -47.05 9.24
C ASN B 679 29.91 -47.35 7.97
N SER B 680 31.09 -47.92 8.14
CA SER B 680 31.89 -48.35 7.01
C SER B 680 31.35 -49.66 6.46
N VAL B 681 31.20 -49.73 5.15
CA VAL B 681 30.66 -50.91 4.48
C VAL B 681 31.82 -51.83 4.11
N ALA B 682 31.71 -53.10 4.47
CA ALA B 682 32.78 -54.07 4.26
C ALA B 682 32.83 -54.45 2.78
N TYR B 683 33.43 -53.56 2.00
CA TYR B 683 33.48 -53.72 0.55
C TYR B 683 34.75 -54.46 0.14
N SER B 684 34.58 -55.43 -0.77
CA SER B 684 35.71 -56.06 -1.45
C SER B 684 35.20 -56.58 -2.78
N ASN B 685 36.13 -56.88 -3.68
CA ASN B 685 35.74 -57.17 -5.05
C ASN B 685 35.15 -58.57 -5.24
N ASN B 686 35.04 -59.38 -4.19
CA ASN B 686 34.40 -60.68 -4.35
C ASN B 686 33.53 -61.04 -3.16
N SER B 687 32.94 -60.05 -2.48
CA SER B 687 32.08 -60.29 -1.34
C SER B 687 30.77 -59.58 -1.54
N ILE B 688 29.66 -60.28 -1.29
CA ILE B 688 28.33 -59.72 -1.45
C ILE B 688 27.49 -60.08 -0.24
N ALA B 689 26.64 -59.15 0.19
CA ALA B 689 25.73 -59.37 1.30
C ALA B 689 24.33 -59.57 0.75
N ILE B 690 23.69 -60.68 1.11
CA ILE B 690 22.38 -61.05 0.60
C ILE B 690 21.44 -61.25 1.78
N PRO B 691 20.26 -60.64 1.79
CA PRO B 691 19.34 -60.84 2.91
C PRO B 691 18.72 -62.23 2.91
N THR B 692 18.63 -62.82 4.09
CA THR B 692 18.02 -64.13 4.26
C THR B 692 16.62 -64.05 4.85
N ASN B 693 16.11 -62.84 5.09
CA ASN B 693 14.81 -62.65 5.70
C ASN B 693 14.34 -61.24 5.35
N PHE B 694 13.09 -60.95 5.67
CA PHE B 694 12.49 -59.67 5.28
C PHE B 694 11.63 -59.13 6.41
N THR B 695 10.99 -57.99 6.14
CA THR B 695 10.13 -57.32 7.09
C THR B 695 9.12 -56.49 6.30
N ILE B 696 7.87 -56.53 6.74
CA ILE B 696 6.79 -55.76 6.13
C ILE B 696 6.60 -54.51 6.98
N SER B 697 6.83 -53.34 6.40
CA SER B 697 6.76 -52.08 7.13
C SER B 697 5.57 -51.28 6.64
N VAL B 698 4.79 -50.74 7.58
CA VAL B 698 3.70 -49.84 7.26
C VAL B 698 4.06 -48.47 7.81
N THR B 699 4.29 -47.53 6.91
CA THR B 699 4.67 -46.17 7.24
C THR B 699 3.50 -45.24 7.00
N THR B 700 3.50 -44.10 7.68
CA THR B 700 2.41 -43.14 7.60
C THR B 700 2.93 -41.84 7.00
N GLU B 701 2.23 -41.35 5.97
CA GLU B 701 2.56 -40.07 5.36
C GLU B 701 1.33 -39.17 5.36
N ILE B 702 1.47 -37.97 5.89
CA ILE B 702 0.38 -37.00 6.00
C ILE B 702 0.61 -35.92 4.96
N LEU B 703 -0.42 -35.61 4.17
CA LEU B 703 -0.33 -34.58 3.15
C LEU B 703 -1.53 -33.65 3.26
N PRO B 704 -1.32 -32.34 3.43
CA PRO B 704 -2.44 -31.40 3.33
C PRO B 704 -3.00 -31.39 1.92
N VAL B 705 -4.31 -31.19 1.82
CA VAL B 705 -5.02 -31.21 0.56
C VAL B 705 -5.75 -29.89 0.31
N SER B 706 -6.50 -29.41 1.29
CA SER B 706 -7.24 -28.17 1.16
C SER B 706 -7.06 -27.35 2.42
N MET B 707 -7.52 -26.10 2.37
CA MET B 707 -7.49 -25.25 3.54
C MET B 707 -8.82 -24.55 3.72
N THR B 708 -8.89 -23.64 4.69
CA THR B 708 -10.16 -23.01 5.03
C THR B 708 -10.59 -22.06 3.93
N LYS B 709 -11.86 -22.18 3.51
CA LYS B 709 -12.46 -21.27 2.54
C LYS B 709 -13.03 -20.08 3.30
N THR B 710 -12.47 -18.91 3.08
CA THR B 710 -12.89 -17.71 3.80
C THR B 710 -13.47 -16.69 2.83
N SER B 711 -14.41 -15.90 3.35
CA SER B 711 -15.02 -14.80 2.60
C SER B 711 -14.99 -13.55 3.46
N VAL B 712 -14.75 -12.41 2.82
CA VAL B 712 -14.63 -11.13 3.51
C VAL B 712 -15.65 -10.17 2.93
N ASP B 713 -16.43 -9.55 3.81
CA ASP B 713 -17.34 -8.47 3.42
C ASP B 713 -16.55 -7.17 3.52
N CYS B 714 -16.13 -6.64 2.37
CA CYS B 714 -15.22 -5.50 2.36
C CYS B 714 -15.84 -4.29 3.06
N THR B 715 -17.09 -3.97 2.72
CA THR B 715 -17.74 -2.82 3.31
C THR B 715 -17.96 -2.99 4.81
N MET B 716 -18.37 -4.19 5.23
CA MET B 716 -18.61 -4.42 6.64
C MET B 716 -17.32 -4.36 7.44
N TYR B 717 -16.23 -4.88 6.89
CA TYR B 717 -14.95 -4.84 7.58
C TYR B 717 -14.43 -3.41 7.68
N ILE B 718 -14.42 -2.70 6.56
CA ILE B 718 -13.82 -1.37 6.54
C ILE B 718 -14.76 -0.32 7.13
N CYS B 719 -16.04 -0.36 6.75
CA CYS B 719 -16.98 0.72 7.00
C CYS B 719 -18.24 0.17 7.67
N GLY B 720 -18.06 -0.65 8.70
CA GLY B 720 -19.19 -1.31 9.33
C GLY B 720 -20.27 -0.37 9.83
N ASP B 721 -21.40 -0.35 9.14
CA ASP B 721 -22.55 0.49 9.48
C ASP B 721 -22.16 1.97 9.49
N SER B 722 -21.74 2.46 8.33
CA SER B 722 -21.37 3.86 8.19
C SER B 722 -21.57 4.26 6.73
N THR B 723 -22.51 5.17 6.49
CA THR B 723 -22.80 5.59 5.13
C THR B 723 -21.71 6.50 4.58
N GLU B 724 -21.19 7.41 5.41
CA GLU B 724 -20.12 8.29 4.97
C GLU B 724 -18.88 7.49 4.61
N CYS B 725 -18.52 6.50 5.44
CA CYS B 725 -17.37 5.67 5.14
C CYS B 725 -17.59 4.88 3.86
N SER B 726 -18.80 4.37 3.64
CA SER B 726 -19.06 3.61 2.42
C SER B 726 -18.94 4.50 1.18
N ASN B 727 -19.48 5.72 1.26
CA ASN B 727 -19.38 6.63 0.13
C ASN B 727 -17.93 7.00 -0.15
N LEU B 728 -17.13 7.20 0.90
CA LEU B 728 -15.71 7.47 0.69
C LEU B 728 -15.00 6.25 0.11
N LEU B 729 -15.39 5.05 0.54
CA LEU B 729 -14.76 3.83 0.03
C LEU B 729 -15.07 3.62 -1.45
N LEU B 730 -16.25 4.07 -1.90
CA LEU B 730 -16.56 3.97 -3.32
C LEU B 730 -15.54 4.69 -4.19
N GLN B 731 -14.86 5.70 -3.63
CA GLN B 731 -13.88 6.46 -4.39
C GLN B 731 -12.63 5.67 -4.72
N TYR B 732 -12.37 4.57 -4.02
CA TYR B 732 -11.12 3.82 -4.16
C TYR B 732 -11.20 2.73 -5.21
N GLY B 733 -12.09 2.86 -6.19
CA GLY B 733 -12.08 1.95 -7.31
C GLY B 733 -12.62 0.58 -6.96
N SER B 734 -12.05 -0.44 -7.61
CA SER B 734 -12.51 -1.82 -7.50
C SER B 734 -11.54 -2.70 -6.74
N PHE B 735 -10.91 -2.15 -5.69
CA PHE B 735 -10.05 -2.96 -4.84
C PHE B 735 -10.85 -4.05 -4.15
N CYS B 736 -12.00 -3.69 -3.58
CA CYS B 736 -12.82 -4.67 -2.86
C CYS B 736 -13.30 -5.78 -3.79
N THR B 737 -13.71 -5.42 -5.01
CA THR B 737 -14.23 -6.42 -5.93
C THR B 737 -13.16 -7.44 -6.30
N GLN B 738 -11.93 -6.99 -6.53
CA GLN B 738 -10.89 -7.95 -6.89
C GLN B 738 -10.39 -8.73 -5.70
N LEU B 739 -10.42 -8.17 -4.49
CA LEU B 739 -10.15 -8.98 -3.30
C LEU B 739 -11.18 -10.10 -3.17
N LYS B 740 -12.45 -9.75 -3.37
CA LYS B 740 -13.52 -10.74 -3.32
C LYS B 740 -13.35 -11.80 -4.40
N ARG B 741 -12.94 -11.38 -5.60
CA ARG B 741 -12.71 -12.31 -6.69
C ARG B 741 -11.57 -13.27 -6.35
N ALA B 742 -10.49 -12.75 -5.77
CA ALA B 742 -9.37 -13.62 -5.40
C ALA B 742 -9.79 -14.64 -4.35
N LEU B 743 -10.54 -14.21 -3.33
CA LEU B 743 -10.97 -15.14 -2.29
C LEU B 743 -11.91 -16.21 -2.86
N THR B 744 -12.82 -15.80 -3.75
CA THR B 744 -13.71 -16.78 -4.37
C THR B 744 -12.92 -17.80 -5.19
N GLY B 745 -11.93 -17.33 -5.94
CA GLY B 745 -11.07 -18.25 -6.68
C GLY B 745 -10.36 -19.23 -5.76
N ILE B 746 -9.87 -18.73 -4.62
CA ILE B 746 -9.20 -19.62 -3.68
C ILE B 746 -10.15 -20.69 -3.16
N ALA B 747 -11.37 -20.30 -2.82
CA ALA B 747 -12.33 -21.27 -2.29
C ALA B 747 -12.66 -22.35 -3.33
N VAL B 748 -12.91 -21.93 -4.57
CA VAL B 748 -13.20 -22.88 -5.63
C VAL B 748 -12.00 -23.80 -5.84
N GLU B 749 -10.79 -23.25 -5.73
CA GLU B 749 -9.60 -24.07 -5.87
C GLU B 749 -9.50 -25.11 -4.76
N GLN B 750 -9.88 -24.75 -3.54
CA GLN B 750 -9.86 -25.73 -2.46
C GLN B 750 -10.82 -26.89 -2.74
N ASP B 751 -12.02 -26.57 -3.22
CA ASP B 751 -12.94 -27.63 -3.59
C ASP B 751 -12.36 -28.50 -4.70
N LYS B 752 -11.71 -27.87 -5.69
CA LYS B 752 -11.11 -28.64 -6.78
C LYS B 752 -9.99 -29.53 -6.28
N ASN B 753 -9.19 -29.04 -5.33
CA ASN B 753 -8.12 -29.84 -4.75
C ASN B 753 -8.68 -31.10 -4.10
N THR B 754 -9.71 -30.94 -3.26
CA THR B 754 -10.30 -32.11 -2.63
C THR B 754 -10.86 -33.09 -3.66
N GLN B 755 -11.54 -32.55 -4.68
CA GLN B 755 -12.11 -33.40 -5.72
C GLN B 755 -11.02 -34.18 -6.45
N GLU B 756 -9.94 -33.50 -6.82
CA GLU B 756 -8.87 -34.16 -7.55
C GLU B 756 -8.19 -35.24 -6.73
N VAL B 757 -7.96 -34.96 -5.45
CA VAL B 757 -7.26 -35.94 -4.61
C VAL B 757 -8.13 -37.17 -4.41
N PHE B 758 -9.40 -36.99 -4.06
CA PHE B 758 -10.20 -38.13 -3.61
C PHE B 758 -11.08 -38.73 -4.69
N ALA B 759 -11.65 -37.91 -5.58
CA ALA B 759 -12.57 -38.46 -6.58
C ALA B 759 -11.81 -39.05 -7.77
N GLN B 760 -10.88 -39.96 -7.51
CA GLN B 760 -10.15 -40.65 -8.56
C GLN B 760 -10.79 -41.97 -8.95
N VAL B 761 -11.87 -42.37 -8.30
CA VAL B 761 -12.50 -43.66 -8.53
C VAL B 761 -13.85 -43.42 -9.19
N LYS B 762 -14.13 -44.18 -10.26
CA LYS B 762 -15.35 -43.97 -11.02
C LYS B 762 -16.57 -44.48 -10.27
N GLN B 763 -16.47 -45.65 -9.64
CA GLN B 763 -17.61 -46.29 -8.99
C GLN B 763 -17.28 -46.55 -7.52
N ILE B 764 -18.31 -46.45 -6.68
CA ILE B 764 -18.12 -46.65 -5.25
C ILE B 764 -18.11 -48.14 -4.97
N TYR B 765 -16.92 -48.74 -4.98
CA TYR B 765 -16.80 -50.16 -4.71
C TYR B 765 -17.04 -50.44 -3.23
N LYS B 766 -17.29 -51.71 -2.92
CA LYS B 766 -17.44 -52.14 -1.54
C LYS B 766 -17.04 -53.60 -1.42
N THR B 767 -16.46 -53.94 -0.28
CA THR B 767 -15.98 -55.29 -0.03
C THR B 767 -17.14 -56.24 0.25
N PRO B 768 -16.98 -57.52 -0.04
CA PRO B 768 -18.02 -58.50 0.28
C PRO B 768 -18.16 -58.67 1.78
N PRO B 769 -19.29 -59.21 2.24
CA PRO B 769 -19.47 -59.38 3.69
C PRO B 769 -18.41 -60.25 4.35
N ILE B 770 -17.86 -61.24 3.64
CA ILE B 770 -16.75 -62.01 4.18
C ILE B 770 -15.50 -61.15 4.23
N LYS B 771 -14.70 -61.33 5.27
CA LYS B 771 -13.53 -60.49 5.51
C LYS B 771 -12.27 -61.32 5.71
N TYR B 772 -12.10 -62.36 4.89
CA TYR B 772 -10.87 -63.16 4.92
C TYR B 772 -10.08 -62.83 3.66
N PHE B 773 -9.17 -61.87 3.76
CA PHE B 773 -8.28 -61.52 2.66
C PHE B 773 -6.92 -62.21 2.82
N GLY B 774 -6.96 -63.54 2.86
CA GLY B 774 -5.76 -64.33 2.94
C GLY B 774 -4.96 -64.16 4.22
N GLY B 775 -5.64 -63.91 5.34
CA GLY B 775 -4.99 -63.76 6.62
C GLY B 775 -4.70 -62.32 6.99
N PHE B 776 -4.71 -61.41 6.02
CA PHE B 776 -4.50 -60.00 6.31
C PHE B 776 -5.74 -59.40 6.95
N ASN B 777 -5.52 -58.51 7.91
CA ASN B 777 -6.60 -57.97 8.74
C ASN B 777 -6.75 -56.48 8.44
N PHE B 778 -7.80 -56.12 7.71
CA PHE B 778 -8.07 -54.75 7.32
C PHE B 778 -9.20 -54.13 8.13
N SER B 779 -9.58 -54.75 9.25
CA SER B 779 -10.73 -54.28 10.01
C SER B 779 -10.53 -52.87 10.55
N GLN B 780 -9.29 -52.45 10.76
CA GLN B 780 -9.01 -51.15 11.33
C GLN B 780 -8.95 -50.04 10.29
N ILE B 781 -8.98 -50.37 9.00
CA ILE B 781 -9.02 -49.37 7.95
C ILE B 781 -10.30 -49.43 7.13
N LEU B 782 -11.06 -50.51 7.19
CA LEU B 782 -12.35 -50.57 6.55
C LEU B 782 -13.40 -49.85 7.39
N PRO B 783 -14.48 -49.39 6.76
CA PRO B 783 -15.49 -48.61 7.50
C PRO B 783 -16.15 -49.42 8.59
N ASP B 784 -16.58 -48.70 9.64
CA ASP B 784 -17.36 -49.29 10.71
C ASP B 784 -18.82 -48.88 10.53
N PRO B 785 -19.72 -49.80 10.18
CA PRO B 785 -21.13 -49.41 10.03
C PRO B 785 -21.78 -48.96 11.32
N SER B 786 -21.21 -49.30 12.48
CA SER B 786 -21.80 -48.90 13.75
C SER B 786 -21.82 -47.39 13.91
N LYS B 787 -20.73 -46.72 13.52
CA LYS B 787 -20.62 -45.29 13.73
C LYS B 787 -21.57 -44.54 12.80
N PRO B 788 -22.05 -43.36 13.23
CA PRO B 788 -22.91 -42.55 12.36
C PRO B 788 -22.22 -42.19 11.05
N SER B 789 -21.06 -41.56 11.15
CA SER B 789 -20.20 -41.36 9.99
C SER B 789 -19.40 -42.63 9.76
N LYS B 790 -19.61 -43.26 8.61
CA LYS B 790 -19.00 -44.57 8.37
C LYS B 790 -17.51 -44.45 8.12
N ARG B 791 -16.77 -44.03 9.15
CA ARG B 791 -15.32 -43.95 9.09
C ARG B 791 -14.71 -45.18 9.74
N SER B 792 -13.45 -45.42 9.41
CA SER B 792 -12.72 -46.52 10.02
C SER B 792 -12.24 -46.10 11.41
N PHE B 793 -11.61 -47.05 12.11
CA PHE B 793 -11.04 -46.75 13.41
C PHE B 793 -9.93 -45.71 13.29
N ILE B 794 -9.02 -45.91 12.34
CA ILE B 794 -7.89 -45.02 12.18
C ILE B 794 -8.35 -43.65 11.71
N GLU B 795 -9.36 -43.60 10.84
CA GLU B 795 -9.89 -42.31 10.41
C GLU B 795 -10.50 -41.54 11.58
N ASP B 796 -11.17 -42.25 12.49
CA ASP B 796 -11.71 -41.60 13.67
C ASP B 796 -10.58 -41.07 14.57
N LEU B 797 -9.52 -41.84 14.73
CA LEU B 797 -8.37 -41.33 15.49
C LEU B 797 -7.81 -40.07 14.85
N LEU B 798 -7.65 -40.08 13.53
CA LEU B 798 -7.13 -38.91 12.83
C LEU B 798 -8.04 -37.71 13.00
N PHE B 799 -9.35 -37.93 12.92
CA PHE B 799 -10.30 -36.84 13.11
C PHE B 799 -10.20 -36.26 14.51
N ASN B 800 -10.05 -37.12 15.51
CA ASN B 800 -9.88 -36.62 16.87
C ASN B 800 -8.53 -35.94 17.07
N LYS B 801 -7.55 -36.20 16.20
CA LYS B 801 -6.25 -35.57 16.36
C LYS B 801 -6.19 -34.15 15.82
N VAL B 802 -7.16 -33.72 15.02
CA VAL B 802 -7.17 -32.39 14.44
C VAL B 802 -8.45 -31.68 14.85
N THR B 803 -8.32 -30.48 15.40
CA THR B 803 -9.46 -29.69 15.87
C THR B 803 -9.61 -28.47 14.97
N LEU B 804 -10.68 -28.45 14.18
CA LEU B 804 -10.94 -27.31 13.31
C LEU B 804 -11.38 -26.11 14.13
N ALA B 805 -10.84 -24.94 13.78
CA ALA B 805 -11.25 -23.71 14.44
C ALA B 805 -12.69 -23.36 14.10
N ASP B 806 -13.04 -23.41 12.82
CA ASP B 806 -14.39 -23.11 12.37
C ASP B 806 -14.73 -24.03 11.20
N ALA B 807 -15.77 -24.84 11.37
CA ALA B 807 -16.18 -25.76 10.31
C ALA B 807 -16.97 -25.08 9.20
N GLY B 808 -17.39 -23.83 9.40
CA GLY B 808 -18.15 -23.13 8.39
C GLY B 808 -19.62 -23.44 8.35
N PHE B 809 -20.14 -24.17 9.34
CA PHE B 809 -21.55 -24.55 9.34
C PHE B 809 -22.40 -23.40 9.86
N ILE B 810 -23.68 -23.67 10.12
CA ILE B 810 -24.61 -22.63 10.53
C ILE B 810 -24.26 -22.15 11.93
N LYS B 811 -24.18 -20.83 12.10
CA LYS B 811 -23.95 -20.21 13.39
C LYS B 811 -25.23 -19.52 13.81
N GLN B 812 -25.85 -20.00 14.89
CA GLN B 812 -27.09 -19.41 15.38
C GLN B 812 -26.85 -17.99 15.85
N TYR B 813 -27.84 -17.13 15.64
CA TYR B 813 -27.70 -15.74 16.07
C TYR B 813 -27.60 -15.64 17.59
N GLY B 814 -28.37 -16.45 18.31
CA GLY B 814 -28.28 -16.48 19.75
C GLY B 814 -26.96 -17.04 20.27
N ASP B 815 -26.21 -17.75 19.43
CA ASP B 815 -24.91 -18.28 19.85
C ASP B 815 -23.96 -17.15 20.17
N CYS B 816 -23.92 -16.10 19.35
CA CYS B 816 -23.12 -14.92 19.64
C CYS B 816 -23.91 -13.87 20.43
N LEU B 817 -25.24 -13.91 20.37
CA LEU B 817 -26.05 -13.01 21.18
C LEU B 817 -26.00 -13.37 22.66
N GLY B 818 -25.69 -14.63 22.99
CA GLY B 818 -25.70 -15.06 24.37
C GLY B 818 -24.68 -14.35 25.23
N ASP B 819 -23.57 -13.91 24.63
CA ASP B 819 -22.53 -13.12 25.29
C ASP B 819 -21.85 -13.88 26.42
N ILE B 820 -21.95 -15.21 26.42
CA ILE B 820 -21.31 -16.04 27.43
C ILE B 820 -20.42 -17.06 26.71
N ALA B 821 -20.60 -17.18 25.41
CA ALA B 821 -19.88 -18.19 24.63
C ALA B 821 -18.38 -17.94 24.68
N ALA B 822 -17.62 -19.04 24.70
CA ALA B 822 -16.17 -19.00 24.66
C ALA B 822 -15.61 -18.85 23.25
N ARG B 823 -16.49 -18.76 22.25
CA ARG B 823 -16.09 -18.59 20.85
C ARG B 823 -16.04 -17.12 20.45
N ASP B 824 -15.70 -16.23 21.38
CA ASP B 824 -15.72 -14.80 21.09
C ASP B 824 -14.83 -14.43 19.92
N LEU B 825 -13.78 -15.21 19.64
CA LEU B 825 -12.97 -14.95 18.46
C LEU B 825 -13.78 -15.12 17.19
N ILE B 826 -14.54 -16.21 17.09
CA ILE B 826 -15.33 -16.45 15.89
C ILE B 826 -16.46 -15.44 15.79
N CYS B 827 -17.07 -15.07 16.90
CA CYS B 827 -18.12 -14.05 16.87
C CYS B 827 -17.56 -12.70 16.42
N ALA B 828 -16.37 -12.34 16.91
CA ALA B 828 -15.73 -11.10 16.48
C ALA B 828 -15.40 -11.14 15.00
N GLN B 829 -14.92 -12.28 14.50
CA GLN B 829 -14.65 -12.42 13.08
C GLN B 829 -15.93 -12.27 12.27
N LYS B 830 -17.01 -12.90 12.71
CA LYS B 830 -18.25 -12.88 11.94
C LYS B 830 -18.91 -11.51 11.97
N PHE B 831 -18.78 -10.79 13.08
CA PHE B 831 -19.38 -9.47 13.20
C PHE B 831 -18.65 -8.42 12.39
N ASN B 832 -17.44 -8.71 11.92
CA ASN B 832 -16.67 -7.78 11.10
C ASN B 832 -16.58 -8.22 9.65
N GLY B 833 -17.48 -9.10 9.21
CA GLY B 833 -17.56 -9.48 7.82
C GLY B 833 -16.68 -10.65 7.39
N LEU B 834 -15.95 -11.26 8.31
CA LEU B 834 -15.07 -12.38 7.99
C LEU B 834 -15.78 -13.68 8.33
N THR B 835 -16.14 -14.45 7.31
CA THR B 835 -16.87 -15.68 7.51
C THR B 835 -16.15 -16.83 6.84
N VAL B 836 -16.53 -18.06 7.19
CA VAL B 836 -15.94 -19.27 6.66
C VAL B 836 -17.03 -20.07 5.95
N LEU B 837 -16.77 -20.43 4.71
CA LEU B 837 -17.66 -21.21 3.85
C LEU B 837 -17.39 -22.70 4.04
N PRO B 838 -18.43 -23.52 4.04
CA PRO B 838 -18.24 -24.96 4.24
C PRO B 838 -17.72 -25.62 2.98
N PRO B 839 -16.89 -26.65 3.10
CA PRO B 839 -16.44 -27.37 1.91
C PRO B 839 -17.58 -28.09 1.21
N LEU B 840 -17.43 -28.23 -0.11
CA LEU B 840 -18.48 -28.86 -0.91
C LEU B 840 -18.69 -30.31 -0.52
N LEU B 841 -17.60 -31.05 -0.32
CA LEU B 841 -17.68 -32.46 0.04
C LEU B 841 -17.66 -32.60 1.56
N THR B 842 -18.72 -33.18 2.10
CA THR B 842 -18.76 -33.43 3.54
C THR B 842 -17.78 -34.53 3.91
N ASP B 843 -17.47 -34.62 5.20
CA ASP B 843 -16.52 -35.64 5.66
C ASP B 843 -17.03 -37.05 5.37
N GLU B 844 -18.34 -37.25 5.38
CA GLU B 844 -18.89 -38.56 5.04
C GLU B 844 -18.62 -38.91 3.58
N MET B 845 -18.69 -37.92 2.69
CA MET B 845 -18.40 -38.19 1.28
C MET B 845 -16.92 -38.53 1.08
N ILE B 846 -16.03 -37.83 1.79
CA ILE B 846 -14.61 -38.17 1.72
C ILE B 846 -14.38 -39.58 2.26
N ALA B 847 -15.06 -39.93 3.34
CA ALA B 847 -14.94 -41.28 3.88
C ALA B 847 -15.43 -42.32 2.87
N GLN B 848 -16.52 -42.02 2.18
CA GLN B 848 -17.01 -42.94 1.15
C GLN B 848 -16.01 -43.09 0.02
N TYR B 849 -15.38 -41.99 -0.40
CA TYR B 849 -14.37 -42.06 -1.45
C TYR B 849 -13.19 -42.92 -1.02
N THR B 850 -12.70 -42.71 0.19
CA THR B 850 -11.58 -43.51 0.67
C THR B 850 -11.97 -44.98 0.82
N SER B 851 -13.20 -45.23 1.26
CA SER B 851 -13.68 -46.60 1.38
C SER B 851 -13.75 -47.28 0.01
N ALA B 852 -14.22 -46.55 -1.00
CA ALA B 852 -14.28 -47.11 -2.35
C ALA B 852 -12.89 -47.42 -2.87
N LEU B 853 -11.95 -46.49 -2.68
CA LEU B 853 -10.58 -46.74 -3.11
C LEU B 853 -9.99 -47.96 -2.39
N LEU B 854 -10.23 -48.06 -1.08
CA LEU B 854 -9.70 -49.18 -0.31
C LEU B 854 -10.30 -50.49 -0.77
N ALA B 855 -11.62 -50.54 -0.97
CA ALA B 855 -12.27 -51.76 -1.42
C ALA B 855 -11.77 -52.18 -2.79
N GLY B 856 -11.63 -51.21 -3.70
CA GLY B 856 -11.09 -51.54 -5.01
C GLY B 856 -9.68 -52.09 -4.94
N THR B 857 -8.83 -51.47 -4.13
CA THR B 857 -7.45 -51.94 -3.98
C THR B 857 -7.41 -53.34 -3.39
N ILE B 858 -8.23 -53.60 -2.38
CA ILE B 858 -8.17 -54.90 -1.71
C ILE B 858 -8.73 -55.99 -2.59
N THR B 859 -9.84 -55.75 -3.28
CA THR B 859 -10.51 -56.80 -4.02
C THR B 859 -10.09 -56.92 -5.48
N SER B 860 -9.34 -55.96 -6.02
CA SER B 860 -8.99 -56.02 -7.43
C SER B 860 -7.56 -55.62 -7.74
N GLY B 861 -6.73 -55.34 -6.75
CA GLY B 861 -5.36 -54.95 -7.04
C GLY B 861 -5.31 -53.61 -7.74
N TRP B 862 -4.44 -53.51 -8.74
CA TRP B 862 -4.32 -52.30 -9.53
C TRP B 862 -5.21 -52.30 -10.77
N THR B 863 -6.00 -53.35 -10.97
CA THR B 863 -6.76 -53.48 -12.20
C THR B 863 -7.90 -52.47 -12.26
N PHE B 864 -8.40 -52.01 -11.12
CA PHE B 864 -9.51 -51.07 -11.12
C PHE B 864 -9.08 -49.66 -11.50
N GLY B 865 -7.79 -49.37 -11.44
CA GLY B 865 -7.30 -48.08 -11.89
C GLY B 865 -7.09 -47.95 -13.38
N ALA B 866 -7.10 -49.07 -14.10
CA ALA B 866 -6.97 -49.06 -15.56
C ALA B 866 -8.32 -49.19 -16.24
N GLY B 867 -9.06 -50.25 -15.93
CA GLY B 867 -10.38 -50.43 -16.49
C GLY B 867 -11.37 -50.91 -15.45
N ALA B 868 -12.17 -51.91 -15.79
CA ALA B 868 -13.10 -52.49 -14.82
C ALA B 868 -12.32 -53.26 -13.76
N ALA B 869 -12.86 -53.24 -12.54
CA ALA B 869 -12.23 -53.95 -11.44
C ALA B 869 -12.32 -55.45 -11.67
N LEU B 870 -11.17 -56.12 -11.68
CA LEU B 870 -11.10 -57.56 -11.91
C LEU B 870 -10.68 -58.21 -10.60
N GLN B 871 -11.56 -59.02 -10.02
CA GLN B 871 -11.29 -59.60 -8.73
C GLN B 871 -10.14 -60.60 -8.81
N ILE B 872 -9.42 -60.74 -7.70
CA ILE B 872 -8.29 -61.65 -7.60
C ILE B 872 -8.05 -61.93 -6.13
N PRO B 873 -7.77 -63.16 -5.73
CA PRO B 873 -7.50 -63.44 -4.32
C PRO B 873 -6.33 -62.60 -3.81
N PHE B 874 -6.44 -62.14 -2.57
CA PHE B 874 -5.48 -61.17 -2.06
C PHE B 874 -4.08 -61.76 -1.97
N ALA B 875 -3.98 -63.05 -1.66
CA ALA B 875 -2.66 -63.67 -1.62
C ALA B 875 -2.00 -63.65 -2.99
N MET B 876 -2.77 -63.91 -4.04
CA MET B 876 -2.22 -63.87 -5.39
C MET B 876 -1.84 -62.45 -5.79
N GLN B 877 -2.63 -61.46 -5.36
CA GLN B 877 -2.26 -60.07 -5.62
C GLN B 877 -0.95 -59.71 -4.92
N MET B 878 -0.78 -60.15 -3.67
CA MET B 878 0.47 -59.89 -2.98
C MET B 878 1.63 -60.62 -3.63
N ALA B 879 1.38 -61.81 -4.20
CA ALA B 879 2.41 -62.47 -4.97
C ALA B 879 2.77 -61.69 -6.22
N TYR B 880 1.79 -61.07 -6.85
CA TYR B 880 2.06 -60.17 -7.97
C TYR B 880 2.95 -59.01 -7.53
N ARG B 881 2.66 -58.43 -6.37
CA ARG B 881 3.48 -57.33 -5.86
C ARG B 881 4.91 -57.82 -5.59
N PHE B 882 5.05 -59.01 -5.01
CA PHE B 882 6.38 -59.56 -4.75
C PHE B 882 7.15 -59.75 -6.04
N ASN B 883 6.48 -60.26 -7.09
CA ASN B 883 7.09 -60.29 -8.41
C ASN B 883 7.46 -58.90 -8.88
N GLY B 884 6.67 -57.89 -8.52
CA GLY B 884 6.92 -56.54 -8.95
C GLY B 884 8.11 -55.89 -8.27
N ILE B 885 8.49 -56.36 -7.08
CA ILE B 885 9.68 -55.86 -6.42
C ILE B 885 10.88 -56.78 -6.63
N GLY B 886 10.75 -57.78 -7.49
CA GLY B 886 11.87 -58.63 -7.81
C GLY B 886 12.05 -59.85 -6.94
N VAL B 887 11.02 -60.26 -6.20
CA VAL B 887 11.06 -61.45 -5.36
C VAL B 887 10.09 -62.47 -5.94
N THR B 888 10.55 -63.70 -6.13
CA THR B 888 9.70 -64.73 -6.70
C THR B 888 8.52 -65.01 -5.78
N GLN B 889 7.37 -65.32 -6.40
CA GLN B 889 6.12 -65.41 -5.65
C GLN B 889 6.09 -66.59 -4.70
N ASN B 890 6.92 -67.61 -4.90
CA ASN B 890 6.96 -68.70 -3.95
C ASN B 890 7.42 -68.24 -2.58
N VAL B 891 8.17 -67.14 -2.52
CA VAL B 891 8.53 -66.55 -1.22
C VAL B 891 7.27 -66.09 -0.49
N LEU B 892 6.37 -65.43 -1.21
CA LEU B 892 5.11 -65.00 -0.61
C LEU B 892 4.27 -66.21 -0.21
N TYR B 893 4.18 -67.20 -1.09
CA TYR B 893 3.29 -68.33 -0.82
C TYR B 893 3.81 -69.21 0.30
N GLU B 894 5.12 -69.27 0.50
CA GLU B 894 5.69 -70.10 1.56
C GLU B 894 5.87 -69.37 2.87
N ASN B 895 5.69 -68.05 2.89
CA ASN B 895 5.76 -67.26 4.12
C ASN B 895 4.47 -66.47 4.35
N GLN B 896 3.35 -66.99 3.84
CA GLN B 896 2.12 -66.20 3.82
C GLN B 896 1.67 -65.83 5.23
N LYS B 897 1.69 -66.80 6.14
CA LYS B 897 1.25 -66.51 7.51
C LYS B 897 2.18 -65.52 8.20
N LEU B 898 3.48 -65.66 7.99
CA LEU B 898 4.44 -64.73 8.58
C LEU B 898 4.23 -63.32 8.06
N ILE B 899 4.00 -63.18 6.75
CA ILE B 899 3.79 -61.87 6.17
C ILE B 899 2.49 -61.26 6.67
N ALA B 900 1.43 -62.06 6.78
CA ALA B 900 0.18 -61.56 7.33
C ALA B 900 0.35 -61.10 8.76
N ASN B 901 1.07 -61.87 9.57
CA ASN B 901 1.30 -61.48 10.96
C ASN B 901 2.09 -60.18 11.04
N GLN B 902 3.13 -60.04 10.21
CA GLN B 902 3.90 -58.81 10.22
C GLN B 902 3.06 -57.61 9.82
N PHE B 903 2.22 -57.78 8.80
CA PHE B 903 1.35 -56.68 8.39
C PHE B 903 0.36 -56.31 9.49
N ASN B 904 -0.23 -57.31 10.15
CA ASN B 904 -1.17 -57.03 11.23
C ASN B 904 -0.49 -56.33 12.39
N SER B 905 0.72 -56.75 12.73
CA SER B 905 1.47 -56.11 13.81
C SER B 905 1.81 -54.67 13.45
N ALA B 906 2.18 -54.41 12.20
CA ALA B 906 2.49 -53.05 11.79
C ALA B 906 1.25 -52.17 11.85
N ILE B 907 0.10 -52.70 11.43
CA ILE B 907 -1.15 -51.93 11.53
C ILE B 907 -1.48 -51.63 12.99
N GLY B 908 -1.30 -52.62 13.86
CA GLY B 908 -1.54 -52.39 15.28
C GLY B 908 -0.62 -51.33 15.87
N LYS B 909 0.65 -51.34 15.45
CA LYS B 909 1.58 -50.31 15.93
C LYS B 909 1.20 -48.93 15.40
N ILE B 910 0.69 -48.86 14.17
CA ILE B 910 0.17 -47.59 13.67
C ILE B 910 -0.99 -47.12 14.55
N GLN B 911 -1.89 -48.03 14.89
CA GLN B 911 -3.00 -47.70 15.79
C GLN B 911 -2.48 -47.14 17.10
N ASP B 912 -1.52 -47.82 17.72
CA ASP B 912 -1.01 -47.37 19.02
C ASP B 912 -0.32 -46.03 18.91
N SER B 913 0.47 -45.82 17.85
CA SER B 913 1.15 -44.55 17.66
C SER B 913 0.15 -43.40 17.50
N LEU B 914 -0.93 -43.64 16.76
CA LEU B 914 -1.94 -42.60 16.60
C LEU B 914 -2.70 -42.36 17.90
N SER B 915 -2.98 -43.42 18.65
CA SER B 915 -3.78 -43.30 19.86
C SER B 915 -2.99 -42.79 21.06
N SER B 916 -1.66 -42.79 20.99
CA SER B 916 -0.83 -42.33 22.10
C SER B 916 -0.34 -40.90 21.92
N THR B 917 0.36 -40.64 20.81
CA THR B 917 0.95 -39.32 20.57
C THR B 917 -0.10 -38.37 20.04
N ALA B 918 -0.44 -37.34 20.82
CA ALA B 918 -1.41 -36.36 20.36
C ALA B 918 -0.85 -35.50 19.24
N SER B 919 0.44 -35.16 19.31
CA SER B 919 1.07 -34.29 18.31
C SER B 919 1.62 -35.15 17.16
N ALA B 920 0.68 -35.72 16.39
CA ALA B 920 1.01 -36.54 15.23
C ALA B 920 0.72 -35.84 13.91
N LEU B 921 -0.47 -35.28 13.77
CA LEU B 921 -0.86 -34.59 12.53
C LEU B 921 -0.45 -33.13 12.60
N GLY B 922 0.86 -32.92 12.53
CA GLY B 922 1.39 -31.57 12.66
C GLY B 922 1.02 -30.66 11.50
N LYS B 923 1.06 -31.19 10.27
CA LYS B 923 0.87 -30.35 9.09
C LYS B 923 -0.55 -29.81 8.99
N LEU B 924 -1.55 -30.67 9.19
CA LEU B 924 -2.93 -30.24 9.08
C LEU B 924 -3.26 -29.21 10.16
N GLN B 925 -2.81 -29.46 11.39
CA GLN B 925 -3.02 -28.50 12.46
C GLN B 925 -2.29 -27.20 12.18
N ASP B 926 -1.11 -27.26 11.56
CA ASP B 926 -0.41 -26.04 11.17
C ASP B 926 -1.23 -25.24 10.16
N VAL B 927 -1.83 -25.92 9.19
CA VAL B 927 -2.67 -25.24 8.21
C VAL B 927 -3.83 -24.53 8.91
N VAL B 928 -4.53 -25.26 9.77
CA VAL B 928 -5.69 -24.70 10.47
C VAL B 928 -5.28 -23.51 11.32
N ASN B 929 -4.18 -23.66 12.05
CA ASN B 929 -3.71 -22.60 12.93
C ASN B 929 -3.27 -21.38 12.14
N HIS B 930 -2.61 -21.58 10.99
CA HIS B 930 -2.21 -20.44 10.18
C HIS B 930 -3.42 -19.67 9.68
N ASN B 931 -4.45 -20.37 9.20
CA ASN B 931 -5.64 -19.67 8.72
C ASN B 931 -6.34 -18.92 9.86
N ALA B 932 -6.49 -19.58 11.01
CA ALA B 932 -7.15 -18.95 12.15
C ALA B 932 -6.36 -17.73 12.63
N GLN B 933 -5.04 -17.85 12.68
CA GLN B 933 -4.20 -16.73 13.11
C GLN B 933 -4.30 -15.57 12.13
N ALA B 934 -4.35 -15.87 10.83
CA ALA B 934 -4.52 -14.80 9.84
C ALA B 934 -5.82 -14.07 10.05
N LEU B 935 -6.91 -14.81 10.28
CA LEU B 935 -8.19 -14.14 10.52
C LEU B 935 -8.17 -13.32 11.81
N ASN B 936 -7.55 -13.85 12.86
CA ASN B 936 -7.48 -13.11 14.12
C ASN B 936 -6.66 -11.85 13.99
N THR B 937 -5.54 -11.91 13.25
CA THR B 937 -4.75 -10.71 13.00
C THR B 937 -5.54 -9.69 12.20
N LEU B 938 -6.29 -10.15 11.20
CA LEU B 938 -7.12 -9.24 10.43
C LEU B 938 -8.15 -8.55 11.32
N VAL B 939 -8.72 -9.29 12.26
CA VAL B 939 -9.68 -8.68 13.19
C VAL B 939 -8.99 -7.67 14.09
N LYS B 940 -7.84 -8.02 14.66
CA LYS B 940 -7.14 -7.13 15.57
C LYS B 940 -6.61 -5.88 14.88
N GLN B 941 -6.44 -5.92 13.55
CA GLN B 941 -6.01 -4.73 12.84
C GLN B 941 -7.04 -3.59 12.93
N LEU B 942 -8.28 -3.89 13.33
CA LEU B 942 -9.32 -2.88 13.37
C LEU B 942 -9.16 -1.90 14.54
N SER B 943 -8.27 -2.19 15.49
CA SER B 943 -8.07 -1.31 16.63
C SER B 943 -6.96 -0.29 16.40
N SER B 944 -6.38 -0.25 15.20
CA SER B 944 -5.27 0.64 14.92
C SER B 944 -5.78 1.96 14.37
N LYS B 945 -5.18 3.05 14.85
CA LYS B 945 -5.61 4.39 14.43
C LYS B 945 -5.09 4.74 13.04
N PHE B 946 -3.94 4.19 12.65
CA PHE B 946 -3.30 4.52 11.37
C PHE B 946 -3.05 6.02 11.23
N GLY B 947 -2.76 6.68 12.35
CA GLY B 947 -2.53 8.11 12.35
C GLY B 947 -3.76 8.97 12.56
N ALA B 948 -4.94 8.39 12.55
CA ALA B 948 -6.16 9.15 12.80
C ALA B 948 -6.31 9.43 14.29
N ILE B 949 -7.28 10.28 14.63
CA ILE B 949 -7.50 10.63 16.03
C ILE B 949 -8.05 9.44 16.81
N SER B 950 -8.83 8.58 16.16
CA SER B 950 -9.43 7.44 16.82
C SER B 950 -9.56 6.30 15.82
N SER B 951 -9.65 5.08 16.35
CA SER B 951 -9.85 3.90 15.52
C SER B 951 -11.32 3.54 15.35
N VAL B 952 -12.22 4.34 15.91
CA VAL B 952 -13.66 4.10 15.82
C VAL B 952 -14.27 5.14 14.89
N LEU B 953 -14.98 4.67 13.88
CA LEU B 953 -15.58 5.59 12.91
C LEU B 953 -16.65 6.47 13.57
N ASN B 954 -17.42 5.89 14.48
CA ASN B 954 -18.49 6.67 15.12
C ASN B 954 -17.94 7.82 15.95
N ASP B 955 -16.81 7.59 16.64
CA ASP B 955 -16.19 8.67 17.40
C ASP B 955 -15.71 9.78 16.48
N ILE B 956 -15.11 9.41 15.35
CA ILE B 956 -14.65 10.41 14.39
C ILE B 956 -15.82 11.21 13.85
N LEU B 957 -16.91 10.52 13.52
CA LEU B 957 -18.08 11.22 12.98
C LEU B 957 -18.71 12.14 14.03
N SER B 958 -18.73 11.72 15.29
CA SER B 958 -19.36 12.52 16.32
C SER B 958 -18.51 13.70 16.76
N ARG B 959 -17.19 13.56 16.76
CA ARG B 959 -16.33 14.61 17.28
C ARG B 959 -15.89 15.62 16.23
N LEU B 960 -16.16 15.39 14.95
CA LEU B 960 -15.68 16.27 13.89
C LEU B 960 -16.79 16.57 12.90
N ASP B 961 -16.67 17.73 12.26
CA ASP B 961 -17.57 18.09 11.18
C ASP B 961 -17.25 17.26 9.93
N PRO B 962 -18.20 17.12 9.01
CA PRO B 962 -18.01 16.26 7.83
C PRO B 962 -16.69 16.49 7.12
N PRO B 963 -16.33 17.73 6.76
CA PRO B 963 -15.11 17.90 5.96
C PRO B 963 -13.85 17.41 6.65
N GLU B 964 -13.64 17.78 7.92
CA GLU B 964 -12.49 17.27 8.66
C GLU B 964 -12.60 15.76 8.87
N ALA B 965 -13.81 15.28 9.21
CA ALA B 965 -14.00 13.86 9.46
C ALA B 965 -13.66 13.02 8.24
N GLU B 966 -13.84 13.58 7.04
CA GLU B 966 -13.51 12.83 5.82
C GLU B 966 -12.04 12.46 5.78
N VAL B 967 -11.17 13.32 6.29
CA VAL B 967 -9.74 13.03 6.30
C VAL B 967 -9.42 11.84 7.19
N GLN B 968 -9.96 11.84 8.41
CA GLN B 968 -9.71 10.74 9.33
C GLN B 968 -10.30 9.44 8.80
N ILE B 969 -11.50 9.52 8.21
CA ILE B 969 -12.10 8.33 7.63
C ILE B 969 -11.26 7.82 6.47
N ASP B 970 -10.68 8.72 5.69
CA ASP B 970 -9.79 8.30 4.61
C ASP B 970 -8.57 7.57 5.16
N ARG B 971 -7.99 8.09 6.24
CA ARG B 971 -6.84 7.42 6.84
C ARG B 971 -7.20 6.01 7.30
N LEU B 972 -8.35 5.88 7.98
CA LEU B 972 -8.79 4.56 8.44
C LEU B 972 -9.07 3.63 7.27
N ILE B 973 -9.69 4.16 6.21
CA ILE B 973 -10.01 3.34 5.04
C ILE B 973 -8.73 2.83 4.40
N THR B 974 -7.74 3.70 4.25
CA THR B 974 -6.47 3.29 3.66
C THR B 974 -5.79 2.21 4.51
N GLY B 975 -5.78 2.39 5.83
CA GLY B 975 -5.15 1.40 6.68
C GLY B 975 -5.83 0.04 6.60
N ARG B 976 -7.16 0.04 6.69
CA ARG B 976 -7.88 -1.23 6.67
C ARG B 976 -7.82 -1.89 5.30
N LEU B 977 -7.79 -1.09 4.23
CA LEU B 977 -7.63 -1.65 2.89
C LEU B 977 -6.26 -2.28 2.74
N GLN B 978 -5.22 -1.66 3.29
CA GLN B 978 -3.89 -2.26 3.24
C GLN B 978 -3.86 -3.57 4.02
N SER B 979 -4.52 -3.61 5.18
CA SER B 979 -4.57 -4.85 5.94
C SER B 979 -5.28 -5.95 5.15
N LEU B 980 -6.38 -5.61 4.48
CA LEU B 980 -7.08 -6.59 3.66
C LEU B 980 -6.20 -7.08 2.51
N GLN B 981 -5.48 -6.17 1.86
CA GLN B 981 -4.61 -6.57 0.77
C GLN B 981 -3.50 -7.50 1.26
N THR B 982 -2.93 -7.20 2.43
CA THR B 982 -1.93 -8.10 3.00
C THR B 982 -2.50 -9.48 3.25
N TYR B 983 -3.71 -9.54 3.83
CA TYR B 983 -4.34 -10.83 4.10
C TYR B 983 -4.57 -11.60 2.80
N VAL B 984 -5.05 -10.92 1.77
CA VAL B 984 -5.37 -11.61 0.52
C VAL B 984 -4.10 -12.10 -0.16
N THR B 985 -3.02 -11.31 -0.12
CA THR B 985 -1.76 -11.77 -0.72
C THR B 985 -1.21 -12.98 0.01
N GLN B 986 -1.23 -12.96 1.34
CA GLN B 986 -0.80 -14.12 2.10
C GLN B 986 -1.65 -15.33 1.77
N GLN B 987 -2.96 -15.14 1.64
CA GLN B 987 -3.85 -16.25 1.33
C GLN B 987 -3.56 -16.81 -0.06
N LEU B 988 -3.26 -15.94 -1.03
CA LEU B 988 -2.95 -16.43 -2.37
C LEU B 988 -1.67 -17.26 -2.36
N ILE B 989 -0.64 -16.80 -1.66
CA ILE B 989 0.62 -17.55 -1.62
C ILE B 989 0.42 -18.89 -0.92
N ARG B 990 -0.29 -18.88 0.22
CA ARG B 990 -0.52 -20.12 0.95
C ARG B 990 -1.42 -21.07 0.16
N ALA B 991 -2.34 -20.53 -0.63
CA ALA B 991 -3.20 -21.37 -1.46
C ALA B 991 -2.40 -22.02 -2.59
N ALA B 992 -1.43 -21.29 -3.14
CA ALA B 992 -0.54 -21.90 -4.13
C ALA B 992 0.25 -23.05 -3.51
N GLU B 993 0.76 -22.84 -2.30
CA GLU B 993 1.47 -23.92 -1.61
C GLU B 993 0.57 -25.12 -1.36
N ILE B 994 -0.66 -24.87 -0.90
CA ILE B 994 -1.60 -25.96 -0.64
C ILE B 994 -1.97 -26.68 -1.92
N ARG B 995 -2.07 -25.95 -3.04
CA ARG B 995 -2.38 -26.60 -4.30
C ARG B 995 -1.23 -27.49 -4.76
N ALA B 996 0.00 -27.05 -4.54
CA ALA B 996 1.14 -27.92 -4.83
C ALA B 996 1.07 -29.19 -4.00
N SER B 997 0.77 -29.05 -2.71
CA SER B 997 0.64 -30.23 -1.86
C SER B 997 -0.49 -31.14 -2.32
N ALA B 998 -1.60 -30.55 -2.76
CA ALA B 998 -2.74 -31.35 -3.21
C ALA B 998 -2.43 -32.08 -4.51
N ASN B 999 -1.67 -31.44 -5.41
CA ASN B 999 -1.25 -32.12 -6.63
C ASN B 999 -0.32 -33.29 -6.29
N LEU B 1000 0.58 -33.09 -5.33
CA LEU B 1000 1.43 -34.19 -4.90
C LEU B 1000 0.60 -35.33 -4.31
N ALA B 1001 -0.42 -34.99 -3.51
CA ALA B 1001 -1.27 -36.00 -2.92
C ALA B 1001 -2.06 -36.76 -3.98
N ALA B 1002 -2.54 -36.05 -5.00
CA ALA B 1002 -3.26 -36.72 -6.09
C ALA B 1002 -2.34 -37.66 -6.85
N THR B 1003 -1.10 -37.23 -7.10
CA THR B 1003 -0.15 -38.11 -7.77
C THR B 1003 0.15 -39.34 -6.94
N LYS B 1004 0.31 -39.17 -5.62
CA LYS B 1004 0.54 -40.32 -4.75
C LYS B 1004 -0.67 -41.24 -4.72
N MET B 1005 -1.87 -40.69 -4.76
CA MET B 1005 -3.07 -41.53 -4.83
C MET B 1005 -3.09 -42.33 -6.11
N SER B 1006 -2.72 -41.70 -7.23
CA SER B 1006 -2.75 -42.40 -8.51
C SER B 1006 -1.68 -43.49 -8.58
N GLU B 1007 -0.49 -43.23 -8.06
CA GLU B 1007 0.62 -44.15 -8.28
C GLU B 1007 0.81 -45.15 -7.15
N CYS B 1008 0.77 -44.69 -5.89
CA CYS B 1008 0.96 -45.58 -4.76
C CYS B 1008 -0.26 -46.45 -4.49
N VAL B 1009 -1.46 -45.87 -4.60
CA VAL B 1009 -2.68 -46.59 -4.24
C VAL B 1009 -3.24 -47.38 -5.42
N LEU B 1010 -3.39 -46.72 -6.57
CA LEU B 1010 -3.96 -47.40 -7.73
C LEU B 1010 -2.95 -48.24 -8.48
N GLY B 1011 -1.72 -48.33 -8.00
CA GLY B 1011 -0.72 -49.16 -8.64
C GLY B 1011 0.45 -49.38 -7.72
N GLN B 1012 1.46 -50.04 -8.25
CA GLN B 1012 2.71 -50.26 -7.53
C GLN B 1012 3.80 -49.40 -8.16
N SER B 1013 4.52 -48.67 -7.33
CA SER B 1013 5.45 -47.65 -7.80
C SER B 1013 6.89 -48.15 -7.73
N LYS B 1014 7.62 -48.00 -8.82
CA LYS B 1014 9.04 -48.30 -8.85
C LYS B 1014 9.90 -47.13 -8.44
N ARG B 1015 9.31 -45.95 -8.26
CA ARG B 1015 10.07 -44.77 -7.86
C ARG B 1015 10.54 -44.92 -6.41
N VAL B 1016 11.81 -44.63 -6.17
CA VAL B 1016 12.41 -44.85 -4.87
C VAL B 1016 11.94 -43.77 -3.90
N ASP B 1017 11.52 -44.20 -2.70
CA ASP B 1017 11.12 -43.31 -1.61
C ASP B 1017 9.94 -42.41 -1.97
N PHE B 1018 9.21 -42.74 -3.04
CA PHE B 1018 8.03 -41.98 -3.37
C PHE B 1018 6.82 -42.47 -2.57
N CYS B 1019 6.72 -43.77 -2.37
CA CYS B 1019 5.61 -44.35 -1.63
C CYS B 1019 6.12 -45.02 -0.36
N GLY B 1020 7.03 -44.35 0.35
CA GLY B 1020 7.58 -44.88 1.58
C GLY B 1020 8.96 -45.46 1.39
N LYS B 1021 9.66 -45.64 2.52
CA LYS B 1021 11.02 -46.15 2.48
C LYS B 1021 11.00 -47.67 2.38
N GLY B 1022 11.76 -48.20 1.44
CA GLY B 1022 11.77 -49.61 1.12
C GLY B 1022 11.18 -49.87 -0.24
N TYR B 1023 11.08 -51.16 -0.58
CA TYR B 1023 10.47 -51.56 -1.83
C TYR B 1023 8.95 -51.52 -1.67
N HIS B 1024 8.29 -50.68 -2.45
CA HIS B 1024 6.87 -50.44 -2.28
C HIS B 1024 6.06 -51.66 -2.67
N LEU B 1025 5.14 -52.05 -1.79
CA LEU B 1025 4.19 -53.12 -2.08
C LEU B 1025 2.80 -52.56 -2.36
N MET B 1026 2.25 -51.75 -1.46
CA MET B 1026 0.93 -51.16 -1.69
C MET B 1026 0.77 -49.95 -0.80
N SER B 1027 -0.40 -49.32 -0.90
CA SER B 1027 -0.71 -48.16 -0.07
C SER B 1027 -2.20 -48.10 0.15
N PHE B 1028 -2.58 -47.56 1.31
CA PHE B 1028 -3.98 -47.44 1.70
C PHE B 1028 -4.27 -46.00 2.09
N PRO B 1029 -5.29 -45.37 1.50
CA PRO B 1029 -5.64 -44.00 1.87
C PRO B 1029 -6.58 -43.93 3.05
N GLN B 1030 -6.44 -42.84 3.81
CA GLN B 1030 -7.34 -42.51 4.90
C GLN B 1030 -7.59 -41.02 4.88
N SER B 1031 -8.83 -40.61 5.09
CA SER B 1031 -9.12 -39.20 5.09
C SER B 1031 -8.71 -38.57 6.41
N ALA B 1032 -8.55 -37.24 6.41
CA ALA B 1032 -8.26 -36.50 7.62
C ALA B 1032 -8.71 -35.06 7.40
N PRO B 1033 -9.00 -34.33 8.46
CA PRO B 1033 -9.41 -32.93 8.30
C PRO B 1033 -8.41 -32.14 7.48
N HIS B 1034 -8.84 -31.69 6.29
CA HIS B 1034 -8.01 -30.91 5.38
C HIS B 1034 -6.78 -31.68 4.90
N GLY B 1035 -6.88 -32.99 4.73
CA GLY B 1035 -5.73 -33.72 4.25
C GLY B 1035 -5.99 -35.19 4.11
N VAL B 1036 -4.94 -35.89 3.68
CA VAL B 1036 -4.99 -37.33 3.46
C VAL B 1036 -3.81 -37.97 4.16
N VAL B 1037 -3.96 -39.24 4.50
CA VAL B 1037 -2.92 -40.00 5.19
C VAL B 1037 -2.75 -41.32 4.44
N PHE B 1038 -1.55 -41.58 3.96
CA PHE B 1038 -1.24 -42.79 3.23
C PHE B 1038 -0.52 -43.76 4.16
N LEU B 1039 -1.03 -44.97 4.26
CA LEU B 1039 -0.35 -46.08 4.92
C LEU B 1039 0.37 -46.85 3.83
N HIS B 1040 1.69 -46.70 3.77
CA HIS B 1040 2.51 -47.34 2.75
C HIS B 1040 3.02 -48.66 3.29
N VAL B 1041 2.65 -49.75 2.63
CA VAL B 1041 3.15 -51.08 2.95
C VAL B 1041 4.32 -51.36 2.01
N THR B 1042 5.50 -51.56 2.60
CA THR B 1042 6.75 -51.73 1.87
C THR B 1042 7.49 -52.95 2.40
N TYR B 1043 8.45 -53.41 1.59
CA TYR B 1043 9.24 -54.61 1.85
C TYR B 1043 10.67 -54.19 2.16
N VAL B 1044 11.19 -54.60 3.31
CA VAL B 1044 12.51 -54.22 3.76
C VAL B 1044 13.32 -55.49 4.02
N PRO B 1045 14.46 -55.69 3.36
CA PRO B 1045 15.32 -56.83 3.71
C PRO B 1045 15.77 -56.74 5.16
N ALA B 1046 15.87 -57.91 5.81
CA ALA B 1046 16.03 -57.93 7.26
C ALA B 1046 17.37 -58.47 7.71
N GLN B 1047 17.74 -59.69 7.33
CA GLN B 1047 18.90 -60.37 7.89
C GLN B 1047 19.86 -60.74 6.77
N GLU B 1048 20.92 -59.96 6.61
CA GLU B 1048 21.86 -60.17 5.52
C GLU B 1048 23.01 -61.05 5.98
N LYS B 1049 23.54 -61.83 5.04
CA LYS B 1049 24.66 -62.71 5.26
C LYS B 1049 25.69 -62.50 4.17
N ASN B 1050 26.96 -62.64 4.54
CA ASN B 1050 28.07 -62.53 3.60
C ASN B 1050 28.19 -63.79 2.76
N PHE B 1051 28.60 -63.60 1.51
CA PHE B 1051 28.88 -64.69 0.59
C PHE B 1051 29.99 -64.27 -0.35
N THR B 1052 30.67 -65.25 -0.93
CA THR B 1052 31.72 -64.98 -1.91
C THR B 1052 31.11 -65.06 -3.30
N THR B 1053 31.20 -63.97 -4.06
CA THR B 1053 30.49 -63.90 -5.33
C THR B 1053 31.48 -63.93 -6.49
N ALA B 1054 30.94 -64.07 -7.70
CA ALA B 1054 31.73 -64.14 -8.91
C ALA B 1054 30.89 -63.64 -10.08
N PRO B 1055 31.46 -62.84 -10.97
CA PRO B 1055 30.67 -62.34 -12.11
C PRO B 1055 30.19 -63.44 -13.05
N ALA B 1056 30.97 -64.50 -13.25
CA ALA B 1056 30.60 -65.56 -14.18
C ALA B 1056 31.29 -66.84 -13.75
N ILE B 1057 31.13 -67.89 -14.56
CA ILE B 1057 31.62 -69.22 -14.22
C ILE B 1057 32.06 -69.94 -15.49
N CYS B 1058 33.21 -70.60 -15.45
CA CYS B 1058 33.72 -71.38 -16.57
C CYS B 1058 33.40 -72.85 -16.34
N HIS B 1059 32.83 -73.50 -17.36
CA HIS B 1059 32.60 -74.94 -17.31
C HIS B 1059 33.41 -75.68 -18.36
N ASP B 1060 33.28 -75.32 -19.64
CA ASP B 1060 34.01 -75.97 -20.73
C ASP B 1060 34.66 -74.92 -21.60
N GLY B 1061 35.33 -73.96 -20.97
CA GLY B 1061 35.85 -72.83 -21.71
C GLY B 1061 34.81 -71.81 -22.09
N LYS B 1062 33.59 -71.94 -21.57
CA LYS B 1062 32.50 -71.01 -21.83
C LYS B 1062 32.14 -70.28 -20.54
N ALA B 1063 31.93 -68.97 -20.64
CA ALA B 1063 31.55 -68.17 -19.49
C ALA B 1063 30.04 -68.20 -19.33
N HIS B 1064 29.58 -68.56 -18.13
CA HIS B 1064 28.16 -68.67 -17.83
C HIS B 1064 27.75 -67.51 -16.93
N PHE B 1065 26.72 -66.78 -17.34
CA PHE B 1065 26.16 -65.67 -16.59
C PHE B 1065 24.76 -66.00 -16.11
N PRO B 1066 24.35 -65.51 -14.95
CA PRO B 1066 23.02 -65.86 -14.44
C PRO B 1066 21.91 -65.16 -15.23
N ARG B 1067 20.85 -65.92 -15.49
CA ARG B 1067 19.70 -65.33 -16.17
C ARG B 1067 19.02 -64.28 -15.28
N GLU B 1068 18.74 -64.64 -14.03
CA GLU B 1068 18.13 -63.72 -13.09
C GLU B 1068 18.59 -64.12 -11.69
N GLY B 1069 19.64 -63.47 -11.21
CA GLY B 1069 20.19 -63.79 -9.93
C GLY B 1069 21.68 -63.47 -9.91
N VAL B 1070 22.33 -63.94 -8.85
CA VAL B 1070 23.75 -63.71 -8.63
C VAL B 1070 24.36 -65.02 -8.18
N PHE B 1071 25.59 -65.28 -8.64
CA PHE B 1071 26.35 -66.42 -8.15
C PHE B 1071 26.89 -66.11 -6.77
N VAL B 1072 26.71 -67.05 -5.84
CA VAL B 1072 27.21 -66.91 -4.48
C VAL B 1072 27.88 -68.21 -4.07
N SER B 1073 28.70 -68.12 -3.03
CA SER B 1073 29.39 -69.28 -2.48
C SER B 1073 29.44 -69.14 -0.96
N ASN B 1074 29.17 -70.25 -0.28
CA ASN B 1074 29.23 -70.33 1.16
C ASN B 1074 30.58 -70.79 1.67
N GLY B 1075 31.56 -70.95 0.78
CA GLY B 1075 32.90 -71.34 1.17
C GLY B 1075 33.44 -72.51 0.37
N THR B 1076 32.57 -73.46 0.05
CA THR B 1076 33.00 -74.66 -0.67
C THR B 1076 32.24 -74.88 -1.97
N HIS B 1077 30.96 -74.56 -2.02
CA HIS B 1077 30.14 -74.82 -3.19
C HIS B 1077 29.56 -73.51 -3.74
N TRP B 1078 29.17 -73.55 -5.00
CA TRP B 1078 28.63 -72.39 -5.69
C TRP B 1078 27.16 -72.60 -6.02
N PHE B 1079 26.37 -71.56 -5.84
CA PHE B 1079 24.95 -71.58 -6.16
C PHE B 1079 24.60 -70.30 -6.88
N VAL B 1080 23.40 -70.27 -7.47
CA VAL B 1080 22.83 -69.07 -8.06
C VAL B 1080 21.55 -68.75 -7.30
N THR B 1081 21.42 -67.50 -6.86
CA THR B 1081 20.29 -67.12 -6.02
C THR B 1081 19.63 -65.85 -6.55
N GLN B 1082 18.48 -65.52 -5.98
CA GLN B 1082 17.88 -64.23 -6.26
C GLN B 1082 18.72 -63.12 -5.65
N ARG B 1083 18.46 -61.90 -6.09
CA ARG B 1083 19.24 -60.76 -5.62
C ARG B 1083 18.67 -60.11 -4.39
N ASN B 1084 17.48 -60.51 -3.95
CA ASN B 1084 16.82 -59.88 -2.80
C ASN B 1084 16.42 -60.87 -1.71
N PHE B 1085 16.65 -62.16 -1.91
CA PHE B 1085 16.27 -63.16 -0.91
C PHE B 1085 17.14 -64.38 -1.12
N TYR B 1086 17.85 -64.79 -0.07
CA TYR B 1086 18.80 -65.89 -0.21
C TYR B 1086 18.04 -67.19 -0.38
N GLU B 1087 17.99 -67.68 -1.63
CA GLU B 1087 17.39 -68.97 -1.95
C GLU B 1087 18.33 -69.71 -2.90
N PRO B 1088 19.39 -70.32 -2.37
CA PRO B 1088 20.40 -70.92 -3.23
C PRO B 1088 19.85 -72.08 -4.03
N GLN B 1089 20.38 -72.23 -5.25
CA GLN B 1089 19.98 -73.31 -6.14
C GLN B 1089 21.21 -73.81 -6.89
N ILE B 1090 21.14 -75.08 -7.32
CA ILE B 1090 22.22 -75.65 -8.11
C ILE B 1090 22.34 -74.89 -9.43
N ILE B 1091 23.58 -74.67 -9.86
CA ILE B 1091 23.84 -73.94 -11.10
C ILE B 1091 23.68 -74.91 -12.26
N THR B 1092 22.63 -74.71 -13.06
CA THR B 1092 22.34 -75.54 -14.21
C THR B 1092 22.29 -74.66 -15.45
N THR B 1093 22.09 -75.29 -16.61
CA THR B 1093 22.00 -74.54 -17.85
C THR B 1093 20.71 -73.75 -17.97
N ASP B 1094 19.71 -74.03 -17.13
CA ASP B 1094 18.49 -73.24 -17.13
C ASP B 1094 18.69 -71.90 -16.44
N ASN B 1095 19.47 -71.88 -15.36
CA ASN B 1095 19.70 -70.64 -14.63
C ASN B 1095 20.68 -69.71 -15.34
N THR B 1096 21.49 -70.22 -16.25
CA THR B 1096 22.60 -69.47 -16.81
C THR B 1096 22.55 -69.49 -18.33
N PHE B 1097 23.25 -68.53 -18.93
CA PHE B 1097 23.46 -68.49 -20.37
C PHE B 1097 24.93 -68.26 -20.65
N VAL B 1098 25.42 -68.81 -21.75
CA VAL B 1098 26.83 -68.73 -22.09
C VAL B 1098 27.06 -67.54 -23.00
N SER B 1099 28.28 -66.99 -22.94
CA SER B 1099 28.65 -65.90 -23.85
C SER B 1099 30.18 -65.89 -23.95
N GLY B 1100 30.71 -66.40 -25.05
CA GLY B 1100 32.12 -66.32 -25.32
C GLY B 1100 32.95 -67.28 -24.50
N ASN B 1101 34.26 -67.10 -24.59
CA ASN B 1101 35.21 -67.93 -23.87
C ASN B 1101 35.49 -67.32 -22.50
N CYS B 1102 36.47 -67.85 -21.79
CA CYS B 1102 36.79 -67.46 -20.43
C CYS B 1102 38.09 -66.69 -20.33
N ASP B 1103 38.32 -65.78 -21.28
CA ASP B 1103 39.52 -64.96 -21.31
C ASP B 1103 39.26 -63.47 -21.20
N VAL B 1104 38.01 -63.06 -21.03
CA VAL B 1104 37.65 -61.65 -21.02
C VAL B 1104 37.11 -61.21 -19.67
N VAL B 1105 36.28 -62.04 -19.03
CA VAL B 1105 35.64 -61.65 -17.78
C VAL B 1105 36.69 -61.58 -16.67
N ILE B 1106 36.66 -60.49 -15.91
CA ILE B 1106 37.59 -60.28 -14.81
C ILE B 1106 36.95 -60.79 -13.53
N GLY B 1107 37.59 -61.76 -12.90
CA GLY B 1107 37.07 -62.36 -11.68
C GLY B 1107 36.29 -63.63 -11.88
N ILE B 1108 36.32 -64.22 -13.06
CA ILE B 1108 35.59 -65.45 -13.31
C ILE B 1108 36.18 -66.58 -12.49
N VAL B 1109 35.34 -67.58 -12.17
CA VAL B 1109 35.76 -68.70 -11.34
C VAL B 1109 35.44 -70.01 -12.04
N ASN B 1110 36.08 -71.07 -11.57
CA ASN B 1110 35.91 -72.41 -12.14
C ASN B 1110 34.89 -73.19 -11.32
N ASN B 1111 33.85 -73.67 -11.97
CA ASN B 1111 32.86 -74.51 -11.32
C ASN B 1111 32.09 -75.27 -12.38
N THR B 1112 31.44 -76.35 -11.96
CA THR B 1112 30.70 -77.19 -12.89
C THR B 1112 29.26 -76.70 -13.01
N VAL B 1113 28.76 -76.67 -14.24
CA VAL B 1113 27.38 -76.29 -14.52
C VAL B 1113 26.62 -77.56 -14.89
N TYR B 1114 25.65 -77.91 -14.07
CA TYR B 1114 24.90 -79.14 -14.25
C TYR B 1114 24.04 -79.08 -15.50
N ASP B 1115 23.99 -80.19 -16.22
CA ASP B 1115 23.17 -80.30 -17.43
C ASP B 1115 21.98 -81.21 -17.15
N PRO B 1116 20.76 -80.69 -17.10
CA PRO B 1116 19.60 -81.54 -16.76
C PRO B 1116 19.37 -82.68 -17.73
N LEU B 1117 19.71 -82.51 -19.00
CA LEU B 1117 19.42 -83.52 -20.01
C LEU B 1117 20.36 -84.72 -19.93
N GLN B 1118 21.51 -84.59 -19.29
CA GLN B 1118 22.49 -85.68 -19.26
C GLN B 1118 21.97 -86.92 -18.56
N PRO B 1119 21.45 -86.86 -17.33
CA PRO B 1119 20.92 -88.09 -16.71
C PRO B 1119 19.75 -88.69 -17.48
N GLU B 1120 18.89 -87.84 -18.05
CA GLU B 1120 17.75 -88.34 -18.82
C GLU B 1120 18.24 -89.10 -20.05
N LEU B 1121 19.26 -88.57 -20.74
CA LEU B 1121 19.83 -89.28 -21.87
C LEU B 1121 20.49 -90.58 -21.43
N ASP B 1122 21.22 -90.54 -20.30
CA ASP B 1122 21.89 -91.75 -19.83
C ASP B 1122 20.90 -92.81 -19.41
N SER B 1123 19.82 -92.42 -18.74
CA SER B 1123 18.81 -93.36 -18.28
C SER B 1123 18.10 -94.05 -19.43
N THR C 1 -61.50 9.03 -12.23
CA THR C 1 -61.20 7.67 -12.69
C THR C 1 -59.71 7.37 -12.53
N GLN C 2 -59.39 6.34 -11.76
CA GLN C 2 -58.00 5.97 -11.49
C GLN C 2 -57.85 4.46 -11.65
N SER C 3 -57.20 4.04 -12.72
CA SER C 3 -56.79 2.66 -12.90
C SER C 3 -55.31 2.55 -12.55
N TYR C 4 -54.78 1.32 -12.61
CA TYR C 4 -53.38 1.09 -12.27
C TYR C 4 -52.72 0.24 -13.35
N THR C 5 -51.42 0.45 -13.53
CA THR C 5 -50.69 -0.24 -14.59
C THR C 5 -49.25 -0.43 -14.15
N ASN C 6 -48.57 -1.37 -14.80
CA ASN C 6 -47.13 -1.55 -14.64
C ASN C 6 -46.41 -0.64 -15.61
N SER C 7 -45.34 0.01 -15.13
CA SER C 7 -44.56 0.90 -15.97
C SER C 7 -43.68 0.15 -16.96
N PHE C 8 -43.50 -1.16 -16.78
CA PHE C 8 -42.62 -1.98 -17.61
C PHE C 8 -41.22 -1.37 -17.51
N THR C 9 -40.54 -1.12 -18.63
CA THR C 9 -39.20 -0.53 -18.61
C THR C 9 -39.22 0.92 -19.06
N ARG C 10 -40.37 1.58 -18.99
CA ARG C 10 -40.47 2.97 -19.40
C ARG C 10 -39.86 3.90 -18.37
N GLY C 11 -39.41 5.06 -18.84
CA GLY C 11 -38.94 6.10 -17.95
C GLY C 11 -37.44 6.24 -17.79
N VAL C 12 -36.66 5.76 -18.76
CA VAL C 12 -35.20 5.86 -18.68
C VAL C 12 -34.74 7.08 -19.44
N TYR C 13 -33.96 7.93 -18.78
CA TYR C 13 -33.49 9.17 -19.37
C TYR C 13 -31.97 9.25 -19.27
N TYR C 14 -31.39 10.08 -20.12
CA TYR C 14 -29.94 10.28 -20.09
C TYR C 14 -29.55 11.01 -18.82
N PRO C 15 -28.73 10.42 -17.96
CA PRO C 15 -28.46 11.06 -16.66
C PRO C 15 -27.52 12.25 -16.72
N ASP C 16 -26.80 12.44 -17.82
CA ASP C 16 -25.84 13.53 -17.93
C ASP C 16 -25.70 13.92 -19.39
N LYS C 17 -24.82 14.89 -19.65
CA LYS C 17 -24.59 15.41 -20.99
C LYS C 17 -23.21 15.00 -21.50
N VAL C 18 -22.82 13.77 -21.22
CA VAL C 18 -21.55 13.20 -21.66
C VAL C 18 -21.85 12.11 -22.69
N PHE C 19 -21.21 12.19 -23.84
CA PHE C 19 -21.38 11.16 -24.86
C PHE C 19 -20.65 9.88 -24.44
N ARG C 20 -21.35 8.76 -24.52
CA ARG C 20 -20.76 7.45 -24.26
C ARG C 20 -21.29 6.47 -25.30
N SER C 21 -20.40 5.62 -25.80
CA SER C 21 -20.77 4.69 -26.86
C SER C 21 -20.20 3.32 -26.57
N SER C 22 -21.00 2.28 -26.82
CA SER C 22 -20.59 0.89 -26.68
C SER C 22 -19.99 0.63 -25.30
N VAL C 23 -20.79 0.87 -24.27
CA VAL C 23 -20.32 0.77 -22.90
C VAL C 23 -21.51 0.52 -21.98
N LEU C 24 -21.25 -0.14 -20.86
CA LEU C 24 -22.22 -0.32 -19.80
C LEU C 24 -21.84 0.60 -18.66
N HIS C 25 -22.75 1.50 -18.29
CA HIS C 25 -22.46 2.53 -17.30
C HIS C 25 -23.44 2.43 -16.14
N SER C 26 -22.91 2.45 -14.93
CA SER C 26 -23.72 2.35 -13.72
C SER C 26 -23.97 3.75 -13.17
N THR C 27 -25.24 4.11 -13.01
CA THR C 27 -25.62 5.45 -12.58
C THR C 27 -26.66 5.35 -11.47
N GLN C 28 -26.43 6.07 -10.38
CA GLN C 28 -27.41 6.20 -9.31
C GLN C 28 -28.09 7.56 -9.44
N ASP C 29 -29.41 7.57 -9.54
CA ASP C 29 -30.15 8.80 -9.77
C ASP C 29 -31.63 8.51 -9.52
N LEU C 30 -32.45 9.56 -9.65
CA LEU C 30 -33.89 9.42 -9.50
C LEU C 30 -34.45 8.83 -10.80
N PHE C 31 -34.75 7.53 -10.76
CA PHE C 31 -35.33 6.84 -11.90
C PHE C 31 -36.69 6.28 -11.53
N LEU C 32 -37.49 6.02 -12.54
CA LEU C 32 -38.76 5.33 -12.33
C LEU C 32 -38.49 3.83 -12.27
N PRO C 33 -38.74 3.17 -11.14
CA PRO C 33 -38.38 1.75 -11.02
C PRO C 33 -39.12 0.90 -12.03
N PHE C 34 -38.46 -0.17 -12.46
CA PHE C 34 -39.06 -1.08 -13.43
C PHE C 34 -40.27 -1.78 -12.82
N PHE C 35 -41.31 -1.95 -13.64
CA PHE C 35 -42.54 -2.63 -13.22
C PHE C 35 -43.13 -1.98 -11.97
N SER C 36 -43.06 -0.66 -11.90
CA SER C 36 -43.67 0.06 -10.80
C SER C 36 -45.17 0.21 -11.02
N ASN C 37 -45.83 0.87 -10.08
CA ASN C 37 -47.28 0.98 -10.06
C ASN C 37 -47.67 2.40 -10.46
N VAL C 38 -47.92 2.60 -11.75
CA VAL C 38 -48.29 3.92 -12.26
C VAL C 38 -49.81 4.02 -12.27
N THR C 39 -50.31 5.24 -12.11
CA THR C 39 -51.73 5.52 -12.03
C THR C 39 -52.22 6.07 -13.35
N TRP C 40 -53.34 5.53 -13.85
CA TRP C 40 -53.92 5.93 -15.12
C TRP C 40 -55.17 6.75 -14.84
N PHE C 41 -55.22 7.96 -15.39
CA PHE C 41 -56.34 8.87 -15.20
C PHE C 41 -57.08 9.06 -16.51
N HIS C 42 -58.41 9.13 -16.41
CA HIS C 42 -59.28 9.47 -17.52
C HIS C 42 -59.99 10.78 -17.22
N ALA C 43 -60.43 11.44 -18.28
CA ALA C 43 -61.14 12.72 -18.14
C ALA C 43 -62.63 12.55 -18.37
N ASN C 57 -61.41 17.44 -9.67
CA ASN C 57 -60.11 16.90 -10.05
C ASN C 57 -58.99 17.62 -9.30
N PRO C 58 -58.65 17.12 -8.12
CA PRO C 58 -57.65 17.80 -7.29
C PRO C 58 -56.23 17.63 -7.83
N VAL C 59 -55.26 18.13 -7.07
CA VAL C 59 -53.87 18.18 -7.49
C VAL C 59 -53.12 16.99 -6.90
N LEU C 60 -52.38 16.29 -7.75
CA LEU C 60 -51.57 15.15 -7.33
C LEU C 60 -50.29 15.61 -6.65
N PRO C 61 -49.73 14.78 -5.77
CA PRO C 61 -48.42 15.10 -5.18
C PRO C 61 -47.32 15.02 -6.21
N PHE C 62 -46.18 15.61 -5.87
CA PHE C 62 -45.01 15.61 -6.72
C PHE C 62 -43.93 14.64 -6.27
N ASN C 63 -43.72 14.52 -4.96
CA ASN C 63 -42.71 13.62 -4.38
C ASN C 63 -41.33 14.03 -4.92
N ASP C 64 -40.50 13.08 -5.33
CA ASP C 64 -39.17 13.40 -5.83
C ASP C 64 -39.14 13.67 -7.33
N GLY C 65 -40.14 13.21 -8.07
CA GLY C 65 -40.17 13.43 -9.50
C GLY C 65 -41.47 12.87 -10.05
N VAL C 66 -41.71 13.17 -11.32
CA VAL C 66 -42.96 12.76 -11.97
C VAL C 66 -42.64 12.24 -13.36
N TYR C 67 -43.21 11.10 -13.70
CA TYR C 67 -43.18 10.55 -15.06
C TYR C 67 -44.60 10.67 -15.61
N PHE C 68 -44.76 11.51 -16.63
CA PHE C 68 -46.03 11.73 -17.29
C PHE C 68 -46.01 11.01 -18.65
N ALA C 69 -47.13 10.42 -19.03
CA ALA C 69 -47.18 9.76 -20.33
C ALA C 69 -48.59 9.88 -20.89
N SER C 70 -48.68 9.90 -22.22
CA SER C 70 -49.99 9.99 -22.87
C SER C 70 -49.89 9.49 -24.30
N THR C 71 -50.80 8.60 -24.68
CA THR C 71 -50.92 8.13 -26.05
C THR C 71 -52.04 8.91 -26.72
N GLU C 72 -51.73 9.62 -27.80
CA GLU C 72 -52.71 10.50 -28.41
C GLU C 72 -52.54 10.52 -29.93
N LYS C 73 -53.52 11.15 -30.59
CA LYS C 73 -53.41 11.49 -31.99
C LYS C 73 -54.03 12.85 -32.29
N SER C 74 -54.48 13.58 -31.26
CA SER C 74 -55.18 14.85 -31.46
C SER C 74 -54.62 15.99 -30.62
N ASN C 75 -53.70 15.74 -29.70
CA ASN C 75 -53.05 16.78 -28.89
C ASN C 75 -54.08 17.60 -28.10
N ILE C 76 -54.77 16.91 -27.19
CA ILE C 76 -55.72 17.56 -26.30
C ILE C 76 -55.04 18.07 -25.04
N ILE C 77 -54.18 17.24 -24.44
CA ILE C 77 -53.40 17.67 -23.28
C ILE C 77 -52.37 18.69 -23.74
N ARG C 78 -52.31 19.83 -23.07
CA ARG C 78 -51.43 20.91 -23.51
C ARG C 78 -50.35 21.25 -22.49
N GLY C 79 -50.72 21.53 -21.25
CA GLY C 79 -49.75 22.04 -20.31
C GLY C 79 -49.70 21.36 -18.96
N TRP C 80 -48.97 21.99 -18.04
CA TRP C 80 -48.81 21.48 -16.68
C TRP C 80 -48.70 22.65 -15.72
N ILE C 81 -49.01 22.37 -14.46
CA ILE C 81 -48.95 23.34 -13.38
C ILE C 81 -48.20 22.72 -12.22
N PHE C 82 -47.31 23.48 -11.60
CA PHE C 82 -46.49 22.99 -10.50
C PHE C 82 -46.47 24.03 -9.39
N GLY C 83 -46.23 23.57 -8.17
CA GLY C 83 -46.14 24.46 -7.03
C GLY C 83 -46.40 23.70 -5.74
N THR C 84 -46.69 24.47 -4.70
CA THR C 84 -47.03 23.90 -3.40
C THR C 84 -48.47 24.21 -3.00
N THR C 85 -48.86 25.48 -2.95
CA THR C 85 -50.21 25.87 -2.57
C THR C 85 -51.04 26.39 -3.73
N LEU C 86 -50.41 27.01 -4.73
CA LEU C 86 -51.08 27.44 -5.96
C LEU C 86 -52.21 28.42 -5.67
N ASP C 87 -51.98 29.35 -4.74
CA ASP C 87 -52.99 30.33 -4.37
C ASP C 87 -52.39 31.72 -4.27
N SER C 88 -51.46 32.04 -5.16
CA SER C 88 -50.83 33.35 -5.29
C SER C 88 -50.07 33.78 -4.04
N LYS C 89 -49.95 32.91 -3.05
CA LYS C 89 -49.13 33.21 -1.88
C LYS C 89 -47.67 32.84 -2.08
N THR C 90 -47.35 32.12 -3.15
CA THR C 90 -45.99 31.70 -3.43
C THR C 90 -45.86 31.46 -4.93
N GLN C 91 -44.62 31.36 -5.40
CA GLN C 91 -44.37 31.18 -6.82
C GLN C 91 -44.84 29.81 -7.28
N SER C 92 -45.41 29.76 -8.48
CA SER C 92 -45.88 28.52 -9.08
C SER C 92 -45.49 28.50 -10.55
N LEU C 93 -45.22 27.30 -11.06
CA LEU C 93 -44.76 27.11 -12.43
C LEU C 93 -45.95 26.78 -13.33
N LEU C 94 -46.03 27.45 -14.48
CA LEU C 94 -47.06 27.19 -15.46
C LEU C 94 -46.42 26.95 -16.81
N ILE C 95 -46.74 25.81 -17.42
CA ILE C 95 -46.23 25.46 -18.74
C ILE C 95 -47.43 25.27 -19.65
N VAL C 96 -47.47 26.02 -20.75
CA VAL C 96 -48.50 25.89 -21.77
C VAL C 96 -47.82 25.88 -23.13
N ASN C 97 -48.59 25.56 -24.16
CA ASN C 97 -48.04 25.59 -25.50
C ASN C 97 -49.16 25.80 -26.52
N ASN C 98 -48.94 26.77 -27.40
CA ASN C 98 -49.86 27.01 -28.51
C ASN C 98 -49.56 25.99 -29.62
N ALA C 99 -50.14 26.20 -30.80
CA ALA C 99 -49.84 25.33 -31.92
C ALA C 99 -48.40 25.45 -32.39
N THR C 100 -47.72 26.54 -32.03
CA THR C 100 -46.34 26.76 -32.48
C THR C 100 -45.36 26.97 -31.33
N ASN C 101 -45.74 27.73 -30.31
CA ASN C 101 -44.81 28.16 -29.27
C ASN C 101 -45.12 27.47 -27.95
N VAL C 102 -44.10 27.36 -27.11
CA VAL C 102 -44.21 26.82 -25.76
C VAL C 102 -43.86 27.93 -24.79
N VAL C 103 -44.78 28.24 -23.89
CA VAL C 103 -44.63 29.37 -22.96
C VAL C 103 -44.56 28.83 -21.54
N ILE C 104 -43.50 29.20 -20.83
CA ILE C 104 -43.26 28.77 -19.46
C ILE C 104 -43.10 30.01 -18.60
N LYS C 105 -43.87 30.08 -17.51
CA LYS C 105 -43.84 31.22 -16.60
C LYS C 105 -43.77 30.70 -15.16
N VAL C 106 -43.29 31.57 -14.27
CA VAL C 106 -43.22 31.21 -12.85
C VAL C 106 -43.90 32.27 -11.99
N CYS C 107 -44.87 32.98 -12.57
CA CYS C 107 -45.57 34.02 -11.83
C CYS C 107 -46.28 33.43 -10.62
N GLU C 108 -46.73 34.31 -9.73
CA GLU C 108 -47.51 33.91 -8.56
C GLU C 108 -49.00 33.89 -8.94
N PHE C 109 -49.36 32.86 -9.71
CA PHE C 109 -50.71 32.74 -10.23
C PHE C 109 -51.70 32.44 -9.11
N GLN C 110 -52.92 32.94 -9.27
CA GLN C 110 -54.06 32.57 -8.44
C GLN C 110 -54.89 31.60 -9.28
N PHE C 111 -54.61 30.32 -9.15
CA PHE C 111 -55.22 29.31 -10.00
C PHE C 111 -56.66 29.05 -9.60
N CYS C 112 -57.48 28.74 -10.60
CA CYS C 112 -58.83 28.27 -10.35
C CYS C 112 -58.79 26.84 -9.78
N ASN C 113 -59.94 26.41 -9.25
CA ASN C 113 -60.01 25.07 -8.68
C ASN C 113 -59.80 23.99 -9.73
N ASP C 114 -60.37 24.16 -10.92
CA ASP C 114 -60.22 23.20 -12.01
C ASP C 114 -59.77 23.96 -13.25
N PRO C 115 -58.50 24.33 -13.32
CA PRO C 115 -58.01 25.11 -14.46
C PRO C 115 -58.05 24.34 -15.76
N PHE C 116 -58.21 25.07 -16.86
CA PHE C 116 -58.21 24.51 -18.20
C PHE C 116 -58.09 25.65 -19.20
N LEU C 117 -57.29 25.44 -20.25
CA LEU C 117 -57.15 26.45 -21.29
C LEU C 117 -58.44 26.53 -22.10
N ASP C 118 -59.03 27.72 -22.14
CA ASP C 118 -60.29 27.92 -22.87
C ASP C 118 -60.00 27.90 -24.37
N VAL C 119 -60.52 26.90 -25.06
CA VAL C 119 -60.30 26.76 -26.49
C VAL C 119 -60.97 27.88 -27.27
N SER C 131 -57.76 30.30 -26.42
CA SER C 131 -56.65 30.52 -25.50
C SER C 131 -57.15 30.95 -24.13
N GLU C 132 -57.28 32.27 -23.94
CA GLU C 132 -57.77 32.85 -22.70
C GLU C 132 -56.87 32.51 -21.52
N PHE C 133 -57.32 32.85 -20.30
CA PHE C 133 -56.53 32.62 -19.10
C PHE C 133 -57.39 32.13 -17.94
N ARG C 134 -58.49 31.44 -18.24
CA ARG C 134 -59.35 30.90 -17.19
C ARG C 134 -58.60 30.04 -16.18
N VAL C 135 -57.39 29.59 -16.53
CA VAL C 135 -56.57 28.81 -15.60
C VAL C 135 -56.31 29.60 -14.32
N TYR C 136 -55.88 30.85 -14.47
CA TYR C 136 -55.50 31.68 -13.33
C TYR C 136 -56.25 33.00 -13.38
N SER C 137 -56.79 33.43 -12.24
CA SER C 137 -57.45 34.72 -12.17
C SER C 137 -56.45 35.87 -12.11
N SER C 138 -55.31 35.67 -11.46
CA SER C 138 -54.32 36.71 -11.27
C SER C 138 -52.93 36.16 -11.57
N ALA C 139 -52.02 37.07 -11.94
CA ALA C 139 -50.64 36.70 -12.23
C ALA C 139 -49.76 37.91 -11.97
N ASN C 140 -48.98 37.87 -10.89
CA ASN C 140 -48.12 38.98 -10.50
C ASN C 140 -46.71 38.48 -10.21
N ASN C 141 -45.74 39.36 -10.45
CA ASN C 141 -44.33 39.10 -10.15
C ASN C 141 -43.81 37.87 -10.91
N CYS C 142 -43.82 37.98 -12.24
CA CYS C 142 -43.28 36.93 -13.10
C CYS C 142 -41.76 37.05 -13.12
N THR C 143 -41.08 36.11 -12.47
CA THR C 143 -39.63 36.17 -12.32
C THR C 143 -38.88 35.31 -13.32
N PHE C 144 -39.59 34.67 -14.26
CA PHE C 144 -38.93 33.87 -15.29
C PHE C 144 -39.92 33.59 -16.40
N GLU C 145 -39.48 33.74 -17.65
CA GLU C 145 -40.31 33.44 -18.80
C GLU C 145 -39.45 32.80 -19.87
N TYR C 146 -39.99 31.75 -20.50
CA TYR C 146 -39.28 31.01 -21.53
C TYR C 146 -40.24 30.71 -22.68
N VAL C 147 -39.78 30.93 -23.91
CA VAL C 147 -40.60 30.74 -25.10
C VAL C 147 -39.83 29.88 -26.09
N SER C 148 -40.48 28.85 -26.62
CA SER C 148 -39.89 28.00 -27.65
C SER C 148 -40.96 27.20 -28.39
N PHE C 162 -52.44 3.68 -35.69
CA PHE C 162 -51.24 4.04 -34.94
C PHE C 162 -51.44 5.35 -34.19
N LYS C 163 -50.91 5.42 -32.98
CA LYS C 163 -50.93 6.61 -32.15
C LYS C 163 -49.51 7.04 -31.85
N ASN C 164 -49.37 8.19 -31.19
CA ASN C 164 -48.07 8.68 -30.74
C ASN C 164 -48.07 8.70 -29.24
N LEU C 165 -47.12 8.00 -28.63
CA LEU C 165 -46.96 7.98 -27.19
C LEU C 165 -45.90 9.00 -26.81
N ARG C 166 -46.27 9.96 -25.99
CA ARG C 166 -45.38 11.02 -25.55
C ARG C 166 -45.12 10.86 -24.06
N GLU C 167 -43.84 10.83 -23.68
CA GLU C 167 -43.42 10.63 -22.31
C GLU C 167 -42.56 11.80 -21.86
N PHE C 168 -42.76 12.23 -20.63
CA PHE C 168 -42.05 13.34 -20.05
C PHE C 168 -41.63 12.97 -18.64
N VAL C 169 -40.49 13.50 -18.20
CA VAL C 169 -40.01 13.31 -16.84
C VAL C 169 -39.67 14.68 -16.28
N PHE C 170 -40.26 15.02 -15.15
CA PHE C 170 -40.01 16.29 -14.47
C PHE C 170 -39.34 16.01 -13.13
N LYS C 171 -38.23 16.67 -12.87
CA LYS C 171 -37.61 16.58 -11.55
C LYS C 171 -36.99 17.92 -11.18
N ASN C 172 -37.09 18.27 -9.90
CA ASN C 172 -36.76 19.61 -9.43
C ASN C 172 -35.59 19.58 -8.45
N ILE C 173 -34.53 18.83 -8.79
CA ILE C 173 -33.35 18.81 -7.94
C ILE C 173 -32.58 20.13 -8.05
N ASP C 174 -31.74 20.39 -7.04
CA ASP C 174 -30.89 21.58 -6.94
C ASP C 174 -31.76 22.82 -7.15
N GLY C 175 -31.42 23.71 -8.07
CA GLY C 175 -32.26 24.85 -8.39
C GLY C 175 -32.71 24.80 -9.83
N TYR C 176 -32.75 23.58 -10.38
CA TYR C 176 -33.10 23.37 -11.78
C TYR C 176 -34.35 22.50 -11.87
N PHE C 177 -35.29 22.93 -12.69
CA PHE C 177 -36.43 22.09 -13.08
C PHE C 177 -36.05 21.43 -14.40
N LYS C 178 -35.84 20.12 -14.37
CA LYS C 178 -35.38 19.37 -15.53
C LYS C 178 -36.56 18.62 -16.14
N ILE C 179 -36.76 18.82 -17.44
CA ILE C 179 -37.81 18.20 -18.22
C ILE C 179 -37.15 17.38 -19.32
N TYR C 180 -37.41 16.08 -19.30
CA TYR C 180 -36.96 15.16 -20.34
C TYR C 180 -38.18 14.71 -21.13
N SER C 181 -38.03 14.53 -22.44
CA SER C 181 -39.16 14.18 -23.26
C SER C 181 -38.76 13.17 -24.33
N LYS C 182 -39.75 12.42 -24.79
CA LYS C 182 -39.57 11.47 -25.88
C LYS C 182 -40.91 11.02 -26.43
N HIS C 183 -41.13 11.13 -27.74
CA HIS C 183 -42.36 10.70 -28.37
C HIS C 183 -42.05 9.65 -29.42
N THR C 184 -42.80 8.55 -29.39
CA THR C 184 -42.57 7.43 -30.28
C THR C 184 -43.89 6.96 -30.90
N PRO C 185 -43.84 6.47 -32.14
CA PRO C 185 -45.06 5.92 -32.74
C PRO C 185 -45.31 4.50 -32.28
N ILE C 186 -46.58 4.22 -31.97
CA ILE C 186 -47.01 2.89 -31.53
C ILE C 186 -48.23 2.47 -32.34
N ASN C 187 -48.49 1.18 -32.35
CA ASN C 187 -49.63 0.62 -33.06
C ASN C 187 -50.67 0.08 -32.10
N ARG C 190 -51.67 0.93 -27.14
CA ARG C 190 -50.95 0.36 -26.01
C ARG C 190 -50.60 1.43 -24.99
N ASP C 191 -50.87 1.14 -23.72
CA ASP C 191 -50.57 2.07 -22.63
C ASP C 191 -49.08 2.37 -22.58
N LEU C 192 -48.28 1.34 -22.29
CA LEU C 192 -46.83 1.47 -22.19
C LEU C 192 -46.20 0.24 -22.81
N PRO C 193 -45.79 0.31 -24.08
CA PRO C 193 -45.24 -0.88 -24.75
C PRO C 193 -44.00 -1.42 -24.05
N GLN C 194 -43.84 -2.73 -24.12
CA GLN C 194 -42.74 -3.41 -23.45
C GLN C 194 -41.40 -3.22 -24.16
N GLY C 195 -41.34 -2.37 -25.18
CA GLY C 195 -40.09 -2.06 -25.82
C GLY C 195 -39.23 -1.14 -24.97
N PHE C 196 -38.23 -0.52 -25.57
CA PHE C 196 -37.34 0.39 -24.84
C PHE C 196 -37.14 1.66 -25.63
N SER C 197 -37.09 2.79 -24.92
CA SER C 197 -36.89 4.08 -25.54
C SER C 197 -36.40 5.06 -24.49
N ALA C 198 -35.17 5.55 -24.65
CA ALA C 198 -34.64 6.53 -23.71
C ALA C 198 -35.29 7.89 -23.91
N LEU C 199 -35.20 8.72 -22.89
CA LEU C 199 -35.81 10.04 -22.89
C LEU C 199 -34.70 11.08 -22.92
N GLU C 200 -34.45 11.66 -24.08
CA GLU C 200 -33.44 12.71 -24.20
C GLU C 200 -33.86 13.93 -23.39
N PRO C 201 -32.94 14.60 -22.71
CA PRO C 201 -33.29 15.83 -22.01
C PRO C 201 -33.80 16.88 -22.97
N LEU C 202 -34.81 17.61 -22.52
CA LEU C 202 -35.47 18.63 -23.32
C LEU C 202 -35.18 20.04 -22.83
N VAL C 203 -35.47 20.33 -21.57
CA VAL C 203 -35.28 21.66 -21.02
C VAL C 203 -34.72 21.54 -19.61
N ASP C 204 -33.89 22.51 -19.22
CA ASP C 204 -33.47 22.68 -17.84
C ASP C 204 -33.66 24.14 -17.47
N LEU C 205 -34.42 24.39 -16.40
CA LEU C 205 -34.78 25.74 -16.00
C LEU C 205 -34.07 26.11 -14.72
N PRO C 206 -33.44 27.28 -14.64
CA PRO C 206 -32.70 27.68 -13.45
C PRO C 206 -33.57 28.18 -12.30
N ILE C 207 -34.88 27.95 -12.33
CA ILE C 207 -35.77 28.45 -11.29
C ILE C 207 -35.61 27.64 -10.02
N GLY C 208 -35.43 28.32 -8.90
CA GLY C 208 -35.26 27.66 -7.62
C GLY C 208 -36.56 27.47 -6.87
N ILE C 209 -37.61 27.10 -7.59
CA ILE C 209 -38.94 26.98 -7.01
C ILE C 209 -39.04 25.70 -6.18
N ASN C 210 -39.64 25.79 -5.01
CA ASN C 210 -40.02 24.62 -4.24
C ASN C 210 -41.35 24.07 -4.76
N ILE C 211 -41.38 22.78 -5.09
CA ILE C 211 -42.54 22.15 -5.70
C ILE C 211 -42.95 20.94 -4.88
N THR C 212 -44.25 20.82 -4.60
CA THR C 212 -44.80 19.67 -3.90
C THR C 212 -46.05 19.09 -4.55
N ARG C 213 -46.78 19.86 -5.35
CA ARG C 213 -47.97 19.37 -6.03
C ARG C 213 -47.92 19.78 -7.49
N PHE C 214 -48.70 19.08 -8.32
CA PHE C 214 -48.75 19.40 -9.74
C PHE C 214 -50.11 18.98 -10.29
N GLN C 215 -50.42 19.48 -11.49
CA GLN C 215 -51.71 19.21 -12.10
C GLN C 215 -51.58 19.27 -13.62
N THR C 216 -52.35 18.40 -14.28
CA THR C 216 -52.39 18.39 -15.74
C THR C 216 -53.23 19.56 -16.25
N LEU C 217 -53.09 19.84 -17.55
CA LEU C 217 -53.81 20.93 -18.17
C LEU C 217 -54.18 20.54 -19.60
N LEU C 218 -55.43 20.79 -19.98
CA LEU C 218 -55.92 20.41 -21.29
C LEU C 218 -56.95 21.41 -21.76
N ALA C 219 -57.20 21.41 -23.06
CA ALA C 219 -58.15 22.33 -23.66
C ALA C 219 -59.53 21.69 -23.78
N ALA C 236 -67.88 19.09 -24.43
CA ALA C 236 -67.19 18.20 -23.49
C ALA C 236 -66.23 17.28 -24.23
N GLY C 237 -65.07 17.03 -23.63
CA GLY C 237 -64.06 16.17 -24.21
C GLY C 237 -63.59 15.12 -23.23
N ALA C 238 -62.70 14.26 -23.73
CA ALA C 238 -62.13 13.19 -22.92
C ALA C 238 -60.63 13.10 -23.17
N ALA C 239 -59.92 12.60 -22.17
CA ALA C 239 -58.47 12.46 -22.25
C ALA C 239 -58.04 11.40 -21.24
N ALA C 240 -56.80 10.94 -21.39
CA ALA C 240 -56.26 9.92 -20.51
C ALA C 240 -54.75 10.06 -20.46
N TYR C 241 -54.17 9.82 -19.28
CA TYR C 241 -52.73 9.94 -19.11
C TYR C 241 -52.27 9.15 -17.92
N TYR C 242 -50.97 8.82 -17.92
CA TYR C 242 -50.36 7.98 -16.90
C TYR C 242 -49.36 8.79 -16.09
N VAL C 243 -49.32 8.54 -14.78
CA VAL C 243 -48.44 9.26 -13.88
C VAL C 243 -47.73 8.26 -12.98
N GLY C 244 -46.40 8.39 -12.88
CA GLY C 244 -45.62 7.59 -11.97
C GLY C 244 -44.64 8.47 -11.21
N TYR C 245 -44.04 7.90 -10.18
CA TYR C 245 -43.15 8.65 -9.29
C TYR C 245 -41.75 8.06 -9.31
N LEU C 246 -40.74 8.94 -9.33
CA LEU C 246 -39.35 8.54 -9.35
C LEU C 246 -38.87 8.21 -7.95
N GLN C 247 -37.81 7.39 -7.89
CA GLN C 247 -37.17 7.00 -6.65
C GLN C 247 -35.67 6.95 -6.87
N PRO C 248 -34.87 7.08 -5.81
CA PRO C 248 -33.41 7.05 -5.97
C PRO C 248 -32.88 5.65 -6.22
N ARG C 249 -32.88 5.23 -7.48
CA ARG C 249 -32.47 3.89 -7.86
C ARG C 249 -31.12 3.92 -8.57
N THR C 250 -30.48 2.75 -8.61
CA THR C 250 -29.25 2.54 -9.35
C THR C 250 -29.55 1.70 -10.58
N PHE C 251 -29.13 2.19 -11.75
CA PHE C 251 -29.39 1.55 -13.02
C PHE C 251 -28.09 1.23 -13.73
N LEU C 252 -28.12 0.20 -14.57
CA LEU C 252 -27.03 -0.13 -15.46
C LEU C 252 -27.52 0.12 -16.88
N LEU C 253 -26.95 1.12 -17.54
CA LEU C 253 -27.38 1.55 -18.86
C LEU C 253 -26.44 1.04 -19.93
N LYS C 254 -26.99 0.78 -21.11
CA LYS C 254 -26.24 0.20 -22.23
C LYS C 254 -26.21 1.22 -23.37
N TYR C 255 -25.05 1.83 -23.59
CA TYR C 255 -24.86 2.75 -24.70
C TYR C 255 -24.32 1.98 -25.89
N ASN C 256 -25.04 2.01 -27.00
CA ASN C 256 -24.62 1.30 -28.21
C ASN C 256 -23.61 2.14 -28.97
N GLU C 257 -23.33 1.75 -30.22
CA GLU C 257 -22.28 2.40 -30.99
C GLU C 257 -22.61 3.87 -31.24
N ASN C 258 -23.87 4.17 -31.56
CA ASN C 258 -24.29 5.53 -31.86
C ASN C 258 -24.49 6.38 -30.62
N GLY C 259 -24.14 5.87 -29.43
CA GLY C 259 -24.32 6.63 -28.21
C GLY C 259 -25.72 6.64 -27.67
N THR C 260 -26.60 5.76 -28.16
CA THR C 260 -28.00 5.72 -27.76
C THR C 260 -28.19 4.66 -26.68
N ILE C 261 -28.88 5.02 -25.61
CA ILE C 261 -29.23 4.05 -24.58
C ILE C 261 -30.24 3.07 -25.17
N THR C 262 -29.86 1.80 -25.23
CA THR C 262 -30.72 0.77 -25.82
C THR C 262 -31.27 -0.22 -24.80
N ASP C 263 -30.71 -0.27 -23.60
CA ASP C 263 -31.20 -1.20 -22.60
C ASP C 263 -30.76 -0.72 -21.22
N ALA C 264 -31.45 -1.20 -20.19
CA ALA C 264 -31.13 -0.84 -18.82
C ALA C 264 -31.51 -1.98 -17.89
N VAL C 265 -30.84 -2.00 -16.75
CA VAL C 265 -31.08 -3.00 -15.71
C VAL C 265 -31.28 -2.26 -14.39
N ASP C 266 -32.40 -2.55 -13.72
CA ASP C 266 -32.72 -1.96 -12.42
C ASP C 266 -32.13 -2.85 -11.34
N CYS C 267 -31.06 -2.37 -10.71
CA CYS C 267 -30.23 -3.23 -9.86
C CYS C 267 -30.95 -3.75 -8.62
N ALA C 268 -32.08 -3.14 -8.24
CA ALA C 268 -32.78 -3.54 -7.03
C ALA C 268 -34.15 -4.16 -7.34
N LEU C 269 -34.38 -4.55 -8.58
CA LEU C 269 -35.67 -5.12 -8.94
C LEU C 269 -35.84 -6.53 -8.38
N ASP C 270 -34.82 -7.37 -8.54
CA ASP C 270 -34.89 -8.77 -8.14
C ASP C 270 -33.46 -9.31 -8.08
N PRO C 271 -33.27 -10.50 -7.51
CA PRO C 271 -31.90 -11.03 -7.41
C PRO C 271 -31.17 -11.16 -8.73
N LEU C 272 -31.87 -11.49 -9.81
CA LEU C 272 -31.20 -11.62 -11.10
C LEU C 272 -30.63 -10.29 -11.56
N SER C 273 -31.39 -9.20 -11.41
CA SER C 273 -30.89 -7.88 -11.81
C SER C 273 -29.73 -7.45 -10.91
N GLU C 274 -29.79 -7.80 -9.63
CA GLU C 274 -28.66 -7.51 -8.74
C GLU C 274 -27.42 -8.25 -9.19
N THR C 275 -27.58 -9.52 -9.60
CA THR C 275 -26.46 -10.27 -10.14
C THR C 275 -25.91 -9.62 -11.40
N LYS C 276 -26.80 -9.17 -12.29
CA LYS C 276 -26.36 -8.53 -13.51
C LYS C 276 -25.57 -7.26 -13.22
N CYS C 277 -26.04 -6.45 -12.27
CA CYS C 277 -25.32 -5.23 -11.93
C CYS C 277 -23.99 -5.54 -11.25
N THR C 278 -23.95 -6.58 -10.42
CA THR C 278 -22.69 -6.98 -9.80
C THR C 278 -21.67 -7.42 -10.84
N LEU C 279 -22.11 -8.21 -11.83
CA LEU C 279 -21.22 -8.66 -12.88
C LEU C 279 -20.99 -7.62 -13.96
N LYS C 280 -21.74 -6.52 -13.94
CA LYS C 280 -21.68 -5.50 -14.99
C LYS C 280 -21.92 -6.11 -16.36
N SER C 281 -22.93 -6.98 -16.44
CA SER C 281 -23.25 -7.66 -17.68
C SER C 281 -24.76 -7.84 -17.76
N PHE C 282 -25.26 -7.97 -18.99
CA PHE C 282 -26.67 -8.24 -19.23
C PHE C 282 -26.98 -9.72 -19.39
N THR C 283 -25.96 -10.55 -19.53
CA THR C 283 -26.13 -11.99 -19.60
C THR C 283 -25.31 -12.65 -18.51
N VAL C 284 -25.88 -13.65 -17.86
CA VAL C 284 -25.28 -14.31 -16.71
C VAL C 284 -25.10 -15.79 -17.04
N GLU C 285 -23.87 -16.29 -16.86
CA GLU C 285 -23.61 -17.70 -17.07
C GLU C 285 -24.16 -18.51 -15.90
N LYS C 286 -24.32 -19.82 -16.14
CA LYS C 286 -24.78 -20.72 -15.10
C LYS C 286 -23.78 -20.76 -13.95
N GLY C 287 -24.28 -20.67 -12.73
CA GLY C 287 -23.44 -20.73 -11.56
C GLY C 287 -24.11 -20.09 -10.37
N ILE C 288 -23.34 -19.97 -9.30
CA ILE C 288 -23.79 -19.34 -8.06
C ILE C 288 -22.91 -18.13 -7.81
N TYR C 289 -23.53 -16.97 -7.68
CA TYR C 289 -22.81 -15.71 -7.60
C TYR C 289 -23.08 -15.05 -6.26
N GLN C 290 -22.00 -14.74 -5.55
CA GLN C 290 -22.08 -14.06 -4.25
C GLN C 290 -22.40 -12.60 -4.53
N THR C 291 -23.68 -12.27 -4.49
CA THR C 291 -24.12 -10.94 -4.93
C THR C 291 -23.90 -9.89 -3.85
N SER C 292 -24.56 -10.03 -2.71
CA SER C 292 -24.60 -8.88 -1.81
C SER C 292 -24.67 -9.36 -0.37
N ASN C 293 -25.03 -8.46 0.54
CA ASN C 293 -25.23 -8.78 1.94
C ASN C 293 -26.57 -8.22 2.39
N PHE C 294 -27.33 -9.04 3.11
CA PHE C 294 -28.58 -8.59 3.70
C PHE C 294 -28.31 -8.09 5.11
N ARG C 295 -28.99 -7.01 5.49
CA ARG C 295 -28.79 -6.38 6.78
C ARG C 295 -30.10 -5.80 7.28
N VAL C 296 -30.44 -6.07 8.53
CA VAL C 296 -31.64 -5.53 9.14
C VAL C 296 -31.39 -4.08 9.56
N GLN C 297 -32.27 -3.19 9.13
CA GLN C 297 -32.12 -1.76 9.39
C GLN C 297 -32.72 -1.38 10.73
N PRO C 298 -32.17 -0.37 11.39
CA PRO C 298 -32.71 0.06 12.69
C PRO C 298 -34.11 0.65 12.55
N THR C 299 -34.89 0.47 13.61
CA THR C 299 -36.28 0.91 13.62
C THR C 299 -36.46 2.29 14.25
N GLU C 300 -35.71 2.58 15.31
CA GLU C 300 -35.92 3.82 16.06
C GLU C 300 -34.60 4.27 16.66
N SER C 301 -34.59 5.50 17.16
CA SER C 301 -33.42 6.12 17.75
C SER C 301 -33.60 6.30 19.24
N ILE C 302 -32.56 5.98 20.00
CA ILE C 302 -32.55 6.05 21.45
C ILE C 302 -31.40 6.96 21.87
N VAL C 303 -31.68 7.91 22.75
CA VAL C 303 -30.66 8.79 23.30
C VAL C 303 -30.74 8.71 24.82
N ARG C 304 -29.61 8.45 25.45
CA ARG C 304 -29.54 8.31 26.91
C ARG C 304 -28.42 9.19 27.42
N PHE C 305 -28.78 10.24 28.16
CA PHE C 305 -27.87 11.18 28.77
C PHE C 305 -28.17 11.26 30.27
N PRO C 306 -27.20 11.64 31.08
CA PRO C 306 -27.48 11.83 32.51
C PRO C 306 -28.53 12.90 32.73
N ASN C 307 -29.35 12.71 33.74
CA ASN C 307 -30.42 13.65 34.06
C ASN C 307 -29.82 14.81 34.83
N ILE C 308 -29.33 15.81 34.09
CA ILE C 308 -28.67 16.98 34.66
C ILE C 308 -29.46 18.22 34.27
N THR C 309 -29.66 19.11 35.23
CA THR C 309 -30.49 20.30 35.03
C THR C 309 -29.72 21.61 35.10
N ASN C 310 -28.67 21.69 35.92
CA ASN C 310 -27.96 22.94 36.09
C ASN C 310 -27.26 23.35 34.80
N LEU C 311 -27.29 24.65 34.51
CA LEU C 311 -26.56 25.20 33.38
C LEU C 311 -25.13 25.53 33.80
N CYS C 312 -24.18 25.28 32.91
CA CYS C 312 -22.79 25.48 33.24
C CYS C 312 -22.46 26.96 33.41
N PRO C 313 -21.57 27.30 34.34
CA PRO C 313 -21.28 28.70 34.65
C PRO C 313 -20.22 29.29 33.71
N PHE C 314 -20.55 29.36 32.43
CA PHE C 314 -19.66 29.97 31.45
C PHE C 314 -19.73 31.49 31.46
N ASP C 315 -20.74 32.08 32.10
CA ASP C 315 -20.84 33.53 32.14
C ASP C 315 -19.72 34.13 32.98
N GLU C 316 -19.44 33.57 34.15
CA GLU C 316 -18.46 34.16 35.04
C GLU C 316 -17.03 33.92 34.58
N VAL C 317 -16.82 33.10 33.55
CA VAL C 317 -15.48 32.95 32.98
C VAL C 317 -15.21 34.07 31.98
N PHE C 318 -16.06 34.19 30.96
CA PHE C 318 -15.83 35.17 29.91
C PHE C 318 -16.15 36.59 30.36
N ASN C 319 -17.11 36.75 31.28
CA ASN C 319 -17.54 38.07 31.74
C ASN C 319 -16.88 38.45 33.05
N ALA C 320 -15.63 38.07 33.23
CA ALA C 320 -14.89 38.47 34.42
C ALA C 320 -14.48 39.94 34.31
N THR C 321 -14.48 40.62 35.47
CA THR C 321 -14.09 42.02 35.49
C THR C 321 -12.63 42.20 35.10
N ARG C 322 -11.76 41.32 35.60
CA ARG C 322 -10.34 41.41 35.29
C ARG C 322 -9.77 40.00 35.23
N PHE C 323 -9.17 39.65 34.09
CA PHE C 323 -8.52 38.36 33.93
C PHE C 323 -7.20 38.33 34.69
N ALA C 324 -6.70 37.13 34.92
CA ALA C 324 -5.47 36.96 35.66
C ALA C 324 -4.26 37.10 34.75
N SER C 325 -3.10 37.31 35.36
CA SER C 325 -1.85 37.34 34.63
C SER C 325 -1.53 35.94 34.09
N VAL C 326 -0.77 35.89 33.00
CA VAL C 326 -0.51 34.61 32.35
C VAL C 326 0.33 33.70 33.24
N TYR C 327 1.26 34.25 34.02
CA TYR C 327 2.05 33.42 34.91
C TYR C 327 1.22 32.85 36.05
N ALA C 328 0.08 33.46 36.36
CA ALA C 328 -0.79 32.99 37.43
C ALA C 328 -2.19 32.78 36.88
N TRP C 329 -2.28 32.06 35.76
CA TRP C 329 -3.54 31.91 35.05
C TRP C 329 -4.61 31.27 35.91
N ASN C 330 -5.85 31.73 35.75
CA ASN C 330 -6.96 31.20 36.52
C ASN C 330 -7.43 29.88 35.92
N ARG C 331 -7.77 28.93 36.79
CA ARG C 331 -8.38 27.68 36.36
C ARG C 331 -9.68 27.47 37.11
N LYS C 332 -10.75 27.20 36.37
CA LYS C 332 -12.06 26.92 36.93
C LYS C 332 -12.55 25.58 36.43
N ARG C 333 -13.17 24.80 37.31
CA ARG C 333 -13.64 23.47 36.96
C ARG C 333 -15.15 23.51 36.69
N ILE C 334 -15.55 22.93 35.57
CA ILE C 334 -16.93 22.86 35.15
C ILE C 334 -17.36 21.41 35.22
N SER C 335 -18.37 21.12 36.02
CA SER C 335 -18.87 19.76 36.22
C SER C 335 -20.31 19.82 36.69
N ASN C 336 -21.02 18.70 36.51
CA ASN C 336 -22.40 18.55 36.95
C ASN C 336 -23.30 19.65 36.39
N CYS C 337 -23.22 19.85 35.07
CA CYS C 337 -24.02 20.87 34.42
C CYS C 337 -24.12 20.53 32.94
N VAL C 338 -25.10 21.15 32.28
CA VAL C 338 -25.27 21.02 30.83
C VAL C 338 -24.64 22.23 30.16
N ALA C 339 -23.76 21.98 29.20
CA ALA C 339 -22.99 23.03 28.55
C ALA C 339 -23.56 23.28 27.16
N ASP C 340 -24.01 24.51 26.93
CA ASP C 340 -24.49 24.96 25.62
C ASP C 340 -23.45 25.94 25.09
N TYR C 341 -22.54 25.45 24.26
CA TYR C 341 -21.45 26.28 23.79
C TYR C 341 -21.90 27.33 22.78
N SER C 342 -23.09 27.16 22.19
CA SER C 342 -23.58 28.13 21.21
C SER C 342 -23.81 29.50 21.82
N VAL C 343 -23.90 29.60 23.15
CA VAL C 343 -24.05 30.90 23.79
C VAL C 343 -22.70 31.55 24.10
N LEU C 344 -21.60 30.83 23.95
CA LEU C 344 -20.30 31.43 24.22
C LEU C 344 -20.02 32.60 23.31
N TYR C 345 -20.60 32.61 22.11
CA TYR C 345 -20.41 33.72 21.19
C TYR C 345 -21.05 35.00 21.70
N ASN C 346 -21.96 34.92 22.66
CA ASN C 346 -22.62 36.10 23.19
C ASN C 346 -21.86 36.77 24.32
N PHE C 347 -20.86 36.11 24.89
CA PHE C 347 -20.18 36.64 26.06
C PHE C 347 -18.93 37.43 25.71
N ALA C 348 -18.19 37.01 24.69
CA ALA C 348 -17.00 37.71 24.27
C ALA C 348 -17.02 37.90 22.76
N PRO C 349 -16.48 39.02 22.28
CA PRO C 349 -16.47 39.30 20.83
C PRO C 349 -15.32 38.62 20.08
N PHE C 350 -15.10 37.34 20.36
CA PHE C 350 -14.08 36.59 19.66
C PHE C 350 -14.60 36.18 18.29
N PHE C 351 -13.67 36.01 17.35
CA PHE C 351 -14.07 35.72 15.98
C PHE C 351 -14.42 34.25 15.80
N ALA C 352 -13.59 33.35 16.30
CA ALA C 352 -13.85 31.92 16.13
C ALA C 352 -13.11 31.13 17.19
N PHE C 353 -13.54 29.89 17.38
CA PHE C 353 -12.83 28.94 18.22
C PHE C 353 -11.56 28.48 17.51
N LYS C 354 -10.65 27.89 18.30
CA LYS C 354 -9.51 27.15 17.77
C LYS C 354 -9.51 25.82 18.51
N CYS C 355 -10.20 24.83 17.97
CA CYS C 355 -10.41 23.57 18.67
C CYS C 355 -9.50 22.48 18.11
N TYR C 356 -8.84 21.76 19.01
CA TYR C 356 -7.94 20.67 18.68
C TYR C 356 -8.54 19.37 19.17
N GLY C 357 -8.63 18.38 18.26
CA GLY C 357 -9.21 17.10 18.59
C GLY C 357 -10.72 17.05 18.55
N VAL C 358 -11.38 18.16 18.23
CA VAL C 358 -12.84 18.22 18.20
C VAL C 358 -13.22 19.41 17.33
N SER C 359 -14.43 19.38 16.79
CA SER C 359 -14.90 20.51 16.01
C SER C 359 -15.91 21.31 16.82
N PRO C 360 -15.85 22.64 16.76
CA PRO C 360 -16.76 23.44 17.60
C PRO C 360 -18.23 23.14 17.39
N THR C 361 -18.64 22.94 16.14
CA THR C 361 -20.05 22.70 15.84
C THR C 361 -20.55 21.40 16.44
N LYS C 362 -19.65 20.49 16.79
CA LYS C 362 -20.03 19.23 17.42
C LYS C 362 -20.01 19.28 18.93
N LEU C 363 -19.60 20.40 19.53
CA LEU C 363 -19.42 20.46 20.97
C LEU C 363 -20.72 20.24 21.73
N ASN C 364 -21.88 20.49 21.11
CA ASN C 364 -23.14 20.28 21.78
C ASN C 364 -23.62 18.84 21.74
N ASP C 365 -22.92 17.96 21.02
CA ASP C 365 -23.35 16.58 20.86
C ASP C 365 -22.53 15.61 21.71
N LEU C 366 -21.73 16.12 22.63
CA LEU C 366 -20.78 15.29 23.36
C LEU C 366 -20.98 15.46 24.87
N CYS C 367 -20.50 14.46 25.61
CA CYS C 367 -20.46 14.50 27.06
C CYS C 367 -19.00 14.39 27.51
N PHE C 368 -18.63 15.21 28.48
CA PHE C 368 -17.28 15.22 29.03
C PHE C 368 -17.33 14.95 30.52
N THR C 369 -16.33 14.21 31.01
CA THR C 369 -16.27 13.92 32.44
C THR C 369 -16.06 15.18 33.25
N ASN C 370 -15.15 16.04 32.83
CA ASN C 370 -14.95 17.34 33.45
C ASN C 370 -14.44 18.32 32.39
N VAL C 371 -14.71 19.60 32.62
CA VAL C 371 -14.22 20.66 31.74
C VAL C 371 -13.39 21.61 32.58
N TYR C 372 -12.34 22.17 31.99
CA TYR C 372 -11.51 23.15 32.67
C TYR C 372 -11.41 24.41 31.84
N ALA C 373 -11.72 25.55 32.45
CA ALA C 373 -11.60 26.85 31.80
C ALA C 373 -10.41 27.57 32.40
N ASP C 374 -9.37 27.77 31.60
CA ASP C 374 -8.17 28.48 32.02
C ASP C 374 -8.17 29.85 31.36
N SER C 375 -8.15 30.90 32.15
CA SER C 375 -8.25 32.26 31.64
C SER C 375 -7.01 33.06 32.01
N PHE C 376 -6.54 33.87 31.06
CA PHE C 376 -5.41 34.76 31.29
C PHE C 376 -5.39 35.83 30.21
N VAL C 377 -4.36 36.68 30.25
CA VAL C 377 -4.18 37.75 29.28
C VAL C 377 -2.74 37.72 28.78
N ILE C 378 -2.59 37.71 27.47
CA ILE C 378 -1.27 37.77 26.82
C ILE C 378 -1.34 38.88 25.79
N ARG C 379 -0.31 39.02 24.96
CA ARG C 379 -0.39 39.96 23.86
C ARG C 379 -0.50 39.22 22.54
N GLY C 380 -0.69 39.99 21.46
CA GLY C 380 -1.03 39.39 20.18
C GLY C 380 0.01 38.42 19.67
N ASN C 381 1.29 38.78 19.81
CA ASN C 381 2.37 37.93 19.32
C ASN C 381 2.34 36.54 19.95
N GLU C 382 1.88 36.44 21.20
CA GLU C 382 1.96 35.22 21.97
C GLU C 382 0.72 34.35 21.88
N VAL C 383 -0.31 34.80 21.14
CA VAL C 383 -1.52 33.99 21.01
C VAL C 383 -1.23 32.72 20.24
N SER C 384 -0.26 32.74 19.33
CA SER C 384 0.10 31.54 18.60
C SER C 384 0.80 30.51 19.47
N GLN C 385 1.31 30.92 20.63
CA GLN C 385 1.97 29.98 21.53
C GLN C 385 1.00 29.20 22.39
N ILE C 386 -0.29 29.56 22.39
CA ILE C 386 -1.30 28.78 23.11
C ILE C 386 -1.78 27.72 22.14
N ALA C 387 -1.02 26.65 22.05
CA ALA C 387 -1.28 25.54 21.14
C ALA C 387 -0.32 24.41 21.47
N PRO C 388 -0.70 23.16 21.22
CA PRO C 388 0.22 22.05 21.50
C PRO C 388 1.49 22.15 20.66
N GLY C 389 2.62 21.79 21.27
CA GLY C 389 3.87 21.75 20.55
C GLY C 389 4.55 23.08 20.31
N GLN C 390 4.15 24.13 21.03
CA GLN C 390 4.72 25.45 20.86
C GLN C 390 5.84 25.70 21.87
N THR C 391 6.73 26.62 21.52
CA THR C 391 7.79 27.07 22.41
C THR C 391 7.87 28.59 22.39
N GLY C 392 8.42 29.14 23.45
CA GLY C 392 8.48 30.57 23.64
C GLY C 392 8.41 30.88 25.12
N ASN C 393 8.39 32.18 25.42
CA ASN C 393 8.32 32.58 26.82
C ASN C 393 7.03 32.08 27.47
N ILE C 394 5.90 32.23 26.78
CA ILE C 394 4.63 31.81 27.34
C ILE C 394 4.54 30.29 27.41
N ALA C 395 4.96 29.61 26.35
CA ALA C 395 4.84 28.16 26.32
C ALA C 395 5.83 27.49 27.27
N ASP C 396 6.99 28.09 27.50
CA ASP C 396 8.00 27.46 28.34
C ASP C 396 7.85 27.82 29.81
N TYR C 397 7.62 29.09 30.12
CA TYR C 397 7.69 29.56 31.50
C TYR C 397 6.34 29.94 32.10
N ASN C 398 5.30 30.10 31.30
CA ASN C 398 4.04 30.63 31.79
C ASN C 398 2.88 29.63 31.68
N TYR C 399 2.63 29.09 30.49
CA TYR C 399 1.46 28.24 30.29
C TYR C 399 1.78 27.26 29.17
N LYS C 400 1.81 25.96 29.49
CA LYS C 400 2.16 24.92 28.54
C LYS C 400 0.97 23.98 28.35
N LEU C 401 0.64 23.71 27.09
CA LEU C 401 -0.38 22.75 26.70
C LEU C 401 0.26 21.44 26.28
N PRO C 402 -0.33 20.30 26.67
CA PRO C 402 0.23 19.01 26.26
C PRO C 402 0.12 18.80 24.77
N ASP C 403 1.02 17.97 24.24
CA ASP C 403 1.03 17.71 22.81
C ASP C 403 -0.21 16.96 22.35
N ASP C 404 -0.86 16.22 23.27
CA ASP C 404 -2.09 15.50 22.98
C ASP C 404 -3.31 16.27 23.47
N PHE C 405 -3.25 17.60 23.39
CA PHE C 405 -4.33 18.44 23.89
C PHE C 405 -5.60 18.24 23.10
N THR C 406 -6.72 18.06 23.81
CA THR C 406 -8.05 17.93 23.20
C THR C 406 -8.95 18.97 23.85
N GLY C 407 -9.19 20.07 23.14
CA GLY C 407 -9.96 21.15 23.70
C GLY C 407 -10.15 22.29 22.74
N CYS C 408 -10.30 23.52 23.24
CA CYS C 408 -10.50 24.68 22.40
C CYS C 408 -9.80 25.89 23.02
N VAL C 409 -9.38 26.80 22.16
CA VAL C 409 -8.74 28.04 22.57
C VAL C 409 -9.55 29.21 22.00
N ILE C 410 -9.87 30.18 22.85
CA ILE C 410 -10.70 31.32 22.50
C ILE C 410 -9.95 32.57 22.93
N ALA C 411 -9.40 33.30 21.97
CA ALA C 411 -8.63 34.51 22.25
C ALA C 411 -9.27 35.68 21.54
N TRP C 412 -9.51 36.76 22.28
CA TRP C 412 -10.11 37.95 21.68
C TRP C 412 -9.40 39.21 22.17
N ASN C 413 -9.33 40.19 21.29
CA ASN C 413 -8.67 41.45 21.60
C ASN C 413 -9.43 42.21 22.66
N SER C 414 -8.72 42.68 23.68
CA SER C 414 -9.30 43.46 24.77
C SER C 414 -8.51 44.74 24.98
N ASN C 415 -8.22 45.44 23.88
CA ASN C 415 -7.45 46.67 23.98
C ASN C 415 -8.22 47.76 24.70
N LYS C 416 -9.55 47.70 24.70
CA LYS C 416 -10.33 48.73 25.37
C LYS C 416 -10.30 48.59 26.88
N LEU C 417 -10.23 47.36 27.40
CA LEU C 417 -10.33 47.11 28.83
C LEU C 417 -8.97 47.02 29.52
N ASP C 418 -7.98 46.42 28.87
CA ASP C 418 -6.71 46.10 29.51
C ASP C 418 -5.60 47.10 29.18
N SER C 419 -5.92 48.19 28.50
CA SER C 419 -4.92 49.19 28.14
C SER C 419 -5.18 50.49 28.90
N LYS C 420 -4.11 51.11 29.37
CA LYS C 420 -4.16 52.41 30.01
C LYS C 420 -3.29 53.39 29.23
N VAL C 421 -3.63 54.67 29.33
CA VAL C 421 -2.90 55.70 28.58
C VAL C 421 -1.45 55.74 29.03
N GLY C 422 -1.21 55.67 30.34
CA GLY C 422 0.14 55.62 30.84
C GLY C 422 0.78 54.24 30.82
N GLY C 423 0.04 53.22 30.41
CA GLY C 423 0.56 51.87 30.39
C GLY C 423 0.02 51.01 31.52
N ASN C 424 -0.57 49.88 31.19
CA ASN C 424 -1.11 48.96 32.19
C ASN C 424 -0.02 47.99 32.61
N TYR C 425 0.36 48.04 33.88
CA TYR C 425 1.42 47.20 34.42
C TYR C 425 0.90 46.16 35.41
N ASN C 426 -0.41 45.90 35.41
CA ASN C 426 -0.98 44.86 36.26
C ASN C 426 -0.73 43.47 35.71
N TYR C 427 -0.54 43.32 34.40
CA TYR C 427 -0.35 42.03 33.77
C TYR C 427 1.14 41.76 33.62
N ARG C 428 1.60 40.66 34.18
CA ARG C 428 3.00 40.28 34.16
C ARG C 428 3.16 38.87 33.62
N TYR C 429 4.33 38.59 33.08
CA TYR C 429 4.67 37.27 32.58
C TYR C 429 6.05 36.88 33.08
N ARG C 430 6.25 35.58 33.26
CA ARG C 430 7.54 35.06 33.70
C ARG C 430 8.52 35.05 32.54
N LEU C 431 9.68 35.66 32.73
CA LEU C 431 10.67 35.78 31.68
C LEU C 431 11.85 34.83 31.85
N PHE C 432 12.17 34.46 33.08
CA PHE C 432 13.29 33.58 33.37
C PHE C 432 12.84 32.40 34.20
N ARG C 433 13.34 31.22 33.87
CA ARG C 433 13.07 30.03 34.67
C ARG C 433 14.17 29.01 34.41
N LYS C 434 14.39 28.14 35.39
CA LYS C 434 15.44 27.12 35.26
C LYS C 434 15.11 26.14 34.14
N SER C 435 13.85 25.72 34.04
CA SER C 435 13.46 24.71 33.07
C SER C 435 12.04 24.96 32.61
N ASN C 436 11.68 24.33 31.49
CA ASN C 436 10.35 24.51 30.92
C ASN C 436 9.29 23.90 31.83
N LEU C 437 8.10 24.52 31.81
CA LEU C 437 6.98 24.01 32.57
C LEU C 437 6.47 22.70 32.00
N LYS C 438 6.02 21.81 32.87
CA LYS C 438 5.24 20.66 32.45
C LYS C 438 3.87 21.14 32.01
N PRO C 439 3.18 20.38 31.16
CA PRO C 439 1.86 20.79 30.72
C PRO C 439 0.90 21.01 31.88
N PHE C 440 0.12 22.10 31.79
CA PHE C 440 -0.87 22.46 32.80
C PHE C 440 -0.24 22.63 34.18
N GLU C 441 0.95 23.19 34.22
CA GLU C 441 1.64 23.49 35.48
C GLU C 441 1.67 24.99 35.69
N ARG C 442 1.52 25.41 36.94
CA ARG C 442 1.54 26.81 37.33
C ARG C 442 2.74 27.07 38.23
N ASP C 443 3.38 28.23 38.04
CA ASP C 443 4.58 28.59 38.80
C ASP C 443 4.44 30.06 39.20
N ILE C 444 3.92 30.30 40.40
CA ILE C 444 3.71 31.64 40.92
C ILE C 444 4.85 32.11 41.81
N SER C 445 5.98 31.41 41.78
CA SER C 445 7.13 31.81 42.58
C SER C 445 7.71 33.12 42.09
N THR C 446 8.25 33.91 43.02
CA THR C 446 8.89 35.18 42.71
C THR C 446 10.35 35.21 43.15
N GLU C 447 10.97 34.05 43.30
CA GLU C 447 12.37 34.00 43.70
C GLU C 447 13.26 34.61 42.62
N ILE C 448 14.33 35.29 43.05
CA ILE C 448 15.23 35.94 42.11
C ILE C 448 15.94 34.89 41.26
N TYR C 449 15.96 35.11 39.95
CA TYR C 449 16.60 34.17 39.03
C TYR C 449 18.09 34.44 38.97
N GLN C 450 18.88 33.38 39.01
CA GLN C 450 20.34 33.46 39.03
C GLN C 450 20.86 33.12 37.63
N ALA C 451 21.25 34.14 36.88
CA ALA C 451 21.75 33.92 35.53
C ALA C 451 23.17 33.35 35.53
N GLY C 452 24.05 33.87 36.37
CA GLY C 452 25.43 33.47 36.40
C GLY C 452 25.74 32.50 37.52
N ASN C 453 27.02 32.49 37.93
CA ASN C 453 27.46 31.62 39.02
C ASN C 453 27.36 32.28 40.38
N LYS C 454 27.33 33.60 40.44
CA LYS C 454 27.24 34.29 41.72
C LYS C 454 25.85 34.14 42.31
N PRO C 455 25.71 33.63 43.54
CA PRO C 455 24.39 33.57 44.16
C PRO C 455 23.82 34.97 44.36
N CYS C 456 22.49 35.07 44.21
CA CYS C 456 21.82 36.35 44.29
C CYS C 456 21.42 36.73 45.71
N ASN C 457 21.11 35.75 46.55
CA ASN C 457 20.75 35.97 47.94
C ASN C 457 19.55 36.92 48.05
N GLY C 458 18.60 36.78 47.13
CA GLY C 458 17.40 37.59 47.16
C GLY C 458 17.59 39.04 46.83
N VAL C 459 18.65 39.38 46.09
CA VAL C 459 18.92 40.77 45.70
C VAL C 459 19.14 40.81 44.19
N ALA C 460 18.41 41.70 43.52
CA ALA C 460 18.58 41.87 42.08
C ALA C 460 19.89 42.57 41.78
N GLY C 461 20.48 42.22 40.64
CA GLY C 461 21.76 42.78 40.23
C GLY C 461 22.27 42.20 38.94
N VAL C 462 23.59 42.25 38.74
CA VAL C 462 24.18 41.69 37.53
C VAL C 462 24.01 40.18 37.56
N ASN C 463 23.45 39.63 36.48
CA ASN C 463 23.12 38.21 36.39
C ASN C 463 22.19 37.75 37.50
N CYS C 464 21.35 38.66 37.99
CA CYS C 464 20.35 38.36 39.01
C CYS C 464 19.12 39.20 38.69
N TYR C 465 18.13 38.58 38.05
CA TYR C 465 16.97 39.29 37.53
C TYR C 465 15.72 38.89 38.29
N PHE C 466 14.76 39.81 38.34
CA PHE C 466 13.43 39.49 38.85
C PHE C 466 12.68 38.69 37.79
N PRO C 467 12.18 37.50 38.11
CA PRO C 467 11.66 36.61 37.05
C PRO C 467 10.48 37.18 36.28
N LEU C 468 9.66 38.02 36.88
CA LEU C 468 8.44 38.52 36.25
C LEU C 468 8.69 39.89 35.63
N GLN C 469 8.10 40.12 34.47
CA GLN C 469 8.15 41.43 33.81
C GLN C 469 6.76 41.80 33.33
N SER C 470 6.46 43.10 33.39
CA SER C 470 5.11 43.59 33.08
C SER C 470 4.97 43.94 31.60
N TYR C 471 3.78 43.70 31.07
CA TYR C 471 3.46 44.15 29.72
C TYR C 471 3.26 45.66 29.70
N GLY C 472 3.45 46.24 28.52
CA GLY C 472 3.17 47.65 28.33
C GLY C 472 1.69 47.95 28.24
N PHE C 473 1.05 47.44 27.20
CA PHE C 473 -0.40 47.53 27.01
C PHE C 473 -0.88 48.98 27.01
N ARG C 474 -0.40 49.70 26.01
CA ARG C 474 -0.88 51.06 25.76
C ARG C 474 -1.80 51.07 24.55
N PRO C 475 -2.85 51.90 24.55
CA PRO C 475 -3.85 51.83 23.49
C PRO C 475 -3.33 52.20 22.11
N THR C 476 -2.19 52.87 22.02
CA THR C 476 -1.63 53.28 20.74
C THR C 476 -0.77 52.22 20.09
N TYR C 477 -0.57 51.07 20.73
CA TYR C 477 0.27 50.02 20.18
C TYR C 477 -0.40 49.37 18.97
N GLY C 478 0.41 48.64 18.21
CA GLY C 478 -0.11 47.91 17.08
C GLY C 478 -0.89 46.68 17.49
N VAL C 479 -1.47 46.02 16.49
CA VAL C 479 -2.34 44.87 16.76
C VAL C 479 -1.57 43.76 17.46
N GLY C 480 -0.34 43.51 17.03
CA GLY C 480 0.43 42.43 17.61
C GLY C 480 0.88 42.68 19.04
N HIS C 481 0.83 43.92 19.49
CA HIS C 481 1.27 44.27 20.84
C HIS C 481 0.11 44.61 21.77
N GLN C 482 -1.12 44.54 21.28
CA GLN C 482 -2.27 44.86 22.11
C GLN C 482 -2.65 43.66 22.97
N PRO C 483 -3.27 43.89 24.13
CA PRO C 483 -3.66 42.77 25.00
C PRO C 483 -4.75 41.92 24.38
N TYR C 484 -4.70 40.63 24.68
CA TYR C 484 -5.67 39.64 24.25
C TYR C 484 -6.04 38.77 25.43
N ARG C 485 -7.34 38.60 25.65
CA ARG C 485 -7.84 37.71 26.68
C ARG C 485 -8.03 36.32 26.09
N VAL C 486 -7.51 35.32 26.79
CA VAL C 486 -7.50 33.93 26.30
C VAL C 486 -8.20 33.05 27.31
N VAL C 487 -9.13 32.24 26.82
CA VAL C 487 -9.81 31.21 27.59
C VAL C 487 -9.58 29.88 26.90
N VAL C 488 -9.05 28.91 27.63
CA VAL C 488 -8.74 27.59 27.12
C VAL C 488 -9.69 26.61 27.78
N LEU C 489 -10.48 25.91 26.98
CA LEU C 489 -11.38 24.87 27.47
C LEU C 489 -10.72 23.52 27.24
N SER C 490 -10.43 22.82 28.33
CA SER C 490 -9.85 21.49 28.28
C SER C 490 -10.92 20.48 28.60
N PHE C 491 -11.08 19.50 27.72
CA PHE C 491 -12.10 18.47 27.85
C PHE C 491 -11.44 17.18 28.31
N GLU C 492 -11.88 16.66 29.45
CA GLU C 492 -11.34 15.40 29.96
C GLU C 492 -11.81 14.19 29.17
N LEU C 493 -12.74 14.39 28.22
CA LEU C 493 -13.31 13.33 27.40
C LEU C 493 -14.11 12.35 28.26
N LEU C 494 -14.65 11.30 27.65
CA LEU C 494 -15.63 10.43 28.30
C LEU C 494 -15.00 9.07 28.58
N HIS C 495 -14.59 8.86 29.81
CA HIS C 495 -14.21 7.54 30.32
C HIS C 495 -14.91 7.20 31.62
N ALA C 496 -15.09 8.18 32.51
CA ALA C 496 -15.78 8.03 33.78
C ALA C 496 -17.22 8.49 33.59
N PRO C 497 -18.09 8.39 34.61
CA PRO C 497 -19.43 8.99 34.48
C PRO C 497 -19.37 10.45 34.04
N ALA C 498 -19.94 10.74 32.87
CA ALA C 498 -19.91 12.10 32.36
C ALA C 498 -20.73 13.03 33.25
N THR C 499 -20.16 14.20 33.52
CA THR C 499 -20.85 15.22 34.32
C THR C 499 -21.17 16.48 33.53
N VAL C 500 -20.51 16.71 32.41
CA VAL C 500 -20.80 17.84 31.53
C VAL C 500 -21.29 17.28 30.21
N CYS C 501 -22.52 17.64 29.83
CA CYS C 501 -23.13 17.14 28.61
C CYS C 501 -23.78 18.29 27.85
N GLY C 502 -23.94 18.11 26.55
CA GLY C 502 -24.63 19.07 25.73
C GLY C 502 -26.13 19.03 25.97
N PRO C 503 -26.83 20.05 25.51
CA PRO C 503 -28.30 20.06 25.67
C PRO C 503 -28.95 19.05 24.75
N LYS C 504 -29.41 17.94 25.30
CA LYS C 504 -29.91 16.84 24.49
C LYS C 504 -30.97 16.09 25.28
N LYS C 505 -32.21 16.12 24.79
CA LYS C 505 -33.27 15.38 25.45
C LYS C 505 -33.03 13.89 25.30
N SER C 506 -33.14 13.17 26.41
CA SER C 506 -32.91 11.72 26.42
C SER C 506 -34.25 11.00 26.28
N THR C 507 -34.27 9.97 25.43
CA THR C 507 -35.47 9.22 25.16
C THR C 507 -35.55 8.00 26.09
N ASN C 508 -36.58 7.19 25.88
CA ASN C 508 -36.72 5.96 26.65
C ASN C 508 -35.71 4.92 26.18
N LEU C 509 -35.70 3.80 26.88
CA LEU C 509 -34.79 2.70 26.60
C LEU C 509 -35.53 1.59 25.89
N VAL C 510 -35.03 1.16 24.74
CA VAL C 510 -35.64 0.10 23.94
C VAL C 510 -34.66 -1.06 23.87
N LYS C 511 -35.12 -2.25 24.24
CA LYS C 511 -34.28 -3.44 24.30
C LYS C 511 -34.77 -4.47 23.28
N ASN C 512 -33.85 -5.36 22.90
CA ASN C 512 -34.15 -6.50 22.03
C ASN C 512 -34.63 -6.05 20.65
N LYS C 513 -34.20 -4.87 20.20
CA LYS C 513 -34.55 -4.38 18.89
C LYS C 513 -33.34 -3.71 18.26
N CYS C 514 -33.33 -3.66 16.94
CA CYS C 514 -32.28 -2.96 16.20
C CYS C 514 -32.58 -1.47 16.25
N VAL C 515 -31.78 -0.72 17.00
CA VAL C 515 -32.00 0.71 17.20
C VAL C 515 -30.69 1.45 17.02
N ASN C 516 -30.80 2.75 16.76
CA ASN C 516 -29.66 3.65 16.73
C ASN C 516 -29.51 4.26 18.12
N PHE C 517 -28.54 3.79 18.88
CA PHE C 517 -28.36 4.24 20.25
C PHE C 517 -27.32 5.35 20.32
N ASN C 518 -27.46 6.18 21.36
CA ASN C 518 -26.55 7.29 21.64
C ASN C 518 -26.42 7.37 23.16
N PHE C 519 -25.39 6.74 23.71
CA PHE C 519 -25.13 6.74 25.15
C PHE C 519 -24.01 7.73 25.44
N ASN C 520 -24.37 8.89 26.00
CA ASN C 520 -23.42 9.92 26.39
C ASN C 520 -22.53 10.34 25.21
N GLY C 521 -23.12 10.44 24.03
CA GLY C 521 -22.38 10.80 22.84
C GLY C 521 -21.74 9.64 22.11
N LEU C 522 -21.70 8.45 22.72
CA LEU C 522 -21.25 7.24 22.05
C LEU C 522 -22.40 6.73 21.19
N THR C 523 -22.28 6.93 19.88
CA THR C 523 -23.34 6.56 18.95
C THR C 523 -23.06 5.21 18.33
N GLY C 524 -24.13 4.56 17.88
CA GLY C 524 -23.98 3.29 17.20
C GLY C 524 -25.33 2.75 16.80
N THR C 525 -25.30 1.59 16.15
CA THR C 525 -26.52 0.89 15.75
C THR C 525 -26.39 -0.57 16.18
N GLY C 526 -27.42 -1.08 16.84
CA GLY C 526 -27.38 -2.46 17.28
C GLY C 526 -28.58 -2.82 18.12
N VAL C 527 -28.48 -4.01 18.71
CA VAL C 527 -29.48 -4.54 19.61
C VAL C 527 -28.93 -4.44 21.02
N LEU C 528 -29.72 -3.85 21.93
CA LEU C 528 -29.33 -3.68 23.31
C LEU C 528 -30.05 -4.73 24.15
N THR C 529 -29.29 -5.56 24.84
CA THR C 529 -29.85 -6.61 25.68
C THR C 529 -29.34 -6.48 27.10
N GLU C 530 -30.12 -6.99 28.06
CA GLU C 530 -29.66 -7.00 29.43
C GLU C 530 -28.45 -7.92 29.57
N SER C 531 -27.44 -7.44 30.30
CA SER C 531 -26.13 -8.06 30.30
C SER C 531 -25.83 -8.72 31.63
N ASN C 532 -25.11 -9.83 31.57
CA ASN C 532 -24.61 -10.53 32.75
C ASN C 532 -23.21 -10.11 33.14
N LYS C 533 -22.60 -9.18 32.40
CA LYS C 533 -21.24 -8.76 32.70
C LYS C 533 -21.18 -8.07 34.06
N LYS C 534 -20.17 -8.44 34.85
CA LYS C 534 -20.05 -7.96 36.22
C LYS C 534 -19.15 -6.73 36.25
N PHE C 535 -19.72 -5.61 35.81
CA PHE C 535 -19.01 -4.34 35.85
C PHE C 535 -18.70 -3.95 37.29
N LEU C 536 -17.48 -3.52 37.53
CA LEU C 536 -17.16 -2.90 38.81
C LEU C 536 -17.68 -1.45 38.81
N PRO C 537 -17.97 -0.89 39.99
CA PRO C 537 -18.66 0.40 40.02
C PRO C 537 -17.96 1.52 39.29
N PHE C 538 -16.63 1.50 39.20
CA PHE C 538 -15.92 2.59 38.53
C PHE C 538 -15.98 2.49 37.01
N GLN C 539 -16.24 1.30 36.46
CA GLN C 539 -16.25 1.11 35.02
C GLN C 539 -17.52 1.70 34.41
N GLN C 540 -17.42 2.04 33.12
CA GLN C 540 -18.55 2.63 32.41
C GLN C 540 -18.87 1.97 31.09
N PHE C 541 -17.97 1.19 30.51
CA PHE C 541 -18.24 0.45 29.28
C PHE C 541 -17.18 -0.63 29.11
N GLY C 542 -17.51 -1.61 28.29
CA GLY C 542 -16.59 -2.70 28.00
C GLY C 542 -16.23 -2.73 26.53
N ARG C 543 -15.01 -3.16 26.25
CA ARG C 543 -14.51 -3.23 24.88
C ARG C 543 -14.27 -4.67 24.47
N ASP C 544 -14.07 -4.86 23.18
CA ASP C 544 -13.88 -6.17 22.58
C ASP C 544 -12.48 -6.26 21.97
N ILE C 545 -12.24 -7.33 21.22
CA ILE C 545 -10.92 -7.57 20.64
C ILE C 545 -10.54 -6.45 19.69
N ALA C 546 -11.49 -6.01 18.86
CA ALA C 546 -11.25 -4.92 17.92
C ALA C 546 -11.46 -3.55 18.54
N ASP C 547 -11.42 -3.45 19.86
CA ASP C 547 -11.68 -2.21 20.58
C ASP C 547 -13.03 -1.61 20.19
N THR C 548 -14.02 -2.48 20.03
CA THR C 548 -15.40 -2.07 19.79
C THR C 548 -16.16 -2.13 21.10
N THR C 549 -16.98 -1.12 21.34
CA THR C 549 -17.77 -1.07 22.57
C THR C 549 -18.79 -2.20 22.56
N ASP C 550 -18.56 -3.21 23.40
CA ASP C 550 -19.43 -4.37 23.47
C ASP C 550 -20.51 -4.24 24.51
N ALA C 551 -20.32 -3.39 25.52
CA ALA C 551 -21.33 -3.17 26.53
C ALA C 551 -21.20 -1.75 27.06
N VAL C 552 -22.32 -1.20 27.51
CA VAL C 552 -22.38 0.15 28.03
C VAL C 552 -23.12 0.15 29.37
N ARG C 553 -23.00 1.25 30.08
CA ARG C 553 -23.72 1.47 31.33
C ARG C 553 -24.71 2.61 31.10
N ASP C 554 -25.99 2.33 31.33
CA ASP C 554 -27.01 3.36 31.14
C ASP C 554 -26.79 4.46 32.16
N PRO C 555 -26.61 5.71 31.74
CA PRO C 555 -26.30 6.78 32.70
C PRO C 555 -27.40 7.03 33.72
N GLN C 556 -28.66 6.82 33.38
CA GLN C 556 -29.74 7.10 34.30
C GLN C 556 -30.02 5.93 35.24
N THR C 557 -30.25 4.75 34.68
CA THR C 557 -30.35 3.51 35.46
C THR C 557 -29.02 2.78 35.30
N LEU C 558 -28.26 2.71 36.39
CA LEU C 558 -26.88 2.26 36.26
C LEU C 558 -26.81 0.76 36.00
N GLU C 559 -27.34 0.32 34.87
CA GLU C 559 -27.35 -1.08 34.48
C GLU C 559 -26.46 -1.29 33.27
N ILE C 560 -26.19 -2.55 32.97
CA ILE C 560 -25.28 -2.93 31.89
C ILE C 560 -26.08 -3.43 30.71
N LEU C 561 -25.77 -2.93 29.53
CA LEU C 561 -26.44 -3.31 28.29
C LEU C 561 -25.40 -3.83 27.31
N ASP C 562 -25.60 -5.06 26.84
CA ASP C 562 -24.80 -5.61 25.76
C ASP C 562 -25.27 -5.07 24.42
N ILE C 563 -24.31 -4.76 23.55
CA ILE C 563 -24.58 -4.22 22.22
C ILE C 563 -24.20 -5.28 21.20
N THR C 564 -25.14 -5.62 20.33
CA THR C 564 -24.87 -6.63 19.32
C THR C 564 -25.17 -6.08 17.93
N PRO C 565 -24.37 -6.41 16.92
CA PRO C 565 -24.76 -6.03 15.55
C PRO C 565 -26.10 -6.63 15.22
N CYS C 566 -26.92 -5.86 14.50
CA CYS C 566 -28.35 -6.16 14.42
C CYS C 566 -28.63 -7.52 13.78
N SER C 567 -28.38 -7.64 12.48
CA SER C 567 -28.44 -8.91 11.78
C SER C 567 -27.93 -8.71 10.37
N PHE C 568 -27.09 -9.61 9.88
CA PHE C 568 -26.60 -9.48 8.51
C PHE C 568 -25.99 -10.80 8.07
N GLY C 569 -25.85 -10.92 6.76
CA GLY C 569 -25.30 -12.15 6.20
C GLY C 569 -25.08 -11.99 4.71
N GLY C 570 -24.42 -12.98 4.14
CA GLY C 570 -24.18 -12.98 2.71
C GLY C 570 -25.36 -13.53 1.94
N VAL C 571 -25.55 -13.01 0.73
CA VAL C 571 -26.64 -13.43 -0.15
C VAL C 571 -26.03 -13.76 -1.49
N SER C 572 -26.15 -15.02 -1.90
CA SER C 572 -25.71 -15.52 -3.19
C SER C 572 -26.91 -15.89 -4.03
N VAL C 573 -26.76 -15.82 -5.35
CA VAL C 573 -27.84 -16.10 -6.28
C VAL C 573 -27.44 -17.31 -7.12
N ILE C 574 -28.23 -18.37 -7.05
CA ILE C 574 -28.04 -19.55 -7.89
C ILE C 574 -28.89 -19.38 -9.14
N THR C 575 -28.26 -19.44 -10.30
CA THR C 575 -28.98 -19.24 -11.55
C THR C 575 -28.40 -20.11 -12.65
N PRO C 576 -29.25 -20.71 -13.46
CA PRO C 576 -28.80 -21.19 -14.77
C PRO C 576 -28.53 -20.01 -15.68
N GLY C 577 -28.04 -20.24 -16.88
CA GLY C 577 -27.76 -19.13 -17.77
C GLY C 577 -29.01 -18.34 -18.09
N THR C 578 -28.83 -17.03 -18.28
CA THR C 578 -29.95 -16.20 -18.72
C THR C 578 -30.42 -16.60 -20.11
N ASN C 579 -29.56 -17.25 -20.90
CA ASN C 579 -30.01 -17.83 -22.16
C ASN C 579 -30.99 -18.98 -21.94
N THR C 580 -30.97 -19.59 -20.75
CA THR C 580 -31.87 -20.70 -20.44
C THR C 580 -33.14 -20.20 -19.76
N SER C 581 -33.00 -19.49 -18.65
CA SER C 581 -34.17 -19.02 -17.91
C SER C 581 -33.78 -17.81 -17.06
N ASN C 582 -34.79 -17.05 -16.66
CA ASN C 582 -34.64 -15.96 -15.71
C ASN C 582 -34.96 -16.37 -14.28
N GLN C 583 -35.26 -17.66 -14.07
CA GLN C 583 -35.61 -18.16 -12.75
C GLN C 583 -34.35 -18.37 -11.93
N VAL C 584 -34.38 -17.91 -10.67
CA VAL C 584 -33.22 -17.97 -9.79
C VAL C 584 -33.64 -18.51 -8.43
N ALA C 585 -32.64 -18.94 -7.67
CA ALA C 585 -32.79 -19.26 -6.26
C ALA C 585 -31.82 -18.39 -5.46
N VAL C 586 -32.08 -18.25 -4.17
CA VAL C 586 -31.30 -17.38 -3.31
C VAL C 586 -30.78 -18.18 -2.13
N LEU C 587 -29.48 -18.07 -1.87
CA LEU C 587 -28.86 -18.70 -0.71
C LEU C 587 -28.46 -17.61 0.27
N TYR C 588 -29.10 -17.62 1.44
CA TYR C 588 -28.67 -16.79 2.56
C TYR C 588 -27.65 -17.60 3.35
N GLN C 589 -26.41 -17.15 3.35
CA GLN C 589 -25.30 -17.97 3.81
C GLN C 589 -25.22 -17.98 5.33
N GLY C 590 -25.14 -19.18 5.90
CA GLY C 590 -24.89 -19.34 7.32
C GLY C 590 -25.97 -18.79 8.22
N VAL C 591 -27.23 -18.96 7.83
CA VAL C 591 -28.37 -18.53 8.65
C VAL C 591 -29.36 -19.67 8.74
N ASN C 592 -29.95 -19.83 9.92
CA ASN C 592 -31.08 -20.73 10.09
C ASN C 592 -32.25 -20.22 9.26
N CYS C 593 -33.13 -21.13 8.84
CA CYS C 593 -34.28 -20.66 8.07
C CYS C 593 -35.36 -20.13 8.99
N THR C 594 -34.96 -19.29 9.95
CA THR C 594 -35.87 -18.47 10.73
C THR C 594 -35.42 -17.02 10.88
N GLU C 595 -34.12 -16.75 10.79
CA GLU C 595 -33.60 -15.39 10.77
C GLU C 595 -33.59 -14.79 9.37
N VAL C 596 -34.03 -15.55 8.37
CA VAL C 596 -34.21 -15.00 7.03
C VAL C 596 -35.18 -13.83 7.12
N PRO C 597 -34.79 -12.62 6.73
CA PRO C 597 -35.66 -11.45 6.90
C PRO C 597 -36.92 -11.59 6.06
N VAL C 598 -38.07 -11.57 6.74
CA VAL C 598 -39.35 -11.84 6.12
C VAL C 598 -40.21 -10.57 6.04
N ALA C 599 -40.10 -9.69 7.04
CA ALA C 599 -40.95 -8.51 7.12
C ALA C 599 -40.80 -7.65 5.87
N ILE C 600 -41.94 -7.21 5.34
CA ILE C 600 -41.98 -6.45 4.09
C ILE C 600 -42.10 -4.97 4.47
N HIS C 601 -40.96 -4.30 4.54
CA HIS C 601 -40.94 -2.87 4.81
C HIS C 601 -39.62 -2.31 4.28
N ALA C 602 -39.30 -1.08 4.67
CA ALA C 602 -38.05 -0.44 4.28
C ALA C 602 -37.08 -0.30 5.45
N ASP C 603 -37.25 -1.11 6.49
CA ASP C 603 -36.36 -1.09 7.66
C ASP C 603 -35.97 -2.50 8.07
N GLN C 604 -35.91 -3.42 7.11
CA GLN C 604 -35.52 -4.80 7.38
C GLN C 604 -34.48 -5.33 6.42
N LEU C 605 -34.16 -4.62 5.34
CA LEU C 605 -33.24 -5.19 4.36
C LEU C 605 -32.53 -4.10 3.57
N THR C 606 -31.23 -4.31 3.36
CA THR C 606 -30.54 -3.58 2.30
C THR C 606 -31.02 -3.96 0.91
N PRO C 607 -31.25 -5.26 0.56
CA PRO C 607 -31.88 -5.53 -0.74
C PRO C 607 -33.38 -5.27 -0.70
N THR C 608 -33.84 -4.26 -1.44
CA THR C 608 -35.26 -3.91 -1.41
C THR C 608 -36.12 -5.04 -1.95
N TRP C 609 -35.58 -5.87 -2.84
CA TRP C 609 -36.32 -7.03 -3.32
C TRP C 609 -36.48 -8.05 -2.21
N ARG C 610 -37.50 -8.89 -2.35
CA ARG C 610 -37.77 -9.93 -1.36
C ARG C 610 -38.35 -11.14 -2.09
N VAL C 611 -37.51 -12.14 -2.34
CA VAL C 611 -37.99 -13.40 -2.87
C VAL C 611 -38.93 -14.04 -1.86
N TYR C 612 -40.06 -14.55 -2.35
CA TYR C 612 -41.12 -15.08 -1.50
C TYR C 612 -40.57 -16.12 -0.53
N SER C 613 -40.61 -15.80 0.77
CA SER C 613 -39.99 -16.65 1.77
C SER C 613 -40.88 -17.79 2.24
N THR C 614 -42.13 -17.87 1.77
CA THR C 614 -43.02 -18.95 2.18
C THR C 614 -43.44 -19.83 1.02
N GLY C 615 -44.01 -19.27 -0.04
CA GLY C 615 -44.45 -20.09 -1.16
C GLY C 615 -43.29 -20.76 -1.87
N SER C 616 -42.23 -19.99 -2.15
CA SER C 616 -41.04 -20.58 -2.74
C SER C 616 -40.43 -21.57 -1.76
N ASN C 617 -40.25 -22.80 -2.21
CA ASN C 617 -39.91 -23.89 -1.31
C ASN C 617 -38.56 -23.66 -0.64
N VAL C 618 -38.58 -23.42 0.67
CA VAL C 618 -37.36 -23.16 1.41
C VAL C 618 -36.74 -24.49 1.83
N PHE C 619 -35.43 -24.46 2.02
CA PHE C 619 -34.68 -25.64 2.41
C PHE C 619 -33.52 -25.18 3.28
N GLN C 620 -33.09 -26.06 4.18
CA GLN C 620 -32.06 -25.72 5.16
C GLN C 620 -30.85 -26.60 4.92
N THR C 621 -29.76 -26.00 4.45
CA THR C 621 -28.49 -26.69 4.31
C THR C 621 -27.51 -26.13 5.33
N ARG C 622 -26.43 -26.87 5.57
CA ARG C 622 -25.39 -26.36 6.44
C ARG C 622 -24.72 -25.12 5.87
N ALA C 623 -24.87 -24.87 4.58
CA ALA C 623 -24.40 -23.63 4.00
C ALA C 623 -25.31 -22.45 4.33
N GLY C 624 -26.59 -22.71 4.59
CA GLY C 624 -27.48 -21.61 4.94
C GLY C 624 -28.93 -21.99 4.64
N CYS C 625 -29.68 -20.98 4.21
CA CYS C 625 -31.09 -21.16 3.85
C CYS C 625 -31.23 -20.93 2.35
N LEU C 626 -31.78 -21.91 1.66
CA LEU C 626 -31.93 -21.87 0.21
C LEU C 626 -33.41 -21.68 -0.12
N ILE C 627 -33.74 -20.61 -0.82
CA ILE C 627 -35.11 -20.25 -1.14
C ILE C 627 -35.28 -20.28 -2.65
N GLY C 628 -36.32 -20.96 -3.11
CA GLY C 628 -36.61 -21.04 -4.53
C GLY C 628 -36.19 -22.32 -5.21
N ALA C 629 -35.64 -23.27 -4.47
CA ALA C 629 -35.23 -24.56 -5.03
C ALA C 629 -35.96 -25.67 -4.28
N GLU C 630 -36.52 -26.61 -5.02
CA GLU C 630 -37.26 -27.73 -4.45
C GLU C 630 -36.31 -28.89 -4.22
N TYR C 631 -36.18 -29.32 -2.97
CA TYR C 631 -35.29 -30.42 -2.65
C TYR C 631 -35.86 -31.73 -3.19
N VAL C 632 -34.98 -32.55 -3.77
CA VAL C 632 -35.36 -33.80 -4.40
C VAL C 632 -34.56 -34.93 -3.75
N ASN C 633 -35.25 -36.03 -3.46
CA ASN C 633 -34.58 -37.16 -2.83
C ASN C 633 -33.65 -37.91 -3.78
N ASN C 634 -33.76 -37.67 -5.08
CA ASN C 634 -32.82 -38.27 -6.01
C ASN C 634 -31.46 -37.60 -5.88
N SER C 635 -30.44 -38.27 -6.40
CA SER C 635 -29.08 -37.76 -6.39
C SER C 635 -28.49 -37.83 -7.79
N TYR C 636 -27.99 -36.70 -8.26
CA TYR C 636 -27.37 -36.58 -9.57
C TYR C 636 -25.95 -36.06 -9.41
N GLU C 637 -25.25 -35.92 -10.52
CA GLU C 637 -23.94 -35.27 -10.50
C GLU C 637 -24.12 -33.79 -10.18
N CYS C 638 -23.11 -33.23 -9.51
CA CYS C 638 -23.20 -31.83 -9.09
C CYS C 638 -23.16 -30.91 -10.31
N ASP C 639 -24.15 -30.03 -10.40
CA ASP C 639 -24.23 -29.06 -11.49
C ASP C 639 -23.85 -27.66 -11.03
N ILE C 640 -24.52 -27.14 -10.02
CA ILE C 640 -24.17 -25.86 -9.41
C ILE C 640 -23.88 -26.10 -7.94
N PRO C 641 -22.61 -26.05 -7.52
CA PRO C 641 -22.27 -26.39 -6.12
C PRO C 641 -22.78 -25.34 -5.15
N ILE C 642 -23.62 -25.77 -4.22
CA ILE C 642 -24.11 -24.91 -3.15
C ILE C 642 -23.32 -25.10 -1.88
N GLY C 643 -22.99 -26.34 -1.52
CA GLY C 643 -22.14 -26.58 -0.38
C GLY C 643 -22.65 -27.66 0.56
N ALA C 644 -21.76 -28.20 1.39
CA ALA C 644 -22.09 -29.23 2.36
C ALA C 644 -22.76 -30.43 1.70
N GLY C 645 -22.30 -30.77 0.50
CA GLY C 645 -22.86 -31.88 -0.23
C GLY C 645 -24.12 -31.59 -1.00
N ILE C 646 -24.58 -30.34 -1.02
CA ILE C 646 -25.80 -29.97 -1.70
C ILE C 646 -25.45 -29.22 -2.98
N CYS C 647 -26.05 -29.63 -4.08
CA CYS C 647 -25.90 -28.97 -5.37
C CYS C 647 -27.28 -28.66 -5.93
N ALA C 648 -27.32 -27.82 -6.96
CA ALA C 648 -28.56 -27.39 -7.58
C ALA C 648 -28.45 -27.46 -9.09
N SER C 649 -29.59 -27.64 -9.75
CA SER C 649 -29.64 -27.70 -11.19
C SER C 649 -30.99 -27.23 -11.67
N TYR C 650 -31.14 -27.09 -12.98
CA TYR C 650 -32.37 -26.62 -13.62
C TYR C 650 -32.92 -27.77 -14.46
N GLN C 651 -33.95 -28.43 -13.95
CA GLN C 651 -34.47 -29.63 -14.59
C GLN C 651 -35.98 -29.63 -14.54
N THR C 652 -36.58 -30.51 -15.35
CA THR C 652 -38.03 -30.64 -15.42
C THR C 652 -38.61 -31.21 -14.13
N SER C 665 -43.15 -28.75 -16.87
CA SER C 665 -42.45 -27.50 -16.62
C SER C 665 -41.06 -27.75 -16.06
N GLN C 666 -40.22 -26.71 -16.06
CA GLN C 666 -38.85 -26.80 -15.58
C GLN C 666 -38.65 -25.85 -14.42
N SER C 667 -37.85 -26.27 -13.45
CA SER C 667 -37.59 -25.47 -12.26
C SER C 667 -36.23 -25.84 -11.70
N ILE C 668 -35.81 -25.09 -10.68
CA ILE C 668 -34.53 -25.32 -10.03
C ILE C 668 -34.74 -26.32 -8.88
N ILE C 669 -33.92 -27.36 -8.87
CA ILE C 669 -33.99 -28.42 -7.87
C ILE C 669 -32.67 -28.49 -7.13
N ALA C 670 -32.75 -28.73 -5.83
CA ALA C 670 -31.59 -28.94 -4.99
C ALA C 670 -31.55 -30.39 -4.55
N TYR C 671 -30.34 -30.96 -4.50
CA TYR C 671 -30.19 -32.38 -4.19
C TYR C 671 -28.85 -32.62 -3.53
N THR C 672 -28.70 -33.80 -2.96
CA THR C 672 -27.40 -34.26 -2.48
C THR C 672 -26.63 -34.85 -3.64
N MET C 673 -25.39 -34.42 -3.83
CA MET C 673 -24.62 -34.85 -4.98
C MET C 673 -24.33 -36.34 -4.91
N SER C 674 -24.21 -36.95 -6.09
CA SER C 674 -23.99 -38.38 -6.21
C SER C 674 -22.53 -38.65 -6.47
N LEU C 675 -21.92 -39.49 -5.63
CA LEU C 675 -20.50 -39.81 -5.79
C LEU C 675 -20.27 -40.77 -6.94
N GLY C 676 -21.24 -41.61 -7.26
CA GLY C 676 -21.11 -42.57 -8.33
C GLY C 676 -21.92 -43.81 -8.03
N ALA C 677 -21.98 -44.69 -9.03
CA ALA C 677 -22.73 -45.92 -8.89
C ALA C 677 -21.98 -46.91 -8.02
N GLU C 678 -22.68 -47.52 -7.07
CA GLU C 678 -22.07 -48.54 -6.25
C GLU C 678 -21.85 -49.82 -7.05
N ASN C 679 -20.76 -50.52 -6.73
CA ASN C 679 -20.38 -51.70 -7.49
C ASN C 679 -19.61 -52.64 -6.56
N SER C 680 -20.29 -53.67 -6.07
CA SER C 680 -19.62 -54.69 -5.27
C SER C 680 -18.87 -55.65 -6.17
N VAL C 681 -17.62 -55.92 -5.82
CA VAL C 681 -16.76 -56.81 -6.60
C VAL C 681 -16.94 -58.23 -6.08
N ALA C 682 -17.18 -59.17 -7.00
CA ALA C 682 -17.46 -60.55 -6.64
C ALA C 682 -16.16 -61.23 -6.23
N TYR C 683 -15.74 -60.96 -5.00
CA TYR C 683 -14.47 -61.45 -4.48
C TYR C 683 -14.66 -62.80 -3.79
N SER C 684 -13.77 -63.73 -4.08
CA SER C 684 -13.65 -64.98 -3.33
C SER C 684 -12.22 -65.47 -3.48
N ASN C 685 -11.83 -66.39 -2.60
CA ASN C 685 -10.42 -66.77 -2.52
C ASN C 685 -9.97 -67.69 -3.64
N ASN C 686 -10.84 -68.07 -4.57
CA ASN C 686 -10.39 -68.88 -5.68
C ASN C 686 -11.06 -68.48 -7.00
N SER C 687 -11.40 -67.20 -7.15
CA SER C 687 -12.03 -66.72 -8.38
C SER C 687 -11.26 -65.51 -8.89
N ILE C 688 -10.96 -65.50 -10.19
CA ILE C 688 -10.23 -64.42 -10.81
C ILE C 688 -10.92 -64.02 -12.10
N ALA C 689 -10.95 -62.72 -12.39
CA ALA C 689 -11.52 -62.21 -13.62
C ALA C 689 -10.39 -61.80 -14.56
N ILE C 690 -10.40 -62.35 -15.76
CA ILE C 690 -9.35 -62.12 -16.75
C ILE C 690 -9.99 -61.56 -18.02
N PRO C 691 -9.48 -60.47 -18.58
CA PRO C 691 -10.07 -59.92 -19.79
C PRO C 691 -9.75 -60.77 -21.01
N THR C 692 -10.75 -60.96 -21.86
CA THR C 692 -10.60 -61.71 -23.10
C THR C 692 -10.48 -60.82 -24.32
N ASN C 693 -10.49 -59.50 -24.14
CA ASN C 693 -10.45 -58.56 -25.24
C ASN C 693 -9.97 -57.23 -24.69
N PHE C 694 -9.70 -56.30 -25.58
CA PHE C 694 -9.11 -55.03 -25.19
C PHE C 694 -9.73 -53.88 -25.97
N THR C 695 -9.22 -52.69 -25.72
CA THR C 695 -9.70 -51.47 -26.37
C THR C 695 -8.56 -50.46 -26.37
N ILE C 696 -8.39 -49.77 -27.49
CA ILE C 696 -7.38 -48.73 -27.63
C ILE C 696 -8.08 -47.39 -27.44
N SER C 697 -7.68 -46.66 -26.41
CA SER C 697 -8.33 -45.40 -26.05
C SER C 697 -7.37 -44.26 -26.31
N VAL C 698 -7.87 -43.20 -26.95
CA VAL C 698 -7.11 -41.98 -27.16
C VAL C 698 -7.78 -40.88 -26.35
N THR C 699 -7.10 -40.41 -25.32
CA THR C 699 -7.60 -39.38 -24.43
C THR C 699 -6.88 -38.07 -24.70
N THR C 700 -7.52 -36.97 -24.35
CA THR C 700 -6.98 -35.64 -24.61
C THR C 700 -6.70 -34.94 -23.28
N GLU C 701 -5.48 -34.42 -23.14
CA GLU C 701 -5.10 -33.66 -21.96
C GLU C 701 -4.57 -32.30 -22.38
N ILE C 702 -5.13 -31.23 -21.83
CA ILE C 702 -4.75 -29.86 -22.15
C ILE C 702 -3.95 -29.30 -20.99
N LEU C 703 -2.80 -28.72 -21.29
CA LEU C 703 -1.94 -28.13 -20.26
C LEU C 703 -1.53 -26.73 -20.69
N PRO C 704 -1.80 -25.71 -19.88
CA PRO C 704 -1.22 -24.38 -20.15
C PRO C 704 0.29 -24.42 -20.02
N VAL C 705 0.96 -23.63 -20.85
CA VAL C 705 2.42 -23.58 -20.90
C VAL C 705 2.94 -22.17 -20.62
N SER C 706 2.40 -21.18 -21.32
CA SER C 706 2.83 -19.81 -21.15
C SER C 706 1.60 -18.91 -21.07
N MET C 707 1.83 -17.65 -20.70
CA MET C 707 0.74 -16.69 -20.67
C MET C 707 1.17 -15.40 -21.35
N THR C 708 0.32 -14.37 -21.29
CA THR C 708 0.58 -13.15 -22.02
C THR C 708 1.74 -12.39 -21.39
N LYS C 709 2.68 -11.96 -22.24
CA LYS C 709 3.79 -11.12 -21.81
C LYS C 709 3.35 -9.67 -21.90
N THR C 710 3.28 -9.00 -20.76
CA THR C 710 2.80 -7.63 -20.71
C THR C 710 3.91 -6.71 -20.20
N SER C 711 3.86 -5.46 -20.67
CA SER C 711 4.77 -4.41 -20.24
C SER C 711 3.96 -3.18 -19.87
N VAL C 712 4.40 -2.49 -18.83
CA VAL C 712 3.70 -1.32 -18.31
C VAL C 712 4.66 -0.14 -18.32
N ASP C 713 4.22 0.97 -18.91
CA ASP C 713 4.94 2.23 -18.84
C ASP C 713 4.47 2.95 -17.58
N CYS C 714 5.29 2.93 -16.55
CA CYS C 714 4.88 3.43 -15.24
C CYS C 714 4.51 4.91 -15.32
N THR C 715 5.37 5.72 -15.95
CA THR C 715 5.11 7.15 -16.04
C THR C 715 3.88 7.45 -16.86
N MET C 716 3.72 6.75 -17.99
CA MET C 716 2.56 6.99 -18.84
C MET C 716 1.26 6.59 -18.15
N TYR C 717 1.28 5.49 -17.40
CA TYR C 717 0.08 5.05 -16.70
C TYR C 717 -0.27 6.01 -15.57
N ILE C 718 0.72 6.36 -14.74
CA ILE C 718 0.45 7.17 -13.56
C ILE C 718 0.31 8.64 -13.93
N CYS C 719 1.22 9.15 -14.76
CA CYS C 719 1.39 10.58 -14.97
C CYS C 719 1.38 10.91 -16.46
N GLY C 720 0.39 10.36 -17.18
CA GLY C 720 0.35 10.50 -18.62
C GLY C 720 0.38 11.94 -19.10
N ASP C 721 1.51 12.35 -19.67
CA ASP C 721 1.70 13.71 -20.20
C ASP C 721 1.48 14.76 -19.10
N SER C 722 2.33 14.70 -18.08
CA SER C 722 2.25 15.66 -16.98
C SER C 722 3.64 15.75 -16.36
N THR C 723 4.26 16.93 -16.46
CA THR C 723 5.60 17.12 -15.92
C THR C 723 5.58 17.21 -14.40
N GLU C 724 4.59 17.91 -13.85
CA GLU C 724 4.47 18.02 -12.40
C GLU C 724 4.24 16.65 -11.77
N CYS C 725 3.38 15.84 -12.37
CA CYS C 725 3.14 14.50 -11.85
C CYS C 725 4.39 13.65 -11.94
N SER C 726 5.14 13.77 -13.03
CA SER C 726 6.37 12.98 -13.17
C SER C 726 7.39 13.39 -12.12
N ASN C 727 7.55 14.69 -11.88
CA ASN C 727 8.49 15.15 -10.87
C ASN C 727 8.08 14.68 -9.48
N LEU C 728 6.77 14.70 -9.19
CA LEU C 728 6.32 14.18 -7.91
C LEU C 728 6.54 12.67 -7.81
N LEU C 729 6.37 11.95 -8.92
CA LEU C 729 6.56 10.51 -8.93
C LEU C 729 8.02 10.15 -8.69
N LEU C 730 8.95 11.00 -9.14
CA LEU C 730 10.36 10.74 -8.88
C LEU C 730 10.65 10.64 -7.39
N GLN C 731 9.83 11.28 -6.56
CA GLN C 731 10.05 11.26 -5.12
C GLN C 731 9.81 9.90 -4.49
N TYR C 732 9.08 9.00 -5.16
CA TYR C 732 8.66 7.74 -4.58
C TYR C 732 9.66 6.61 -4.82
N GLY C 733 10.93 6.94 -5.04
CA GLY C 733 11.94 5.91 -5.09
C GLY C 733 11.91 5.10 -6.38
N SER C 734 12.24 3.83 -6.26
CA SER C 734 12.39 2.93 -7.39
C SER C 734 11.28 1.87 -7.42
N PHE C 735 10.05 2.27 -7.08
CA PHE C 735 8.92 1.36 -7.21
C PHE C 735 8.69 1.00 -8.67
N CYS C 736 8.69 1.99 -9.55
CA CYS C 736 8.44 1.74 -10.97
C CYS C 736 9.50 0.84 -11.57
N THR C 737 10.77 1.06 -11.21
CA THR C 737 11.84 0.27 -11.79
C THR C 737 11.71 -1.20 -11.41
N GLN C 738 11.36 -1.48 -10.16
CA GLN C 738 11.24 -2.88 -9.76
C GLN C 738 9.95 -3.51 -10.27
N LEU C 739 8.88 -2.75 -10.45
CA LEU C 739 7.72 -3.29 -11.17
C LEU C 739 8.09 -3.69 -12.59
N LYS C 740 8.84 -2.82 -13.27
CA LYS C 740 9.29 -3.11 -14.62
C LYS C 740 10.20 -4.33 -14.64
N ARG C 741 11.08 -4.45 -13.65
CA ARG C 741 11.96 -5.61 -13.56
C ARG C 741 11.16 -6.90 -13.36
N ALA C 742 10.15 -6.87 -12.50
CA ALA C 742 9.33 -8.05 -12.28
C ALA C 742 8.60 -8.47 -13.56
N LEU C 743 8.02 -7.49 -14.27
CA LEU C 743 7.31 -7.84 -15.50
C LEU C 743 8.26 -8.38 -16.56
N THR C 744 9.46 -7.80 -16.68
CA THR C 744 10.43 -8.33 -17.62
C THR C 744 10.83 -9.76 -17.27
N GLY C 745 11.04 -10.03 -15.99
CA GLY C 745 11.33 -11.39 -15.57
C GLY C 745 10.21 -12.35 -15.93
N ILE C 746 8.97 -11.91 -15.74
CA ILE C 746 7.83 -12.77 -16.09
C ILE C 746 7.82 -13.09 -17.57
N ALA C 747 8.07 -12.08 -18.41
CA ALA C 747 8.05 -12.30 -19.86
C ALA C 747 9.15 -13.28 -20.28
N VAL C 748 10.36 -13.08 -19.76
CA VAL C 748 11.45 -13.99 -20.08
C VAL C 748 11.12 -15.40 -19.61
N GLU C 749 10.46 -15.50 -18.45
CA GLU C 749 10.07 -16.81 -17.95
C GLU C 749 9.05 -17.48 -18.87
N GLN C 750 8.13 -16.70 -19.44
CA GLN C 750 7.17 -17.29 -20.38
C GLN C 750 7.89 -17.86 -21.60
N ASP C 751 8.85 -17.11 -22.13
CA ASP C 751 9.62 -17.63 -23.26
C ASP C 751 10.37 -18.90 -22.87
N LYS C 752 10.94 -18.92 -21.66
CA LYS C 752 11.66 -20.11 -21.20
C LYS C 752 10.72 -21.30 -21.04
N ASN C 753 9.49 -21.06 -20.56
CA ASN C 753 8.53 -22.13 -20.42
C ASN C 753 8.22 -22.76 -21.77
N THR C 754 7.95 -21.93 -22.77
CA THR C 754 7.66 -22.47 -24.10
C THR C 754 8.86 -23.26 -24.63
N GLN C 755 10.07 -22.70 -24.46
CA GLN C 755 11.27 -23.37 -24.94
C GLN C 755 11.45 -24.72 -24.27
N GLU C 756 11.26 -24.78 -22.95
CA GLU C 756 11.45 -26.03 -22.23
C GLU C 756 10.43 -27.08 -22.63
N VAL C 757 9.17 -26.66 -22.82
CA VAL C 757 8.14 -27.64 -23.15
C VAL C 757 8.37 -28.20 -24.55
N PHE C 758 8.63 -27.34 -25.53
CA PHE C 758 8.61 -27.80 -26.92
C PHE C 758 10.00 -28.11 -27.48
N ALA C 759 11.03 -27.36 -27.11
CA ALA C 759 12.35 -27.60 -27.69
C ALA C 759 13.08 -28.73 -26.99
N GLN C 760 12.44 -29.89 -26.90
CA GLN C 760 13.06 -31.07 -26.32
C GLN C 760 13.73 -31.97 -27.37
N VAL C 761 13.64 -31.62 -28.64
CA VAL C 761 14.16 -32.43 -29.72
C VAL C 761 15.36 -31.72 -30.33
N LYS C 762 16.43 -32.47 -30.55
CA LYS C 762 17.67 -31.86 -31.05
C LYS C 762 17.56 -31.51 -32.53
N GLN C 763 16.99 -32.40 -33.33
CA GLN C 763 16.92 -32.23 -34.78
C GLN C 763 15.48 -32.27 -35.25
N ILE C 764 15.19 -31.49 -36.28
CA ILE C 764 13.82 -31.42 -36.80
C ILE C 764 13.58 -32.61 -37.71
N TYR C 765 13.09 -33.70 -37.15
CA TYR C 765 12.81 -34.89 -37.93
C TYR C 765 11.62 -34.67 -38.84
N LYS C 766 11.47 -35.56 -39.83
CA LYS C 766 10.32 -35.51 -40.72
C LYS C 766 10.06 -36.90 -41.26
N THR C 767 8.79 -37.22 -41.46
CA THR C 767 8.38 -38.53 -41.93
C THR C 767 8.68 -38.68 -43.42
N PRO C 768 8.88 -39.91 -43.88
CA PRO C 768 9.09 -40.15 -45.31
C PRO C 768 7.83 -39.88 -46.09
N PRO C 769 7.92 -39.67 -47.41
CA PRO C 769 6.71 -39.39 -48.20
C PRO C 769 5.66 -40.48 -48.13
N ILE C 770 6.08 -41.75 -47.98
CA ILE C 770 5.11 -42.82 -47.80
C ILE C 770 4.47 -42.70 -46.42
N LYS C 771 3.19 -43.01 -46.32
CA LYS C 771 2.44 -42.83 -45.10
C LYS C 771 1.71 -44.10 -44.69
N TYR C 772 2.37 -45.24 -44.80
CA TYR C 772 1.82 -46.51 -44.32
C TYR C 772 2.58 -46.92 -43.07
N PHE C 773 2.06 -46.54 -41.91
CA PHE C 773 2.64 -46.94 -40.64
C PHE C 773 1.89 -48.15 -40.07
N GLY C 774 1.90 -49.23 -40.83
CA GLY C 774 1.31 -50.48 -40.39
C GLY C 774 -0.19 -50.42 -40.20
N GLY C 775 -0.90 -49.63 -41.01
CA GLY C 775 -2.33 -49.53 -40.93
C GLY C 775 -2.83 -48.37 -40.07
N PHE C 776 -1.98 -47.82 -39.23
CA PHE C 776 -2.35 -46.68 -38.40
C PHE C 776 -2.38 -45.42 -39.25
N ASN C 777 -3.35 -44.56 -38.98
CA ASN C 777 -3.62 -43.39 -39.81
C ASN C 777 -3.32 -42.14 -38.99
N PHE C 778 -2.19 -41.48 -39.29
CA PHE C 778 -1.76 -40.29 -38.60
C PHE C 778 -2.00 -39.03 -39.42
N SER C 779 -2.80 -39.10 -40.48
CA SER C 779 -2.97 -37.96 -41.37
C SER C 779 -3.58 -36.76 -40.67
N GLN C 780 -4.33 -36.97 -39.59
CA GLN C 780 -4.99 -35.88 -38.90
C GLN C 780 -4.11 -35.22 -37.84
N ILE C 781 -2.95 -35.78 -37.54
CA ILE C 781 -2.01 -35.16 -36.63
C ILE C 781 -0.70 -34.77 -37.29
N LEU C 782 -0.39 -35.29 -38.47
CA LEU C 782 0.78 -34.85 -39.22
C LEU C 782 0.49 -33.54 -39.93
N PRO C 783 1.52 -32.76 -40.25
CA PRO C 783 1.30 -31.44 -40.85
C PRO C 783 0.63 -31.54 -42.21
N ASP C 784 -0.13 -30.48 -42.55
CA ASP C 784 -0.70 -30.34 -43.87
C ASP C 784 0.10 -29.32 -44.66
N PRO C 785 0.85 -29.73 -45.69
CA PRO C 785 1.61 -28.74 -46.48
C PRO C 785 0.73 -27.75 -47.21
N SER C 786 -0.55 -28.06 -47.43
CA SER C 786 -1.43 -27.14 -48.14
C SER C 786 -1.60 -25.82 -47.39
N LYS C 787 -1.75 -25.88 -46.07
CA LYS C 787 -2.02 -24.69 -45.30
C LYS C 787 -0.77 -23.80 -45.23
N PRO C 788 -0.96 -22.48 -45.11
CA PRO C 788 0.20 -21.57 -44.98
C PRO C 788 1.04 -21.91 -43.76
N SER C 789 0.41 -21.93 -42.59
CA SER C 789 1.05 -22.46 -41.39
C SER C 789 0.92 -23.97 -41.40
N LYS C 790 2.06 -24.67 -41.44
CA LYS C 790 2.03 -26.11 -41.61
C LYS C 790 1.57 -26.81 -40.34
N ARG C 791 0.32 -26.60 -39.95
CA ARG C 791 -0.28 -27.25 -38.81
C ARG C 791 -1.12 -28.43 -39.27
N SER C 792 -1.38 -29.33 -38.33
CA SER C 792 -2.24 -30.47 -38.62
C SER C 792 -3.70 -30.04 -38.59
N PHE C 793 -4.59 -30.98 -38.91
CA PHE C 793 -6.02 -30.71 -38.84
C PHE C 793 -6.45 -30.41 -37.40
N ILE C 794 -6.01 -31.25 -36.46
CA ILE C 794 -6.39 -31.09 -35.07
C ILE C 794 -5.79 -29.82 -34.48
N GLU C 795 -4.55 -29.48 -34.88
CA GLU C 795 -3.96 -28.24 -34.41
C GLU C 795 -4.73 -27.03 -34.90
N ASP C 796 -5.24 -27.08 -36.13
CA ASP C 796 -6.07 -26.00 -36.64
C ASP C 796 -7.38 -25.90 -35.86
N LEU C 797 -7.99 -27.04 -35.54
CA LEU C 797 -9.19 -27.00 -34.71
C LEU C 797 -8.90 -26.37 -33.36
N LEU C 798 -7.79 -26.75 -32.73
CA LEU C 798 -7.43 -26.19 -31.44
C LEU C 798 -7.19 -24.70 -31.53
N PHE C 799 -6.52 -24.25 -32.60
CA PHE C 799 -6.29 -22.82 -32.77
C PHE C 799 -7.59 -22.06 -32.94
N ASN C 800 -8.54 -22.63 -33.69
CA ASN C 800 -9.84 -21.99 -33.81
C ASN C 800 -10.64 -22.04 -32.51
N LYS C 801 -10.30 -22.94 -31.60
CA LYS C 801 -11.04 -23.02 -30.34
C LYS C 801 -10.62 -21.98 -29.31
N VAL C 802 -9.47 -21.33 -29.49
CA VAL C 802 -8.98 -20.33 -28.54
C VAL C 802 -8.77 -19.01 -29.28
N THR C 803 -9.36 -17.94 -28.74
CA THR C 803 -9.28 -16.61 -29.34
C THR C 803 -8.43 -15.72 -28.44
N LEU C 804 -7.24 -15.36 -28.91
CA LEU C 804 -6.38 -14.47 -28.15
C LEU C 804 -6.94 -13.06 -28.14
N ALA C 805 -6.89 -12.42 -26.98
CA ALA C 805 -7.32 -11.03 -26.86
C ALA C 805 -6.38 -10.11 -27.62
N ASP C 806 -5.08 -10.28 -27.41
CA ASP C 806 -4.07 -9.46 -28.08
C ASP C 806 -2.86 -10.34 -28.37
N ALA C 807 -2.52 -10.46 -29.65
CA ALA C 807 -1.37 -11.27 -30.05
C ALA C 807 -0.04 -10.57 -29.84
N GLY C 808 -0.05 -9.27 -29.54
CA GLY C 808 1.18 -8.53 -29.33
C GLY C 808 1.89 -8.08 -30.59
N PHE C 809 1.26 -8.21 -31.75
CA PHE C 809 1.89 -7.84 -33.01
C PHE C 809 1.78 -6.33 -33.22
N ILE C 810 2.14 -5.86 -34.41
CA ILE C 810 2.18 -4.44 -34.70
C ILE C 810 0.75 -3.89 -34.73
N LYS C 811 0.54 -2.79 -34.01
CA LYS C 811 -0.74 -2.08 -34.01
C LYS C 811 -0.54 -0.77 -34.76
N GLN C 812 -1.21 -0.62 -35.89
CA GLN C 812 -1.10 0.59 -36.68
C GLN C 812 -1.67 1.77 -35.91
N TYR C 813 -1.05 2.94 -36.11
CA TYR C 813 -1.52 4.14 -35.42
C TYR C 813 -2.93 4.52 -35.88
N GLY C 814 -3.21 4.38 -37.18
CA GLY C 814 -4.54 4.64 -37.67
C GLY C 814 -5.58 3.65 -37.20
N ASP C 815 -5.14 2.48 -36.71
CA ASP C 815 -6.10 1.50 -36.19
C ASP C 815 -6.84 2.05 -34.99
N CYS C 816 -6.14 2.73 -34.08
CA CYS C 816 -6.79 3.39 -32.96
C CYS C 816 -7.15 4.84 -33.27
N LEU C 817 -6.50 5.45 -34.25
CA LEU C 817 -6.89 6.79 -34.68
C LEU C 817 -8.21 6.81 -35.43
N GLY C 818 -8.62 5.67 -36.01
CA GLY C 818 -9.85 5.63 -36.78
C GLY C 818 -11.08 5.92 -35.97
N ASP C 819 -11.06 5.61 -34.67
CA ASP C 819 -12.13 5.91 -33.73
C ASP C 819 -13.43 5.19 -34.08
N ILE C 820 -13.36 4.12 -34.87
CA ILE C 820 -14.54 3.34 -35.23
C ILE C 820 -14.28 1.89 -34.85
N ALA C 821 -13.02 1.57 -34.54
CA ALA C 821 -12.63 0.20 -34.26
C ALA C 821 -13.36 -0.33 -33.02
N ALA C 822 -13.70 -1.62 -33.06
CA ALA C 822 -14.32 -2.31 -31.94
C ALA C 822 -13.31 -2.78 -30.90
N ARG C 823 -12.02 -2.52 -31.11
CA ARG C 823 -10.96 -2.88 -30.18
C ARG C 823 -10.65 -1.77 -29.19
N ASP C 824 -11.66 -0.97 -28.81
CA ASP C 824 -11.43 0.17 -27.94
C ASP C 824 -10.78 -0.22 -26.61
N LEU C 825 -10.99 -1.46 -26.16
CA LEU C 825 -10.31 -1.91 -24.95
C LEU C 825 -8.80 -1.95 -25.15
N ILE C 826 -8.35 -2.51 -26.28
CA ILE C 826 -6.92 -2.60 -26.53
C ILE C 826 -6.32 -1.22 -26.78
N CYS C 827 -7.06 -0.34 -27.47
CA CYS C 827 -6.58 1.02 -27.68
C CYS C 827 -6.46 1.77 -26.36
N ALA C 828 -7.45 1.60 -25.47
CA ALA C 828 -7.38 2.23 -24.16
C ALA C 828 -6.21 1.69 -23.35
N GLN C 829 -5.96 0.38 -23.42
CA GLN C 829 -4.81 -0.20 -22.74
C GLN C 829 -3.50 0.37 -23.28
N LYS C 830 -3.40 0.49 -24.61
CA LYS C 830 -2.15 0.93 -25.21
C LYS C 830 -1.91 2.41 -24.98
N PHE C 831 -2.98 3.21 -24.92
CA PHE C 831 -2.83 4.64 -24.71
C PHE C 831 -2.46 4.98 -23.27
N ASN C 832 -2.58 4.04 -22.35
CA ASN C 832 -2.22 4.25 -20.96
C ASN C 832 -0.95 3.49 -20.56
N GLY C 833 -0.14 3.09 -21.54
CA GLY C 833 1.14 2.49 -21.26
C GLY C 833 1.15 0.99 -21.09
N LEU C 834 0.01 0.32 -21.22
CA LEU C 834 -0.09 -1.12 -21.05
C LEU C 834 -0.03 -1.79 -22.42
N THR C 835 1.05 -2.49 -22.71
CA THR C 835 1.25 -3.11 -24.01
C THR C 835 1.54 -4.59 -23.82
N VAL C 836 1.42 -5.34 -24.91
CA VAL C 836 1.65 -6.78 -24.92
C VAL C 836 2.79 -7.07 -25.89
N LEU C 837 3.80 -7.79 -25.42
CA LEU C 837 4.98 -8.21 -26.17
C LEU C 837 4.71 -9.54 -26.85
N PRO C 838 5.19 -9.73 -28.08
CA PRO C 838 4.96 -10.98 -28.79
C PRO C 838 5.87 -12.08 -28.26
N PRO C 839 5.41 -13.32 -28.26
CA PRO C 839 6.28 -14.43 -27.84
C PRO C 839 7.43 -14.63 -28.81
N LEU C 840 8.55 -15.12 -28.26
CA LEU C 840 9.74 -15.32 -29.07
C LEU C 840 9.52 -16.34 -30.17
N LEU C 841 8.86 -17.45 -29.84
CA LEU C 841 8.61 -18.52 -30.80
C LEU C 841 7.25 -18.30 -31.45
N THR C 842 7.25 -18.12 -32.77
CA THR C 842 6.00 -18.00 -33.50
C THR C 842 5.24 -19.32 -33.50
N ASP C 843 3.95 -19.25 -33.84
CA ASP C 843 3.14 -20.46 -33.87
C ASP C 843 3.65 -21.46 -34.90
N GLU C 844 4.24 -20.98 -35.99
CA GLU C 844 4.81 -21.89 -36.97
C GLU C 844 6.00 -22.65 -36.40
N MET C 845 6.82 -21.99 -35.57
CA MET C 845 7.93 -22.69 -34.95
C MET C 845 7.46 -23.74 -33.97
N ILE C 846 6.41 -23.43 -33.19
CA ILE C 846 5.85 -24.44 -32.29
C ILE C 846 5.30 -25.61 -33.08
N ALA C 847 4.64 -25.32 -34.21
CA ALA C 847 4.13 -26.39 -35.05
C ALA C 847 5.26 -27.24 -35.60
N GLN C 848 6.37 -26.61 -35.98
CA GLN C 848 7.53 -27.38 -36.45
C GLN C 848 8.09 -28.27 -35.34
N TYR C 849 8.16 -27.74 -34.12
CA TYR C 849 8.64 -28.54 -33.00
C TYR C 849 7.75 -29.75 -32.75
N THR C 850 6.44 -29.54 -32.73
CA THR C 850 5.53 -30.65 -32.53
C THR C 850 5.60 -31.65 -33.67
N SER C 851 5.76 -31.16 -34.90
CA SER C 851 5.91 -32.05 -36.04
C SER C 851 7.17 -32.89 -35.93
N ALA C 852 8.27 -32.29 -35.49
CA ALA C 852 9.51 -33.03 -35.31
C ALA C 852 9.35 -34.10 -34.24
N LEU C 853 8.74 -33.74 -33.11
CA LEU C 853 8.50 -34.72 -32.07
C LEU C 853 7.63 -35.87 -32.56
N LEU C 854 6.57 -35.54 -33.31
CA LEU C 854 5.67 -36.56 -33.82
C LEU C 854 6.37 -37.47 -34.82
N ALA C 855 7.15 -36.91 -35.74
CA ALA C 855 7.86 -37.72 -36.71
C ALA C 855 8.87 -38.63 -36.04
N GLY C 856 9.60 -38.11 -35.06
CA GLY C 856 10.53 -38.94 -34.32
C GLY C 856 9.84 -40.08 -33.60
N THR C 857 8.72 -39.78 -32.94
CA THR C 857 7.99 -40.83 -32.23
C THR C 857 7.47 -41.89 -33.19
N ILE C 858 6.94 -41.47 -34.33
CA ILE C 858 6.34 -42.43 -35.26
C ILE C 858 7.41 -43.29 -35.92
N THR C 859 8.51 -42.68 -36.35
CA THR C 859 9.49 -43.41 -37.14
C THR C 859 10.60 -44.05 -36.32
N SER C 860 10.73 -43.74 -35.04
CA SER C 860 11.84 -44.28 -34.27
C SER C 860 11.47 -44.73 -32.86
N GLY C 861 10.20 -44.68 -32.48
CA GLY C 861 9.84 -45.10 -31.13
C GLY C 861 10.41 -44.16 -30.09
N TRP C 862 10.92 -44.72 -29.00
CA TRP C 862 11.54 -43.95 -27.94
C TRP C 862 13.04 -43.81 -28.13
N THR C 863 13.60 -44.34 -29.20
CA THR C 863 15.05 -44.35 -29.36
C THR C 863 15.59 -42.96 -29.63
N PHE C 864 14.78 -42.06 -30.19
CA PHE C 864 15.27 -40.72 -30.51
C PHE C 864 15.38 -39.84 -29.28
N GLY C 865 14.75 -40.23 -28.18
CA GLY C 865 14.89 -39.49 -26.94
C GLY C 865 16.12 -39.82 -26.14
N ALA C 866 16.80 -40.92 -26.46
CA ALA C 866 18.04 -41.31 -25.79
C ALA C 866 19.27 -40.92 -26.61
N GLY C 867 19.34 -41.37 -27.85
CA GLY C 867 20.44 -41.00 -28.73
C GLY C 867 19.98 -40.65 -30.12
N ALA C 868 20.66 -41.19 -31.13
CA ALA C 868 20.23 -41.00 -32.50
C ALA C 868 18.94 -41.78 -32.77
N ALA C 869 18.10 -41.22 -33.63
CA ALA C 869 16.85 -41.88 -33.97
C ALA C 869 17.13 -43.14 -34.77
N LEU C 870 16.63 -44.27 -34.27
CA LEU C 870 16.82 -45.57 -34.91
C LEU C 870 15.47 -46.02 -35.46
N GLN C 871 15.39 -46.13 -36.78
CA GLN C 871 14.11 -46.46 -37.40
C GLN C 871 13.69 -47.88 -37.05
N ILE C 872 12.39 -48.10 -37.01
CA ILE C 872 11.80 -49.40 -36.72
C ILE C 872 10.38 -49.41 -37.26
N PRO C 873 9.93 -50.50 -37.88
CA PRO C 873 8.55 -50.54 -38.37
C PRO C 873 7.56 -50.29 -37.25
N PHE C 874 6.49 -49.56 -37.56
CA PHE C 874 5.59 -49.10 -36.51
C PHE C 874 4.89 -50.26 -35.83
N ALA C 875 4.58 -51.33 -36.58
CA ALA C 875 3.96 -52.49 -35.96
C ALA C 875 4.89 -53.11 -34.92
N MET C 876 6.19 -53.19 -35.23
CA MET C 876 7.14 -53.74 -34.27
C MET C 876 7.30 -52.83 -33.06
N GLN C 877 7.24 -51.51 -33.27
CA GLN C 877 7.28 -50.59 -32.15
C GLN C 877 6.06 -50.76 -31.25
N MET C 878 4.88 -50.93 -31.85
CA MET C 878 3.69 -51.17 -31.04
C MET C 878 3.76 -52.51 -30.32
N ALA C 879 4.39 -53.50 -30.93
CA ALA C 879 4.64 -54.76 -30.23
C ALA C 879 5.57 -54.56 -29.05
N TYR C 880 6.58 -53.70 -29.20
CA TYR C 880 7.43 -53.34 -28.07
C TYR C 880 6.62 -52.71 -26.95
N ARG C 881 5.70 -51.80 -27.30
CA ARG C 881 4.86 -51.19 -26.28
C ARG C 881 3.97 -52.22 -25.60
N PHE C 882 3.42 -53.15 -26.36
CA PHE C 882 2.60 -54.21 -25.78
C PHE C 882 3.42 -55.05 -24.81
N ASN C 883 4.65 -55.39 -25.18
CA ASN C 883 5.55 -56.03 -24.23
C ASN C 883 5.78 -55.15 -23.01
N GLY C 884 5.81 -53.83 -23.20
CA GLY C 884 6.05 -52.93 -22.10
C GLY C 884 4.90 -52.81 -21.13
N ILE C 885 3.68 -53.11 -21.56
CA ILE C 885 2.53 -53.12 -20.65
C ILE C 885 2.20 -54.53 -20.19
N GLY C 886 3.05 -55.51 -20.48
CA GLY C 886 2.83 -56.85 -19.99
C GLY C 886 2.00 -57.76 -20.86
N VAL C 887 1.82 -57.43 -22.14
CA VAL C 887 1.07 -58.26 -23.08
C VAL C 887 2.04 -58.76 -24.13
N THR C 888 2.03 -60.07 -24.38
CA THR C 888 2.94 -60.65 -25.36
C THR C 888 2.66 -60.08 -26.75
N GLN C 889 3.73 -59.91 -27.53
CA GLN C 889 3.64 -59.20 -28.80
C GLN C 889 2.82 -59.95 -29.84
N ASN C 890 2.65 -61.27 -29.69
CA ASN C 890 1.80 -61.99 -30.63
C ASN C 890 0.37 -61.51 -30.56
N VAL C 891 -0.06 -60.95 -29.43
CA VAL C 891 -1.38 -60.34 -29.35
C VAL C 891 -1.48 -59.17 -30.30
N LEU C 892 -0.45 -58.33 -30.34
CA LEU C 892 -0.43 -57.21 -31.29
C LEU C 892 -0.38 -57.72 -32.73
N TYR C 893 0.48 -58.70 -33.00
CA TYR C 893 0.66 -59.15 -34.37
C TYR C 893 -0.56 -59.89 -34.91
N GLU C 894 -1.33 -60.53 -34.03
CA GLU C 894 -2.50 -61.27 -34.47
C GLU C 894 -3.77 -60.45 -34.44
N ASN C 895 -3.74 -59.24 -33.87
CA ASN C 895 -4.88 -58.34 -33.86
C ASN C 895 -4.52 -56.99 -34.48
N GLN C 896 -3.54 -56.98 -35.40
CA GLN C 896 -2.99 -55.72 -35.88
C GLN C 896 -4.05 -54.86 -36.55
N LYS C 897 -4.87 -55.47 -37.43
CA LYS C 897 -5.88 -54.71 -38.13
C LYS C 897 -6.94 -54.18 -37.17
N LEU C 898 -7.34 -55.00 -36.19
CA LEU C 898 -8.32 -54.55 -35.21
C LEU C 898 -7.79 -53.38 -34.40
N ILE C 899 -6.52 -53.45 -33.98
CA ILE C 899 -5.93 -52.37 -33.20
C ILE C 899 -5.82 -51.10 -34.03
N ALA C 900 -5.42 -51.25 -35.29
CA ALA C 900 -5.34 -50.08 -36.17
C ALA C 900 -6.71 -49.44 -36.36
N ASN C 901 -7.75 -50.25 -36.55
CA ASN C 901 -9.09 -49.71 -36.71
C ASN C 901 -9.56 -49.00 -35.44
N GLN C 902 -9.27 -49.58 -34.27
CA GLN C 902 -9.66 -48.93 -33.02
C GLN C 902 -8.95 -47.60 -32.86
N PHE C 903 -7.66 -47.56 -33.17
CA PHE C 903 -6.91 -46.30 -33.07
C PHE C 903 -7.46 -45.25 -34.03
N ASN C 904 -7.76 -45.65 -35.26
CA ASN C 904 -8.31 -44.71 -36.24
C ASN C 904 -9.67 -44.18 -35.79
N SER C 905 -10.52 -45.06 -35.25
CA SER C 905 -11.82 -44.63 -34.78
C SER C 905 -11.68 -43.68 -33.60
N ALA C 906 -10.75 -43.94 -32.70
CA ALA C 906 -10.53 -43.04 -31.56
C ALA C 906 -10.06 -41.67 -32.03
N ILE C 907 -9.16 -41.65 -33.02
CA ILE C 907 -8.70 -40.36 -33.56
C ILE C 907 -9.85 -39.61 -34.21
N GLY C 908 -10.70 -40.34 -34.95
CA GLY C 908 -11.86 -39.70 -35.56
C GLY C 908 -12.82 -39.13 -34.52
N LYS C 909 -13.02 -39.86 -33.42
CA LYS C 909 -13.87 -39.35 -32.36
C LYS C 909 -13.28 -38.13 -31.68
N ILE C 910 -11.95 -38.09 -31.54
CA ILE C 910 -11.29 -36.88 -31.05
C ILE C 910 -11.56 -35.71 -31.99
N GLN C 911 -11.44 -35.96 -33.30
CA GLN C 911 -11.75 -34.94 -34.29
C GLN C 911 -13.17 -34.41 -34.11
N ASP C 912 -14.14 -35.31 -34.00
CA ASP C 912 -15.54 -34.88 -33.89
C ASP C 912 -15.77 -34.13 -32.59
N SER C 913 -15.19 -34.59 -31.49
CA SER C 913 -15.35 -33.90 -30.21
C SER C 913 -14.79 -32.49 -30.28
N LEU C 914 -13.63 -32.31 -30.92
CA LEU C 914 -13.06 -30.98 -31.04
C LEU C 914 -13.89 -30.11 -31.98
N SER C 915 -14.40 -30.69 -33.07
CA SER C 915 -15.12 -29.91 -34.06
C SER C 915 -16.56 -29.60 -33.66
N SER C 916 -17.10 -30.27 -32.65
CA SER C 916 -18.48 -30.03 -32.22
C SER C 916 -18.55 -29.12 -31.00
N THR C 917 -17.89 -29.50 -29.90
CA THR C 917 -17.98 -28.74 -28.65
C THR C 917 -17.04 -27.55 -28.71
N ALA C 918 -17.60 -26.35 -28.71
CA ALA C 918 -16.78 -25.14 -28.72
C ALA C 918 -16.04 -24.95 -27.40
N SER C 919 -16.69 -25.28 -26.29
CA SER C 919 -16.10 -25.11 -24.96
C SER C 919 -15.30 -26.35 -24.57
N ALA C 920 -14.19 -26.55 -25.27
CA ALA C 920 -13.29 -27.66 -25.02
C ALA C 920 -11.99 -27.24 -24.35
N LEU C 921 -11.32 -26.21 -24.88
CA LEU C 921 -10.07 -25.73 -24.32
C LEU C 921 -10.36 -24.68 -23.25
N GLY C 922 -10.88 -25.17 -22.13
CA GLY C 922 -11.27 -24.27 -21.05
C GLY C 922 -10.08 -23.59 -20.38
N LYS C 923 -9.00 -24.34 -20.16
CA LYS C 923 -7.88 -23.81 -19.38
C LYS C 923 -7.16 -22.68 -20.10
N LEU C 924 -6.86 -22.88 -21.39
CA LEU C 924 -6.16 -21.84 -22.15
C LEU C 924 -6.99 -20.58 -22.24
N GLN C 925 -8.28 -20.72 -22.53
CA GLN C 925 -9.16 -19.57 -22.58
C GLN C 925 -9.27 -18.90 -21.22
N ASP C 926 -9.25 -19.67 -20.13
CA ASP C 926 -9.24 -19.08 -18.81
C ASP C 926 -7.99 -18.24 -18.58
N VAL C 927 -6.84 -18.74 -19.03
CA VAL C 927 -5.59 -17.98 -18.90
C VAL C 927 -5.71 -16.66 -19.65
N VAL C 928 -6.15 -16.72 -20.91
CA VAL C 928 -6.25 -15.52 -21.73
C VAL C 928 -7.24 -14.53 -21.11
N ASN C 929 -8.38 -15.03 -20.65
CA ASN C 929 -9.40 -14.17 -20.06
C ASN C 929 -8.91 -13.54 -18.76
N HIS C 930 -8.17 -14.29 -17.95
CA HIS C 930 -7.65 -13.72 -16.71
C HIS C 930 -6.67 -12.59 -17.01
N ASN C 931 -5.77 -12.79 -17.96
CA ASN C 931 -4.83 -11.72 -18.28
C ASN C 931 -5.55 -10.49 -18.84
N ALA C 932 -6.49 -10.70 -19.75
CA ALA C 932 -7.22 -9.59 -20.33
C ALA C 932 -8.03 -8.84 -19.27
N GLN C 933 -8.67 -9.59 -18.37
CA GLN C 933 -9.45 -8.96 -17.30
C GLN C 933 -8.56 -8.16 -16.36
N ALA C 934 -7.37 -8.69 -16.06
CA ALA C 934 -6.44 -7.94 -15.22
C ALA C 934 -6.05 -6.63 -15.88
N LEU C 935 -5.75 -6.66 -17.18
CA LEU C 935 -5.41 -5.41 -17.87
C LEU C 935 -6.58 -4.44 -17.90
N ASN C 936 -7.79 -4.94 -18.14
CA ASN C 936 -8.96 -4.07 -18.18
C ASN C 936 -9.24 -3.45 -16.82
N THR C 937 -9.07 -4.22 -15.74
CA THR C 937 -9.23 -3.67 -14.41
C THR C 937 -8.18 -2.60 -14.13
N LEU C 938 -6.94 -2.85 -14.55
CA LEU C 938 -5.90 -1.85 -14.36
C LEU C 938 -6.24 -0.56 -15.11
N VAL C 939 -6.82 -0.68 -16.31
CA VAL C 939 -7.23 0.51 -17.05
C VAL C 939 -8.36 1.23 -16.32
N LYS C 940 -9.37 0.48 -15.88
CA LYS C 940 -10.52 1.12 -15.24
C LYS C 940 -10.18 1.74 -13.89
N GLN C 941 -9.07 1.31 -13.27
CA GLN C 941 -8.64 1.95 -12.03
C GLN C 941 -8.28 3.42 -12.22
N LEU C 942 -8.08 3.87 -13.45
CA LEU C 942 -7.66 5.25 -13.70
C LEU C 942 -8.80 6.25 -13.50
N SER C 943 -10.04 5.79 -13.37
CA SER C 943 -11.17 6.70 -13.19
C SER C 943 -11.48 6.94 -11.72
N SER C 944 -10.68 6.43 -10.80
CA SER C 944 -10.93 6.56 -9.38
C SER C 944 -10.24 7.80 -8.82
N LYS C 945 -10.96 8.54 -7.99
CA LYS C 945 -10.42 9.76 -7.40
C LYS C 945 -9.42 9.48 -6.28
N PHE C 946 -9.59 8.37 -5.58
CA PHE C 946 -8.75 8.04 -4.42
C PHE C 946 -8.77 9.14 -3.37
N GLY C 947 -9.91 9.81 -3.22
CA GLY C 947 -10.03 10.89 -2.27
C GLY C 947 -9.69 12.26 -2.80
N ALA C 948 -9.14 12.36 -4.00
CA ALA C 948 -8.83 13.65 -4.59
C ALA C 948 -10.10 14.30 -5.13
N ILE C 949 -9.97 15.58 -5.52
CA ILE C 949 -11.13 16.30 -6.03
C ILE C 949 -11.55 15.76 -7.39
N SER C 950 -10.60 15.27 -8.19
CA SER C 950 -10.91 14.75 -9.50
C SER C 950 -9.92 13.64 -9.84
N SER C 951 -10.33 12.77 -10.76
CA SER C 951 -9.48 11.70 -11.23
C SER C 951 -8.66 12.08 -12.45
N VAL C 952 -8.77 13.32 -12.92
CA VAL C 952 -8.05 13.81 -14.09
C VAL C 952 -6.97 14.76 -13.62
N LEU C 953 -5.72 14.50 -14.01
CA LEU C 953 -4.61 15.34 -13.59
C LEU C 953 -4.74 16.75 -14.15
N ASN C 954 -5.18 16.86 -15.39
CA ASN C 954 -5.29 18.18 -16.02
C ASN C 954 -6.30 19.07 -15.30
N ASP C 955 -7.42 18.48 -14.86
CA ASP C 955 -8.40 19.26 -14.10
C ASP C 955 -7.81 19.73 -12.78
N ILE C 956 -7.07 18.87 -12.09
CA ILE C 956 -6.44 19.26 -10.84
C ILE C 956 -5.44 20.39 -11.08
N LEU C 957 -4.65 20.29 -12.13
CA LEU C 957 -3.66 21.32 -12.41
C LEU C 957 -4.32 22.64 -12.80
N SER C 958 -5.43 22.57 -13.52
CA SER C 958 -6.10 23.80 -13.96
C SER C 958 -6.88 24.47 -12.85
N ARG C 959 -7.47 23.70 -11.94
CA ARG C 959 -8.35 24.28 -10.93
C ARG C 959 -7.62 24.67 -9.65
N LEU C 960 -6.36 24.32 -9.48
CA LEU C 960 -5.66 24.58 -8.23
C LEU C 960 -4.27 25.15 -8.50
N ASP C 961 -3.78 25.92 -7.53
CA ASP C 961 -2.42 26.41 -7.60
C ASP C 961 -1.43 25.28 -7.32
N PRO C 962 -0.18 25.42 -7.75
CA PRO C 962 0.80 24.33 -7.62
C PRO C 962 0.85 23.70 -6.23
N PRO C 963 0.97 24.49 -5.15
CA PRO C 963 1.13 23.84 -3.83
C PRO C 963 -0.05 22.97 -3.44
N GLU C 964 -1.28 23.47 -3.56
CA GLU C 964 -2.45 22.65 -3.28
C GLU C 964 -2.55 21.48 -4.27
N ALA C 965 -2.30 21.75 -5.55
CA ALA C 965 -2.41 20.71 -6.57
C ALA C 965 -1.45 19.56 -6.29
N GLU C 966 -0.32 19.84 -5.66
CA GLU C 966 0.64 18.77 -5.36
C GLU C 966 0.02 17.72 -4.44
N VAL C 967 -0.85 18.13 -3.53
CA VAL C 967 -1.49 17.19 -2.61
C VAL C 967 -2.41 16.23 -3.37
N GLN C 968 -3.25 16.78 -4.25
CA GLN C 968 -4.16 15.94 -5.02
C GLN C 968 -3.39 15.03 -5.97
N ILE C 969 -2.33 15.55 -6.58
CA ILE C 969 -1.51 14.72 -7.46
C ILE C 969 -0.84 13.61 -6.65
N ASP C 970 -0.42 13.89 -5.42
CA ASP C 970 0.14 12.86 -4.57
C ASP C 970 -0.88 11.77 -4.27
N ARG C 971 -2.12 12.17 -3.98
CA ARG C 971 -3.16 11.17 -3.72
C ARG C 971 -3.38 10.28 -4.94
N LEU C 972 -3.47 10.89 -6.12
CA LEU C 972 -3.66 10.10 -7.34
C LEU C 972 -2.46 9.19 -7.59
N ILE C 973 -1.25 9.69 -7.37
CA ILE C 973 -0.04 8.90 -7.60
C ILE C 973 -0.04 7.69 -6.67
N THR C 974 -0.37 7.90 -5.40
CA THR C 974 -0.40 6.79 -4.45
C THR C 974 -1.44 5.75 -4.87
N GLY C 975 -2.64 6.19 -5.26
CA GLY C 975 -3.66 5.24 -5.66
C GLY C 975 -3.25 4.43 -6.88
N ARG C 976 -2.73 5.10 -7.91
CA ARG C 976 -2.36 4.39 -9.12
C ARG C 976 -1.15 3.49 -8.90
N LEU C 977 -0.23 3.90 -8.04
CA LEU C 977 0.91 3.05 -7.69
C LEU C 977 0.44 1.80 -6.96
N GLN C 978 -0.53 1.94 -6.06
CA GLN C 978 -1.08 0.77 -5.39
C GLN C 978 -1.77 -0.17 -6.37
N SER C 979 -2.51 0.39 -7.34
CA SER C 979 -3.13 -0.45 -8.35
C SER C 979 -2.09 -1.21 -9.16
N LEU C 980 -1.00 -0.53 -9.54
CA LEU C 980 0.07 -1.20 -10.28
C LEU C 980 0.71 -2.30 -9.45
N GLN C 981 0.94 -2.04 -8.16
CA GLN C 981 1.54 -3.06 -7.30
C GLN C 981 0.63 -4.28 -7.18
N THR C 982 -0.68 -4.05 -7.04
CA THR C 982 -1.63 -5.15 -7.00
C THR C 982 -1.57 -5.97 -8.28
N TYR C 983 -1.54 -5.29 -9.44
CA TYR C 983 -1.47 -6.00 -10.71
C TYR C 983 -0.20 -6.83 -10.79
N VAL C 984 0.94 -6.27 -10.39
CA VAL C 984 2.20 -6.98 -10.52
C VAL C 984 2.25 -8.18 -9.58
N THR C 985 1.70 -8.03 -8.36
CA THR C 985 1.69 -9.16 -7.44
C THR C 985 0.82 -10.29 -7.97
N GLN C 986 -0.37 -9.96 -8.48
CA GLN C 986 -1.22 -10.97 -9.09
C GLN C 986 -0.53 -11.64 -10.26
N GLN C 987 0.18 -10.87 -11.08
CA GLN C 987 0.90 -11.43 -12.21
C GLN C 987 2.00 -12.37 -11.76
N LEU C 988 2.71 -12.01 -10.70
CA LEU C 988 3.78 -12.88 -10.20
C LEU C 988 3.23 -14.21 -9.71
N ILE C 989 2.12 -14.17 -8.97
CA ILE C 989 1.54 -15.40 -8.45
C ILE C 989 1.03 -16.27 -9.60
N ARG C 990 0.33 -15.65 -10.56
CA ARG C 990 -0.18 -16.40 -11.69
C ARG C 990 0.94 -16.94 -12.56
N ALA C 991 2.06 -16.22 -12.65
CA ALA C 991 3.19 -16.70 -13.41
C ALA C 991 3.85 -17.89 -12.73
N ALA C 992 3.88 -17.89 -11.40
CA ALA C 992 4.38 -19.07 -10.69
C ALA C 992 3.49 -20.28 -10.97
N GLU C 993 2.17 -20.07 -10.95
CA GLU C 993 1.26 -21.17 -11.27
C GLU C 993 1.47 -21.68 -12.70
N ILE C 994 1.62 -20.75 -13.65
CA ILE C 994 1.82 -21.15 -15.04
C ILE C 994 3.16 -21.86 -15.21
N ARG C 995 4.18 -21.45 -14.47
CA ARG C 995 5.47 -22.14 -14.55
C ARG C 995 5.38 -23.55 -14.00
N ALA C 996 4.61 -23.74 -12.92
CA ALA C 996 4.38 -25.10 -12.44
C ALA C 996 3.70 -25.94 -13.50
N SER C 997 2.68 -25.38 -14.16
CA SER C 997 1.99 -26.11 -15.22
C SER C 997 2.93 -26.42 -16.38
N ALA C 998 3.81 -25.49 -16.73
CA ALA C 998 4.75 -25.70 -17.83
C ALA C 998 5.79 -26.76 -17.48
N ASN C 999 6.23 -26.79 -16.24
CA ASN C 999 7.14 -27.86 -15.81
C ASN C 999 6.45 -29.21 -15.89
N LEU C 1000 5.18 -29.28 -15.47
CA LEU C 1000 4.44 -30.52 -15.61
C LEU C 1000 4.31 -30.93 -17.08
N ALA C 1001 4.05 -29.97 -17.95
CA ALA C 1001 3.93 -30.27 -19.38
C ALA C 1001 5.25 -30.74 -19.96
N ALA C 1002 6.36 -30.15 -19.54
CA ALA C 1002 7.67 -30.60 -20.00
C ALA C 1002 7.95 -32.02 -19.54
N THR C 1003 7.60 -32.33 -18.29
CA THR C 1003 7.78 -33.70 -17.81
C THR C 1003 6.92 -34.69 -18.58
N LYS C 1004 5.68 -34.31 -18.88
CA LYS C 1004 4.82 -35.19 -19.67
C LYS C 1004 5.35 -35.37 -21.08
N MET C 1005 5.92 -34.32 -21.66
CA MET C 1005 6.55 -34.45 -22.97
C MET C 1005 7.72 -35.41 -22.91
N SER C 1006 8.54 -35.31 -21.87
CA SER C 1006 9.70 -36.18 -21.77
C SER C 1006 9.30 -37.64 -21.55
N GLU C 1007 8.30 -37.89 -20.72
CA GLU C 1007 8.02 -39.26 -20.31
C GLU C 1007 6.94 -39.93 -21.16
N CYS C 1008 5.83 -39.24 -21.42
CA CYS C 1008 4.75 -39.82 -22.21
C CYS C 1008 5.09 -39.89 -23.70
N VAL C 1009 5.72 -38.84 -24.24
CA VAL C 1009 5.95 -38.75 -25.67
C VAL C 1009 7.28 -39.39 -26.06
N LEU C 1010 8.36 -39.04 -25.38
CA LEU C 1010 9.67 -39.58 -25.70
C LEU C 1010 9.91 -40.98 -25.12
N GLY C 1011 8.93 -41.54 -24.42
CA GLY C 1011 9.06 -42.87 -23.90
C GLY C 1011 7.72 -43.42 -23.50
N GLN C 1012 7.74 -44.61 -22.90
CA GLN C 1012 6.54 -45.24 -22.37
C GLN C 1012 6.60 -45.20 -20.86
N SER C 1013 5.52 -44.75 -20.24
CA SER C 1013 5.50 -44.47 -18.80
C SER C 1013 4.80 -45.59 -18.05
N LYS C 1014 5.45 -46.07 -16.99
CA LYS C 1014 4.84 -47.03 -16.08
C LYS C 1014 4.05 -46.37 -14.96
N ARG C 1015 4.13 -45.04 -14.84
CA ARG C 1015 3.40 -44.34 -13.80
C ARG C 1015 1.91 -44.35 -14.09
N VAL C 1016 1.11 -44.70 -13.08
CA VAL C 1016 -0.32 -44.87 -13.26
C VAL C 1016 -0.99 -43.51 -13.39
N ASP C 1017 -1.87 -43.38 -14.39
CA ASP C 1017 -2.67 -42.19 -14.64
C ASP C 1017 -1.83 -40.94 -14.88
N PHE C 1018 -0.55 -41.11 -15.18
CA PHE C 1018 0.27 -39.95 -15.53
C PHE C 1018 0.11 -39.59 -17.00
N CYS C 1019 0.01 -40.59 -17.87
CA CYS C 1019 -0.15 -40.36 -19.29
C CYS C 1019 -1.50 -40.88 -19.76
N GLY C 1020 -2.56 -40.60 -19.01
CA GLY C 1020 -3.89 -41.03 -19.37
C GLY C 1020 -4.33 -42.24 -18.58
N LYS C 1021 -5.64 -42.48 -18.59
CA LYS C 1021 -6.21 -43.59 -17.84
C LYS C 1021 -6.08 -44.88 -18.62
N GLY C 1022 -5.57 -45.92 -17.96
CA GLY C 1022 -5.27 -47.18 -18.61
C GLY C 1022 -3.77 -47.42 -18.66
N TYR C 1023 -3.41 -48.52 -19.32
CA TYR C 1023 -2.01 -48.85 -19.51
C TYR C 1023 -1.47 -48.03 -20.68
N HIS C 1024 -0.49 -47.18 -20.41
CA HIS C 1024 -0.01 -46.24 -21.40
C HIS C 1024 0.72 -46.95 -22.52
N LEU C 1025 0.36 -46.63 -23.76
CA LEU C 1025 1.07 -47.12 -24.94
C LEU C 1025 1.94 -46.03 -25.55
N MET C 1026 1.37 -44.87 -25.87
CA MET C 1026 2.16 -43.79 -26.46
C MET C 1026 1.41 -42.48 -26.27
N SER C 1027 2.01 -41.39 -26.76
CA SER C 1027 1.39 -40.09 -26.68
C SER C 1027 1.85 -39.24 -27.85
N PHE C 1028 0.98 -38.34 -28.30
CA PHE C 1028 1.25 -37.47 -29.42
C PHE C 1028 1.01 -36.02 -28.99
N PRO C 1029 1.97 -35.13 -29.17
CA PRO C 1029 1.77 -33.72 -28.83
C PRO C 1029 1.15 -32.92 -29.95
N GLN C 1030 0.38 -31.90 -29.56
CA GLN C 1030 -0.19 -30.93 -30.48
C GLN C 1030 -0.09 -29.56 -29.83
N SER C 1031 0.28 -28.56 -30.61
CA SER C 1031 0.38 -27.23 -30.06
C SER C 1031 -1.00 -26.60 -29.94
N ALA C 1032 -1.10 -25.57 -29.10
CA ALA C 1032 -2.32 -24.80 -28.96
C ALA C 1032 -1.95 -23.43 -28.42
N PRO C 1033 -2.78 -22.41 -28.65
CA PRO C 1033 -2.48 -21.09 -28.12
C PRO C 1033 -2.21 -21.11 -26.63
N HIS C 1034 -0.98 -20.79 -26.25
CA HIS C 1034 -0.54 -20.75 -24.85
C HIS C 1034 -0.66 -22.11 -24.18
N GLY C 1035 -0.43 -23.20 -24.90
CA GLY C 1035 -0.51 -24.50 -24.24
C GLY C 1035 -0.24 -25.64 -25.18
N VAL C 1036 -0.31 -26.84 -24.61
CA VAL C 1036 -0.05 -28.07 -25.35
C VAL C 1036 -1.20 -29.03 -25.08
N VAL C 1037 -1.42 -29.95 -26.02
CA VAL C 1037 -2.47 -30.95 -25.93
C VAL C 1037 -1.85 -32.30 -26.22
N PHE C 1038 -1.97 -33.22 -25.27
CA PHE C 1038 -1.44 -34.57 -25.42
C PHE C 1038 -2.57 -35.52 -25.77
N LEU C 1039 -2.40 -36.25 -26.86
CA LEU C 1039 -3.28 -37.37 -27.21
C LEU C 1039 -2.61 -38.62 -26.67
N HIS C 1040 -3.15 -39.15 -25.58
CA HIS C 1040 -2.61 -40.32 -24.92
C HIS C 1040 -3.28 -41.57 -25.47
N VAL C 1041 -2.50 -42.45 -26.09
CA VAL C 1041 -2.99 -43.74 -26.56
C VAL C 1041 -2.68 -44.77 -25.48
N THR C 1042 -3.73 -45.38 -24.94
CA THR C 1042 -3.64 -46.31 -23.83
C THR C 1042 -4.43 -47.58 -24.13
N TYR C 1043 -4.12 -48.62 -23.37
CA TYR C 1043 -4.69 -49.95 -23.53
C TYR C 1043 -5.61 -50.24 -22.35
N VAL C 1044 -6.86 -50.57 -22.63
CA VAL C 1044 -7.86 -50.81 -21.61
C VAL C 1044 -8.43 -52.20 -21.81
N PRO C 1045 -8.36 -53.09 -20.80
CA PRO C 1045 -9.04 -54.39 -20.93
C PRO C 1045 -10.54 -54.21 -21.10
N ALA C 1046 -11.13 -55.08 -21.91
CA ALA C 1046 -12.50 -54.85 -22.38
C ALA C 1046 -13.51 -55.86 -21.84
N GLN C 1047 -13.30 -57.16 -22.08
CA GLN C 1047 -14.31 -58.17 -21.80
C GLN C 1047 -13.73 -59.21 -20.86
N GLU C 1048 -14.08 -59.11 -19.59
CA GLU C 1048 -13.54 -60.00 -18.57
C GLU C 1048 -14.44 -61.20 -18.37
N LYS C 1049 -13.81 -62.33 -18.04
CA LYS C 1049 -14.51 -63.58 -17.77
C LYS C 1049 -14.00 -64.16 -16.46
N ASN C 1050 -14.91 -64.81 -15.74
CA ASN C 1050 -14.58 -65.49 -14.50
C ASN C 1050 -13.84 -66.79 -14.75
N PHE C 1051 -12.91 -67.12 -13.85
CA PHE C 1051 -12.20 -68.39 -13.89
C PHE C 1051 -11.86 -68.80 -12.47
N THR C 1052 -11.64 -70.09 -12.28
CA THR C 1052 -11.25 -70.60 -10.97
C THR C 1052 -9.73 -70.70 -10.91
N THR C 1053 -9.12 -69.99 -9.97
CA THR C 1053 -7.67 -69.88 -9.95
C THR C 1053 -7.07 -70.66 -8.78
N ALA C 1054 -5.75 -70.79 -8.80
CA ALA C 1054 -5.02 -71.51 -7.78
C ALA C 1054 -3.61 -70.95 -7.69
N PRO C 1055 -3.08 -70.76 -6.48
CA PRO C 1055 -1.72 -70.22 -6.35
C PRO C 1055 -0.66 -71.12 -6.96
N ALA C 1056 -0.81 -72.43 -6.87
CA ALA C 1056 0.21 -73.35 -7.36
C ALA C 1056 -0.46 -74.68 -7.72
N ILE C 1057 0.37 -75.67 -8.08
CA ILE C 1057 -0.14 -76.94 -8.56
C ILE C 1057 0.83 -78.06 -8.15
N CYS C 1058 0.27 -79.16 -7.65
CA CYS C 1058 1.06 -80.33 -7.27
C CYS C 1058 1.04 -81.35 -8.39
N HIS C 1059 2.21 -81.84 -8.76
CA HIS C 1059 2.31 -82.92 -9.74
C HIS C 1059 2.89 -84.19 -9.13
N ASP C 1060 4.08 -84.12 -8.54
CA ASP C 1060 4.75 -85.27 -7.93
C ASP C 1060 5.21 -84.92 -6.53
N GLY C 1061 4.33 -84.31 -5.76
CA GLY C 1061 4.72 -83.78 -4.47
C GLY C 1061 5.51 -82.50 -4.55
N LYS C 1062 5.59 -81.89 -5.72
CA LYS C 1062 6.29 -80.62 -5.92
C LYS C 1062 5.30 -79.54 -6.29
N ALA C 1063 5.46 -78.37 -5.71
CA ALA C 1063 4.59 -77.23 -6.00
C ALA C 1063 5.12 -76.48 -7.20
N HIS C 1064 4.26 -76.28 -8.20
CA HIS C 1064 4.64 -75.60 -9.43
C HIS C 1064 3.99 -74.22 -9.46
N PHE C 1065 4.81 -73.19 -9.68
CA PHE C 1065 4.35 -71.82 -9.78
C PHE C 1065 4.58 -71.29 -11.19
N PRO C 1066 3.72 -70.41 -11.68
CA PRO C 1066 3.87 -69.93 -13.06
C PRO C 1066 5.05 -68.99 -13.20
N ARG C 1067 5.79 -69.15 -14.30
CA ARG C 1067 6.91 -68.24 -14.57
C ARG C 1067 6.40 -66.83 -14.85
N GLU C 1068 5.41 -66.71 -15.74
CA GLU C 1068 4.83 -65.41 -16.07
C GLU C 1068 3.38 -65.66 -16.48
N GLY C 1069 2.47 -65.51 -15.53
CA GLY C 1069 1.07 -65.77 -15.79
C GLY C 1069 0.38 -66.22 -14.52
N VAL C 1070 -0.84 -66.70 -14.69
CA VAL C 1070 -1.69 -67.15 -13.60
C VAL C 1070 -2.34 -68.46 -14.02
N PHE C 1071 -2.48 -69.38 -13.08
CA PHE C 1071 -3.23 -70.60 -13.31
C PHE C 1071 -4.72 -70.29 -13.29
N VAL C 1072 -5.45 -70.79 -14.28
CA VAL C 1072 -6.89 -70.61 -14.37
C VAL C 1072 -7.53 -71.93 -14.74
N SER C 1073 -8.83 -72.02 -14.49
CA SER C 1073 -9.61 -73.20 -14.82
C SER C 1073 -10.98 -72.76 -15.29
N ASN C 1074 -11.45 -73.39 -16.36
CA ASN C 1074 -12.76 -73.16 -16.93
C ASN C 1074 -13.81 -74.11 -16.37
N GLY C 1075 -13.45 -74.91 -15.37
CA GLY C 1075 -14.39 -75.81 -14.75
C GLY C 1075 -13.91 -77.24 -14.66
N THR C 1076 -13.20 -77.69 -15.70
CA THR C 1076 -12.73 -79.07 -15.76
C THR C 1076 -11.22 -79.19 -15.93
N HIS C 1077 -10.60 -78.30 -16.70
CA HIS C 1077 -9.19 -78.37 -17.00
C HIS C 1077 -8.47 -77.12 -16.51
N TRP C 1078 -7.16 -77.25 -16.32
CA TRP C 1078 -6.33 -76.16 -15.83
C TRP C 1078 -5.36 -75.70 -16.91
N PHE C 1079 -5.19 -74.39 -17.00
CA PHE C 1079 -4.27 -73.78 -17.95
C PHE C 1079 -3.49 -72.69 -17.23
N VAL C 1080 -2.43 -72.22 -17.88
CA VAL C 1080 -1.67 -71.06 -17.42
C VAL C 1080 -1.77 -69.99 -18.49
N THR C 1081 -2.11 -68.78 -18.08
CA THR C 1081 -2.38 -67.71 -19.04
C THR C 1081 -1.63 -66.44 -18.63
N GLN C 1082 -1.63 -65.46 -19.53
CA GLN C 1082 -1.14 -64.15 -19.18
C GLN C 1082 -2.10 -63.50 -18.18
N ARG C 1083 -1.61 -62.44 -17.54
CA ARG C 1083 -2.41 -61.77 -16.51
C ARG C 1083 -3.27 -60.64 -17.07
N ASN C 1084 -3.10 -60.30 -18.34
CA ASN C 1084 -3.84 -59.19 -18.94
C ASN C 1084 -4.61 -59.56 -20.20
N PHE C 1085 -4.51 -60.81 -20.65
CA PHE C 1085 -5.20 -61.23 -21.87
C PHE C 1085 -5.39 -62.73 -21.81
N TYR C 1086 -6.64 -63.19 -21.90
CA TYR C 1086 -6.92 -64.61 -21.74
C TYR C 1086 -6.39 -65.37 -22.95
N GLU C 1087 -5.25 -66.04 -22.77
CA GLU C 1087 -4.67 -66.90 -23.78
C GLU C 1087 -4.23 -68.20 -23.11
N PRO C 1088 -5.17 -69.10 -22.87
CA PRO C 1088 -4.84 -70.31 -22.10
C PRO C 1088 -3.85 -71.20 -22.83
N GLN C 1089 -3.00 -71.85 -22.05
CA GLN C 1089 -2.01 -72.78 -22.59
C GLN C 1089 -1.88 -73.98 -21.66
N ILE C 1090 -1.44 -75.10 -22.22
CA ILE C 1090 -1.22 -76.30 -21.43
C ILE C 1090 -0.11 -76.04 -20.42
N ILE C 1091 -0.29 -76.55 -19.20
CA ILE C 1091 0.68 -76.35 -18.13
C ILE C 1091 1.81 -77.35 -18.32
N THR C 1092 2.99 -76.85 -18.69
CA THR C 1092 4.17 -77.67 -18.90
C THR C 1092 5.29 -77.19 -17.98
N THR C 1093 6.42 -77.88 -18.02
CA THR C 1093 7.55 -77.50 -17.19
C THR C 1093 8.23 -76.22 -17.69
N ASP C 1094 7.94 -75.78 -18.91
CA ASP C 1094 8.47 -74.51 -19.38
C ASP C 1094 7.73 -73.32 -18.78
N ASN C 1095 6.42 -73.45 -18.60
CA ASN C 1095 5.64 -72.35 -18.04
C ASN C 1095 5.82 -72.21 -16.55
N THR C 1096 6.27 -73.25 -15.86
CA THR C 1096 6.26 -73.30 -14.40
C THR C 1096 7.63 -73.64 -13.86
N PHE C 1097 7.83 -73.31 -12.59
CA PHE C 1097 9.02 -73.72 -11.85
C PHE C 1097 8.59 -74.32 -10.52
N VAL C 1098 9.37 -75.27 -10.03
CA VAL C 1098 9.03 -75.98 -8.80
C VAL C 1098 9.73 -75.30 -7.62
N SER C 1099 9.11 -75.42 -6.45
CA SER C 1099 9.74 -74.90 -5.22
C SER C 1099 9.13 -75.66 -4.04
N GLY C 1100 9.89 -76.61 -3.50
CA GLY C 1100 9.49 -77.30 -2.30
C GLY C 1100 8.41 -78.33 -2.53
N ASN C 1101 7.89 -78.84 -1.42
CA ASN C 1101 6.84 -79.84 -1.44
C ASN C 1101 5.48 -79.15 -1.44
N CYS C 1102 4.41 -79.93 -1.27
CA CYS C 1102 3.04 -79.43 -1.35
C CYS C 1102 2.36 -79.40 0.00
N ASP C 1103 3.08 -78.97 1.03
CA ASP C 1103 2.53 -78.89 2.38
C ASP C 1103 2.53 -77.48 2.95
N VAL C 1104 2.93 -76.48 2.18
CA VAL C 1104 3.06 -75.12 2.68
C VAL C 1104 2.08 -74.18 1.98
N VAL C 1105 1.92 -74.32 0.67
CA VAL C 1105 1.08 -73.38 -0.08
C VAL C 1105 -0.38 -73.59 0.30
N ILE C 1106 -1.08 -72.48 0.58
CA ILE C 1106 -2.47 -72.51 0.97
C ILE C 1106 -3.33 -72.34 -0.29
N GLY C 1107 -4.16 -73.32 -0.58
CA GLY C 1107 -4.99 -73.29 -1.77
C GLY C 1107 -4.43 -74.00 -2.97
N ILE C 1108 -3.38 -74.80 -2.80
CA ILE C 1108 -2.79 -75.53 -3.91
C ILE C 1108 -3.78 -76.59 -4.41
N VAL C 1109 -3.66 -76.94 -5.69
CA VAL C 1109 -4.57 -77.88 -6.32
C VAL C 1109 -3.76 -78.98 -6.99
N ASN C 1110 -4.45 -80.09 -7.29
CA ASN C 1110 -3.85 -81.25 -7.91
C ASN C 1110 -4.11 -81.22 -9.41
N ASN C 1111 -3.04 -81.25 -10.20
CA ASN C 1111 -3.18 -81.34 -11.65
C ASN C 1111 -1.87 -81.83 -12.22
N THR C 1112 -1.92 -82.33 -13.45
CA THR C 1112 -0.74 -82.87 -14.11
C THR C 1112 -0.01 -81.77 -14.85
N VAL C 1113 1.32 -81.78 -14.74
CA VAL C 1113 2.19 -80.85 -15.45
C VAL C 1113 2.89 -81.62 -16.56
N TYR C 1114 2.61 -81.25 -17.80
CA TYR C 1114 3.13 -81.96 -18.94
C TYR C 1114 4.63 -81.77 -19.06
N ASP C 1115 5.33 -82.85 -19.43
CA ASP C 1115 6.77 -82.81 -19.63
C ASP C 1115 7.07 -82.92 -21.12
N PRO C 1116 7.58 -81.87 -21.76
CA PRO C 1116 7.81 -81.93 -23.22
C PRO C 1116 8.80 -83.00 -23.63
N LEU C 1117 9.78 -83.32 -22.79
CA LEU C 1117 10.82 -84.26 -23.16
C LEU C 1117 10.36 -85.72 -23.15
N GLN C 1118 9.26 -86.02 -22.47
CA GLN C 1118 8.83 -87.41 -22.34
C GLN C 1118 8.45 -88.04 -23.68
N PRO C 1119 7.59 -87.44 -24.51
CA PRO C 1119 7.31 -88.08 -25.81
C PRO C 1119 8.53 -88.17 -26.71
N GLU C 1120 9.41 -87.17 -26.67
CA GLU C 1120 10.62 -87.22 -27.49
C GLU C 1120 11.51 -88.38 -27.06
N LEU C 1121 11.66 -88.58 -25.75
CA LEU C 1121 12.42 -89.72 -25.26
C LEU C 1121 11.75 -91.04 -25.66
N ASP C 1122 10.44 -91.11 -25.52
CA ASP C 1122 9.73 -92.34 -25.86
C ASP C 1122 9.82 -92.65 -27.35
N SER C 1123 9.70 -91.63 -28.19
CA SER C 1123 9.76 -91.81 -29.64
C SER C 1123 11.13 -92.31 -30.09
N GLN D 1 46.56 17.88 35.98
CA GLN D 1 47.06 17.45 37.29
C GLN D 1 47.77 16.11 37.17
N VAL D 2 47.48 15.38 36.10
CA VAL D 2 48.10 14.08 35.89
C VAL D 2 49.59 14.27 35.63
N GLN D 3 50.38 13.27 36.02
CA GLN D 3 51.81 13.26 35.79
C GLN D 3 52.20 11.98 35.08
N LEU D 4 52.97 12.10 34.01
CA LEU D 4 53.39 10.97 33.20
C LEU D 4 54.90 10.80 33.35
N VAL D 5 55.32 9.61 33.76
CA VAL D 5 56.73 9.33 34.00
C VAL D 5 57.14 8.17 33.11
N GLU D 6 58.19 8.36 32.32
CA GLU D 6 58.69 7.32 31.44
C GLU D 6 59.72 6.47 32.15
N SER D 7 59.81 5.21 31.74
CA SER D 7 60.79 4.28 32.30
C SER D 7 61.15 3.25 31.26
N GLY D 8 62.34 2.66 31.43
CA GLY D 8 62.83 1.67 30.52
C GLY D 8 64.34 1.64 30.48
N PRO D 9 64.90 0.71 29.70
CA PRO D 9 66.37 0.65 29.58
C PRO D 9 66.93 1.90 28.93
N GLY D 10 68.15 2.26 29.33
CA GLY D 10 68.82 3.41 28.78
C GLY D 10 69.80 3.07 27.68
N LEU D 11 70.05 1.78 27.49
CA LEU D 11 70.98 1.31 26.47
C LEU D 11 70.36 0.15 25.71
N VAL D 12 70.33 0.26 24.38
CA VAL D 12 69.83 -0.79 23.51
C VAL D 12 70.83 -0.99 22.39
N LYS D 13 71.25 -2.24 22.18
CA LYS D 13 72.15 -2.53 21.08
C LYS D 13 71.43 -2.40 19.75
N PRO D 14 72.15 -2.10 18.67
CA PRO D 14 71.50 -2.00 17.35
C PRO D 14 70.83 -3.30 16.95
N SER D 15 69.75 -3.16 16.17
CA SER D 15 68.96 -4.26 15.64
C SER D 15 68.22 -5.04 16.73
N GLU D 16 68.08 -4.44 17.92
CA GLU D 16 67.28 -5.01 18.99
C GLU D 16 65.91 -4.36 18.99
N THR D 17 65.13 -4.60 20.05
CA THR D 17 63.85 -3.95 20.26
C THR D 17 63.91 -3.09 21.51
N LEU D 18 63.40 -1.87 21.40
CA LEU D 18 63.40 -0.90 22.50
C LEU D 18 62.00 -0.81 23.09
N SER D 19 61.90 -0.97 24.41
CA SER D 19 60.63 -0.93 25.11
C SER D 19 60.65 0.18 26.15
N LEU D 20 59.56 0.96 26.18
CA LEU D 20 59.39 2.03 27.15
C LEU D 20 57.99 1.95 27.74
N THR D 21 57.87 2.34 29.01
CA THR D 21 56.60 2.34 29.71
C THR D 21 56.36 3.69 30.34
N CYS D 22 55.23 4.31 30.01
CA CYS D 22 54.80 5.57 30.59
C CYS D 22 53.77 5.27 31.65
N SER D 23 54.06 5.68 32.88
CA SER D 23 53.18 5.47 34.03
C SER D 23 52.45 6.76 34.35
N VAL D 24 51.15 6.64 34.62
CA VAL D 24 50.26 7.77 34.84
C VAL D 24 49.95 7.85 36.33
N SER D 25 50.06 9.06 36.87
CA SER D 25 49.73 9.32 38.26
C SER D 25 48.71 10.44 38.34
N GLY D 26 47.77 10.33 39.27
CA GLY D 26 46.74 11.33 39.42
C GLY D 26 45.67 11.29 38.36
N GLY D 27 45.50 10.17 37.68
CA GLY D 27 44.48 10.06 36.66
C GLY D 27 44.44 8.66 36.11
N SER D 28 43.40 8.40 35.32
CA SER D 28 43.17 7.09 34.73
C SER D 28 43.35 7.17 33.21
N ILE D 29 43.45 5.99 32.60
CA ILE D 29 43.59 5.92 31.14
C ILE D 29 42.35 6.46 30.46
N ASP D 30 41.17 5.97 30.88
CA ASP D 30 39.89 6.39 30.32
C ASP D 30 39.88 6.30 28.79
N ASN D 31 39.56 7.42 28.13
CA ASN D 31 39.45 7.47 26.69
C ASN D 31 40.42 8.48 26.08
N PHE D 32 41.44 8.90 26.83
CA PHE D 32 42.36 9.90 26.35
C PHE D 32 43.26 9.33 25.24
N TYR D 33 43.77 10.23 24.41
CA TYR D 33 44.75 9.89 23.39
C TYR D 33 46.13 10.01 24.01
N TRP D 34 46.83 8.89 24.16
CA TRP D 34 48.17 8.86 24.71
C TRP D 34 49.16 8.80 23.56
N SER D 35 50.05 9.79 23.49
CA SER D 35 50.95 9.96 22.36
C SER D 35 52.39 9.81 22.79
N TRP D 36 53.21 9.25 21.91
CA TRP D 36 54.64 9.13 22.09
C TRP D 36 55.35 10.03 21.07
N ILE D 37 56.26 10.86 21.57
CA ILE D 37 57.06 11.77 20.76
C ILE D 37 58.52 11.55 21.14
N ARG D 38 59.43 11.90 20.23
CA ARG D 38 60.85 11.77 20.51
C ARG D 38 61.60 12.97 19.92
N GLN D 39 62.78 13.20 20.48
CA GLN D 39 63.66 14.29 20.05
C GLN D 39 65.11 13.84 20.10
N PRO D 40 65.80 13.79 18.97
CA PRO D 40 67.23 13.51 19.00
C PRO D 40 67.98 14.64 19.68
N PRO D 41 69.14 14.36 20.29
CA PRO D 41 69.89 15.40 20.98
C PRO D 41 70.32 16.51 20.01
N GLY D 42 69.88 17.73 20.29
CA GLY D 42 70.20 18.86 19.46
C GLY D 42 69.41 18.99 18.18
N LYS D 43 68.34 18.22 18.04
CA LYS D 43 67.51 18.25 16.83
C LYS D 43 66.06 18.54 17.23
N GLY D 44 65.20 18.62 16.22
CA GLY D 44 63.81 18.97 16.44
C GLY D 44 62.98 17.80 16.95
N LEU D 45 61.77 18.13 17.38
CA LEU D 45 60.82 17.13 17.85
C LEU D 45 60.26 16.34 16.67
N GLU D 46 59.98 15.05 16.93
CA GLU D 46 59.42 14.17 15.91
C GLU D 46 58.31 13.34 16.54
N TRP D 47 57.11 13.47 16.00
CA TRP D 47 55.97 12.71 16.52
C TRP D 47 56.08 11.25 16.12
N ILE D 48 55.95 10.36 17.10
CA ILE D 48 56.06 8.92 16.84
C ILE D 48 54.68 8.34 16.59
N GLY D 49 53.79 8.46 17.56
CA GLY D 49 52.48 7.88 17.38
C GLY D 49 51.56 8.19 18.55
N ASN D 50 50.39 7.55 18.52
CA ASN D 50 49.44 7.68 19.62
C ASN D 50 48.49 6.51 19.59
N ILE D 51 47.78 6.32 20.69
CA ILE D 51 46.76 5.28 20.80
C ILE D 51 45.79 5.67 21.90
N TYR D 52 44.56 5.17 21.80
CA TYR D 52 43.56 5.30 22.84
C TYR D 52 43.04 3.91 23.18
N TYR D 53 42.29 3.83 24.28
CA TYR D 53 41.86 2.52 24.77
C TYR D 53 40.98 1.77 23.78
N GLY D 54 40.34 2.49 22.85
CA GLY D 54 39.49 1.81 21.88
C GLY D 54 40.24 0.81 21.04
N GLY D 55 41.43 1.16 20.58
CA GLY D 55 42.24 0.23 19.83
C GLY D 55 43.01 0.85 18.68
N SER D 56 43.23 0.05 17.63
CA SER D 56 43.98 0.47 16.45
C SER D 56 45.38 0.94 16.81
N GLY D 57 45.60 2.26 16.78
CA GLY D 57 46.92 2.80 17.02
C GLY D 57 47.47 3.49 15.79
N ASN D 58 47.60 4.81 15.85
CA ASN D 58 48.06 5.61 14.73
C ASN D 58 49.53 5.96 14.92
N TYR D 59 50.35 5.60 13.93
CA TYR D 59 51.79 5.79 14.01
C TYR D 59 52.26 6.69 12.88
N ASN D 60 53.45 7.26 13.07
CA ASN D 60 54.08 8.03 12.02
C ASN D 60 54.34 7.11 10.83
N PRO D 61 53.97 7.52 9.61
CA PRO D 61 54.17 6.62 8.45
C PRO D 61 55.62 6.23 8.24
N SER D 62 56.57 7.09 8.61
CA SER D 62 57.99 6.74 8.52
C SER D 62 58.40 5.67 9.51
N LEU D 63 57.56 5.37 10.51
CA LEU D 63 57.91 4.43 11.55
C LEU D 63 56.85 3.38 11.82
N LYS D 64 55.69 3.43 11.14
CA LYS D 64 54.59 2.55 11.47
C LYS D 64 54.93 1.08 11.24
N SER D 65 55.89 0.80 10.36
CA SER D 65 56.30 -0.58 10.14
C SER D 65 57.08 -1.17 11.31
N ARG D 66 57.48 -0.34 12.28
CA ARG D 66 58.28 -0.80 13.41
C ARG D 66 57.67 -0.48 14.77
N VAL D 67 56.83 0.54 14.86
CA VAL D 67 56.33 1.01 16.15
C VAL D 67 55.07 0.24 16.53
N THR D 68 54.97 -0.10 17.82
CA THR D 68 53.76 -0.68 18.37
C THR D 68 53.48 -0.02 19.71
N ILE D 69 52.33 0.63 19.82
CA ILE D 69 51.92 1.30 21.05
C ILE D 69 50.67 0.61 21.58
N SER D 70 50.67 0.35 22.89
CA SER D 70 49.55 -0.31 23.54
C SER D 70 49.25 0.40 24.85
N VAL D 71 48.10 0.09 25.43
CA VAL D 71 47.68 0.67 26.70
C VAL D 71 47.11 -0.43 27.59
N ASP D 72 47.43 -0.37 28.87
CA ASP D 72 46.94 -1.33 29.86
C ASP D 72 46.19 -0.56 30.94
N THR D 73 44.87 -0.71 30.97
CA THR D 73 44.06 -0.03 31.97
C THR D 73 44.21 -0.69 33.34
N SER D 74 44.29 -2.01 33.37
CA SER D 74 44.43 -2.71 34.65
C SER D 74 45.71 -2.29 35.37
N LYS D 75 46.82 -2.21 34.64
CA LYS D 75 48.06 -1.70 35.19
C LYS D 75 48.20 -0.20 35.04
N ASN D 76 47.31 0.45 34.27
CA ASN D 76 47.25 1.89 34.13
C ASN D 76 48.59 2.46 33.61
N GLN D 77 48.93 2.06 32.39
CA GLN D 77 50.19 2.50 31.80
C GLN D 77 50.12 2.39 30.28
N VAL D 78 51.09 3.00 29.63
CA VAL D 78 51.21 2.99 28.17
C VAL D 78 52.53 2.35 27.79
N SER D 79 52.51 1.51 26.77
CA SER D 79 53.69 0.74 26.36
C SER D 79 54.06 1.11 24.94
N LEU D 80 55.35 1.35 24.71
CA LEU D 80 55.89 1.63 23.39
C LEU D 80 56.99 0.62 23.07
N LYS D 81 56.91 0.03 21.88
CA LYS D 81 57.91 -0.91 21.42
C LYS D 81 58.37 -0.53 20.02
N LEU D 82 59.68 -0.51 19.81
CA LEU D 82 60.28 -0.13 18.53
C LEU D 82 61.25 -1.21 18.10
N ARG D 83 60.96 -1.84 16.97
CA ARG D 83 61.78 -2.94 16.49
C ARG D 83 62.84 -2.45 15.51
N SER D 84 63.87 -3.28 15.33
CA SER D 84 65.01 -2.97 14.46
C SER D 84 65.64 -1.64 14.82
N VAL D 85 66.04 -1.53 16.09
CA VAL D 85 66.62 -0.29 16.60
C VAL D 85 67.97 -0.05 15.93
N THR D 86 68.16 1.16 15.42
CA THR D 86 69.42 1.56 14.83
C THR D 86 69.99 2.74 15.61
N ALA D 87 71.20 3.15 15.23
CA ALA D 87 71.89 4.24 15.94
C ALA D 87 71.15 5.56 15.83
N ALA D 88 70.30 5.73 14.81
CA ALA D 88 69.54 6.96 14.65
C ALA D 88 68.44 7.13 15.67
N ASP D 89 68.14 6.10 16.46
CA ASP D 89 67.05 6.15 17.43
C ASP D 89 67.48 6.67 18.79
N THR D 90 68.75 7.05 18.95
CA THR D 90 69.21 7.63 20.21
C THR D 90 68.55 8.99 20.40
N ALA D 91 67.62 9.07 21.34
CA ALA D 91 66.83 10.30 21.50
C ALA D 91 66.17 10.29 22.87
N VAL D 92 65.60 11.45 23.21
CA VAL D 92 64.79 11.58 24.42
C VAL D 92 63.33 11.39 24.05
N TYR D 93 62.65 10.49 24.76
CA TYR D 93 61.28 10.10 24.44
C TYR D 93 60.34 10.63 25.51
N TYR D 94 59.23 11.22 25.07
CA TYR D 94 58.20 11.76 25.94
C TYR D 94 56.86 11.12 25.64
N CYS D 95 56.02 11.01 26.67
CA CYS D 95 54.63 10.65 26.51
C CYS D 95 53.76 11.85 26.87
N ALA D 96 52.68 12.03 26.11
CA ALA D 96 51.80 13.17 26.27
C ALA D 96 50.36 12.71 26.24
N ARG D 97 49.48 13.53 26.80
CA ARG D 97 48.06 13.22 26.86
C ARG D 97 47.25 14.42 26.39
N ASP D 98 46.14 14.14 25.71
CA ASP D 98 45.18 15.18 25.37
C ASP D 98 44.32 15.52 26.58
N SER D 99 43.70 16.70 26.54
CA SER D 99 42.77 17.11 27.57
C SER D 99 41.35 16.89 27.09
N VAL D 100 40.39 17.30 27.91
CA VAL D 100 38.99 17.20 27.51
C VAL D 100 38.63 18.28 26.51
N TRP D 101 39.36 19.40 26.53
CA TRP D 101 39.09 20.51 25.62
C TRP D 101 39.91 20.46 24.33
N TYR D 102 40.83 19.51 24.21
CA TYR D 102 41.63 19.36 23.00
C TYR D 102 41.76 17.88 22.64
N THR D 103 40.65 17.16 22.70
CA THR D 103 40.66 15.74 22.41
C THR D 103 41.08 15.48 20.97
N GLY D 104 41.88 14.45 20.77
CA GLY D 104 42.31 14.04 19.45
C GLY D 104 43.80 13.79 19.39
N SER D 105 44.25 13.35 18.21
CA SER D 105 45.66 13.10 17.99
C SER D 105 46.51 14.36 18.13
N TYR D 106 45.91 15.53 17.97
CA TYR D 106 46.61 16.79 18.08
C TYR D 106 46.72 17.28 19.52
N GLY D 107 46.14 16.56 20.47
CA GLY D 107 46.18 16.96 21.86
C GLY D 107 47.46 16.60 22.58
N LEU D 108 48.53 17.34 22.35
CA LEU D 108 49.80 17.14 23.04
C LEU D 108 49.89 18.22 24.11
N ILE D 109 49.42 17.90 25.32
CA ILE D 109 49.27 18.91 26.35
C ILE D 109 50.09 18.57 27.59
N TYR D 110 49.79 17.45 28.23
CA TYR D 110 50.46 17.04 29.46
C TYR D 110 51.66 16.17 29.09
N TRP D 111 52.86 16.74 29.19
CA TRP D 111 54.09 16.07 28.79
C TRP D 111 54.81 15.49 30.00
N GLY D 112 55.50 14.38 29.78
CA GLY D 112 56.37 13.82 30.77
C GLY D 112 57.75 14.43 30.70
N PRO D 113 58.56 14.23 31.75
CA PRO D 113 59.93 14.76 31.72
C PRO D 113 60.78 14.20 30.61
N GLY D 114 60.54 12.96 30.20
CA GLY D 114 61.28 12.33 29.13
C GLY D 114 62.25 11.29 29.66
N THR D 115 62.75 10.48 28.72
CA THR D 115 63.72 9.45 29.04
C THR D 115 64.69 9.32 27.87
N LEU D 116 65.99 9.39 28.16
CA LEU D 116 66.99 9.29 27.12
C LEU D 116 67.28 7.82 26.81
N VAL D 117 67.33 7.48 25.52
CA VAL D 117 67.66 6.14 25.07
C VAL D 117 68.81 6.25 24.07
N THR D 118 69.87 5.49 24.32
CA THR D 118 71.06 5.49 23.48
C THR D 118 71.21 4.12 22.82
N VAL D 119 71.68 4.12 21.59
CA VAL D 119 71.80 2.91 20.78
C VAL D 119 73.27 2.66 20.53
N SER D 120 73.81 1.64 21.20
CA SER D 120 75.21 1.23 21.00
C SER D 120 75.40 -0.10 21.73
N SER D 121 76.57 -0.70 21.50
CA SER D 121 77.00 -1.89 22.22
C SER D 121 78.05 -1.59 23.28
N ALA D 122 78.46 -0.35 23.43
CA ALA D 122 79.44 0.01 24.44
C ALA D 122 78.96 -0.38 25.83
N SER D 123 79.88 -0.82 26.65
CA SER D 123 79.56 -1.35 27.97
C SER D 123 79.02 -0.25 28.88
N THR D 124 78.09 -0.62 29.74
CA THR D 124 77.61 0.27 30.78
C THR D 124 78.53 0.16 31.99
N LYS D 125 78.99 1.31 32.50
CA LYS D 125 79.96 1.35 33.57
C LYS D 125 79.50 2.33 34.65
N GLY D 126 79.48 1.87 35.89
CA GLY D 126 79.22 2.72 37.02
C GLY D 126 80.32 3.75 37.18
N PRO D 127 79.94 4.97 37.56
CA PRO D 127 80.92 6.06 37.61
C PRO D 127 81.85 5.96 38.81
N SER D 128 83.01 6.60 38.65
CA SER D 128 83.93 6.82 39.75
C SER D 128 83.67 8.22 40.32
N VAL D 129 83.40 8.28 41.62
CA VAL D 129 83.05 9.53 42.29
C VAL D 129 84.25 9.96 43.12
N PHE D 130 84.93 11.02 42.65
CA PHE D 130 86.08 11.49 43.42
C PHE D 130 85.77 12.84 44.07
N PRO D 131 86.11 13.02 45.35
CA PRO D 131 85.79 14.27 46.05
C PRO D 131 86.70 15.40 45.61
N LEU D 132 86.13 16.35 44.87
CA LEU D 132 86.83 17.56 44.45
C LEU D 132 86.87 18.50 45.64
N ALA D 133 87.97 18.44 46.39
CA ALA D 133 88.17 19.26 47.57
C ALA D 133 88.80 20.58 47.19
N PRO D 134 88.21 21.71 47.56
CA PRO D 134 88.83 23.00 47.24
C PRO D 134 90.13 23.21 48.02
N SER D 135 90.99 24.05 47.44
CA SER D 135 92.26 24.35 48.06
C SER D 135 92.05 25.15 49.35
N SER D 136 93.06 25.10 50.22
CA SER D 136 92.97 25.82 51.49
C SER D 136 92.86 27.32 51.27
N LYS D 137 93.57 27.85 50.27
CA LYS D 137 93.45 29.27 49.96
C LYS D 137 92.09 29.61 49.37
N SER D 138 91.50 28.67 48.61
CA SER D 138 90.19 28.93 48.03
C SER D 138 89.10 28.98 49.10
N THR D 139 89.28 28.27 50.20
CA THR D 139 88.31 28.26 51.29
C THR D 139 88.53 29.41 52.28
N SER D 140 89.65 30.13 52.17
CA SER D 140 89.93 31.23 53.08
C SER D 140 89.11 32.48 52.79
N GLY D 141 88.48 32.56 51.62
CA GLY D 141 87.68 33.71 51.26
C GLY D 141 86.26 33.71 51.80
N GLY D 142 85.89 32.70 52.58
CA GLY D 142 84.57 32.58 53.14
C GLY D 142 83.63 31.68 52.37
N THR D 143 83.93 31.43 51.10
CA THR D 143 83.14 30.54 50.26
C THR D 143 84.00 29.36 49.83
N ALA D 144 83.51 28.15 50.05
CA ALA D 144 84.19 26.93 49.65
C ALA D 144 83.33 26.23 48.62
N ALA D 145 83.87 26.06 47.42
CA ALA D 145 83.21 25.31 46.37
C ALA D 145 83.76 23.89 46.43
N LEU D 146 82.96 22.97 46.97
CA LEU D 146 83.36 21.57 47.06
C LEU D 146 82.47 20.75 46.16
N GLY D 147 83.02 19.71 45.54
CA GLY D 147 82.22 18.98 44.59
C GLY D 147 82.55 17.51 44.47
N CYS D 148 81.91 16.86 43.51
CA CYS D 148 82.18 15.47 43.19
C CYS D 148 82.40 15.33 41.68
N LEU D 149 83.52 14.72 41.32
CA LEU D 149 83.84 14.42 39.93
C LEU D 149 83.27 13.04 39.61
N VAL D 150 82.24 13.02 38.78
CA VAL D 150 81.62 11.80 38.29
C VAL D 150 82.32 11.46 36.97
N LYS D 151 83.26 10.52 37.03
CA LYS D 151 84.20 10.28 35.95
C LYS D 151 84.08 8.86 35.44
N ASP D 152 84.25 8.69 34.12
CA ASP D 152 84.35 7.38 33.49
C ASP D 152 83.07 6.55 33.71
N TYR D 153 81.97 7.09 33.18
CA TYR D 153 80.69 6.39 33.21
C TYR D 153 80.08 6.39 31.82
N PHE D 154 79.20 5.42 31.59
CA PHE D 154 78.50 5.31 30.31
C PHE D 154 77.26 4.46 30.53
N PRO D 155 76.12 4.82 29.96
CA PRO D 155 75.86 6.02 29.16
C PRO D 155 75.25 7.14 29.99
N GLU D 156 74.96 8.28 29.37
CA GLU D 156 74.27 9.36 30.05
C GLU D 156 72.84 8.94 30.36
N PRO D 157 72.22 9.56 31.37
CA PRO D 157 72.74 10.57 32.29
C PRO D 157 73.00 10.04 33.70
N VAL D 158 73.50 10.90 34.59
CA VAL D 158 73.63 10.59 36.00
C VAL D 158 73.01 11.74 36.79
N THR D 159 72.45 11.40 37.95
CA THR D 159 71.81 12.38 38.81
C THR D 159 72.61 12.53 40.08
N VAL D 160 73.05 13.74 40.39
CA VAL D 160 73.86 14.02 41.55
C VAL D 160 73.06 14.90 42.50
N SER D 161 72.81 14.39 43.70
CA SER D 161 72.17 15.13 44.77
C SER D 161 73.17 15.32 45.92
N TRP D 162 72.79 16.16 46.87
CA TRP D 162 73.66 16.44 48.01
C TRP D 162 72.89 16.22 49.31
N ASN D 163 73.47 15.42 50.19
CA ASN D 163 72.86 15.06 51.47
C ASN D 163 71.45 14.50 51.27
N SER D 164 71.35 13.50 50.39
CA SER D 164 70.09 12.83 50.06
C SER D 164 69.05 13.81 49.55
N GLY D 165 69.50 14.83 48.81
CA GLY D 165 68.60 15.82 48.25
C GLY D 165 68.26 16.98 49.16
N ALA D 166 68.70 16.94 50.42
CA ALA D 166 68.40 18.05 51.33
C ALA D 166 69.09 19.34 50.87
N LEU D 167 70.34 19.23 50.42
CA LEU D 167 71.09 20.38 49.94
C LEU D 167 70.82 20.59 48.45
N THR D 168 70.19 21.70 48.12
CA THR D 168 69.86 22.01 46.73
C THR D 168 70.42 23.36 46.33
N SER D 169 70.44 24.32 47.27
CA SER D 169 70.90 25.65 46.97
C SER D 169 72.40 25.67 46.68
N GLY D 170 72.79 26.37 45.63
CA GLY D 170 74.18 26.49 45.24
C GLY D 170 74.75 25.30 44.48
N VAL D 171 73.93 24.30 44.19
CA VAL D 171 74.41 23.11 43.48
C VAL D 171 74.38 23.37 41.99
N HIS D 172 75.53 23.18 41.33
CA HIS D 172 75.65 23.33 39.88
C HIS D 172 76.21 22.03 39.33
N THR D 173 75.43 21.36 38.50
CA THR D 173 75.87 20.15 37.79
C THR D 173 76.15 20.52 36.34
N PHE D 174 77.41 20.43 35.94
CA PHE D 174 77.80 20.85 34.61
C PHE D 174 77.52 19.75 33.59
N PRO D 175 77.34 20.12 32.32
CA PRO D 175 77.15 19.10 31.29
C PRO D 175 78.36 18.18 31.18
N ALA D 176 78.09 16.91 30.90
CA ALA D 176 79.15 15.92 30.80
C ALA D 176 80.07 16.21 29.61
N VAL D 177 81.32 15.77 29.74
CA VAL D 177 82.30 15.87 28.68
C VAL D 177 82.46 14.49 28.06
N LEU D 178 82.67 14.45 26.75
CA LEU D 178 82.94 13.21 26.04
C LEU D 178 84.45 13.07 25.90
N GLN D 179 85.02 12.18 26.72
CA GLN D 179 86.46 11.96 26.68
C GLN D 179 86.83 11.14 25.45
N SER D 180 88.13 11.11 25.15
CA SER D 180 88.61 10.35 24.00
C SER D 180 88.39 8.86 24.15
N SER D 181 88.19 8.38 25.38
CA SER D 181 87.93 6.97 25.64
C SER D 181 86.48 6.57 25.39
N GLY D 182 85.60 7.53 25.10
CA GLY D 182 84.19 7.27 24.93
C GLY D 182 83.38 7.31 26.20
N LEU D 183 84.02 7.43 27.36
CA LEU D 183 83.32 7.55 28.62
C LEU D 183 83.02 9.01 28.92
N TYR D 184 82.06 9.22 29.83
CA TYR D 184 81.60 10.55 30.16
C TYR D 184 82.11 10.97 31.54
N SER D 185 82.24 12.29 31.72
CA SER D 185 82.71 12.84 32.98
C SER D 185 82.08 14.21 33.18
N LEU D 186 81.52 14.42 34.37
CA LEU D 186 81.00 15.72 34.78
C LEU D 186 81.48 16.02 36.19
N SER D 187 81.23 17.25 36.63
CA SER D 187 81.60 17.69 37.97
C SER D 187 80.42 18.43 38.58
N SER D 188 79.90 17.90 39.69
CA SER D 188 78.78 18.52 40.39
C SER D 188 79.34 19.24 41.61
N VAL D 189 79.29 20.57 41.59
CA VAL D 189 79.96 21.39 42.59
C VAL D 189 78.92 22.21 43.33
N VAL D 190 79.02 22.23 44.66
CA VAL D 190 78.16 23.05 45.50
C VAL D 190 79.04 24.06 46.23
N THR D 191 78.61 25.32 46.21
CA THR D 191 79.29 26.40 46.93
C THR D 191 78.61 26.59 48.27
N VAL D 192 79.40 26.50 49.34
CA VAL D 192 78.87 26.57 50.70
C VAL D 192 79.71 27.56 51.49
N PRO D 193 79.19 28.05 52.62
CA PRO D 193 80.05 28.81 53.53
C PRO D 193 81.19 27.93 54.05
N SER D 194 82.37 28.54 54.14
CA SER D 194 83.54 27.80 54.64
C SER D 194 83.44 27.48 56.12
N SER D 195 82.57 28.18 56.85
CA SER D 195 82.41 27.92 58.28
C SER D 195 81.79 26.55 58.54
N SER D 196 81.07 25.99 57.58
CA SER D 196 80.39 24.71 57.77
C SER D 196 81.24 23.52 57.39
N LEU D 197 82.48 23.74 56.97
CA LEU D 197 83.34 22.62 56.57
C LEU D 197 83.64 21.69 57.73
N GLY D 198 83.77 22.23 58.94
CA GLY D 198 84.08 21.44 60.11
C GLY D 198 82.90 20.98 60.93
N THR D 199 81.69 21.46 60.62
CA THR D 199 80.50 21.10 61.37
C THR D 199 79.42 20.42 60.56
N GLN D 200 79.39 20.62 59.25
CA GLN D 200 78.37 20.03 58.38
C GLN D 200 79.01 18.99 57.48
N THR D 201 78.36 17.83 57.38
CA THR D 201 78.85 16.76 56.53
C THR D 201 78.27 16.91 55.13
N TYR D 202 79.14 16.92 54.12
CA TYR D 202 78.74 17.06 52.73
C TYR D 202 78.99 15.73 52.03
N ILE D 203 77.91 15.02 51.71
CA ILE D 203 77.99 13.74 51.00
C ILE D 203 77.20 13.87 49.72
N CYS D 204 77.87 13.67 48.59
CA CYS D 204 77.22 13.67 47.29
C CYS D 204 76.71 12.27 46.98
N ASN D 205 75.49 12.19 46.46
CA ASN D 205 74.85 10.95 46.05
C ASN D 205 74.78 10.96 44.53
N VAL D 206 75.55 10.07 43.90
CA VAL D 206 75.58 9.94 42.45
C VAL D 206 74.81 8.69 42.09
N ASN D 207 73.77 8.86 41.27
CA ASN D 207 72.89 7.78 40.86
C ASN D 207 72.99 7.60 39.35
N HIS D 208 73.25 6.37 38.92
CA HIS D 208 73.39 6.00 37.52
C HIS D 208 72.37 4.90 37.25
N LYS D 209 71.25 5.27 36.64
CA LYS D 209 70.20 4.31 36.33
C LYS D 209 70.64 3.15 35.44
N PRO D 210 71.39 3.37 34.34
CA PRO D 210 71.72 2.22 33.48
C PRO D 210 72.45 1.10 34.18
N SER D 211 73.27 1.41 35.20
CA SER D 211 73.94 0.39 35.98
C SER D 211 73.36 0.22 37.38
N ASN D 212 72.32 0.98 37.73
CA ASN D 212 71.74 0.97 39.07
C ASN D 212 72.81 1.22 40.13
N THR D 213 73.68 2.18 39.86
CA THR D 213 74.82 2.46 40.73
C THR D 213 74.54 3.69 41.57
N LYS D 214 74.51 3.52 42.89
CA LYS D 214 74.33 4.62 43.83
C LYS D 214 75.57 4.71 44.70
N VAL D 215 76.31 5.81 44.55
CA VAL D 215 77.56 6.02 45.28
C VAL D 215 77.41 7.27 46.14
N ASP D 216 77.69 7.11 47.44
CA ASP D 216 77.70 8.22 48.38
C ASP D 216 79.15 8.53 48.75
N LYS D 217 79.58 9.75 48.47
CA LYS D 217 80.96 10.17 48.72
C LYS D 217 80.96 11.40 49.61
N ARG D 218 81.62 11.30 50.76
CA ARG D 218 81.76 12.42 51.67
C ARG D 218 82.96 13.27 51.25
N VAL D 219 82.73 14.57 51.10
CA VAL D 219 83.76 15.51 50.67
C VAL D 219 84.26 16.27 51.88
N GLU D 220 85.55 16.17 52.15
CA GLU D 220 86.20 16.83 53.28
C GLU D 220 87.30 17.76 52.78
N PRO D 221 87.67 18.76 53.57
CA PRO D 221 88.72 19.69 53.13
C PRO D 221 90.05 18.99 52.92
N LYS D 222 90.88 19.61 52.08
CA LYS D 222 92.18 19.03 51.75
C LYS D 222 93.03 18.90 53.00
N SER D 223 93.68 17.74 53.14
CA SER D 223 94.51 17.46 54.31
C SER D 223 95.76 16.67 53.94
N SER E 1 61.33 17.24 7.58
CA SER E 1 60.09 17.78 8.11
C SER E 1 59.37 18.62 7.07
N VAL E 2 58.09 18.29 6.82
CA VAL E 2 57.31 19.04 5.84
C VAL E 2 57.11 20.47 6.30
N VAL E 3 56.80 20.66 7.59
CA VAL E 3 56.61 21.99 8.14
C VAL E 3 57.96 22.66 8.32
N THR E 4 58.08 23.90 7.87
CA THR E 4 59.34 24.63 7.85
C THR E 4 59.25 25.84 8.79
N GLN E 5 60.28 26.03 9.60
CA GLN E 5 60.42 27.18 10.47
C GLN E 5 61.78 27.84 10.24
N PRO E 6 61.89 29.14 10.50
CA PRO E 6 63.21 29.77 10.46
C PRO E 6 64.14 29.17 11.51
N ALA E 7 65.42 29.10 11.16
CA ALA E 7 66.39 28.46 12.05
C ALA E 7 66.52 29.23 13.36
N SER E 8 66.57 30.55 13.29
CA SER E 8 66.73 31.37 14.49
C SER E 8 66.18 32.76 14.24
N VAL E 9 65.93 33.48 15.33
CA VAL E 9 65.44 34.85 15.26
C VAL E 9 65.93 35.59 16.51
N SER E 10 66.16 36.89 16.36
CA SER E 10 66.68 37.70 17.44
C SER E 10 65.79 38.93 17.64
N GLY E 11 65.78 39.43 18.87
CA GLY E 11 65.00 40.61 19.20
C GLY E 11 65.47 41.24 20.49
N SER E 12 65.08 42.50 20.68
CA SER E 12 65.46 43.23 21.86
C SER E 12 64.31 43.27 22.87
N PRO E 13 64.61 43.36 24.16
CA PRO E 13 63.54 43.42 25.16
C PRO E 13 62.66 44.64 24.94
N GLY E 14 61.36 44.41 24.90
CA GLY E 14 60.40 45.48 24.71
C GLY E 14 59.65 45.40 23.40
N GLN E 15 60.35 45.05 22.33
CA GLN E 15 59.71 44.97 21.02
C GLN E 15 59.06 43.59 20.84
N SER E 16 58.22 43.51 19.81
CA SER E 16 57.45 42.30 19.52
C SER E 16 58.06 41.58 18.33
N ILE E 17 58.21 40.26 18.44
CA ILE E 17 58.77 39.45 17.38
C ILE E 17 57.74 38.43 16.92
N THR E 18 57.98 37.87 15.74
CA THR E 18 57.07 36.91 15.12
C THR E 18 57.84 35.70 14.65
N ILE E 19 57.36 34.51 14.99
CA ILE E 19 57.92 33.24 14.54
C ILE E 19 56.93 32.62 13.56
N SER E 20 57.42 32.27 12.37
CA SER E 20 56.60 31.74 11.31
C SER E 20 56.65 30.21 11.29
N CYS E 21 55.62 29.63 10.66
CA CYS E 21 55.50 28.17 10.59
C CYS E 21 54.80 27.87 9.27
N THR E 22 55.57 27.51 8.26
CA THR E 22 55.06 27.31 6.91
C THR E 22 54.87 25.82 6.65
N GLY E 23 53.62 25.41 6.44
CA GLY E 23 53.32 24.06 6.06
C GLY E 23 52.68 23.98 4.69
N THR E 24 52.04 22.86 4.38
CA THR E 24 51.35 22.69 3.11
C THR E 24 49.87 23.01 3.30
N SER E 25 49.09 22.74 2.25
CA SER E 25 47.65 22.93 2.30
C SER E 25 46.94 21.77 2.97
N SER E 26 47.64 20.70 3.30
CA SER E 26 47.02 19.53 3.92
C SER E 26 47.22 19.45 5.43
N ASP E 27 48.14 20.24 5.98
CA ASP E 27 48.38 20.22 7.42
C ASP E 27 48.03 21.55 8.09
N VAL E 28 48.56 22.66 7.61
CA VAL E 28 48.28 23.94 8.24
C VAL E 28 47.12 24.67 7.55
N GLY E 29 47.01 24.56 6.24
CA GLY E 29 45.95 25.23 5.53
C GLY E 29 44.62 24.51 5.52
N SER E 30 44.52 23.38 6.20
CA SER E 30 43.29 22.60 6.24
C SER E 30 42.55 22.66 7.56
N TYR E 31 43.27 22.75 8.68
CA TYR E 31 42.66 22.67 9.99
C TYR E 31 43.09 23.84 10.86
N ASN E 32 42.21 24.22 11.78
CA ASN E 32 42.57 25.20 12.82
C ASN E 32 43.15 24.50 14.05
N LEU E 33 44.18 23.68 13.82
CA LEU E 33 44.72 22.80 14.83
C LEU E 33 46.24 22.92 14.91
N VAL E 34 46.72 24.15 14.99
CA VAL E 34 48.15 24.43 15.11
C VAL E 34 48.46 24.77 16.56
N SER E 35 49.47 24.13 17.12
CA SER E 35 49.90 24.37 18.49
C SER E 35 51.34 24.86 18.49
N TRP E 36 51.63 25.72 19.45
CA TRP E 36 52.96 26.31 19.62
C TRP E 36 53.49 25.90 20.99
N PHE E 37 54.67 25.28 20.99
CA PHE E 37 55.34 24.77 22.18
C PHE E 37 56.63 25.52 22.41
N GLN E 38 56.91 25.81 23.68
CA GLN E 38 58.16 26.44 24.10
C GLN E 38 58.97 25.43 24.91
N GLN E 39 60.23 25.23 24.52
CA GLN E 39 61.11 24.27 25.17
C GLN E 39 62.39 24.98 25.60
N HIS E 40 62.64 24.99 26.90
CA HIS E 40 63.93 25.42 27.43
C HIS E 40 64.91 24.26 27.38
N PRO E 41 66.22 24.56 27.37
CA PRO E 41 67.21 23.48 27.35
C PRO E 41 67.05 22.56 28.56
N GLY E 42 67.09 21.25 28.30
CA GLY E 42 66.97 20.27 29.37
C GLY E 42 65.58 20.10 29.92
N LYS E 43 64.56 20.66 29.27
CA LYS E 43 63.19 20.60 29.78
C LYS E 43 62.26 20.07 28.69
N ALA E 44 61.15 19.48 29.13
CA ALA E 44 60.12 19.06 28.20
C ALA E 44 59.42 20.27 27.60
N PRO E 45 58.94 20.16 26.36
CA PRO E 45 58.24 21.30 25.74
C PRO E 45 57.00 21.68 26.54
N LYS E 46 56.72 22.98 26.58
CA LYS E 46 55.57 23.50 27.29
C LYS E 46 54.59 24.09 26.29
N LEU E 47 53.33 23.70 26.41
CA LEU E 47 52.31 24.18 25.49
C LEU E 47 52.03 25.66 25.74
N MET E 48 52.26 26.48 24.72
CA MET E 48 51.99 27.91 24.79
C MET E 48 50.73 28.32 24.06
N ILE E 49 50.49 27.75 22.88
CA ILE E 49 49.30 28.07 22.09
C ILE E 49 48.68 26.76 21.61
N TYR E 50 47.35 26.67 21.70
CA TYR E 50 46.64 25.54 21.12
C TYR E 50 45.46 26.06 20.30
N GLU E 51 45.11 25.30 19.27
CA GLU E 51 44.02 25.65 18.35
C GLU E 51 44.26 27.03 17.73
N VAL E 52 45.48 27.22 17.22
CA VAL E 52 45.87 28.39 16.45
C VAL E 52 45.98 29.63 17.32
N THR E 53 44.91 29.97 18.06
CA THR E 53 44.88 31.22 18.80
C THR E 53 44.66 31.06 20.30
N LYS E 54 44.08 29.96 20.75
CA LYS E 54 43.69 29.85 22.16
C LYS E 54 44.91 29.64 23.04
N ARG E 55 44.94 30.37 24.17
CA ARG E 55 45.98 30.27 25.19
C ARG E 55 45.51 29.40 26.34
N PRO E 56 46.26 28.36 26.70
CA PRO E 56 45.89 27.57 27.88
C PRO E 56 46.02 28.40 29.15
N SER E 57 45.26 28.01 30.17
CA SER E 57 45.24 28.73 31.43
C SER E 57 46.64 28.80 32.03
N GLY E 58 47.03 29.99 32.48
CA GLY E 58 48.33 30.19 33.08
C GLY E 58 49.38 30.76 32.15
N ILE E 59 49.02 31.08 30.91
CA ILE E 59 49.97 31.60 29.93
C ILE E 59 49.71 33.09 29.75
N SER E 60 50.78 33.88 29.79
CA SER E 60 50.66 35.33 29.68
C SER E 60 50.12 35.71 28.30
N ASN E 61 49.38 36.82 28.27
CA ASN E 61 48.80 37.30 27.02
C ASN E 61 49.83 37.89 26.07
N ARG E 62 51.12 37.87 26.42
CA ARG E 62 52.16 38.34 25.51
C ARG E 62 52.32 37.42 24.31
N PHE E 63 51.85 36.18 24.40
CA PHE E 63 51.91 35.22 23.31
C PHE E 63 50.57 35.18 22.60
N SER E 64 50.58 35.42 21.29
CA SER E 64 49.36 35.37 20.50
C SER E 64 49.62 34.52 19.26
N GLY E 65 48.57 33.89 18.76
CA GLY E 65 48.67 33.03 17.59
C GLY E 65 47.77 33.50 16.47
N SER E 66 48.18 33.21 15.24
CA SER E 66 47.36 33.51 14.08
C SER E 66 47.68 32.52 12.97
N LYS E 67 46.75 32.39 12.04
CA LYS E 67 46.96 31.53 10.88
C LYS E 67 46.49 32.27 9.63
N SER E 68 47.29 32.17 8.56
CA SER E 68 46.93 32.77 7.29
C SER E 68 47.51 31.91 6.19
N GLY E 69 46.68 31.52 5.24
CA GLY E 69 47.14 30.64 4.18
C GLY E 69 47.63 29.34 4.77
N ASN E 70 48.88 28.98 4.46
CA ASN E 70 49.53 27.80 5.01
C ASN E 70 50.58 28.16 6.04
N THR E 71 50.53 29.37 6.60
CA THR E 71 51.54 29.84 7.55
C THR E 71 50.88 30.23 8.85
N ALA E 72 51.37 29.67 9.95
CA ALA E 72 50.92 30.04 11.29
C ALA E 72 52.00 30.89 11.95
N SER E 73 51.58 31.98 12.58
CA SER E 73 52.50 32.95 13.17
C SER E 73 52.26 33.04 14.67
N LEU E 74 53.33 32.97 15.44
CA LEU E 74 53.31 33.21 16.87
C LEU E 74 53.97 34.55 17.15
N THR E 75 53.21 35.47 17.74
CA THR E 75 53.68 36.82 18.02
C THR E 75 53.91 36.96 19.52
N ILE E 76 55.13 37.35 19.88
CA ILE E 76 55.50 37.59 21.28
C ILE E 76 55.74 39.08 21.43
N SER E 77 54.92 39.72 22.27
CA SER E 77 55.06 41.13 22.57
C SER E 77 55.75 41.32 23.91
N ARG E 78 56.52 42.40 24.02
CA ARG E 78 57.26 42.75 25.22
C ARG E 78 58.21 41.61 25.61
N LEU E 79 59.20 41.40 24.74
CA LEU E 79 60.19 40.35 24.93
C LEU E 79 60.88 40.50 26.28
N GLN E 80 61.09 39.37 26.94
CA GLN E 80 61.78 39.33 28.24
C GLN E 80 62.91 38.31 28.16
N ALA E 81 63.70 38.24 29.23
CA ALA E 81 64.87 37.39 29.23
C ALA E 81 64.51 35.91 29.13
N GLU E 82 63.51 35.48 29.89
CA GLU E 82 63.17 34.06 29.95
C GLU E 82 62.46 33.57 28.70
N ASP E 83 62.02 34.46 27.82
CA ASP E 83 61.37 34.05 26.58
C ASP E 83 62.36 33.44 25.59
N GLU E 84 63.66 33.52 25.86
CA GLU E 84 64.67 32.98 24.96
C GLU E 84 64.75 31.47 25.16
N ALA E 85 64.23 30.73 24.18
CA ALA E 85 64.21 29.27 24.21
C ALA E 85 63.87 28.79 22.81
N ASP E 86 63.65 27.49 22.66
CA ASP E 86 63.24 26.92 21.38
C ASP E 86 61.71 26.96 21.26
N TYR E 87 61.24 27.19 20.04
CA TYR E 87 59.82 27.24 19.77
C TYR E 87 59.49 26.31 18.59
N TYR E 88 58.52 25.43 18.80
CA TYR E 88 58.09 24.47 17.80
C TYR E 88 56.62 24.66 17.48
N CYS E 89 56.23 24.38 16.24
CA CYS E 89 54.84 24.37 15.84
C CYS E 89 54.46 22.96 15.42
N CYS E 90 53.41 22.43 16.03
CA CYS E 90 52.84 21.14 15.67
C CYS E 90 51.52 21.37 14.97
N SER E 91 51.22 20.56 13.97
CA SER E 91 50.00 20.72 13.19
C SER E 91 49.40 19.35 12.90
N TYR E 92 48.07 19.28 13.00
CA TYR E 92 47.38 18.06 12.63
C TYR E 92 47.45 17.87 11.12
N ALA E 93 47.98 16.72 10.69
CA ALA E 93 48.22 16.47 9.28
C ALA E 93 47.16 15.57 8.65
N GLY E 94 46.07 15.34 9.35
CA GLY E 94 45.01 14.49 8.84
C GLY E 94 45.32 13.01 9.03
N SER E 95 44.24 12.22 9.00
CA SER E 95 44.33 10.77 9.20
C SER E 95 45.02 10.43 10.52
N SER E 96 44.70 11.20 11.56
CA SER E 96 45.27 11.01 12.89
C SER E 96 46.79 11.06 12.86
N THR E 97 47.32 12.13 12.25
CA THR E 97 48.75 12.32 12.14
C THR E 97 49.10 13.75 12.49
N VAL E 98 50.19 13.91 13.24
CA VAL E 98 50.68 15.21 13.68
C VAL E 98 52.09 15.39 13.15
N VAL E 99 52.38 16.58 12.64
CA VAL E 99 53.70 16.92 12.10
C VAL E 99 54.26 18.10 12.88
N PHE E 100 55.51 17.98 13.31
CA PHE E 100 56.18 19.03 14.04
C PHE E 100 57.03 19.88 13.11
N GLY E 101 57.21 21.15 13.48
CA GLY E 101 58.07 22.03 12.73
C GLY E 101 59.54 21.80 13.03
N GLY E 102 60.39 22.48 12.26
CA GLY E 102 61.81 22.33 12.44
C GLY E 102 62.35 22.93 13.73
N GLY E 103 61.65 23.93 14.29
CA GLY E 103 62.10 24.56 15.51
C GLY E 103 62.81 25.87 15.27
N THR E 104 62.49 26.87 16.08
CA THR E 104 63.10 28.20 15.96
C THR E 104 63.67 28.59 17.31
N LYS E 105 64.92 29.06 17.31
CA LYS E 105 65.61 29.47 18.52
C LYS E 105 65.57 31.00 18.60
N LEU E 106 64.81 31.50 19.58
CA LEU E 106 64.72 32.93 19.80
C LEU E 106 65.98 33.43 20.52
N THR E 107 66.39 34.66 20.19
CA THR E 107 67.54 35.30 20.82
C THR E 107 67.12 36.66 21.34
N VAL E 108 67.47 36.95 22.60
CA VAL E 108 67.12 38.21 23.25
C VAL E 108 68.39 39.05 23.35
N LEU E 109 68.37 40.23 22.73
CA LEU E 109 69.55 41.09 22.69
C LEU E 109 69.93 41.63 24.06
N GLY E 110 69.03 41.54 25.05
CA GLY E 110 69.19 42.21 26.32
C GLY E 110 70.31 41.68 27.21
N GLN E 111 70.94 40.57 26.85
CA GLN E 111 71.99 40.01 27.69
C GLN E 111 73.31 40.75 27.45
N PRO E 112 73.90 41.36 28.48
CA PRO E 112 75.18 42.05 28.29
C PRO E 112 76.36 41.08 28.39
N LYS E 113 77.55 41.62 28.14
CA LYS E 113 78.77 40.82 28.24
C LYS E 113 79.03 40.44 29.69
N ALA E 114 79.38 39.18 29.93
CA ALA E 114 79.68 38.68 31.25
C ALA E 114 80.99 37.91 31.22
N ASN E 115 81.91 38.25 32.13
CA ASN E 115 83.17 37.54 32.20
C ASN E 115 83.01 36.21 32.94
N PRO E 116 83.79 35.19 32.56
CA PRO E 116 83.60 33.87 33.15
C PRO E 116 84.21 33.72 34.53
N THR E 117 83.55 32.90 35.34
CA THR E 117 84.05 32.51 36.65
C THR E 117 84.65 31.12 36.56
N VAL E 118 85.88 30.97 37.07
CA VAL E 118 86.68 29.77 36.88
C VAL E 118 87.02 29.17 38.24
N THR E 119 86.87 27.84 38.35
CA THR E 119 87.25 27.09 39.54
C THR E 119 88.07 25.89 39.12
N LEU E 120 89.23 25.70 39.75
CA LEU E 120 90.15 24.63 39.40
C LEU E 120 90.28 23.66 40.58
N PHE E 121 90.15 22.36 40.29
CA PHE E 121 90.22 21.29 41.26
C PHE E 121 91.36 20.35 40.92
N PRO E 122 92.25 20.06 41.88
CA PRO E 122 93.32 19.10 41.64
C PRO E 122 92.84 17.67 41.89
N PRO E 123 93.65 16.66 41.56
CA PRO E 123 93.25 15.28 41.86
C PRO E 123 93.10 15.05 43.36
N SER E 124 92.17 14.16 43.70
CA SER E 124 91.90 13.81 45.08
C SER E 124 92.89 12.75 45.56
N SER E 125 92.92 12.55 46.89
CA SER E 125 93.79 11.54 47.47
C SER E 125 93.39 10.14 47.02
N GLU E 126 92.08 9.87 46.96
CA GLU E 126 91.61 8.57 46.50
C GLU E 126 92.02 8.30 45.07
N GLU E 127 91.92 9.33 44.21
CA GLU E 127 92.31 9.15 42.81
C GLU E 127 93.80 8.86 42.68
N LEU E 128 94.63 9.52 43.49
CA LEU E 128 96.06 9.22 43.49
C LEU E 128 96.31 7.80 44.00
N GLN E 129 95.52 7.37 44.98
CA GLN E 129 95.56 5.96 45.38
C GLN E 129 95.07 5.04 44.26
N ALA E 130 94.28 5.58 43.32
CA ALA E 130 93.85 4.85 42.14
C ALA E 130 94.81 5.00 40.98
N ASN E 131 95.98 5.60 41.21
CA ASN E 131 97.02 5.77 40.19
C ASN E 131 96.51 6.58 38.99
N LYS E 132 95.68 7.58 39.28
CA LYS E 132 95.17 8.47 38.24
C LYS E 132 95.18 9.90 38.77
N ALA E 133 95.20 10.86 37.85
CA ALA E 133 95.19 12.27 38.19
C ALA E 133 94.28 13.01 37.22
N THR E 134 93.37 13.83 37.77
CA THR E 134 92.45 14.61 36.94
C THR E 134 92.35 16.02 37.50
N LEU E 135 92.53 17.02 36.63
CA LEU E 135 92.35 18.42 36.96
C LEU E 135 91.07 18.91 36.31
N VAL E 136 90.21 19.57 37.11
CA VAL E 136 88.88 19.98 36.67
C VAL E 136 88.83 21.50 36.65
N CYS E 137 88.53 22.07 35.48
CA CYS E 137 88.42 23.52 35.32
C CYS E 137 86.99 23.84 34.92
N LEU E 138 86.20 24.31 35.87
CA LEU E 138 84.80 24.62 35.65
C LEU E 138 84.64 26.12 35.41
N ILE E 139 83.98 26.47 34.30
CA ILE E 139 83.77 27.85 33.90
C ILE E 139 82.27 28.10 33.82
N SER E 140 81.82 29.20 34.41
CA SER E 140 80.39 29.47 34.46
C SER E 140 80.12 30.96 34.33
N ASP E 141 78.89 31.28 33.92
CA ASP E 141 78.34 32.63 34.00
C ASP E 141 79.10 33.61 33.10
N PHE E 142 79.29 33.20 31.84
CA PHE E 142 79.91 34.06 30.84
C PHE E 142 78.96 34.24 29.65
N TYR E 143 78.97 35.45 29.09
CA TYR E 143 78.17 35.77 27.92
C TYR E 143 78.97 36.78 27.10
N PRO E 144 79.06 36.60 25.77
CA PRO E 144 78.48 35.51 24.96
C PRO E 144 79.13 34.16 25.22
N GLY E 145 78.48 33.07 24.84
CA GLY E 145 78.99 31.74 25.08
C GLY E 145 80.09 31.34 24.12
N ALA E 146 81.26 31.94 24.27
CA ALA E 146 82.41 31.63 23.42
C ALA E 146 83.68 31.91 24.20
N VAL E 147 84.33 30.86 24.69
CA VAL E 147 85.57 30.97 25.46
C VAL E 147 86.57 29.97 24.91
N THR E 148 87.85 30.25 25.18
CA THR E 148 88.94 29.38 24.78
C THR E 148 89.73 28.97 26.02
N VAL E 149 90.06 27.68 26.12
CA VAL E 149 90.69 27.12 27.31
C VAL E 149 92.10 26.67 26.94
N ALA E 150 93.08 27.08 27.74
CA ALA E 150 94.47 26.69 27.55
C ALA E 150 95.05 26.21 28.88
N TRP E 151 95.79 25.12 28.84
CA TRP E 151 96.39 24.55 30.05
C TRP E 151 97.89 24.79 30.06
N LYS E 152 98.45 24.92 31.26
CA LYS E 152 99.86 25.19 31.45
C LYS E 152 100.44 24.24 32.48
N ALA E 153 101.56 23.61 32.15
CA ALA E 153 102.38 22.90 33.10
C ALA E 153 103.53 23.83 33.50
N ASP E 154 103.54 24.25 34.76
CA ASP E 154 104.39 25.35 35.20
C ASP E 154 104.09 26.57 34.33
N SER E 155 104.98 26.89 33.39
CA SER E 155 104.77 27.98 32.46
C SER E 155 104.66 27.54 31.01
N SER E 156 104.83 26.26 30.71
CA SER E 156 104.79 25.73 29.35
C SER E 156 103.37 25.37 28.95
N PRO E 157 103.00 25.58 27.69
CA PRO E 157 101.67 25.18 27.23
C PRO E 157 101.51 23.67 27.22
N VAL E 158 100.27 23.21 27.38
CA VAL E 158 99.93 21.80 27.36
C VAL E 158 98.80 21.60 26.35
N LYS E 159 99.00 20.65 25.43
CA LYS E 159 98.00 20.36 24.41
C LYS E 159 97.37 18.98 24.57
N ALA E 160 98.08 18.02 25.14
CA ALA E 160 97.57 16.66 25.29
C ALA E 160 96.76 16.51 26.56
N GLY E 161 95.77 15.63 26.51
CA GLY E 161 94.96 15.33 27.67
C GLY E 161 93.96 16.40 28.06
N VAL E 162 93.58 17.26 27.12
CA VAL E 162 92.67 18.37 27.38
C VAL E 162 91.34 18.05 26.73
N GLU E 163 90.27 18.04 27.53
CA GLU E 163 88.91 17.80 27.04
C GLU E 163 88.05 18.97 27.46
N THR E 164 87.60 19.77 26.49
CA THR E 164 86.82 20.97 26.75
C THR E 164 85.42 20.82 26.18
N THR E 165 84.42 21.22 26.96
CA THR E 165 83.02 21.17 26.53
C THR E 165 82.66 22.41 25.74
N THR E 166 81.66 22.27 24.88
CA THR E 166 81.08 23.44 24.23
C THR E 166 80.25 24.22 25.25
N PRO E 167 80.10 25.53 25.05
CA PRO E 167 79.26 26.31 25.97
C PRO E 167 77.82 25.81 25.96
N SER E 168 77.20 25.83 27.14
CA SER E 168 75.82 25.42 27.32
C SER E 168 75.08 26.51 28.09
N LYS E 169 73.92 26.91 27.60
CA LYS E 169 73.18 27.99 28.24
C LYS E 169 72.64 27.54 29.59
N GLN E 170 72.94 28.33 30.62
CA GLN E 170 72.46 28.04 31.97
C GLN E 170 71.01 28.48 32.11
N SER E 171 70.42 28.21 33.28
CA SER E 171 69.06 28.63 33.55
C SER E 171 68.93 30.15 33.61
N ASN E 172 70.02 30.87 33.86
CA ASN E 172 70.01 32.32 33.92
C ASN E 172 70.42 32.97 32.60
N ASN E 173 70.26 32.26 31.48
CA ASN E 173 70.60 32.68 30.13
C ASN E 173 72.09 32.91 29.93
N LYS E 174 72.92 32.64 30.93
CA LYS E 174 74.37 32.66 30.77
C LYS E 174 74.85 31.27 30.34
N TYR E 175 76.15 31.13 30.12
CA TYR E 175 76.71 29.90 29.57
C TYR E 175 77.72 29.29 30.54
N ALA E 176 77.90 27.98 30.42
CA ALA E 176 78.80 27.23 31.26
C ALA E 176 79.59 26.24 30.40
N ALA E 177 80.74 25.83 30.93
CA ALA E 177 81.61 24.88 30.24
C ALA E 177 82.51 24.23 31.29
N SER E 178 83.13 23.12 30.89
CA SER E 178 84.03 22.40 31.76
C SER E 178 85.18 21.82 30.94
N SER E 179 86.37 21.83 31.53
CA SER E 179 87.57 21.29 30.91
C SER E 179 88.23 20.32 31.87
N TYR E 180 88.80 19.26 31.31
CA TYR E 180 89.42 18.21 32.11
C TYR E 180 90.81 17.91 31.57
N LEU E 181 91.78 17.88 32.47
CA LEU E 181 93.16 17.54 32.15
C LEU E 181 93.51 16.22 32.82
N SER E 182 93.87 15.23 32.01
CA SER E 182 94.21 13.90 32.52
C SER E 182 95.73 13.80 32.63
N LEU E 183 96.20 13.50 33.84
CA LEU E 183 97.63 13.42 34.12
C LEU E 183 97.89 12.19 34.98
N THR E 184 99.09 11.64 34.83
CA THR E 184 99.54 10.57 35.70
C THR E 184 99.94 11.14 37.05
N PRO E 185 99.91 10.32 38.11
CA PRO E 185 100.39 10.81 39.41
C PRO E 185 101.82 11.30 39.39
N GLU E 186 102.69 10.66 38.59
CA GLU E 186 104.06 11.12 38.49
C GLU E 186 104.14 12.50 37.84
N GLN E 187 103.35 12.74 36.79
CA GLN E 187 103.33 14.06 36.18
C GLN E 187 102.76 15.10 37.15
N TRP E 188 101.74 14.73 37.91
CA TRP E 188 101.16 15.66 38.87
C TRP E 188 102.16 16.05 39.96
N LYS E 189 102.86 15.06 40.51
CA LYS E 189 103.81 15.33 41.59
C LYS E 189 105.12 15.92 41.09
N SER E 190 105.46 15.74 39.81
CA SER E 190 106.73 16.20 39.29
C SER E 190 106.74 17.69 39.03
N HIS E 191 105.62 18.26 38.60
CA HIS E 191 105.54 19.68 38.29
C HIS E 191 105.21 20.48 39.54
N ARG E 192 105.73 21.71 39.59
CA ARG E 192 105.47 22.58 40.73
C ARG E 192 104.01 23.00 40.77
N SER E 193 103.42 23.30 39.63
CA SER E 193 102.03 23.73 39.57
C SER E 193 101.48 23.51 38.17
N TYR E 194 100.15 23.51 38.09
CA TYR E 194 99.42 23.45 36.83
C TYR E 194 98.40 24.58 36.82
N SER E 195 98.08 25.06 35.61
CA SER E 195 97.22 26.23 35.48
C SER E 195 96.20 26.01 34.36
N CYS E 196 95.02 26.57 34.56
CA CYS E 196 93.96 26.61 33.56
C CYS E 196 93.63 28.07 33.27
N GLN E 197 93.66 28.45 31.98
CA GLN E 197 93.41 29.82 31.56
C GLN E 197 92.21 29.83 30.62
N VAL E 198 91.26 30.71 30.90
CA VAL E 198 90.05 30.87 30.11
C VAL E 198 90.04 32.27 29.52
N THR E 199 89.92 32.36 28.20
CA THR E 199 89.89 33.63 27.49
C THR E 199 88.51 33.85 26.90
N HIS E 200 87.92 34.99 27.23
CA HIS E 200 86.59 35.38 26.77
C HIS E 200 86.65 36.84 26.33
N GLU E 201 86.29 37.09 25.08
CA GLU E 201 86.31 38.44 24.50
C GLU E 201 87.66 39.10 24.64
N GLY E 202 88.73 38.31 24.60
CA GLY E 202 90.08 38.83 24.72
C GLY E 202 90.60 38.99 26.13
N SER E 203 89.79 38.71 27.15
CA SER E 203 90.22 38.82 28.53
C SER E 203 90.47 37.41 29.09
N THR E 204 91.64 37.23 29.70
CA THR E 204 92.08 35.92 30.16
C THR E 204 92.12 35.88 31.69
N VAL E 205 91.59 34.80 32.26
CA VAL E 205 91.59 34.57 33.70
C VAL E 205 92.23 33.21 33.96
N GLU E 206 93.14 33.16 34.94
CA GLU E 206 93.96 31.99 35.19
C GLU E 206 93.74 31.48 36.61
N LYS E 207 93.73 30.16 36.75
CA LYS E 207 93.71 29.49 38.05
C LYS E 207 94.86 28.49 38.10
N THR E 208 95.34 28.23 39.31
CA THR E 208 96.54 27.41 39.49
C THR E 208 96.40 26.51 40.70
N VAL E 209 96.84 25.25 40.55
CA VAL E 209 96.86 24.29 41.63
C VAL E 209 98.25 23.68 41.72
N ALA E 210 98.57 23.15 42.90
CA ALA E 210 99.88 22.59 43.19
C ALA E 210 99.70 21.36 44.06
N PRO E 211 100.67 20.43 44.02
CA PRO E 211 100.60 19.26 44.92
C PRO E 211 100.69 19.68 46.39
N THR E 212 100.02 18.90 47.23
CA THR E 212 100.00 19.13 48.67
C THR E 212 101.06 18.29 49.36
N GLU E 213 101.81 18.92 50.26
CA GLU E 213 102.89 18.27 50.99
C GLU E 213 102.38 17.80 52.35
N CYS E 214 102.54 16.51 52.62
CA CYS E 214 102.07 15.94 53.88
C CYS E 214 103.08 14.95 54.44
N GLN F 1 -3.01 33.60 -51.42
CA GLN F 1 -2.06 33.94 -52.47
C GLN F 1 -1.80 32.74 -53.37
N VAL F 2 -2.10 31.55 -52.85
CA VAL F 2 -1.91 30.33 -53.63
C VAL F 2 -2.86 30.32 -54.82
N GLN F 3 -2.43 29.67 -55.89
CA GLN F 3 -3.24 29.52 -57.09
C GLN F 3 -3.31 28.05 -57.46
N LEU F 4 -4.53 27.56 -57.69
CA LEU F 4 -4.75 26.16 -58.01
C LEU F 4 -5.23 26.07 -59.45
N VAL F 5 -4.54 25.27 -60.27
CA VAL F 5 -4.86 25.14 -61.68
C VAL F 5 -5.13 23.67 -61.98
N GLU F 6 -6.29 23.39 -62.56
CA GLU F 6 -6.65 22.02 -62.90
C GLU F 6 -6.17 21.67 -64.29
N SER F 7 -5.88 20.38 -64.51
CA SER F 7 -5.45 19.90 -65.81
C SER F 7 -5.89 18.45 -65.96
N GLY F 8 -6.01 18.03 -67.22
CA GLY F 8 -6.41 16.68 -67.53
C GLY F 8 -7.11 16.61 -68.87
N PRO F 9 -7.49 15.40 -69.29
CA PRO F 9 -8.20 15.26 -70.57
C PRO F 9 -9.56 15.94 -70.52
N GLY F 10 -10.00 16.44 -71.68
CA GLY F 10 -11.27 17.10 -71.78
C GLY F 10 -12.37 16.20 -72.31
N LEU F 11 -11.98 14.99 -72.75
CA LEU F 11 -12.94 14.03 -73.29
C LEU F 11 -12.64 12.65 -72.72
N VAL F 12 -13.67 12.03 -72.16
CA VAL F 12 -13.58 10.67 -71.61
C VAL F 12 -14.77 9.88 -72.13
N LYS F 13 -14.49 8.71 -72.71
CA LYS F 13 -15.57 7.85 -73.15
C LYS F 13 -16.30 7.24 -71.95
N PRO F 14 -17.58 6.89 -72.11
CA PRO F 14 -18.31 6.29 -70.99
C PRO F 14 -17.68 4.98 -70.54
N SER F 15 -17.84 4.70 -69.25
CA SER F 15 -17.33 3.50 -68.58
C SER F 15 -15.80 3.47 -68.54
N GLU F 16 -15.15 4.61 -68.74
CA GLU F 16 -13.71 4.73 -68.56
C GLU F 16 -13.42 5.31 -67.19
N THR F 17 -12.16 5.70 -66.96
CA THR F 17 -11.75 6.38 -65.75
C THR F 17 -11.26 7.78 -66.09
N LEU F 18 -11.71 8.76 -65.32
CA LEU F 18 -11.37 10.16 -65.53
C LEU F 18 -10.35 10.59 -64.48
N SER F 19 -9.25 11.17 -64.94
CA SER F 19 -8.17 11.62 -64.07
C SER F 19 -7.95 13.11 -64.23
N LEU F 20 -7.82 13.81 -63.09
CA LEU F 20 -7.56 15.22 -63.07
C LEU F 20 -6.45 15.52 -62.08
N THR F 21 -5.64 16.53 -62.37
CA THR F 21 -4.55 16.94 -61.51
C THR F 21 -4.64 18.43 -61.23
N CYS F 22 -4.68 18.78 -59.95
CA CYS F 22 -4.67 20.16 -59.50
C CYS F 22 -3.26 20.52 -59.07
N SER F 23 -2.68 21.53 -59.70
CA SER F 23 -1.34 21.99 -59.41
C SER F 23 -1.40 23.26 -58.59
N VAL F 24 -0.55 23.33 -57.56
CA VAL F 24 -0.54 24.41 -56.59
C VAL F 24 0.66 25.30 -56.88
N SER F 25 0.43 26.61 -56.91
CA SER F 25 1.48 27.60 -57.10
C SER F 25 1.44 28.59 -55.96
N GLY F 26 2.61 29.02 -55.52
CA GLY F 26 2.70 29.97 -54.43
C GLY F 26 2.41 29.38 -53.06
N GLY F 27 2.52 28.08 -52.90
CA GLY F 27 2.28 27.45 -51.61
C GLY F 27 2.58 25.97 -51.69
N SER F 28 2.60 25.34 -50.52
CA SER F 28 2.89 23.93 -50.38
C SER F 28 1.66 23.16 -49.94
N ILE F 29 1.74 21.83 -50.06
CA ILE F 29 0.62 20.99 -49.64
C ILE F 29 0.41 21.10 -48.14
N ASP F 30 1.49 20.94 -47.36
CA ASP F 30 1.44 21.01 -45.90
C ASP F 30 0.36 20.12 -45.32
N ASN F 31 -0.54 20.70 -44.52
CA ASN F 31 -1.59 19.96 -43.86
C ASN F 31 -2.98 20.46 -44.25
N PHE F 32 -3.09 21.19 -45.35
CA PHE F 32 -4.35 21.76 -45.77
C PHE F 32 -5.30 20.66 -46.26
N TYR F 33 -6.59 20.95 -46.19
CA TYR F 33 -7.62 20.09 -46.74
C TYR F 33 -7.86 20.49 -48.19
N TRP F 34 -7.50 19.62 -49.13
CA TRP F 34 -7.69 19.87 -50.55
C TRP F 34 -8.97 19.17 -51.00
N SER F 35 -9.90 19.95 -51.54
CA SER F 35 -11.23 19.46 -51.86
C SER F 35 -11.49 19.54 -53.36
N TRP F 36 -12.23 18.57 -53.85
CA TRP F 36 -12.69 18.54 -55.24
C TRP F 36 -14.20 18.73 -55.26
N ILE F 37 -14.65 19.68 -56.08
CA ILE F 37 -16.07 19.98 -56.28
C ILE F 37 -16.33 19.98 -57.78
N ARG F 38 -17.59 19.76 -58.16
CA ARG F 38 -17.96 19.77 -59.56
C ARG F 38 -19.32 20.44 -59.73
N GLN F 39 -19.56 20.91 -60.94
CA GLN F 39 -20.81 21.57 -61.31
C GLN F 39 -21.20 21.21 -62.73
N PRO F 40 -22.34 20.53 -62.92
CA PRO F 40 -22.81 20.28 -64.27
C PRO F 40 -23.21 21.58 -64.94
N PRO F 41 -23.13 21.65 -66.28
CA PRO F 41 -23.48 22.90 -66.97
C PRO F 41 -24.93 23.28 -66.73
N GLY F 42 -25.12 24.47 -66.17
CA GLY F 42 -26.44 24.97 -65.87
C GLY F 42 -27.10 24.39 -64.64
N LYS F 43 -26.35 23.69 -63.80
CA LYS F 43 -26.89 23.07 -62.59
C LYS F 43 -26.09 23.56 -61.38
N GLY F 44 -26.49 23.10 -60.20
CA GLY F 44 -25.86 23.54 -58.97
C GLY F 44 -24.54 22.85 -58.69
N LEU F 45 -23.84 23.40 -57.70
CA LEU F 45 -22.56 22.82 -57.27
C LEU F 45 -22.80 21.53 -56.51
N GLU F 46 -21.85 20.61 -56.64
CA GLU F 46 -21.92 19.33 -55.95
C GLU F 46 -20.54 19.00 -55.39
N TRP F 47 -20.46 18.82 -54.08
CA TRP F 47 -19.20 18.49 -53.44
C TRP F 47 -18.83 17.05 -53.73
N ILE F 48 -17.60 16.83 -54.18
CA ILE F 48 -17.13 15.49 -54.52
C ILE F 48 -16.40 14.89 -53.33
N GLY F 49 -15.33 15.53 -52.88
CA GLY F 49 -14.59 14.97 -51.77
C GLY F 49 -13.47 15.89 -51.32
N ASN F 50 -12.64 15.36 -50.43
CA ASN F 50 -11.47 16.09 -49.97
C ASN F 50 -10.47 15.11 -49.38
N ILE F 51 -9.24 15.56 -49.22
CA ILE F 51 -8.19 14.76 -48.58
C ILE F 51 -7.13 15.72 -48.06
N TYR F 52 -6.40 15.27 -47.04
CA TYR F 52 -5.24 15.96 -46.53
C TYR F 52 -4.06 14.99 -46.51
N TYR F 53 -2.87 15.54 -46.29
CA TYR F 53 -1.65 14.72 -46.39
C TYR F 53 -1.63 13.57 -45.40
N GLY F 54 -2.40 13.68 -44.30
CA GLY F 54 -2.39 12.60 -43.32
C GLY F 54 -2.87 11.28 -43.89
N GLY F 55 -3.92 11.31 -44.70
CA GLY F 55 -4.39 10.10 -45.34
C GLY F 55 -5.89 9.98 -45.44
N SER F 56 -6.38 8.74 -45.42
CA SER F 56 -7.81 8.43 -45.52
C SER F 56 -8.40 8.99 -46.80
N GLY F 57 -9.18 10.07 -46.69
CA GLY F 57 -9.85 10.64 -47.83
C GLY F 57 -11.35 10.53 -47.69
N ASN F 58 -12.02 11.67 -47.53
CA ASN F 58 -13.46 11.72 -47.30
C ASN F 58 -14.15 12.08 -48.61
N TYR F 59 -15.08 11.24 -49.05
CA TYR F 59 -15.75 11.41 -50.32
C TYR F 59 -17.26 11.54 -50.10
N ASN F 60 -17.93 12.10 -51.10
CA ASN F 60 -19.38 12.16 -51.09
C ASN F 60 -19.93 10.73 -51.07
N PRO F 61 -20.87 10.42 -50.17
CA PRO F 61 -21.39 9.03 -50.11
C PRO F 61 -21.99 8.56 -51.41
N SER F 62 -22.58 9.47 -52.19
CA SER F 62 -23.11 9.09 -53.50
C SER F 62 -22.03 8.73 -54.50
N LEU F 63 -20.76 9.04 -54.21
CA LEU F 63 -19.68 8.80 -55.15
C LEU F 63 -18.48 8.09 -54.54
N LYS F 64 -18.50 7.80 -53.23
CA LYS F 64 -17.32 7.25 -52.58
C LYS F 64 -16.92 5.88 -53.13
N SER F 65 -17.87 5.15 -53.72
CA SER F 65 -17.54 3.86 -54.32
C SER F 65 -16.73 3.99 -55.59
N ARG F 66 -16.59 5.21 -56.14
CA ARG F 66 -15.89 5.42 -57.40
C ARG F 66 -14.76 6.43 -57.30
N VAL F 67 -14.81 7.36 -56.36
CA VAL F 67 -13.86 8.46 -56.30
C VAL F 67 -12.63 8.05 -55.52
N THR F 68 -11.46 8.46 -55.99
CA THR F 68 -10.21 8.30 -55.26
C THR F 68 -9.41 9.59 -55.38
N ILE F 69 -9.13 10.23 -54.24
CA ILE F 69 -8.37 11.46 -54.21
C ILE F 69 -7.07 11.20 -53.46
N SER F 70 -5.97 11.69 -54.02
CA SER F 70 -4.65 11.51 -53.42
C SER F 70 -3.89 12.83 -53.51
N VAL F 71 -2.79 12.90 -52.77
CA VAL F 71 -1.95 14.09 -52.76
C VAL F 71 -0.49 13.66 -52.85
N ASP F 72 0.31 14.41 -53.62
CA ASP F 72 1.73 14.15 -53.79
C ASP F 72 2.49 15.39 -53.37
N THR F 73 3.19 15.31 -52.23
CA THR F 73 3.95 16.44 -51.75
C THR F 73 5.24 16.63 -52.56
N SER F 74 5.88 15.53 -52.95
CA SER F 74 7.11 15.64 -53.73
C SER F 74 6.86 16.35 -55.06
N LYS F 75 5.77 16.00 -55.74
CA LYS F 75 5.37 16.70 -56.95
C LYS F 75 4.46 17.88 -56.67
N ASN F 76 3.97 18.02 -55.43
CA ASN F 76 3.17 19.16 -54.99
C ASN F 76 1.92 19.33 -55.85
N GLN F 77 1.05 18.32 -55.77
CA GLN F 77 -0.17 18.34 -56.57
C GLN F 77 -1.21 17.43 -55.94
N VAL F 78 -2.45 17.56 -56.41
CA VAL F 78 -3.58 16.77 -55.94
C VAL F 78 -4.14 16.00 -57.13
N SER F 79 -4.48 14.74 -56.91
CA SER F 79 -4.93 13.84 -57.97
C SER F 79 -6.34 13.37 -57.67
N LEU F 80 -7.21 13.42 -58.68
CA LEU F 80 -8.58 12.93 -58.58
C LEU F 80 -8.81 11.88 -59.66
N LYS F 81 -9.38 10.74 -59.27
CA LYS F 81 -9.71 9.68 -60.21
C LYS F 81 -11.14 9.24 -59.98
N LEU F 82 -11.89 9.11 -61.07
CA LEU F 82 -13.30 8.72 -61.01
C LEU F 82 -13.52 7.56 -61.96
N ARG F 83 -13.93 6.42 -61.42
CA ARG F 83 -14.12 5.22 -62.21
C ARG F 83 -15.57 5.08 -62.66
N SER F 84 -15.76 4.27 -63.71
CA SER F 84 -17.06 4.02 -64.31
C SER F 84 -17.74 5.33 -64.71
N VAL F 85 -17.02 6.11 -65.53
CA VAL F 85 -17.53 7.41 -65.96
C VAL F 85 -18.75 7.22 -66.85
N THR F 86 -19.81 7.95 -66.55
CA THR F 86 -21.03 7.95 -67.35
C THR F 86 -21.28 9.34 -67.90
N ALA F 87 -22.31 9.46 -68.73
CA ALA F 87 -22.62 10.74 -69.37
C ALA F 87 -23.01 11.81 -68.35
N ALA F 88 -23.48 11.41 -67.17
CA ALA F 88 -23.87 12.37 -66.15
C ALA F 88 -22.69 13.09 -65.52
N ASP F 89 -21.46 12.66 -65.79
CA ASP F 89 -20.27 13.25 -65.19
C ASP F 89 -19.71 14.42 -65.98
N THR F 90 -20.35 14.80 -67.09
CA THR F 90 -19.91 15.96 -67.86
C THR F 90 -20.14 17.21 -67.03
N ALA F 91 -19.06 17.82 -66.55
CA ALA F 91 -19.19 18.95 -65.61
C ALA F 91 -17.87 19.70 -65.56
N VAL F 92 -17.92 20.87 -64.93
CA VAL F 92 -16.72 21.66 -64.65
C VAL F 92 -16.25 21.32 -63.24
N TYR F 93 -14.98 20.97 -63.11
CA TYR F 93 -14.40 20.51 -61.86
C TYR F 93 -13.45 21.54 -61.30
N TYR F 94 -13.55 21.82 -60.01
CA TYR F 94 -12.71 22.77 -59.30
C TYR F 94 -12.02 22.09 -58.14
N CYS F 95 -10.83 22.58 -57.82
CA CYS F 95 -10.13 22.22 -56.59
C CYS F 95 -10.07 23.44 -55.68
N ALA F 96 -10.24 23.20 -54.39
CA ALA F 96 -10.29 24.27 -53.39
C ALA F 96 -9.43 23.89 -52.20
N ARG F 97 -9.02 24.90 -51.45
CA ARG F 97 -8.17 24.71 -50.28
C ARG F 97 -8.75 25.47 -49.09
N ASP F 98 -8.63 24.89 -47.90
CA ASP F 98 -8.95 25.59 -46.68
C ASP F 98 -7.84 26.56 -46.31
N SER F 99 -8.17 27.53 -45.46
CA SER F 99 -7.18 28.46 -44.94
C SER F 99 -6.79 28.04 -43.53
N VAL F 100 -5.96 28.86 -42.90
CA VAL F 100 -5.57 28.59 -41.53
C VAL F 100 -6.69 28.95 -40.57
N TRP F 101 -7.56 29.88 -40.96
CA TRP F 101 -8.65 30.33 -40.11
C TRP F 101 -9.95 29.57 -40.36
N TYR F 102 -9.99 28.68 -41.34
CA TYR F 102 -11.18 27.89 -41.63
C TYR F 102 -10.78 26.45 -41.94
N THR F 103 -9.88 25.90 -41.14
CA THR F 103 -9.40 24.54 -41.36
C THR F 103 -10.53 23.54 -41.23
N GLY F 104 -10.54 22.55 -42.11
CA GLY F 104 -11.51 21.48 -42.08
C GLY F 104 -12.10 21.21 -43.45
N SER F 105 -12.96 20.20 -43.49
CA SER F 105 -13.64 19.83 -44.73
C SER F 105 -14.53 20.94 -45.24
N TYR F 106 -14.96 21.85 -44.37
CA TYR F 106 -15.82 22.97 -44.75
C TYR F 106 -15.04 24.15 -45.31
N GLY F 107 -13.71 24.08 -45.33
CA GLY F 107 -12.90 25.17 -45.81
C GLY F 107 -12.76 25.23 -47.32
N LEU F 108 -13.79 25.69 -48.00
CA LEU F 108 -13.75 25.89 -49.46
C LEU F 108 -13.52 27.37 -49.70
N ILE F 109 -12.25 27.76 -49.83
CA ILE F 109 -11.91 29.18 -49.86
C ILE F 109 -11.19 29.55 -51.16
N TYR F 110 -10.02 28.96 -51.38
CA TYR F 110 -9.21 29.27 -52.56
C TYR F 110 -9.59 28.32 -53.68
N TRP F 111 -10.35 28.82 -54.65
CA TRP F 111 -10.86 28.01 -55.75
C TRP F 111 -10.00 28.17 -57.00
N GLY F 112 -9.94 27.11 -57.78
CA GLY F 112 -9.31 27.16 -59.08
C GLY F 112 -10.28 27.61 -60.15
N PRO F 113 -9.77 27.99 -61.32
CA PRO F 113 -10.67 28.40 -62.41
C PRO F 113 -11.60 27.30 -62.86
N GLY F 114 -11.18 26.04 -62.77
CA GLY F 114 -12.00 24.92 -63.17
C GLY F 114 -11.53 24.31 -64.48
N THR F 115 -12.06 23.11 -64.74
CA THR F 115 -11.75 22.40 -65.98
C THR F 115 -12.99 21.63 -66.41
N LEU F 116 -13.40 21.81 -67.67
CA LEU F 116 -14.58 21.14 -68.18
C LEU F 116 -14.22 19.75 -68.65
N VAL F 117 -15.03 18.76 -68.28
CA VAL F 117 -14.86 17.39 -68.71
C VAL F 117 -16.17 16.91 -69.32
N THR F 118 -16.10 16.39 -70.53
CA THR F 118 -17.25 15.90 -71.27
C THR F 118 -17.13 14.40 -71.47
N VAL F 119 -18.27 13.72 -71.42
CA VAL F 119 -18.32 12.26 -71.49
C VAL F 119 -19.04 11.88 -72.78
N SER F 120 -18.29 11.36 -73.74
CA SER F 120 -18.83 10.89 -75.01
C SER F 120 -17.72 10.16 -75.76
N SER F 121 -18.10 9.51 -76.86
CA SER F 121 -17.16 8.84 -77.74
C SER F 121 -16.93 9.62 -79.03
N ALA F 122 -17.50 10.82 -79.16
CA ALA F 122 -17.31 11.60 -80.36
C ALA F 122 -15.84 12.00 -80.51
N SER F 123 -15.39 12.05 -81.76
CA SER F 123 -13.99 12.31 -82.05
C SER F 123 -13.63 13.74 -81.70
N THR F 124 -12.38 13.93 -81.26
CA THR F 124 -11.84 15.26 -81.03
C THR F 124 -11.29 15.82 -82.32
N LYS F 125 -11.72 17.04 -82.68
CA LYS F 125 -11.36 17.63 -83.96
C LYS F 125 -10.86 19.04 -83.74
N GLY F 126 -9.69 19.35 -84.31
CA GLY F 126 -9.18 20.70 -84.31
C GLY F 126 -10.07 21.61 -85.14
N PRO F 127 -10.23 22.84 -84.68
CA PRO F 127 -11.17 23.75 -85.33
C PRO F 127 -10.66 24.30 -86.65
N SER F 128 -11.60 24.70 -87.49
CA SER F 128 -11.31 25.48 -88.69
C SER F 128 -11.49 26.96 -88.38
N VAL F 129 -10.44 27.74 -88.61
CA VAL F 129 -10.43 29.16 -88.28
C VAL F 129 -10.59 29.94 -89.58
N PHE F 130 -11.76 30.53 -89.78
CA PHE F 130 -11.96 31.33 -90.98
C PHE F 130 -12.00 32.81 -90.65
N PRO F 131 -11.30 33.64 -91.41
CA PRO F 131 -11.27 35.08 -91.11
C PRO F 131 -12.57 35.77 -91.52
N LEU F 132 -13.35 36.18 -90.53
CA LEU F 132 -14.57 36.93 -90.74
C LEU F 132 -14.18 38.37 -91.02
N ALA F 133 -14.07 38.70 -92.31
CA ALA F 133 -13.69 40.03 -92.75
C ALA F 133 -14.93 40.91 -92.89
N PRO F 134 -14.97 42.06 -92.24
CA PRO F 134 -16.14 42.94 -92.39
C PRO F 134 -16.24 43.50 -93.80
N SER F 135 -17.48 43.85 -94.17
CA SER F 135 -17.74 44.42 -95.48
C SER F 135 -17.10 45.80 -95.61
N SER F 136 -16.87 46.20 -96.86
CA SER F 136 -16.25 47.50 -97.12
C SER F 136 -17.13 48.64 -96.60
N LYS F 137 -18.45 48.50 -96.74
CA LYS F 137 -19.36 49.51 -96.20
C LYS F 137 -19.36 49.51 -94.68
N SER F 138 -19.19 48.33 -94.06
CA SER F 138 -19.17 48.27 -92.61
C SER F 138 -17.94 48.93 -92.02
N THR F 139 -16.83 48.94 -92.77
CA THR F 139 -15.60 49.58 -92.31
C THR F 139 -15.55 51.06 -92.64
N SER F 140 -16.48 51.57 -93.44
CA SER F 140 -16.49 52.99 -93.80
C SER F 140 -16.98 53.88 -92.67
N GLY F 141 -17.62 53.32 -91.64
CA GLY F 141 -18.11 54.10 -90.53
C GLY F 141 -17.09 54.44 -89.47
N GLY F 142 -15.83 54.03 -89.65
CA GLY F 142 -14.78 54.28 -88.70
C GLY F 142 -14.48 53.12 -87.77
N THR F 143 -15.42 52.19 -87.62
CA THR F 143 -15.24 51.02 -86.78
C THR F 143 -15.34 49.77 -87.65
N ALA F 144 -14.35 48.89 -87.55
CA ALA F 144 -14.34 47.64 -88.27
C ALA F 144 -14.38 46.50 -87.26
N ALA F 145 -15.42 45.69 -87.32
CA ALA F 145 -15.55 44.51 -86.47
C ALA F 145 -15.03 43.33 -87.28
N LEU F 146 -13.80 42.92 -87.01
CA LEU F 146 -13.18 41.80 -87.72
C LEU F 146 -13.01 40.65 -86.75
N GLY F 147 -13.18 39.43 -87.26
CA GLY F 147 -13.14 38.31 -86.34
C GLY F 147 -12.64 37.00 -86.91
N CYS F 148 -12.74 35.95 -86.10
CA CYS F 148 -12.40 34.60 -86.53
C CYS F 148 -13.55 33.67 -86.18
N LEU F 149 -14.02 32.93 -87.18
CA LEU F 149 -15.04 31.91 -87.00
C LEU F 149 -14.32 30.60 -86.67
N VAL F 150 -14.47 30.15 -85.43
CA VAL F 150 -13.91 28.89 -84.96
C VAL F 150 -15.01 27.84 -85.16
N LYS F 151 -14.91 27.07 -86.23
CA LYS F 151 -16.00 26.24 -86.72
C LYS F 151 -15.60 24.78 -86.73
N ASP F 152 -16.55 23.90 -86.41
CA ASP F 152 -16.40 22.46 -86.56
C ASP F 152 -15.27 21.93 -85.67
N TYR F 153 -15.43 22.13 -84.37
CA TYR F 153 -14.50 21.61 -83.38
C TYR F 153 -15.26 20.85 -82.30
N PHE F 154 -14.55 19.94 -81.64
CA PHE F 154 -15.12 19.17 -80.54
C PHE F 154 -13.99 18.62 -79.71
N PRO F 155 -14.10 18.64 -78.37
CA PRO F 155 -15.19 19.20 -77.57
C PRO F 155 -14.87 20.61 -77.10
N GLU F 156 -15.79 21.23 -76.36
CA GLU F 156 -15.54 22.53 -75.76
C GLU F 156 -14.46 22.41 -74.68
N PRO F 157 -13.75 23.50 -74.38
CA PRO F 157 -13.82 24.83 -74.98
C PRO F 157 -12.63 25.16 -75.86
N VAL F 158 -12.63 26.34 -76.46
CA VAL F 158 -11.48 26.87 -77.19
C VAL F 158 -11.20 28.27 -76.67
N THR F 159 -9.92 28.65 -76.69
CA THR F 159 -9.51 29.97 -76.22
C THR F 159 -8.98 30.76 -77.41
N VAL F 160 -9.58 31.93 -77.64
CA VAL F 160 -9.20 32.78 -78.76
C VAL F 160 -8.60 34.07 -78.20
N SER F 161 -7.35 34.32 -78.55
CA SER F 161 -6.65 35.54 -78.23
C SER F 161 -6.33 36.30 -79.51
N TRP F 162 -5.89 37.55 -79.36
CA TRP F 162 -5.58 38.38 -80.50
C TRP F 162 -4.17 38.93 -80.36
N ASN F 163 -3.34 38.74 -81.39
CA ASN F 163 -1.95 39.17 -81.41
C ASN F 163 -1.20 38.64 -80.20
N SER F 164 -1.30 37.32 -79.99
CA SER F 164 -0.64 36.62 -78.88
C SER F 164 -1.07 37.18 -77.53
N GLY F 165 -2.33 37.62 -77.42
CA GLY F 165 -2.86 38.15 -76.20
C GLY F 165 -2.62 39.63 -75.98
N ALA F 166 -1.86 40.29 -76.85
CA ALA F 166 -1.63 41.72 -76.71
C ALA F 166 -2.91 42.51 -76.86
N LEU F 167 -3.75 42.13 -77.83
CA LEU F 167 -5.01 42.80 -78.07
C LEU F 167 -6.10 42.16 -77.22
N THR F 168 -6.65 42.93 -76.28
CA THR F 168 -7.68 42.43 -75.39
C THR F 168 -8.91 43.32 -75.43
N SER F 169 -8.71 44.61 -75.60
CA SER F 169 -9.82 45.57 -75.61
C SER F 169 -10.69 45.35 -76.83
N GLY F 170 -12.01 45.34 -76.63
CA GLY F 170 -12.95 45.19 -77.71
C GLY F 170 -13.16 43.76 -78.19
N VAL F 171 -12.51 42.79 -77.56
CA VAL F 171 -12.64 41.39 -77.99
C VAL F 171 -13.88 40.79 -77.34
N HIS F 172 -14.76 40.24 -78.17
CA HIS F 172 -15.96 39.55 -77.70
C HIS F 172 -15.96 38.14 -78.27
N THR F 173 -15.89 37.15 -77.39
CA THR F 173 -15.99 35.75 -77.78
C THR F 173 -17.38 35.25 -77.38
N PHE F 174 -18.19 34.92 -78.38
CA PHE F 174 -19.56 34.51 -78.13
C PHE F 174 -19.64 33.05 -77.71
N PRO F 175 -20.68 32.66 -76.99
CA PRO F 175 -20.86 31.25 -76.64
C PRO F 175 -20.98 30.39 -77.89
N ALA F 176 -20.43 29.18 -77.81
CA ALA F 176 -20.47 28.26 -78.93
C ALA F 176 -21.89 27.80 -79.21
N VAL F 177 -22.18 27.52 -80.47
CA VAL F 177 -23.46 26.99 -80.90
C VAL F 177 -23.28 25.51 -81.23
N LEU F 178 -24.29 24.72 -80.90
CA LEU F 178 -24.28 23.29 -81.17
C LEU F 178 -24.97 23.05 -82.50
N GLN F 179 -24.18 22.75 -83.53
CA GLN F 179 -24.73 22.48 -84.84
C GLN F 179 -25.37 21.09 -84.88
N SER F 180 -26.15 20.84 -85.94
CA SER F 180 -26.82 19.56 -86.08
C SER F 180 -25.83 18.41 -86.27
N SER F 181 -24.60 18.70 -86.68
CA SER F 181 -23.58 17.67 -86.86
C SER F 181 -22.93 17.25 -85.55
N GLY F 182 -23.25 17.92 -84.44
CA GLY F 182 -22.62 17.65 -83.17
C GLY F 182 -21.34 18.40 -82.92
N LEU F 183 -20.82 19.13 -83.91
CA LEU F 183 -19.64 19.95 -83.73
C LEU F 183 -20.03 21.34 -83.23
N TYR F 184 -19.05 22.05 -82.70
CA TYR F 184 -19.27 23.36 -82.11
C TYR F 184 -18.69 24.45 -83.01
N SER F 185 -19.29 25.65 -82.92
CA SER F 185 -18.85 26.78 -83.69
C SER F 185 -19.12 28.06 -82.92
N LEU F 186 -18.12 28.92 -82.83
CA LEU F 186 -18.26 30.24 -82.24
C LEU F 186 -17.59 31.26 -83.14
N SER F 187 -17.80 32.54 -82.82
CA SER F 187 -17.19 33.64 -83.55
C SER F 187 -16.58 34.61 -82.55
N SER F 188 -15.26 34.79 -82.62
CA SER F 188 -14.55 35.71 -81.76
C SER F 188 -14.25 36.96 -82.56
N VAL F 189 -14.91 38.06 -82.22
CA VAL F 189 -14.89 39.29 -83.03
C VAL F 189 -14.31 40.41 -82.19
N VAL F 190 -13.37 41.16 -82.77
CA VAL F 190 -12.78 42.33 -82.14
C VAL F 190 -13.15 43.55 -82.98
N THR F 191 -13.61 44.61 -82.31
CA THR F 191 -13.92 45.88 -82.96
C THR F 191 -12.72 46.80 -82.83
N VAL F 192 -12.23 47.29 -83.97
CA VAL F 192 -11.03 48.12 -83.99
C VAL F 192 -11.32 49.36 -84.84
N PRO F 193 -10.51 50.41 -84.68
CA PRO F 193 -10.58 51.52 -85.64
C PRO F 193 -10.26 51.05 -87.04
N SER F 194 -11.01 51.56 -88.02
CA SER F 194 -10.79 51.18 -89.41
C SER F 194 -9.48 51.75 -89.95
N SER F 195 -8.92 52.77 -89.30
CA SER F 195 -7.66 53.34 -89.75
C SER F 195 -6.49 52.37 -89.61
N SER F 196 -6.59 51.39 -88.71
CA SER F 196 -5.51 50.46 -88.45
C SER F 196 -5.56 49.22 -89.34
N LEU F 197 -6.53 49.13 -90.25
CA LEU F 197 -6.64 47.95 -91.10
C LEU F 197 -5.43 47.81 -92.03
N GLY F 198 -4.87 48.93 -92.49
CA GLY F 198 -3.73 48.90 -93.38
C GLY F 198 -2.37 49.02 -92.74
N THR F 199 -2.32 49.27 -91.42
CA THR F 199 -1.06 49.44 -90.72
C THR F 199 -0.84 48.45 -89.59
N GLN F 200 -1.89 47.90 -89.02
CA GLN F 200 -1.79 46.96 -87.90
C GLN F 200 -2.20 45.57 -88.36
N THR F 201 -1.41 44.58 -88.00
CA THR F 201 -1.70 43.19 -88.35
C THR F 201 -2.56 42.56 -87.25
N TYR F 202 -3.69 41.99 -87.65
CA TYR F 202 -4.61 41.34 -86.74
C TYR F 202 -4.57 39.84 -86.98
N ILE F 203 -3.98 39.11 -86.06
CA ILE F 203 -3.88 37.65 -86.13
C ILE F 203 -4.56 37.08 -84.90
N CYS F 204 -5.59 36.27 -85.13
CA CYS F 204 -6.26 35.56 -84.04
C CYS F 204 -5.56 34.23 -83.78
N ASN F 205 -5.37 33.93 -82.50
CA ASN F 205 -4.75 32.69 -82.05
C ASN F 205 -5.85 31.86 -81.40
N VAL F 206 -6.20 30.75 -82.04
CA VAL F 206 -7.23 29.84 -81.54
C VAL F 206 -6.52 28.61 -80.97
N ASN F 207 -6.75 28.34 -79.70
CA ASN F 207 -6.11 27.23 -78.99
C ASN F 207 -7.18 26.25 -78.54
N HIS F 208 -6.99 24.98 -78.89
CA HIS F 208 -7.91 23.89 -78.56
C HIS F 208 -7.10 22.85 -77.79
N LYS F 209 -7.25 22.86 -76.47
CA LYS F 209 -6.52 21.93 -75.61
C LYS F 209 -6.79 20.47 -75.92
N PRO F 210 -8.04 20.01 -76.14
CA PRO F 210 -8.25 18.56 -76.35
C PRO F 210 -7.46 18.00 -77.52
N SER F 211 -7.23 18.80 -78.56
CA SER F 211 -6.43 18.36 -79.70
C SER F 211 -5.06 19.01 -79.75
N ASN F 212 -4.74 19.87 -78.78
CA ASN F 212 -3.47 20.61 -78.77
C ASN F 212 -3.28 21.38 -80.08
N THR F 213 -4.35 22.00 -80.56
CA THR F 213 -4.35 22.68 -81.85
C THR F 213 -4.23 24.18 -81.64
N LYS F 214 -3.15 24.76 -82.17
CA LYS F 214 -2.93 26.20 -82.11
C LYS F 214 -2.89 26.74 -83.53
N VAL F 215 -3.88 27.53 -83.90
CA VAL F 215 -4.00 28.07 -85.25
C VAL F 215 -3.94 29.58 -85.19
N ASP F 216 -3.01 30.16 -85.96
CA ASP F 216 -2.89 31.61 -86.09
C ASP F 216 -3.40 32.02 -87.46
N LYS F 217 -4.42 32.88 -87.47
CA LYS F 217 -5.06 33.32 -88.71
C LYS F 217 -5.04 34.83 -88.78
N ARG F 218 -4.42 35.36 -89.84
CA ARG F 218 -4.38 36.80 -90.06
C ARG F 218 -5.65 37.24 -90.79
N VAL F 219 -6.32 38.25 -90.24
CA VAL F 219 -7.57 38.75 -90.79
C VAL F 219 -7.28 40.05 -91.54
N GLU F 220 -7.60 40.07 -92.83
CA GLU F 220 -7.38 41.22 -93.70
C GLU F 220 -8.70 41.68 -94.29
N PRO F 221 -8.79 42.95 -94.71
CA PRO F 221 -10.05 43.44 -95.29
C PRO F 221 -10.42 42.70 -96.56
N LYS F 222 -11.72 42.72 -96.86
CA LYS F 222 -12.25 42.00 -98.02
C LYS F 222 -11.63 42.53 -99.30
N SER F 223 -11.27 41.61 -100.19
CA SER F 223 -10.67 41.97 -101.47
C SER F 223 -11.07 40.99 -102.56
N GLN G 1 -53.46 0.32 30.38
CA GLN G 1 -54.85 0.02 30.01
C GLN G 1 -55.03 -1.49 29.87
N VAL G 2 -53.93 -2.20 29.66
CA VAL G 2 -53.99 -3.65 29.50
C VAL G 2 -54.43 -4.29 30.82
N GLN G 3 -55.12 -5.43 30.70
CA GLN G 3 -55.56 -6.19 31.86
C GLN G 3 -55.08 -7.62 31.73
N LEU G 4 -54.46 -8.14 32.78
CA LEU G 4 -53.91 -9.48 32.79
C LEU G 4 -54.72 -10.33 33.76
N VAL G 5 -55.25 -11.45 33.27
CA VAL G 5 -56.09 -12.32 34.08
C VAL G 5 -55.47 -13.71 34.10
N GLU G 6 -55.23 -14.24 35.29
CA GLU G 6 -54.65 -15.56 35.43
C GLU G 6 -55.74 -16.63 35.47
N SER G 7 -55.39 -17.83 35.00
CA SER G 7 -56.31 -18.95 35.01
C SER G 7 -55.52 -20.23 35.12
N GLY G 8 -56.19 -21.28 35.61
CA GLY G 8 -55.58 -22.57 35.79
C GLY G 8 -56.23 -23.35 36.92
N PRO G 9 -55.77 -24.57 37.15
CA PRO G 9 -56.33 -25.37 38.25
C PRO G 9 -56.02 -24.75 39.60
N GLY G 10 -56.94 -24.95 40.54
CA GLY G 10 -56.76 -24.43 41.88
C GLY G 10 -56.22 -25.47 42.85
N LEU G 11 -56.12 -26.71 42.41
CA LEU G 11 -55.63 -27.80 43.24
C LEU G 11 -54.64 -28.65 42.44
N VAL G 12 -53.46 -28.85 43.01
CA VAL G 12 -52.43 -29.68 42.41
C VAL G 12 -51.88 -30.61 43.48
N LYS G 13 -51.86 -31.90 43.19
CA LYS G 13 -51.28 -32.85 44.13
C LYS G 13 -49.76 -32.69 44.17
N PRO G 14 -49.13 -33.04 45.29
CA PRO G 14 -47.66 -32.93 45.38
C PRO G 14 -46.97 -33.79 44.33
N SER G 15 -45.79 -33.32 43.91
CA SER G 15 -44.95 -33.97 42.92
C SER G 15 -45.58 -34.01 41.52
N GLU G 16 -46.59 -33.18 41.28
CA GLU G 16 -47.17 -33.01 39.96
C GLU G 16 -46.56 -31.78 39.29
N THR G 17 -47.15 -31.36 38.18
CA THR G 17 -46.77 -30.13 37.49
C THR G 17 -47.94 -29.16 37.52
N LEU G 18 -47.65 -27.90 37.84
CA LEU G 18 -48.64 -26.84 37.94
C LEU G 18 -48.54 -25.94 36.72
N SER G 19 -49.66 -25.72 36.05
CA SER G 19 -49.72 -24.90 34.85
C SER G 19 -50.67 -23.73 35.06
N LEU G 20 -50.22 -22.54 34.67
CA LEU G 20 -51.02 -21.34 34.74
C LEU G 20 -50.92 -20.57 33.43
N THR G 21 -52.01 -19.90 33.07
CA THR G 21 -52.06 -19.11 31.84
C THR G 21 -52.54 -17.71 32.17
N CYS G 22 -51.76 -16.72 31.78
CA CYS G 22 -52.11 -15.31 31.92
C CYS G 22 -52.58 -14.80 30.57
N SER G 23 -53.83 -14.32 30.54
CA SER G 23 -54.45 -13.81 29.33
C SER G 23 -54.43 -12.29 29.35
N VAL G 24 -54.08 -11.69 28.22
CA VAL G 24 -53.90 -10.25 28.09
C VAL G 24 -55.09 -9.69 27.32
N SER G 25 -55.66 -8.61 27.85
CA SER G 25 -56.75 -7.90 27.20
C SER G 25 -56.38 -6.44 27.03
N GLY G 26 -56.79 -5.87 25.91
CA GLY G 26 -56.48 -4.48 25.62
C GLY G 26 -55.04 -4.22 25.21
N GLY G 27 -54.34 -5.25 24.75
CA GLY G 27 -52.96 -5.06 24.33
C GLY G 27 -52.42 -6.36 23.74
N SER G 28 -51.25 -6.24 23.13
CA SER G 28 -50.59 -7.35 22.48
C SER G 28 -49.32 -7.73 23.24
N ILE G 29 -48.79 -8.91 22.91
CA ILE G 29 -47.55 -9.37 23.55
C ILE G 29 -46.40 -8.46 23.18
N ASP G 30 -46.23 -8.19 21.88
CA ASP G 30 -45.16 -7.34 21.37
C ASP G 30 -43.80 -7.75 21.90
N ASN G 31 -43.09 -6.81 22.53
CA ASN G 31 -41.75 -7.05 23.05
C ASN G 31 -41.66 -6.81 24.56
N PHE G 32 -42.79 -6.80 25.24
CA PHE G 32 -42.81 -6.52 26.67
C PHE G 32 -42.21 -7.69 27.45
N TYR G 33 -41.72 -7.38 28.65
CA TYR G 33 -41.24 -8.40 29.58
C TYR G 33 -42.43 -8.83 30.44
N TRP G 34 -42.85 -10.08 30.29
CA TRP G 34 -43.94 -10.63 31.06
C TRP G 34 -43.36 -11.43 32.21
N SER G 35 -43.72 -11.06 33.44
CA SER G 35 -43.11 -11.62 34.64
C SER G 35 -44.15 -12.36 35.47
N TRP G 36 -43.71 -13.43 36.11
CA TRP G 36 -44.52 -14.19 37.04
C TRP G 36 -43.94 -14.02 38.44
N ILE G 37 -44.83 -13.67 39.39
CA ILE G 37 -44.48 -13.48 40.79
C ILE G 37 -45.48 -14.30 41.61
N ARG G 38 -45.09 -14.66 42.83
CA ARG G 38 -45.98 -15.40 43.71
C ARG G 38 -45.81 -14.90 45.14
N GLN G 39 -46.84 -15.16 45.93
CA GLN G 39 -46.87 -14.78 47.34
C GLN G 39 -47.56 -15.86 48.16
N PRO G 40 -46.87 -16.50 49.09
CA PRO G 40 -47.54 -17.44 49.98
C PRO G 40 -48.50 -16.71 50.89
N PRO G 41 -49.56 -17.38 51.36
CA PRO G 41 -50.54 -16.70 52.23
C PRO G 41 -49.89 -16.21 53.51
N GLY G 42 -49.97 -14.90 53.74
CA GLY G 42 -49.40 -14.30 54.93
C GLY G 42 -47.91 -14.10 54.90
N LYS G 43 -47.27 -14.25 53.74
CA LYS G 43 -45.83 -14.09 53.61
C LYS G 43 -45.53 -13.06 52.54
N GLY G 44 -44.24 -12.79 52.34
CA GLY G 44 -43.82 -11.76 51.41
C GLY G 44 -43.86 -12.21 49.95
N LEU G 45 -43.72 -11.23 49.06
CA LEU G 45 -43.69 -11.50 47.63
C LEU G 45 -42.37 -12.16 47.24
N GLU G 46 -42.45 -13.04 46.24
CA GLU G 46 -41.27 -13.74 45.74
C GLU G 46 -41.31 -13.75 44.22
N TRP G 47 -40.30 -13.17 43.60
CA TRP G 47 -40.22 -13.13 42.14
C TRP G 47 -39.89 -14.50 41.58
N ILE G 48 -40.68 -14.96 40.62
CA ILE G 48 -40.48 -16.27 40.03
C ILE G 48 -39.62 -16.15 38.78
N GLY G 49 -40.09 -15.38 37.80
CA GLY G 49 -39.32 -15.26 36.57
C GLY G 49 -39.95 -14.28 35.61
N ASN G 50 -39.39 -14.25 34.40
CA ASN G 50 -39.94 -13.41 33.35
C ASN G 50 -39.46 -13.94 32.00
N ILE G 51 -40.12 -13.49 30.94
CA ILE G 51 -39.74 -13.84 29.58
C ILE G 51 -40.30 -12.78 28.64
N TYR G 52 -39.64 -12.62 27.50
CA TYR G 52 -40.12 -11.78 26.42
C TYR G 52 -40.16 -12.61 25.14
N TYR G 53 -40.81 -12.06 24.11
CA TYR G 53 -41.03 -12.83 22.88
C TYR G 53 -39.72 -13.25 22.21
N GLY G 54 -38.63 -12.55 22.49
CA GLY G 54 -37.36 -12.92 21.86
C GLY G 54 -36.92 -14.32 22.21
N GLY G 55 -37.06 -14.72 23.47
CA GLY G 55 -36.74 -16.07 23.86
C GLY G 55 -36.07 -16.20 25.21
N SER G 56 -35.22 -17.22 25.35
CA SER G 56 -34.51 -17.50 26.60
C SER G 56 -35.47 -17.71 27.75
N GLY G 57 -35.57 -16.73 28.64
CA GLY G 57 -36.39 -16.86 29.82
C GLY G 57 -35.55 -16.84 31.09
N ASN G 58 -35.70 -15.78 31.88
CA ASN G 58 -34.90 -15.59 33.09
C ASN G 58 -35.75 -15.98 34.29
N TYR G 59 -35.24 -16.91 35.10
CA TYR G 59 -35.96 -17.44 36.24
C TYR G 59 -35.19 -17.19 37.52
N ASN G 60 -35.91 -17.25 38.64
CA ASN G 60 -35.27 -17.17 39.94
C ASN G 60 -34.30 -18.33 40.09
N PRO G 61 -33.05 -18.10 40.51
CA PRO G 61 -32.09 -19.21 40.63
C PRO G 61 -32.55 -20.30 41.58
N SER G 62 -33.33 -19.96 42.60
CA SER G 62 -33.86 -20.97 43.50
C SER G 62 -34.92 -21.84 42.84
N LEU G 63 -35.43 -21.45 41.67
CA LEU G 63 -36.50 -22.18 41.01
C LEU G 63 -36.23 -22.47 39.54
N LYS G 64 -35.11 -22.01 38.99
CA LYS G 64 -34.89 -22.13 37.55
C LYS G 64 -34.80 -23.58 37.09
N SER G 65 -34.45 -24.51 38.00
CA SER G 65 -34.41 -25.91 37.64
C SER G 65 -35.79 -26.52 37.45
N ARG G 66 -36.85 -25.80 37.82
CA ARG G 66 -38.21 -26.31 37.72
C ARG G 66 -39.15 -25.44 36.92
N VAL G 67 -38.89 -24.15 36.80
CA VAL G 67 -39.82 -23.21 36.19
C VAL G 67 -39.58 -23.15 34.70
N THR G 68 -40.66 -23.09 33.93
CA THR G 68 -40.61 -22.85 32.50
C THR G 68 -41.69 -21.85 32.12
N ILE G 69 -41.29 -20.72 31.58
CA ILE G 69 -42.21 -19.66 31.16
C ILE G 69 -42.11 -19.51 29.66
N SER G 70 -43.25 -19.42 29.00
CA SER G 70 -43.32 -19.27 27.55
C SER G 70 -44.38 -18.23 27.20
N VAL G 71 -44.37 -17.79 25.95
CA VAL G 71 -45.32 -16.81 25.47
C VAL G 71 -45.83 -17.24 24.11
N ASP G 72 -47.14 -17.06 23.88
CA ASP G 72 -47.77 -17.40 22.61
C ASP G 72 -48.41 -16.14 22.05
N THR G 73 -47.84 -15.60 20.97
CA THR G 73 -48.39 -14.41 20.35
C THR G 73 -49.66 -14.71 19.57
N SER G 74 -49.71 -15.86 18.90
CA SER G 74 -50.89 -16.22 18.13
C SER G 74 -52.12 -16.33 19.03
N LYS G 75 -51.96 -16.99 20.18
CA LYS G 75 -53.02 -17.04 21.17
C LYS G 75 -52.98 -15.88 22.15
N ASN G 76 -51.91 -15.08 22.13
CA ASN G 76 -51.79 -13.87 22.94
C ASN G 76 -51.94 -14.17 24.42
N GLN G 77 -51.00 -14.96 24.95
CA GLN G 77 -51.06 -15.35 26.35
C GLN G 77 -49.66 -15.74 26.82
N VAL G 78 -49.52 -15.86 28.13
CA VAL G 78 -48.27 -16.25 28.79
C VAL G 78 -48.52 -17.53 29.56
N SER G 79 -47.59 -18.46 29.49
CA SER G 79 -47.73 -19.78 30.10
C SER G 79 -46.64 -19.99 31.14
N LEU G 80 -47.02 -20.47 32.31
CA LEU G 80 -46.08 -20.80 33.38
C LEU G 80 -46.27 -22.26 33.77
N LYS G 81 -45.16 -23.00 33.87
CA LYS G 81 -45.20 -24.40 34.28
C LYS G 81 -44.15 -24.61 35.38
N LEU G 82 -44.56 -25.30 36.44
CA LEU G 82 -43.70 -25.56 37.59
C LEU G 82 -43.74 -27.05 37.88
N ARG G 83 -42.58 -27.70 37.78
CA ARG G 83 -42.49 -29.13 37.98
C ARG G 83 -42.11 -29.47 39.41
N SER G 84 -42.40 -30.71 39.80
CA SER G 84 -42.15 -31.22 41.14
C SER G 84 -42.78 -30.32 42.20
N VAL G 85 -44.10 -30.13 42.06
CA VAL G 85 -44.83 -29.27 42.96
C VAL G 85 -44.85 -29.88 44.36
N THR G 86 -44.51 -29.08 45.36
CA THR G 86 -44.56 -29.50 46.75
C THR G 86 -45.54 -28.62 47.51
N ALA G 87 -45.75 -28.95 48.79
CA ALA G 87 -46.71 -28.22 49.60
C ALA G 87 -46.31 -26.76 49.81
N ALA G 88 -45.02 -26.44 49.67
CA ALA G 88 -44.56 -25.07 49.84
C ALA G 88 -44.97 -24.15 48.71
N ASP G 89 -45.52 -24.69 47.62
CA ASP G 89 -45.89 -23.89 46.46
C ASP G 89 -47.31 -23.34 46.55
N THR G 90 -48.04 -23.62 47.63
CA THR G 90 -49.38 -23.06 47.79
C THR G 90 -49.28 -21.56 47.97
N ALA G 91 -49.70 -20.81 46.95
CA ALA G 91 -49.51 -19.36 46.97
C ALA G 91 -50.43 -18.72 45.94
N VAL G 92 -50.51 -17.39 46.01
CA VAL G 92 -51.23 -16.61 45.02
C VAL G 92 -50.23 -16.14 43.97
N TYR G 93 -50.54 -16.39 42.71
CA TYR G 93 -49.63 -16.12 41.60
C TYR G 93 -50.17 -14.95 40.76
N TYR G 94 -49.29 -14.02 40.42
CA TYR G 94 -49.62 -12.86 39.62
C TYR G 94 -48.73 -12.81 38.39
N CYS G 95 -49.27 -12.25 37.31
CA CYS G 95 -48.49 -11.90 36.13
C CYS G 95 -48.44 -10.38 36.00
N ALA G 96 -47.28 -9.87 35.59
CA ALA G 96 -47.05 -8.44 35.50
C ALA G 96 -46.37 -8.13 34.19
N ARG G 97 -46.50 -6.88 33.75
CA ARG G 97 -45.89 -6.42 32.51
C ARG G 97 -45.14 -5.12 32.73
N ASP G 98 -44.02 -4.97 32.03
CA ASP G 98 -43.31 -3.71 32.02
C ASP G 98 -44.01 -2.72 31.09
N SER G 99 -43.72 -1.44 31.29
CA SER G 99 -44.23 -0.39 30.41
C SER G 99 -43.14 0.02 29.42
N VAL G 100 -43.46 1.03 28.61
CA VAL G 100 -42.48 1.54 27.67
C VAL G 100 -41.43 2.39 28.39
N TRP G 101 -41.80 2.98 29.52
CA TRP G 101 -40.89 3.83 30.27
C TRP G 101 -40.12 3.09 31.35
N TYR G 102 -40.40 1.81 31.57
CA TYR G 102 -39.69 1.01 32.56
C TYR G 102 -39.39 -0.38 31.99
N THR G 103 -38.92 -0.42 30.75
CA THR G 103 -38.64 -1.69 30.10
C THR G 103 -37.54 -2.44 30.83
N GLY G 104 -37.70 -3.74 30.95
CA GLY G 104 -36.71 -4.61 31.56
C GLY G 104 -37.33 -5.56 32.55
N SER G 105 -36.47 -6.42 33.10
CA SER G 105 -36.91 -7.39 34.11
C SER G 105 -37.44 -6.71 35.35
N TYR G 106 -37.04 -5.47 35.61
CA TYR G 106 -37.49 -4.73 36.78
C TYR G 106 -38.83 -4.05 36.57
N GLY G 107 -39.41 -4.14 35.38
CA GLY G 107 -40.67 -3.50 35.10
C GLY G 107 -41.88 -4.27 35.56
N LEU G 108 -42.16 -4.24 36.86
CA LEU G 108 -43.36 -4.86 37.42
C LEU G 108 -44.38 -3.76 37.66
N ILE G 109 -45.24 -3.52 36.67
CA ILE G 109 -46.12 -2.36 36.70
C ILE G 109 -47.57 -2.77 36.65
N TYR G 110 -47.99 -3.42 35.57
CA TYR G 110 -49.38 -3.81 35.37
C TYR G 110 -49.58 -5.21 35.93
N TRP G 111 -50.20 -5.31 37.09
CA TRP G 111 -50.39 -6.56 37.79
C TRP G 111 -51.78 -7.12 37.54
N GLY G 112 -51.88 -8.45 37.55
CA GLY G 112 -53.15 -9.12 37.50
C GLY G 112 -53.73 -9.31 38.89
N PRO G 113 -55.02 -9.63 38.97
CA PRO G 113 -55.62 -9.86 40.29
C PRO G 113 -54.99 -11.01 41.05
N GLY G 114 -54.50 -12.03 40.36
CA GLY G 114 -53.87 -13.16 40.98
C GLY G 114 -54.76 -14.40 40.93
N THR G 115 -54.12 -15.54 41.22
CA THR G 115 -54.84 -16.81 41.27
C THR G 115 -54.22 -17.66 42.37
N LEU G 116 -55.06 -18.19 43.25
CA LEU G 116 -54.58 -19.01 44.36
C LEU G 116 -54.41 -20.45 43.90
N VAL G 117 -53.27 -21.04 44.26
CA VAL G 117 -52.99 -22.45 43.95
C VAL G 117 -52.62 -23.15 45.24
N THR G 118 -53.30 -24.25 45.53
CA THR G 118 -53.10 -25.04 46.74
C THR G 118 -52.55 -26.40 46.36
N VAL G 119 -51.67 -26.93 47.21
CA VAL G 119 -50.98 -28.19 46.95
C VAL G 119 -51.41 -29.19 48.00
N SER G 120 -52.31 -30.10 47.62
CA SER G 120 -52.77 -31.17 48.50
C SER G 120 -53.47 -32.22 47.64
N SER G 121 -53.78 -33.34 48.28
CA SER G 121 -54.55 -34.40 47.64
C SER G 121 -55.99 -34.45 48.13
N ALA G 122 -56.42 -33.50 48.95
CA ALA G 122 -57.79 -33.48 49.44
C ALA G 122 -58.76 -33.27 48.29
N SER G 123 -59.92 -33.93 48.39
CA SER G 123 -60.90 -33.89 47.32
C SER G 123 -61.52 -32.50 47.19
N THR G 124 -61.85 -32.14 45.95
CA THR G 124 -62.58 -30.91 45.68
C THR G 124 -64.07 -31.16 45.84
N LYS G 125 -64.73 -30.32 46.64
CA LYS G 125 -66.14 -30.52 46.97
C LYS G 125 -66.90 -29.22 46.76
N GLY G 126 -68.01 -29.30 46.02
CA GLY G 126 -68.90 -28.19 45.87
C GLY G 126 -69.55 -27.84 47.20
N PRO G 127 -69.74 -26.55 47.45
CA PRO G 127 -70.24 -26.12 48.76
C PRO G 127 -71.73 -26.38 48.94
N SER G 128 -72.12 -26.47 50.20
CA SER G 128 -73.53 -26.47 50.59
C SER G 128 -73.93 -25.05 50.95
N VAL G 129 -74.97 -24.54 50.30
CA VAL G 129 -75.43 -23.18 50.47
C VAL G 129 -76.70 -23.22 51.29
N PHE G 130 -76.61 -22.79 52.55
CA PHE G 130 -77.81 -22.78 53.38
C PHE G 130 -78.28 -21.35 53.65
N PRO G 131 -79.58 -21.08 53.53
CA PRO G 131 -80.07 -19.71 53.70
C PRO G 131 -80.10 -19.32 55.18
N LEU G 132 -79.20 -18.42 55.55
CA LEU G 132 -79.16 -17.87 56.91
C LEU G 132 -80.25 -16.81 57.01
N ALA G 133 -81.41 -17.24 57.51
CA ALA G 133 -82.57 -16.38 57.65
C ALA G 133 -82.53 -15.69 59.00
N PRO G 134 -82.61 -14.36 59.05
CA PRO G 134 -82.62 -13.67 60.34
C PRO G 134 -83.89 -13.97 61.13
N SER G 135 -83.77 -13.84 62.45
CA SER G 135 -84.90 -14.06 63.33
C SER G 135 -85.97 -12.99 63.12
N SER G 136 -87.20 -13.33 63.51
CA SER G 136 -88.30 -12.37 63.37
C SER G 136 -88.07 -11.12 64.20
N LYS G 137 -87.51 -11.28 65.40
CA LYS G 137 -87.19 -10.11 66.22
C LYS G 137 -86.05 -9.30 65.62
N SER G 138 -85.10 -9.95 64.96
CA SER G 138 -84.00 -9.22 64.34
C SER G 138 -84.47 -8.38 63.16
N THR G 139 -85.52 -8.80 62.48
CA THR G 139 -86.07 -8.06 61.35
C THR G 139 -87.05 -6.98 61.76
N SER G 140 -87.47 -6.96 63.03
CA SER G 140 -88.42 -5.97 63.50
C SER G 140 -87.81 -4.60 63.71
N GLY G 141 -86.49 -4.49 63.73
CA GLY G 141 -85.81 -3.23 63.91
C GLY G 141 -85.66 -2.38 62.66
N GLY G 142 -86.18 -2.85 61.52
CA GLY G 142 -86.09 -2.14 60.27
C GLY G 142 -84.96 -2.61 59.37
N THR G 143 -83.95 -3.27 59.93
CA THR G 143 -82.84 -3.82 59.17
C THR G 143 -82.83 -5.33 59.32
N ALA G 144 -82.80 -6.04 58.20
CA ALA G 144 -82.74 -7.49 58.18
C ALA G 144 -81.42 -7.90 57.54
N ALA G 145 -80.59 -8.60 58.30
CA ALA G 145 -79.34 -9.15 57.79
C ALA G 145 -79.63 -10.58 57.39
N LEU G 146 -79.74 -10.83 56.09
CA LEU G 146 -79.98 -12.17 55.57
C LEU G 146 -78.75 -12.62 54.80
N GLY G 147 -78.44 -13.92 54.87
CA GLY G 147 -77.23 -14.35 54.23
C GLY G 147 -77.25 -15.77 53.70
N CYS G 148 -76.09 -16.22 53.23
CA CYS G 148 -75.91 -17.59 52.78
C CYS G 148 -74.67 -18.17 53.45
N LEU G 149 -74.83 -19.32 54.08
CA LEU G 149 -73.74 -20.07 54.68
C LEU G 149 -73.17 -21.01 53.61
N VAL G 150 -71.96 -20.71 53.16
CA VAL G 150 -71.24 -21.53 52.20
C VAL G 150 -70.37 -22.48 53.02
N LYS G 151 -70.84 -23.72 53.18
CA LYS G 151 -70.29 -24.65 54.16
C LYS G 151 -69.76 -25.90 53.47
N ASP G 152 -68.66 -26.43 54.00
CA ASP G 152 -68.13 -27.73 53.58
C ASP G 152 -67.73 -27.72 52.10
N TYR G 153 -66.77 -26.85 51.78
CA TYR G 153 -66.22 -26.78 50.44
C TYR G 153 -64.70 -26.81 50.51
N PHE G 154 -64.08 -27.24 49.41
CA PHE G 154 -62.63 -27.28 49.30
C PHE G 154 -62.26 -27.31 47.84
N PRO G 155 -61.22 -26.58 47.42
CA PRO G 155 -60.42 -25.65 48.19
C PRO G 155 -60.91 -24.21 48.05
N GLU G 156 -60.23 -23.27 48.70
CA GLU G 156 -60.55 -21.86 48.54
C GLU G 156 -60.17 -21.41 47.13
N PRO G 157 -60.81 -20.35 46.62
CA PRO G 157 -61.87 -19.55 47.23
C PRO G 157 -63.24 -19.78 46.59
N VAL G 158 -64.27 -19.10 47.10
CA VAL G 158 -65.59 -19.08 46.48
C VAL G 158 -66.03 -17.64 46.36
N THR G 159 -66.80 -17.35 45.32
CA THR G 159 -67.29 -16.01 45.06
C THR G 159 -68.80 -15.99 45.25
N VAL G 160 -69.28 -15.12 46.13
CA VAL G 160 -70.70 -15.02 46.45
C VAL G 160 -71.19 -13.65 45.98
N SER G 161 -72.14 -13.66 45.05
CA SER G 161 -72.83 -12.47 44.59
C SER G 161 -74.29 -12.54 44.99
N TRP G 162 -75.00 -11.42 44.83
CA TRP G 162 -76.40 -11.35 45.19
C TRP G 162 -77.21 -10.84 44.01
N ASN G 163 -78.25 -11.58 43.64
CA ASN G 163 -79.12 -11.26 42.51
C ASN G 163 -78.29 -11.07 41.24
N SER G 164 -77.46 -12.07 40.94
CA SER G 164 -76.59 -12.08 39.76
C SER G 164 -75.66 -10.87 39.73
N GLY G 165 -75.23 -10.41 40.91
CA GLY G 165 -74.33 -9.28 41.01
C GLY G 165 -75.01 -7.92 41.05
N ALA G 166 -76.33 -7.86 40.88
CA ALA G 166 -77.02 -6.58 40.93
C ALA G 166 -76.94 -5.97 42.32
N LEU G 167 -77.08 -6.80 43.36
CA LEU G 167 -77.02 -6.32 44.73
C LEU G 167 -75.58 -6.38 45.22
N THR G 168 -75.01 -5.21 45.50
CA THR G 168 -73.61 -5.12 45.95
C THR G 168 -73.52 -4.36 47.27
N SER G 169 -74.38 -3.38 47.45
CA SER G 169 -74.34 -2.55 48.65
C SER G 169 -74.75 -3.37 49.88
N GLY G 170 -73.99 -3.23 50.96
CA GLY G 170 -74.29 -3.93 52.19
C GLY G 170 -73.84 -5.37 52.24
N VAL G 171 -73.20 -5.87 51.19
CA VAL G 171 -72.77 -7.26 51.16
C VAL G 171 -71.42 -7.39 51.85
N HIS G 172 -71.35 -8.28 52.84
CA HIS G 172 -70.12 -8.57 53.56
C HIS G 172 -69.86 -10.06 53.46
N THR G 173 -68.76 -10.43 52.83
CA THR G 173 -68.31 -11.82 52.76
C THR G 173 -67.14 -12.00 53.72
N PHE G 174 -67.34 -12.79 54.76
CA PHE G 174 -66.34 -12.97 55.79
C PHE G 174 -65.29 -13.98 55.36
N PRO G 175 -64.08 -13.88 55.91
CA PRO G 175 -63.05 -14.89 55.61
C PRO G 175 -63.50 -16.28 56.02
N ALA G 176 -63.10 -17.27 55.23
CA ALA G 176 -63.47 -18.64 55.50
C ALA G 176 -62.82 -19.15 56.78
N VAL G 177 -63.50 -20.10 57.43
CA VAL G 177 -62.99 -20.76 58.63
C VAL G 177 -62.52 -22.15 58.22
N LEU G 178 -61.43 -22.60 58.84
CA LEU G 178 -60.91 -23.94 58.62
C LEU G 178 -61.47 -24.85 59.71
N GLN G 179 -62.45 -25.67 59.34
CA GLN G 179 -63.05 -26.59 60.30
C GLN G 179 -62.11 -27.76 60.57
N SER G 180 -62.42 -28.51 61.64
CA SER G 180 -61.59 -29.66 61.99
C SER G 180 -61.61 -30.75 60.94
N SER G 181 -62.62 -30.76 60.06
CA SER G 181 -62.71 -31.74 59.00
C SER G 181 -61.84 -31.40 57.80
N GLY G 182 -61.20 -30.23 57.79
CA GLY G 182 -60.41 -29.79 56.67
C GLY G 182 -61.17 -29.05 55.60
N LEU G 183 -62.50 -28.98 55.70
CA LEU G 183 -63.31 -28.23 54.76
C LEU G 183 -63.46 -26.79 55.24
N TYR G 184 -63.85 -25.93 54.31
CA TYR G 184 -63.96 -24.50 54.58
C TYR G 184 -65.43 -24.08 54.66
N SER G 185 -65.66 -23.01 55.43
CA SER G 185 -67.01 -22.49 55.60
C SER G 185 -66.91 -20.98 55.81
N LEU G 186 -67.73 -20.24 55.08
CA LEU G 186 -67.87 -18.81 55.26
C LEU G 186 -69.36 -18.45 55.24
N SER G 187 -69.65 -17.19 55.57
CA SER G 187 -71.02 -16.70 55.58
C SER G 187 -71.04 -15.35 54.88
N SER G 188 -71.79 -15.26 53.78
CA SER G 188 -71.92 -14.01 53.02
C SER G 188 -73.27 -13.41 53.39
N VAL G 189 -73.24 -12.28 54.09
CA VAL G 189 -74.45 -11.68 54.65
C VAL G 189 -74.66 -10.31 54.05
N VAL G 190 -75.89 -10.02 53.64
CA VAL G 190 -76.26 -8.71 53.13
C VAL G 190 -77.33 -8.13 54.07
N THR G 191 -77.13 -6.88 54.46
CA THR G 191 -78.08 -6.15 55.29
C THR G 191 -78.98 -5.33 54.38
N VAL G 192 -80.30 -5.54 54.51
CA VAL G 192 -81.28 -4.88 53.63
C VAL G 192 -82.37 -4.29 54.51
N PRO G 193 -83.15 -3.35 53.97
CA PRO G 193 -84.36 -2.94 54.68
C PRO G 193 -85.32 -4.11 54.84
N SER G 194 -85.95 -4.18 56.02
CA SER G 194 -86.89 -5.25 56.28
C SER G 194 -88.17 -5.11 55.47
N SER G 195 -88.44 -3.91 54.94
CA SER G 195 -89.64 -3.71 54.13
C SER G 195 -89.59 -4.47 52.82
N SER G 196 -88.40 -4.81 52.33
CA SER G 196 -88.25 -5.48 51.05
C SER G 196 -88.28 -7.00 51.16
N LEU G 197 -88.45 -7.54 52.36
CA LEU G 197 -88.47 -9.00 52.52
C LEU G 197 -89.63 -9.65 51.79
N GLY G 198 -90.78 -8.96 51.74
CA GLY G 198 -91.95 -9.50 51.08
C GLY G 198 -92.15 -9.10 49.64
N THR G 199 -91.33 -8.18 49.13
CA THR G 199 -91.47 -7.68 47.77
C THR G 199 -90.24 -7.91 46.89
N GLN G 200 -89.06 -8.04 47.48
CA GLN G 200 -87.82 -8.22 46.73
C GLN G 200 -87.30 -9.63 46.97
N THR G 201 -86.91 -10.30 45.88
CA THR G 201 -86.35 -11.64 45.96
C THR G 201 -84.84 -11.55 46.14
N TYR G 202 -84.33 -12.21 47.19
CA TYR G 202 -82.91 -12.24 47.49
C TYR G 202 -82.38 -13.64 47.21
N ILE G 203 -81.60 -13.78 46.14
CA ILE G 203 -80.99 -15.04 45.76
C ILE G 203 -79.49 -14.85 45.73
N CYS G 204 -78.78 -15.62 46.55
CA CYS G 204 -77.32 -15.61 46.55
C CYS G 204 -76.80 -16.61 45.52
N ASN G 205 -75.79 -16.18 44.77
CA ASN G 205 -75.12 -16.99 43.77
C ASN G 205 -73.73 -17.31 44.30
N VAL G 206 -73.49 -18.58 44.61
CA VAL G 206 -72.22 -19.05 45.12
C VAL G 206 -71.53 -19.80 43.98
N ASN G 207 -70.33 -19.33 43.62
CA ASN G 207 -69.56 -19.90 42.53
C ASN G 207 -68.25 -20.44 43.08
N HIS G 208 -67.98 -21.70 42.75
CA HIS G 208 -66.78 -22.42 43.18
C HIS G 208 -66.07 -22.90 41.92
N LYS G 209 -65.02 -22.17 41.53
CA LYS G 209 -64.26 -22.51 40.32
C LYS G 209 -63.65 -23.91 40.36
N PRO G 210 -63.01 -24.38 41.45
CA PRO G 210 -62.37 -25.70 41.39
C PRO G 210 -63.32 -26.83 41.03
N SER G 211 -64.59 -26.73 41.42
CA SER G 211 -65.59 -27.73 41.06
C SER G 211 -66.58 -27.24 40.01
N ASN G 212 -66.42 -26.00 39.53
CA ASN G 212 -67.36 -25.41 38.58
C ASN G 212 -68.79 -25.47 39.10
N THR G 213 -68.96 -25.18 40.39
CA THR G 213 -70.24 -25.31 41.05
C THR G 213 -70.89 -23.94 41.21
N LYS G 214 -72.06 -23.76 40.60
CA LYS G 214 -72.82 -22.51 40.70
C LYS G 214 -74.16 -22.84 41.34
N VAL G 215 -74.37 -22.36 42.57
CA VAL G 215 -75.58 -22.63 43.33
C VAL G 215 -76.31 -21.32 43.58
N ASP G 216 -77.58 -21.26 43.21
CA ASP G 216 -78.44 -20.12 43.48
C ASP G 216 -79.42 -20.51 44.57
N LYS G 217 -79.39 -19.76 45.68
CA LYS G 217 -80.24 -20.06 46.84
C LYS G 217 -81.05 -18.82 47.18
N ARG G 218 -82.37 -18.96 47.19
CA ARG G 218 -83.26 -17.87 47.56
C ARG G 218 -83.44 -17.87 49.07
N VAL G 219 -83.21 -16.70 49.69
CA VAL G 219 -83.30 -16.55 51.14
C VAL G 219 -84.62 -15.86 51.46
N GLU G 220 -85.45 -16.54 52.26
CA GLU G 220 -86.75 -16.05 52.67
C GLU G 220 -86.80 -15.93 54.19
N PRO G 221 -87.68 -15.10 54.73
CA PRO G 221 -87.78 -14.95 56.18
C PRO G 221 -88.18 -16.25 56.87
N LYS G 222 -87.81 -16.36 58.14
CA LYS G 222 -88.09 -17.56 58.90
C LYS G 222 -89.60 -17.80 58.99
N SER G 223 -89.99 -19.05 58.77
CA SER G 223 -91.40 -19.41 58.77
C SER G 223 -91.64 -20.77 59.41
N SER H 1 -34.76 -14.02 52.05
CA SER H 1 -34.69 -12.83 51.22
C SER H 1 -33.45 -12.01 51.54
N VAL H 2 -32.65 -11.72 50.51
CA VAL H 2 -31.44 -10.93 50.72
C VAL H 2 -31.79 -9.52 51.17
N VAL H 3 -32.80 -8.92 50.54
CA VAL H 3 -33.24 -7.58 50.91
C VAL H 3 -34.02 -7.65 52.22
N THR H 4 -33.69 -6.76 53.15
CA THR H 4 -34.27 -6.77 54.49
C THR H 4 -35.08 -5.50 54.72
N GLN H 5 -36.28 -5.67 55.27
CA GLN H 5 -37.14 -4.57 55.66
C GLN H 5 -37.55 -4.74 57.11
N PRO H 6 -37.86 -3.65 57.80
CA PRO H 6 -38.43 -3.76 59.15
C PRO H 6 -39.77 -4.48 59.11
N ALA H 7 -40.04 -5.26 60.15
CA ALA H 7 -41.26 -6.07 60.18
C ALA H 7 -42.50 -5.18 60.18
N SER H 8 -42.49 -4.12 60.97
CA SER H 8 -43.65 -3.24 61.08
C SER H 8 -43.21 -1.86 61.52
N VAL H 9 -44.08 -0.87 61.30
CA VAL H 9 -43.84 0.50 61.70
C VAL H 9 -45.17 1.17 61.97
N SER H 10 -45.18 2.10 62.92
CA SER H 10 -46.39 2.79 63.32
C SER H 10 -46.20 4.29 63.26
N GLY H 11 -47.30 5.00 63.03
CA GLY H 11 -47.26 6.46 62.98
C GLY H 11 -48.64 7.04 63.16
N SER H 12 -48.66 8.34 63.49
CA SER H 12 -49.91 9.04 63.72
C SER H 12 -50.28 9.86 62.49
N PRO H 13 -51.57 10.09 62.26
CA PRO H 13 -51.98 10.90 61.10
C PRO H 13 -51.42 12.31 61.20
N GLY H 14 -50.78 12.75 60.11
CA GLY H 14 -50.22 14.07 60.06
C GLY H 14 -48.71 14.08 59.96
N GLN H 15 -48.06 13.19 60.71
CA GLN H 15 -46.60 13.12 60.70
C GLN H 15 -46.11 12.26 59.54
N SER H 16 -44.82 12.37 59.26
CA SER H 16 -44.19 11.67 58.15
C SER H 16 -43.38 10.48 58.68
N ILE H 17 -43.52 9.33 58.02
CA ILE H 17 -42.82 8.13 58.41
C ILE H 17 -41.92 7.68 57.26
N THR H 18 -40.96 6.82 57.61
CA THR H 18 -39.97 6.33 56.64
C THR H 18 -39.87 4.81 56.75
N ILE H 19 -39.94 4.14 55.60
CA ILE H 19 -39.76 2.69 55.51
C ILE H 19 -38.43 2.43 54.82
N SER H 20 -37.59 1.62 55.46
CA SER H 20 -36.25 1.35 54.96
C SER H 20 -36.23 0.03 54.18
N CYS H 21 -35.19 -0.10 53.35
CA CYS H 21 -35.04 -1.28 52.49
C CYS H 21 -33.54 -1.49 52.32
N THR H 22 -32.97 -2.41 53.09
CA THR H 22 -31.54 -2.63 53.13
C THR H 22 -31.19 -3.84 52.28
N GLY H 23 -30.43 -3.62 51.21
CA GLY H 23 -29.93 -4.71 50.39
C GLY H 23 -28.41 -4.76 50.41
N THR H 24 -27.83 -5.46 49.45
CA THR H 24 -26.38 -5.55 49.32
C THR H 24 -25.89 -4.52 48.32
N SER H 25 -24.60 -4.60 48.02
CA SER H 25 -24.00 -3.71 47.03
C SER H 25 -24.25 -4.17 45.60
N SER H 26 -24.84 -5.35 45.40
CA SER H 26 -25.09 -5.88 44.08
C SER H 26 -26.52 -5.70 43.60
N ASP H 27 -27.46 -5.37 44.49
CA ASP H 27 -28.84 -5.17 44.10
C ASP H 27 -29.31 -3.73 44.30
N VAL H 28 -29.15 -3.16 45.49
CA VAL H 28 -29.60 -1.81 45.73
C VAL H 28 -28.49 -0.78 45.53
N GLY H 29 -27.26 -1.13 45.89
CA GLY H 29 -26.16 -0.21 45.75
C GLY H 29 -25.53 -0.15 44.38
N SER H 30 -26.07 -0.90 43.41
CA SER H 30 -25.53 -0.93 42.06
C SER H 30 -26.39 -0.22 41.03
N TYR H 31 -27.70 -0.24 41.18
CA TYR H 31 -28.60 0.30 40.17
C TYR H 31 -29.59 1.27 40.80
N ASN H 32 -30.04 2.23 40.00
CA ASN H 32 -31.13 3.11 40.40
C ASN H 32 -32.47 2.51 39.97
N LEU H 33 -32.73 1.27 40.38
CA LEU H 33 -33.86 0.49 39.90
C LEU H 33 -34.61 -0.13 41.07
N VAL H 34 -34.93 0.68 42.07
CA VAL H 34 -35.68 0.24 43.23
C VAL H 34 -37.12 0.71 43.08
N SER H 35 -38.06 -0.20 43.28
CA SER H 35 -39.48 0.10 43.19
C SER H 35 -40.16 -0.19 44.52
N TRP H 36 -41.16 0.60 44.85
CA TRP H 36 -41.93 0.48 46.08
C TRP H 36 -43.37 0.19 45.72
N PHE H 37 -43.89 -0.91 46.27
CA PHE H 37 -45.24 -1.40 46.02
C PHE H 37 -46.05 -1.35 47.31
N GLN H 38 -47.31 -0.95 47.18
CA GLN H 38 -48.27 -0.95 48.28
C GLN H 38 -49.32 -2.01 48.02
N GLN H 39 -49.54 -2.88 48.99
CA GLN H 39 -50.50 -3.97 48.89
C GLN H 39 -51.47 -3.90 50.06
N HIS H 40 -52.75 -3.73 49.73
CA HIS H 40 -53.80 -3.88 50.72
C HIS H 40 -54.18 -5.35 50.85
N PRO H 41 -54.77 -5.75 51.99
CA PRO H 41 -55.18 -7.14 52.14
C PRO H 41 -56.16 -7.56 51.06
N GLY H 42 -55.93 -8.74 50.48
CA GLY H 42 -56.80 -9.25 49.45
C GLY H 42 -56.67 -8.59 48.09
N LYS H 43 -55.64 -7.76 47.88
CA LYS H 43 -55.47 -7.02 46.65
C LYS H 43 -54.08 -7.25 46.10
N ALA H 44 -53.96 -7.10 44.78
CA ALA H 44 -52.66 -7.18 44.14
C ALA H 44 -51.82 -5.94 44.52
N PRO H 45 -50.50 -6.08 44.58
CA PRO H 45 -49.67 -4.92 44.92
C PRO H 45 -49.82 -3.82 43.89
N LYS H 46 -49.76 -2.58 44.36
CA LYS H 46 -49.88 -1.40 43.52
C LYS H 46 -48.56 -0.65 43.50
N LEU H 47 -48.09 -0.33 42.30
CA LEU H 47 -46.81 0.36 42.16
C LEU H 47 -46.94 1.80 42.66
N MET H 48 -46.15 2.14 43.68
CA MET H 48 -46.13 3.49 44.23
C MET H 48 -44.91 4.28 43.80
N ILE H 49 -43.74 3.66 43.76
CA ILE H 49 -42.50 4.33 43.36
C ILE H 49 -41.78 3.43 42.37
N TYR H 50 -41.25 4.02 41.30
CA TYR H 50 -40.39 3.30 40.38
C TYR H 50 -39.15 4.12 40.09
N GLU H 51 -38.05 3.42 39.83
CA GLU H 51 -36.75 4.04 39.56
C GLU H 51 -36.33 4.94 40.73
N VAL H 52 -36.43 4.38 41.93
CA VAL H 52 -35.95 4.98 43.17
C VAL H 52 -36.79 6.18 43.59
N THR H 53 -36.98 7.16 42.70
CA THR H 53 -37.64 8.40 43.05
C THR H 53 -38.87 8.72 42.22
N LYS H 54 -39.00 8.19 41.02
CA LYS H 54 -40.07 8.61 40.13
C LYS H 54 -41.41 8.03 40.58
N ARG H 55 -42.45 8.89 40.54
CA ARG H 55 -43.82 8.53 40.88
C ARG H 55 -44.62 8.29 39.61
N PRO H 56 -45.26 7.13 39.46
CA PRO H 56 -46.13 6.93 38.30
C PRO H 56 -47.34 7.84 38.35
N SER H 57 -47.90 8.13 37.18
CA SER H 57 -49.03 9.03 37.07
C SER H 57 -50.20 8.53 37.91
N GLY H 58 -50.80 9.45 38.67
CA GLY H 58 -51.92 9.11 39.53
C GLY H 58 -51.58 8.86 40.97
N ILE H 59 -50.32 9.02 41.36
CA ILE H 59 -49.87 8.76 42.72
C ILE H 59 -49.64 10.10 43.41
N SER H 60 -50.17 10.24 44.62
CA SER H 60 -50.03 11.49 45.36
C SER H 60 -48.58 11.77 45.71
N ASN H 61 -48.23 13.05 45.77
CA ASN H 61 -46.87 13.46 46.09
C ASN H 61 -46.50 13.23 47.54
N ARG H 62 -47.40 12.65 48.35
CA ARG H 62 -47.05 12.33 49.73
C ARG H 62 -46.04 11.20 49.82
N PHE H 63 -45.88 10.41 48.76
CA PHE H 63 -44.92 9.33 48.72
C PHE H 63 -43.68 9.79 47.97
N SER H 64 -42.52 9.69 48.61
CA SER H 64 -41.26 10.06 47.99
C SER H 64 -40.25 8.93 48.20
N GLY H 65 -39.32 8.81 47.27
CA GLY H 65 -38.31 7.77 47.32
C GLY H 65 -36.91 8.36 47.35
N SER H 66 -35.99 7.61 47.96
CA SER H 66 -34.60 8.02 47.98
C SER H 66 -33.73 6.77 48.11
N LYS H 67 -32.48 6.90 47.71
CA LYS H 67 -31.52 5.82 47.85
C LYS H 67 -30.22 6.38 48.39
N SER H 68 -29.61 5.66 49.33
CA SER H 68 -28.33 6.05 49.90
C SER H 68 -27.59 4.79 50.29
N GLY H 69 -26.35 4.65 49.83
CA GLY H 69 -25.60 3.45 50.10
C GLY H 69 -26.32 2.24 49.53
N ASN H 70 -26.60 1.26 50.38
CA ASN H 70 -27.37 0.08 50.00
C ASN H 70 -28.77 0.09 50.59
N THR H 71 -29.27 1.26 50.99
CA THR H 71 -30.58 1.36 51.62
C THR H 71 -31.45 2.33 50.84
N ALA H 72 -32.64 1.87 50.48
CA ALA H 72 -33.65 2.70 49.83
C ALA H 72 -34.74 3.04 50.84
N SER H 73 -35.14 4.30 50.87
CA SER H 73 -36.10 4.80 51.85
C SER H 73 -37.32 5.34 51.14
N LEU H 74 -38.50 4.93 51.60
CA LEU H 74 -39.78 5.47 51.15
C LEU H 74 -40.34 6.33 52.27
N THR H 75 -40.54 7.62 51.98
CA THR H 75 -41.03 8.59 52.95
C THR H 75 -42.48 8.93 52.62
N ILE H 76 -43.36 8.74 53.59
CA ILE H 76 -44.77 9.07 53.45
C ILE H 76 -45.05 10.25 54.38
N SER H 77 -45.45 11.37 53.79
CA SER H 77 -45.80 12.57 54.55
C SER H 77 -47.31 12.69 54.65
N ARG H 78 -47.78 13.24 55.77
CA ARG H 78 -49.20 13.44 56.03
C ARG H 78 -49.95 12.11 55.97
N LEU H 79 -49.61 11.25 56.94
CA LEU H 79 -50.20 9.93 57.03
C LEU H 79 -51.73 10.02 57.10
N GLN H 80 -52.39 9.12 56.39
CA GLN H 80 -53.85 9.05 56.38
C GLN H 80 -54.27 7.61 56.69
N ALA H 81 -55.58 7.41 56.83
CA ALA H 81 -56.09 6.11 57.23
C ALA H 81 -55.81 5.04 56.20
N GLU H 82 -56.03 5.34 54.92
CA GLU H 82 -55.91 4.32 53.88
C GLU H 82 -54.46 3.97 53.56
N ASP H 83 -53.49 4.74 54.06
CA ASP H 83 -52.09 4.43 53.84
C ASP H 83 -51.63 3.20 54.63
N GLU H 84 -52.46 2.69 55.54
CA GLU H 84 -52.11 1.53 56.35
C GLU H 84 -52.27 0.27 55.51
N ALA H 85 -51.16 -0.31 55.09
CA ALA H 85 -51.15 -1.53 54.27
C ALA H 85 -49.73 -2.08 54.30
N ASP H 86 -49.47 -3.09 53.49
CA ASP H 86 -48.14 -3.66 53.37
C ASP H 86 -47.34 -2.90 52.32
N TYR H 87 -46.04 -2.76 52.56
CA TYR H 87 -45.16 -2.09 51.63
C TYR H 87 -43.95 -2.97 51.34
N TYR H 88 -43.67 -3.18 50.05
CA TYR H 88 -42.57 -4.01 49.62
C TYR H 88 -41.62 -3.19 48.73
N CYS H 89 -40.34 -3.53 48.78
CA CYS H 89 -39.35 -2.94 47.90
C CYS H 89 -38.77 -4.03 47.01
N CYS H 90 -38.83 -3.81 45.70
CA CYS H 90 -38.23 -4.71 44.72
C CYS H 90 -37.02 -4.02 44.13
N SER H 91 -35.97 -4.79 43.87
CA SER H 91 -34.73 -4.23 43.35
C SER H 91 -34.17 -5.14 42.27
N TYR H 92 -33.66 -4.54 41.21
CA TYR H 92 -33.00 -5.30 40.17
C TYR H 92 -31.68 -5.84 40.71
N ALA H 93 -31.51 -7.16 40.64
CA ALA H 93 -30.35 -7.82 41.23
C ALA H 93 -29.30 -8.19 40.19
N GLY H 94 -29.41 -7.68 38.98
CA GLY H 94 -28.46 -8.00 37.93
C GLY H 94 -28.74 -9.34 37.28
N SER H 95 -28.22 -9.49 36.06
CA SER H 95 -28.40 -10.71 35.26
C SER H 95 -29.88 -11.02 35.07
N SER H 96 -30.68 -9.98 34.85
CA SER H 96 -32.13 -10.11 34.65
C SER H 96 -32.78 -10.82 35.83
N THR H 97 -32.51 -10.33 37.04
CA THR H 97 -33.04 -10.92 38.26
C THR H 97 -33.56 -9.80 39.15
N VAL H 98 -34.72 -10.03 39.76
CA VAL H 98 -35.34 -9.07 40.66
C VAL H 98 -35.53 -9.74 42.02
N VAL H 99 -35.22 -9.00 43.08
CA VAL H 99 -35.35 -9.49 44.45
C VAL H 99 -36.33 -8.61 45.20
N PHE H 100 -37.27 -9.22 45.91
CA PHE H 100 -38.26 -8.50 46.69
C PHE H 100 -37.82 -8.42 48.15
N GLY H 101 -38.25 -7.36 48.82
CA GLY H 101 -37.98 -7.21 50.24
C GLY H 101 -38.91 -8.06 51.08
N GLY H 102 -38.62 -8.08 52.39
CA GLY H 102 -39.42 -8.87 53.30
C GLY H 102 -40.82 -8.33 53.52
N GLY H 103 -41.02 -7.04 53.33
CA GLY H 103 -42.34 -6.44 53.53
C GLY H 103 -42.47 -5.74 54.86
N THR H 104 -43.07 -4.56 54.86
CA THR H 104 -43.27 -3.77 56.07
C THR H 104 -44.74 -3.41 56.19
N LYS H 105 -45.30 -3.65 57.38
CA LYS H 105 -46.71 -3.35 57.65
C LYS H 105 -46.79 -2.03 58.40
N LEU H 106 -47.33 -1.01 57.74
CA LEU H 106 -47.52 0.29 58.37
C LEU H 106 -48.73 0.25 59.29
N THR H 107 -48.65 1.00 60.40
CA THR H 107 -49.74 1.12 61.34
C THR H 107 -50.05 2.59 61.57
N VAL H 108 -51.33 2.95 61.50
CA VAL H 108 -51.77 4.32 61.69
C VAL H 108 -52.46 4.42 63.04
N LEU H 109 -51.92 5.28 63.91
CA LEU H 109 -52.43 5.42 65.27
C LEU H 109 -53.84 5.99 65.31
N GLY H 110 -54.31 6.58 64.21
CA GLY H 110 -55.55 7.34 64.20
C GLY H 110 -56.82 6.55 64.40
N GLN H 111 -56.75 5.22 64.43
CA GLN H 111 -57.97 4.43 64.59
C GLN H 111 -58.36 4.35 66.06
N PRO H 112 -59.54 4.79 66.45
CA PRO H 112 -59.97 4.70 67.85
C PRO H 112 -60.56 3.32 68.15
N LYS H 113 -60.89 3.14 69.43
CA LYS H 113 -61.51 1.88 69.87
C LYS H 113 -62.92 1.77 69.29
N ALA H 114 -63.26 0.60 68.76
CA ALA H 114 -64.57 0.34 68.21
C ALA H 114 -65.12 -0.96 68.77
N ASN H 115 -66.35 -0.92 69.28
CA ASN H 115 -66.97 -2.13 69.81
C ASN H 115 -67.54 -2.98 68.69
N PRO H 116 -67.52 -4.31 68.85
CA PRO H 116 -67.93 -5.19 67.76
C PRO H 116 -69.44 -5.29 67.60
N THR H 117 -69.85 -5.47 66.35
CA THR H 117 -71.24 -5.74 65.99
C THR H 117 -71.41 -7.23 65.72
N VAL H 118 -72.41 -7.84 66.35
CA VAL H 118 -72.58 -9.29 66.36
C VAL H 118 -73.93 -9.64 65.75
N THR H 119 -73.93 -10.65 64.88
CA THR H 119 -75.15 -11.19 64.29
C THR H 119 -75.13 -12.71 64.41
N LEU H 120 -76.20 -13.29 64.93
CA LEU H 120 -76.29 -14.73 65.17
C LEU H 120 -77.39 -15.33 64.28
N PHE H 121 -77.04 -16.42 63.59
CA PHE H 121 -77.92 -17.13 62.69
C PHE H 121 -78.12 -18.56 63.16
N PRO H 122 -79.36 -19.03 63.28
CA PRO H 122 -79.62 -20.42 63.64
C PRO H 122 -79.60 -21.31 62.42
N PRO H 123 -79.65 -22.63 62.59
CA PRO H 123 -79.71 -23.52 61.42
C PRO H 123 -80.96 -23.29 60.60
N SER H 124 -80.83 -23.50 59.29
CA SER H 124 -81.94 -23.34 58.37
C SER H 124 -82.80 -24.61 58.34
N SER H 125 -83.99 -24.47 57.74
CA SER H 125 -84.88 -25.62 57.61
C SER H 125 -84.27 -26.70 56.72
N GLU H 126 -83.63 -26.29 55.63
CA GLU H 126 -82.99 -27.26 54.74
C GLU H 126 -81.88 -28.01 55.45
N GLU H 127 -81.09 -27.31 56.27
CA GLU H 127 -80.01 -27.97 57.00
C GLU H 127 -80.55 -28.98 58.00
N LEU H 128 -81.66 -28.65 58.67
CA LEU H 128 -82.30 -29.61 59.57
C LEU H 128 -82.84 -30.80 58.78
N GLN H 129 -83.36 -30.55 57.58
CA GLN H 129 -83.71 -31.65 56.68
C GLN H 129 -82.47 -32.43 56.26
N ALA H 130 -81.29 -31.83 56.33
CA ALA H 130 -80.03 -32.50 56.06
C ALA H 130 -79.43 -33.12 57.32
N ASN H 131 -80.17 -33.13 58.42
CA ASN H 131 -79.73 -33.73 59.68
C ASN H 131 -78.45 -33.09 60.20
N LYS H 132 -78.35 -31.77 60.03
CA LYS H 132 -77.21 -31.01 60.53
C LYS H 132 -77.72 -29.70 61.11
N ALA H 133 -76.91 -29.13 62.02
CA ALA H 133 -77.25 -27.85 62.65
C ALA H 133 -75.99 -27.00 62.75
N THR H 134 -76.07 -25.75 62.31
CA THR H 134 -74.95 -24.83 62.37
C THR H 134 -75.43 -23.46 62.85
N LEU H 135 -74.75 -22.92 63.85
CA LEU H 135 -74.99 -21.58 64.35
C LEU H 135 -73.84 -20.68 63.92
N VAL H 136 -74.18 -19.53 63.34
CA VAL H 136 -73.19 -18.63 62.75
C VAL H 136 -73.18 -17.33 63.53
N CYS H 137 -72.02 -16.98 64.08
CA CYS H 137 -71.84 -15.76 64.86
C CYS H 137 -70.84 -14.87 64.13
N LEU H 138 -71.35 -13.86 63.43
CA LEU H 138 -70.52 -12.95 62.64
C LEU H 138 -70.27 -11.67 63.43
N ILE H 139 -68.99 -11.31 63.56
CA ILE H 139 -68.56 -10.15 64.33
C ILE H 139 -67.83 -9.22 63.37
N SER H 140 -68.17 -7.93 63.40
CA SER H 140 -67.57 -7.00 62.47
C SER H 140 -67.36 -5.63 63.13
N ASP H 141 -66.45 -4.87 62.55
CA ASP H 141 -66.30 -3.43 62.85
C ASP H 141 -65.84 -3.20 64.29
N PHE H 142 -64.81 -3.92 64.69
CA PHE H 142 -64.21 -3.75 66.01
C PHE H 142 -62.73 -3.40 65.87
N TYR H 143 -62.25 -2.52 66.74
CA TYR H 143 -60.86 -2.13 66.79
C TYR H 143 -60.51 -1.87 68.24
N PRO H 144 -59.35 -2.37 68.73
CA PRO H 144 -58.35 -3.18 68.03
C PRO H 144 -58.86 -4.58 67.67
N GLY H 145 -58.18 -5.25 66.74
CA GLY H 145 -58.63 -6.57 66.30
C GLY H 145 -58.25 -7.66 67.27
N ALA H 146 -58.93 -7.71 68.42
CA ALA H 146 -58.67 -8.74 69.43
C ALA H 146 -59.95 -8.95 70.22
N VAL H 147 -60.66 -10.04 69.93
CA VAL H 147 -61.90 -10.37 70.62
C VAL H 147 -61.85 -11.83 71.04
N THR H 148 -62.67 -12.17 72.03
CA THR H 148 -62.79 -13.53 72.53
C THR H 148 -64.25 -13.98 72.41
N VAL H 149 -64.47 -15.19 71.90
CA VAL H 149 -65.80 -15.71 71.62
C VAL H 149 -66.09 -16.86 72.56
N ALA H 150 -67.26 -16.82 73.20
CA ALA H 150 -67.71 -17.87 74.09
C ALA H 150 -69.14 -18.25 73.75
N TRP H 151 -69.43 -19.55 73.71
CA TRP H 151 -70.76 -20.03 73.38
C TRP H 151 -71.45 -20.57 74.63
N LYS H 152 -72.77 -20.46 74.64
CA LYS H 152 -73.59 -20.89 75.77
C LYS H 152 -74.75 -21.73 75.28
N ALA H 153 -74.95 -22.89 75.90
CA ALA H 153 -76.16 -23.68 75.76
C ALA H 153 -77.04 -23.36 76.95
N ASP H 154 -78.19 -22.73 76.71
CA ASP H 154 -78.97 -22.12 77.78
C ASP H 154 -78.09 -21.15 78.56
N SER H 155 -77.66 -21.55 79.75
CA SER H 155 -76.75 -20.74 80.55
C SER H 155 -75.40 -21.39 80.79
N SER H 156 -75.20 -22.62 80.33
CA SER H 156 -73.95 -23.35 80.55
C SER H 156 -72.95 -23.04 79.45
N PRO H 157 -71.66 -22.98 79.78
CA PRO H 157 -70.64 -22.77 78.74
C PRO H 157 -70.53 -23.96 77.81
N VAL H 158 -70.10 -23.69 76.58
CA VAL H 158 -69.90 -24.71 75.56
C VAL H 158 -68.50 -24.56 75.00
N LYS H 159 -67.74 -25.66 74.99
CA LYS H 159 -66.38 -25.65 74.48
C LYS H 159 -66.20 -26.46 73.20
N ALA H 160 -67.02 -27.48 72.97
CA ALA H 160 -66.89 -28.34 71.81
C ALA H 160 -67.67 -27.76 70.63
N GLY H 161 -67.15 -28.04 69.43
CA GLY H 161 -67.82 -27.62 68.21
C GLY H 161 -67.73 -26.14 67.92
N VAL H 162 -66.75 -25.44 68.48
CA VAL H 162 -66.59 -24.00 68.29
C VAL H 162 -65.40 -23.77 67.37
N GLU H 163 -65.63 -23.06 66.27
CA GLU H 163 -64.58 -22.71 65.32
C GLU H 163 -64.57 -21.19 65.16
N THR H 164 -63.52 -20.53 65.63
CA THR H 164 -63.43 -19.08 65.61
C THR H 164 -62.29 -18.65 64.71
N THR H 165 -62.55 -17.66 63.86
CA THR H 165 -61.54 -17.12 62.97
C THR H 165 -60.71 -16.05 63.67
N THR H 166 -59.48 -15.88 63.19
CA THR H 166 -58.67 -14.77 63.64
C THR H 166 -59.20 -13.47 63.06
N PRO H 167 -58.98 -12.34 63.73
CA PRO H 167 -59.43 -11.05 63.18
C PRO H 167 -58.77 -10.76 61.84
N SER H 168 -59.54 -10.17 60.94
CA SER H 168 -59.06 -9.79 59.62
C SER H 168 -59.45 -8.34 59.36
N LYS H 169 -58.48 -7.54 58.91
CA LYS H 169 -58.75 -6.12 58.71
C LYS H 169 -59.70 -5.92 57.54
N GLN H 170 -60.76 -5.16 57.79
CA GLN H 170 -61.74 -4.84 56.76
C GLN H 170 -61.22 -3.73 55.87
N SER H 171 -62.00 -3.39 54.83
CA SER H 171 -61.63 -2.31 53.94
C SER H 171 -61.66 -0.96 54.64
N ASN H 172 -62.38 -0.84 55.76
CA ASN H 172 -62.46 0.40 56.51
C ASN H 172 -61.48 0.43 57.68
N ASN H 173 -60.39 -0.34 57.61
CA ASN H 173 -59.35 -0.47 58.61
C ASN H 173 -59.86 -1.06 59.93
N LYS H 174 -61.13 -1.46 60.01
CA LYS H 174 -61.63 -2.20 61.16
C LYS H 174 -61.42 -3.70 60.92
N TYR H 175 -61.82 -4.51 61.90
CA TYR H 175 -61.56 -5.94 61.85
C TYR H 175 -62.87 -6.73 61.90
N ALA H 176 -62.81 -7.95 61.37
CA ALA H 176 -63.97 -8.83 61.31
C ALA H 176 -63.54 -10.24 61.69
N ALA H 177 -64.51 -11.04 62.11
CA ALA H 177 -64.27 -12.42 62.51
C ALA H 177 -65.59 -13.17 62.41
N SER H 178 -65.49 -14.50 62.42
CA SER H 178 -66.67 -15.35 62.36
C SER H 178 -66.44 -16.58 63.22
N SER H 179 -67.51 -17.03 63.88
CA SER H 179 -67.49 -18.21 64.72
C SER H 179 -68.62 -19.13 64.29
N TYR H 180 -68.37 -20.43 64.35
CA TYR H 180 -69.33 -21.44 63.93
C TYR H 180 -69.48 -22.49 65.02
N LEU H 181 -70.72 -22.79 65.38
CA LEU H 181 -71.04 -23.82 66.35
C LEU H 181 -71.77 -24.95 65.63
N SER H 182 -71.20 -26.15 65.67
CA SER H 182 -71.78 -27.31 65.01
C SER H 182 -72.56 -28.13 66.03
N LEU H 183 -73.85 -28.33 65.76
CA LEU H 183 -74.74 -29.03 66.66
C LEU H 183 -75.60 -29.99 65.86
N THR H 184 -75.99 -31.09 66.50
CA THR H 184 -76.95 -32.01 65.92
C THR H 184 -78.35 -31.41 66.01
N PRO H 185 -79.27 -31.84 65.13
CA PRO H 185 -80.65 -31.35 65.24
C PRO H 185 -81.28 -31.66 66.58
N GLU H 186 -80.96 -32.81 67.18
CA GLU H 186 -81.50 -33.12 68.50
C GLU H 186 -80.98 -32.16 69.55
N GLN H 187 -79.70 -31.82 69.51
CA GLN H 187 -79.16 -30.84 70.45
C GLN H 187 -79.78 -29.46 70.22
N TRP H 188 -80.01 -29.10 68.96
CA TRP H 188 -80.61 -27.80 68.67
C TRP H 188 -82.04 -27.71 69.19
N LYS H 189 -82.84 -28.76 68.97
CA LYS H 189 -84.23 -28.74 69.40
C LYS H 189 -84.39 -29.03 70.89
N SER H 190 -83.39 -29.64 71.53
CA SER H 190 -83.52 -30.00 72.94
C SER H 190 -83.32 -28.81 73.87
N HIS H 191 -82.43 -27.89 73.50
CA HIS H 191 -82.15 -26.73 74.34
C HIS H 191 -83.13 -25.61 74.05
N ARG H 192 -83.43 -24.82 75.09
CA ARG H 192 -84.35 -23.70 74.91
C ARG H 192 -83.74 -22.61 74.05
N SER H 193 -82.45 -22.34 74.22
CA SER H 193 -81.79 -21.29 73.45
C SER H 193 -80.29 -21.54 73.46
N TYR H 194 -79.61 -20.91 72.49
CA TYR H 194 -78.16 -20.88 72.41
C TYR H 194 -77.71 -19.43 72.27
N SER H 195 -76.51 -19.15 72.77
CA SER H 195 -76.01 -17.79 72.80
C SER H 195 -74.56 -17.73 72.37
N CYS H 196 -74.20 -16.62 71.72
CA CYS H 196 -72.84 -16.29 71.35
C CYS H 196 -72.46 -14.98 72.01
N GLN H 197 -71.33 -14.97 72.72
CA GLN H 197 -70.86 -13.80 73.46
C GLN H 197 -69.48 -13.42 72.93
N VAL H 198 -69.33 -12.14 72.60
CA VAL H 198 -68.07 -11.60 72.10
C VAL H 198 -67.58 -10.56 73.09
N THR H 199 -66.35 -10.72 73.55
CA THR H 199 -65.72 -9.82 74.50
C THR H 199 -64.58 -9.07 73.82
N HIS H 200 -64.63 -7.75 73.87
CA HIS H 200 -63.63 -6.87 73.28
C HIS H 200 -63.29 -5.79 74.29
N GLU H 201 -62.01 -5.70 74.65
CA GLU H 201 -61.53 -4.71 75.61
C GLU H 201 -62.28 -4.78 76.93
N GLY H 202 -62.71 -5.99 77.31
CA GLY H 202 -63.43 -6.19 78.55
C GLY H 202 -64.93 -5.99 78.48
N SER H 203 -65.46 -5.58 77.32
CA SER H 203 -66.90 -5.38 77.16
C SER H 203 -67.48 -6.56 76.37
N THR H 204 -68.56 -7.15 76.90
CA THR H 204 -69.13 -8.35 76.33
C THR H 204 -70.52 -8.05 75.75
N VAL H 205 -70.76 -8.57 74.55
CA VAL H 205 -72.04 -8.43 73.88
C VAL H 205 -72.55 -9.82 73.50
N GLU H 206 -73.82 -10.08 73.77
CA GLU H 206 -74.39 -11.41 73.64
C GLU H 206 -75.56 -11.40 72.66
N LYS H 207 -75.65 -12.47 71.87
CA LYS H 207 -76.78 -12.72 70.98
C LYS H 207 -77.33 -14.12 71.27
N THR H 208 -78.63 -14.29 71.03
CA THR H 208 -79.30 -15.53 71.41
C THR H 208 -80.30 -15.93 70.32
N VAL H 209 -80.35 -17.24 70.04
CA VAL H 209 -81.30 -17.81 69.10
C VAL H 209 -82.00 -18.98 69.77
N ALA H 210 -83.18 -19.32 69.26
CA ALA H 210 -84.02 -20.36 69.81
C ALA H 210 -84.71 -21.10 68.69
N PRO H 211 -85.08 -22.37 68.90
CA PRO H 211 -85.83 -23.10 67.88
C PRO H 211 -87.18 -22.45 67.58
N THR H 212 -87.62 -22.59 66.34
CA THR H 212 -88.90 -22.04 65.90
C THR H 212 -89.98 -23.12 65.96
N GLU H 213 -91.13 -22.74 66.51
CA GLU H 213 -92.25 -23.66 66.68
C GLU H 213 -93.23 -23.49 65.52
N CYS H 214 -93.53 -24.58 64.83
CA CYS H 214 -94.42 -24.54 63.68
C CYS H 214 -95.38 -25.74 63.68
N SER I 1 -30.49 17.33 -53.71
CA SER I 1 -29.80 18.09 -52.69
C SER I 1 -30.67 18.25 -51.44
N VAL I 2 -30.12 17.86 -50.29
CA VAL I 2 -30.86 17.98 -49.04
C VAL I 2 -31.13 19.44 -48.71
N VAL I 3 -30.13 20.30 -48.89
CA VAL I 3 -30.29 21.72 -48.63
C VAL I 3 -31.10 22.34 -49.76
N THR I 4 -32.10 23.14 -49.40
CA THR I 4 -33.03 23.72 -50.35
C THR I 4 -32.89 25.24 -50.35
N GLN I 5 -32.84 25.81 -51.54
CA GLN I 5 -32.83 27.26 -51.75
C GLN I 5 -33.93 27.66 -52.71
N PRO I 6 -34.44 28.89 -52.61
CA PRO I 6 -35.38 29.37 -53.63
C PRO I 6 -34.71 29.43 -54.99
N ALA I 7 -35.52 29.14 -56.03
CA ALA I 7 -34.98 29.07 -57.39
C ALA I 7 -34.43 30.43 -57.83
N SER I 8 -35.17 31.50 -57.55
CA SER I 8 -34.74 32.83 -57.98
C SER I 8 -35.37 33.88 -57.07
N VAL I 9 -34.80 35.07 -57.10
CA VAL I 9 -35.30 36.19 -56.32
C VAL I 9 -34.96 37.48 -57.06
N SER I 10 -35.81 38.49 -56.92
CA SER I 10 -35.64 39.75 -57.62
C SER I 10 -35.70 40.90 -56.62
N GLY I 11 -35.03 42.00 -56.97
CA GLY I 11 -35.02 43.18 -56.14
C GLY I 11 -34.58 44.40 -56.92
N SER I 12 -34.89 45.56 -56.35
CA SER I 12 -34.54 46.83 -56.98
C SER I 12 -33.29 47.42 -56.34
N PRO I 13 -32.50 48.19 -57.09
CA PRO I 13 -31.31 48.80 -56.50
C PRO I 13 -31.67 49.73 -55.34
N GLY I 14 -31.00 49.54 -54.22
CA GLY I 14 -31.23 50.36 -53.05
C GLY I 14 -31.83 49.59 -51.89
N GLN I 15 -32.78 48.70 -52.18
CA GLN I 15 -33.42 47.93 -51.13
C GLN I 15 -32.59 46.69 -50.79
N SER I 16 -32.93 46.08 -49.66
CA SER I 16 -32.21 44.93 -49.14
C SER I 16 -33.01 43.66 -49.38
N ILE I 17 -32.34 42.61 -49.86
CA ILE I 17 -32.98 41.34 -50.15
C ILE I 17 -32.36 40.26 -49.27
N THR I 18 -33.07 39.14 -49.15
CA THR I 18 -32.65 38.02 -48.32
C THR I 18 -32.75 36.73 -49.11
N ILE I 19 -31.69 35.94 -49.08
CA ILE I 19 -31.65 34.62 -49.69
C ILE I 19 -31.63 33.57 -48.58
N SER I 20 -32.56 32.63 -48.64
CA SER I 20 -32.72 31.62 -47.60
C SER I 20 -32.01 30.32 -47.99
N CYS I 21 -31.73 29.51 -46.98
CA CYS I 21 -31.01 28.26 -47.16
C CYS I 21 -31.52 27.30 -46.09
N THR I 22 -32.45 26.43 -46.47
CA THR I 22 -33.13 25.54 -45.54
C THR I 22 -32.50 24.16 -45.61
N GLY I 23 -31.90 23.72 -44.51
CA GLY I 23 -31.37 22.39 -44.41
C GLY I 23 -32.07 21.59 -43.33
N THR I 24 -31.47 20.49 -42.90
CA THR I 24 -32.01 19.68 -41.82
C THR I 24 -31.36 20.06 -40.50
N SER I 25 -31.66 19.29 -39.46
CA SER I 25 -31.06 19.52 -38.15
C SER I 25 -29.66 18.93 -38.03
N SER I 26 -29.20 18.18 -39.04
CA SER I 26 -27.89 17.55 -38.99
C SER I 26 -26.82 18.30 -39.77
N ASP I 27 -27.20 19.25 -40.63
CA ASP I 27 -26.23 20.01 -41.41
C ASP I 27 -26.23 21.49 -41.05
N VAL I 28 -27.38 22.16 -41.08
CA VAL I 28 -27.42 23.58 -40.78
C VAL I 28 -27.77 23.84 -39.31
N GLY I 29 -28.63 23.04 -38.73
CA GLY I 29 -29.02 23.23 -37.35
C GLY I 29 -28.08 22.65 -36.33
N SER I 30 -26.96 22.07 -36.76
CA SER I 30 -26.00 21.46 -35.85
C SER I 30 -24.71 22.26 -35.70
N TYR I 31 -24.25 22.92 -36.75
CA TYR I 31 -22.95 23.58 -36.74
C TYR I 31 -23.09 25.02 -37.19
N ASN I 32 -22.20 25.86 -36.69
CA ASN I 32 -22.06 27.24 -37.18
C ASN I 32 -21.07 27.31 -38.33
N LEU I 33 -21.30 26.48 -39.35
CA LEU I 33 -20.35 26.27 -40.44
C LEU I 33 -21.04 26.38 -41.78
N VAL I 34 -21.80 27.46 -41.97
CA VAL I 34 -22.50 27.73 -43.22
C VAL I 34 -21.72 28.79 -43.98
N SER I 35 -21.44 28.53 -45.25
CA SER I 35 -20.74 29.47 -46.11
C SER I 35 -21.62 29.86 -47.28
N TRP I 36 -21.47 31.09 -47.73
CA TRP I 36 -22.22 31.65 -48.84
C TRP I 36 -21.25 32.04 -49.94
N PHE I 37 -21.47 31.50 -51.14
CA PHE I 37 -20.64 31.70 -52.31
C PHE I 37 -21.42 32.43 -53.39
N GLN I 38 -20.75 33.36 -54.06
CA GLN I 38 -21.31 34.08 -55.19
C GLN I 38 -20.57 33.66 -56.47
N GLN I 39 -21.32 33.26 -57.47
CA GLN I 39 -20.77 32.79 -58.74
C GLN I 39 -21.37 33.59 -59.88
N HIS I 40 -20.52 34.31 -60.61
CA HIS I 40 -20.92 34.92 -61.86
C HIS I 40 -20.84 33.91 -62.99
N PRO I 41 -21.57 34.12 -64.08
CA PRO I 41 -21.50 33.18 -65.20
C PRO I 41 -20.07 33.07 -65.74
N GLY I 42 -19.64 31.84 -65.99
CA GLY I 42 -18.31 31.60 -66.51
C GLY I 42 -17.19 31.78 -65.53
N LYS I 43 -17.49 31.91 -64.24
CA LYS I 43 -16.48 32.17 -63.23
C LYS I 43 -16.59 31.16 -62.09
N ALA I 44 -15.48 30.92 -61.41
CA ALA I 44 -15.51 30.08 -60.23
C ALA I 44 -16.23 30.79 -59.10
N PRO I 45 -16.88 30.04 -58.20
CA PRO I 45 -17.58 30.66 -57.07
C PRO I 45 -16.61 31.44 -56.19
N LYS I 46 -17.10 32.56 -55.66
CA LYS I 46 -16.32 33.41 -54.80
C LYS I 46 -16.90 33.38 -53.39
N LEU I 47 -16.06 33.14 -52.40
CA LEU I 47 -16.52 33.07 -51.02
C LEU I 47 -16.94 34.45 -50.53
N MET I 48 -18.20 34.58 -50.15
CA MET I 48 -18.73 35.83 -49.61
C MET I 48 -18.91 35.79 -48.11
N ILE I 49 -19.40 34.68 -47.57
CA ILE I 49 -19.61 34.55 -46.13
C ILE I 49 -19.04 33.20 -45.68
N TYR I 50 -18.33 33.19 -44.56
CA TYR I 50 -17.89 31.95 -43.96
C TYR I 50 -18.22 31.96 -42.47
N GLU I 51 -18.45 30.77 -41.93
CA GLU I 51 -18.82 30.59 -40.52
C GLU I 51 -20.06 31.41 -40.18
N VAL I 52 -21.09 31.26 -41.02
CA VAL I 52 -22.42 31.83 -40.81
C VAL I 52 -22.43 33.34 -40.96
N THR I 53 -21.57 34.04 -40.21
CA THR I 53 -21.61 35.49 -40.18
C THR I 53 -20.33 36.19 -40.60
N LYS I 54 -19.18 35.53 -40.52
CA LYS I 54 -17.91 36.20 -40.75
C LYS I 54 -17.70 36.48 -42.21
N ARG I 55 -17.22 37.70 -42.51
CA ARG I 55 -16.89 38.15 -43.86
C ARG I 55 -15.40 38.05 -44.09
N PRO I 56 -14.95 37.37 -45.14
CA PRO I 56 -13.51 37.35 -45.44
C PRO I 56 -13.04 38.73 -45.87
N SER I 57 -11.75 38.97 -45.67
CA SER I 57 -11.15 40.26 -45.98
C SER I 57 -11.37 40.61 -47.45
N GLY I 58 -11.79 41.85 -47.70
CA GLY I 58 -12.04 42.32 -49.04
C GLY I 58 -13.48 42.27 -49.49
N ILE I 59 -14.40 41.87 -48.62
CA ILE I 59 -15.81 41.75 -48.95
C ILE I 59 -16.56 42.92 -48.31
N SER I 60 -17.41 43.57 -49.11
CA SER I 60 -18.14 44.73 -48.61
C SER I 60 -19.12 44.32 -47.52
N ASN I 61 -19.36 45.25 -46.59
CA ASN I 61 -20.27 44.98 -45.48
C ASN I 61 -21.73 44.94 -45.89
N ARG I 62 -22.03 45.09 -47.19
CA ARG I 62 -23.41 44.96 -47.64
C ARG I 62 -23.93 43.53 -47.54
N PHE I 63 -23.03 42.55 -47.44
CA PHE I 63 -23.41 41.16 -47.30
C PHE I 63 -23.31 40.77 -45.83
N SER I 64 -24.40 40.26 -45.27
CA SER I 64 -24.42 39.80 -43.89
C SER I 64 -25.04 38.41 -43.84
N GLY I 65 -24.63 37.63 -42.85
CA GLY I 65 -25.11 36.28 -42.68
C GLY I 65 -25.77 36.09 -41.34
N SER I 66 -26.73 35.16 -41.29
CA SER I 66 -27.37 34.80 -40.04
C SER I 66 -27.85 33.37 -40.12
N LYS I 67 -28.06 32.76 -38.96
CA LYS I 67 -28.60 31.41 -38.89
C LYS I 67 -29.68 31.36 -37.82
N SER I 68 -30.78 30.69 -38.13
CA SER I 68 -31.87 30.50 -37.19
C SER I 68 -32.53 29.17 -37.48
N GLY I 69 -32.66 28.34 -36.45
CA GLY I 69 -33.23 27.02 -36.65
C GLY I 69 -32.36 26.24 -37.62
N ASN I 70 -32.99 25.74 -38.69
CA ASN I 70 -32.28 25.04 -39.75
C ASN I 70 -32.17 25.88 -41.02
N THR I 71 -32.32 27.20 -40.92
CA THR I 71 -32.30 28.08 -42.07
C THR I 71 -31.23 29.14 -41.89
N ALA I 72 -30.36 29.25 -42.89
CA ALA I 72 -29.34 30.30 -42.94
C ALA I 72 -29.77 31.34 -43.95
N SER I 73 -29.64 32.62 -43.57
CA SER I 73 -30.09 33.73 -44.39
C SER I 73 -28.91 34.64 -44.74
N LEU I 74 -28.79 34.97 -46.02
CA LEU I 74 -27.83 35.95 -46.50
C LEU I 74 -28.58 37.20 -46.89
N THR I 75 -28.25 38.31 -46.22
CA THR I 75 -28.92 39.59 -46.44
C THR I 75 -27.99 40.52 -47.20
N ILE I 76 -28.45 41.02 -48.34
CA ILE I 76 -27.70 41.96 -49.15
C ILE I 76 -28.42 43.30 -49.09
N SER I 77 -27.74 44.31 -48.54
CA SER I 77 -28.28 45.65 -48.45
C SER I 77 -27.69 46.52 -49.54
N ARG I 78 -28.49 47.47 -50.03
CA ARG I 78 -28.09 48.40 -51.08
C ARG I 78 -27.68 47.64 -52.34
N LEU I 79 -28.68 46.98 -52.92
CA LEU I 79 -28.45 46.19 -54.12
C LEU I 79 -27.84 47.03 -55.23
N GLN I 80 -26.88 46.43 -55.94
CA GLN I 80 -26.21 47.08 -57.06
C GLN I 80 -26.27 46.16 -58.27
N ALA I 81 -25.80 46.66 -59.41
CA ALA I 81 -25.91 45.92 -60.66
C ALA I 81 -25.09 44.65 -60.63
N GLU I 82 -23.85 44.72 -60.14
CA GLU I 82 -22.96 43.56 -60.19
C GLU I 82 -23.33 42.49 -59.17
N ASP I 83 -24.22 42.77 -58.23
CA ASP I 83 -24.65 41.76 -57.27
C ASP I 83 -25.53 40.69 -57.90
N GLU I 84 -25.96 40.88 -59.15
CA GLU I 84 -26.82 39.91 -59.83
C GLU I 84 -25.97 38.75 -60.32
N ALA I 85 -26.08 37.62 -59.64
CA ALA I 85 -25.33 36.40 -59.98
C ALA I 85 -26.00 35.24 -59.23
N ASP I 86 -25.36 34.08 -59.28
CA ASP I 86 -25.85 32.92 -58.54
C ASP I 86 -25.28 32.92 -57.14
N TYR I 87 -26.09 32.45 -56.19
CA TYR I 87 -25.67 32.37 -54.79
C TYR I 87 -25.93 30.96 -54.27
N TYR I 88 -24.91 30.36 -53.68
CA TYR I 88 -24.99 29.02 -53.13
C TYR I 88 -24.65 29.04 -51.66
N CYS I 89 -25.27 28.13 -50.89
CA CYS I 89 -24.93 27.94 -49.49
C CYS I 89 -24.37 26.53 -49.31
N CYS I 90 -23.18 26.44 -48.73
CA CYS I 90 -22.57 25.17 -48.38
C CYS I 90 -22.61 25.01 -46.87
N SER I 91 -22.82 23.79 -46.42
CA SER I 91 -22.92 23.53 -44.99
C SER I 91 -22.21 22.23 -44.65
N TYR I 92 -21.50 22.25 -43.51
CA TYR I 92 -20.86 21.04 -43.02
C TYR I 92 -21.93 20.07 -42.56
N ALA I 93 -21.92 18.85 -43.12
CA ALA I 93 -22.94 17.86 -42.85
C ALA I 93 -22.49 16.79 -41.87
N GLY I 94 -21.36 17.00 -41.21
CA GLY I 94 -20.85 16.02 -40.26
C GLY I 94 -20.11 14.89 -40.95
N SER I 95 -19.25 14.23 -40.17
CA SER I 95 -18.44 13.12 -40.66
C SER I 95 -17.60 13.54 -41.86
N SER I 96 -17.06 14.76 -41.81
CA SER I 96 -16.22 15.31 -42.87
C SER I 96 -16.97 15.32 -44.21
N THR I 97 -18.18 15.86 -44.20
CA THR I 97 -19.01 15.93 -45.39
C THR I 97 -19.60 17.32 -45.51
N VAL I 98 -19.62 17.84 -46.74
CA VAL I 98 -20.15 19.16 -47.04
C VAL I 98 -21.26 19.00 -48.06
N VAL I 99 -22.37 19.71 -47.84
CA VAL I 99 -23.52 19.67 -48.74
C VAL I 99 -23.77 21.07 -49.26
N PHE I 100 -23.96 21.18 -50.58
CA PHE I 100 -24.24 22.45 -51.23
C PHE I 100 -25.74 22.63 -51.43
N GLY I 101 -26.17 23.90 -51.44
CA GLY I 101 -27.55 24.21 -51.71
C GLY I 101 -27.86 24.15 -53.18
N GLY I 102 -29.16 24.30 -53.49
CA GLY I 102 -29.61 24.24 -54.87
C GLY I 102 -29.17 25.42 -55.71
N GLY I 103 -28.94 26.58 -55.07
CA GLY I 103 -28.55 27.76 -55.81
C GLY I 103 -29.69 28.72 -56.04
N THR I 104 -29.44 30.01 -55.85
CA THR I 104 -30.45 31.04 -56.03
C THR I 104 -29.90 32.09 -56.98
N LYS I 105 -30.69 32.45 -57.98
CA LYS I 105 -30.32 33.46 -58.98
C LYS I 105 -30.98 34.78 -58.61
N LEU I 106 -30.17 35.75 -58.20
CA LEU I 106 -30.67 37.08 -57.89
C LEU I 106 -30.94 37.86 -59.17
N THR I 107 -31.98 38.69 -59.14
CA THR I 107 -32.33 39.55 -60.26
C THR I 107 -32.42 41.00 -59.79
N VAL I 108 -31.79 41.90 -60.53
CA VAL I 108 -31.78 43.32 -60.20
C VAL I 108 -32.63 44.05 -61.23
N LEU I 109 -33.67 44.75 -60.74
CA LEU I 109 -34.59 45.46 -61.62
C LEU I 109 -33.96 46.66 -62.30
N GLY I 110 -32.77 47.08 -61.86
CA GLY I 110 -32.22 48.35 -62.30
C GLY I 110 -31.97 48.44 -63.80
N GLN I 111 -31.54 47.33 -64.41
CA GLN I 111 -31.08 47.34 -65.78
C GLN I 111 -32.17 47.85 -66.73
N PRO I 112 -31.92 48.91 -67.49
CA PRO I 112 -32.93 49.44 -68.41
C PRO I 112 -32.95 48.66 -69.72
N LYS I 113 -33.93 49.00 -70.56
CA LYS I 113 -34.06 48.37 -71.86
C LYS I 113 -32.93 48.79 -72.78
N ALA I 114 -32.35 47.81 -73.49
CA ALA I 114 -31.27 48.07 -74.43
C ALA I 114 -31.58 47.37 -75.75
N ASN I 115 -31.47 48.11 -76.85
CA ASN I 115 -31.69 47.53 -78.17
C ASN I 115 -30.45 46.77 -78.63
N PRO I 116 -30.65 45.69 -79.40
CA PRO I 116 -29.51 44.85 -79.78
C PRO I 116 -28.69 45.43 -80.91
N THR I 117 -27.38 45.13 -80.87
CA THR I 117 -26.45 45.46 -81.93
C THR I 117 -26.18 44.22 -82.75
N VAL I 118 -26.30 44.33 -84.07
CA VAL I 118 -26.27 43.19 -84.98
C VAL I 118 -25.12 43.36 -85.98
N THR I 119 -24.38 42.28 -86.19
CA THR I 119 -23.32 42.24 -87.20
C THR I 119 -23.47 40.98 -88.03
N LEU I 120 -23.45 41.12 -89.35
CA LEU I 120 -23.65 40.01 -90.27
C LEU I 120 -22.39 39.78 -91.09
N PHE I 121 -21.95 38.52 -91.13
CA PHE I 121 -20.75 38.10 -91.84
C PHE I 121 -21.11 37.09 -92.92
N PRO I 122 -20.70 37.32 -94.16
CA PRO I 122 -20.96 36.36 -95.24
C PRO I 122 -19.90 35.28 -95.26
N PRO I 123 -20.08 34.24 -96.08
CA PRO I 123 -19.04 33.21 -96.19
C PRO I 123 -17.73 33.77 -96.70
N SER I 124 -16.63 33.17 -96.23
CA SER I 124 -15.31 33.58 -96.65
C SER I 124 -14.91 32.89 -97.97
N SER I 125 -13.85 33.40 -98.58
CA SER I 125 -13.36 32.81 -99.82
C SER I 125 -12.87 31.39 -99.62
N GLU I 126 -12.18 31.14 -98.50
CA GLU I 126 -11.70 29.79 -98.21
C GLU I 126 -12.85 28.82 -98.03
N GLU I 127 -13.91 29.25 -97.34
CA GLU I 127 -15.07 28.38 -97.14
C GLU I 127 -15.75 28.06 -98.46
N LEU I 128 -15.85 29.04 -99.36
CA LEU I 128 -16.39 28.77 -100.68
C LEU I 128 -15.50 27.81 -101.45
N GLN I 129 -14.18 27.94 -101.28
CA GLN I 129 -13.26 26.93 -101.81
C GLN I 129 -13.46 25.58 -101.14
N ALA I 130 -14.04 25.55 -99.94
CA ALA I 130 -14.40 24.32 -99.26
C ALA I 130 -15.80 23.86 -99.60
N ASN I 131 -16.45 24.49 -100.58
CA ASN I 131 -17.79 24.13 -101.04
C ASN I 131 -18.82 24.22 -99.91
N LYS I 132 -18.67 25.24 -99.07
CA LYS I 132 -19.60 25.49 -97.98
C LYS I 132 -19.86 26.98 -97.87
N ALA I 133 -21.01 27.33 -97.30
CA ALA I 133 -21.39 28.72 -97.09
C ALA I 133 -22.02 28.88 -95.72
N THR I 134 -21.56 29.87 -94.95
CA THR I 134 -22.10 30.12 -93.63
C THR I 134 -22.25 31.62 -93.43
N LEU I 135 -23.45 32.03 -92.98
CA LEU I 135 -23.74 33.42 -92.64
C LEU I 135 -23.85 33.52 -91.13
N VAL I 136 -23.12 34.48 -90.55
CA VAL I 136 -23.02 34.61 -89.09
C VAL I 136 -23.68 35.92 -88.68
N CYS I 137 -24.69 35.83 -87.82
CA CYS I 137 -25.43 36.99 -87.34
C CYS I 137 -25.21 37.09 -85.83
N LEU I 138 -24.32 37.98 -85.41
CA LEU I 138 -23.98 38.16 -84.01
C LEU I 138 -24.78 39.31 -83.43
N ILE I 139 -25.46 39.07 -82.31
CA ILE I 139 -26.30 40.05 -81.64
C ILE I 139 -25.76 40.24 -80.23
N SER I 140 -25.61 41.49 -79.82
CA SER I 140 -25.02 41.76 -78.52
C SER I 140 -25.66 42.98 -77.88
N ASP I 141 -25.53 43.06 -76.55
CA ASP I 141 -25.83 44.27 -75.79
C ASP I 141 -27.31 44.64 -75.85
N PHE I 142 -28.16 43.66 -75.60
CA PHE I 142 -29.60 43.88 -75.53
C PHE I 142 -30.13 43.44 -74.17
N TYR I 143 -31.12 44.18 -73.67
CA TYR I 143 -31.78 43.88 -72.43
C TYR I 143 -33.23 44.32 -72.56
N PRO I 144 -34.20 43.49 -72.13
CA PRO I 144 -34.07 42.15 -71.55
C PRO I 144 -33.54 41.12 -72.54
N GLY I 145 -33.04 39.98 -72.05
CA GLY I 145 -32.49 38.96 -72.91
C GLY I 145 -33.56 38.11 -73.58
N ALA I 146 -34.26 38.70 -74.55
CA ALA I 146 -35.30 37.98 -75.28
C ALA I 146 -35.44 38.62 -76.65
N VAL I 147 -34.88 37.96 -77.67
CA VAL I 147 -34.95 38.44 -79.04
C VAL I 147 -35.39 37.29 -79.95
N THR I 148 -35.90 37.66 -81.11
CA THR I 148 -36.33 36.69 -82.12
C THR I 148 -35.58 36.96 -83.42
N VAL I 149 -35.07 35.91 -84.04
CA VAL I 149 -34.22 36.02 -85.23
C VAL I 149 -34.96 35.43 -86.42
N ALA I 150 -35.00 36.18 -87.52
CA ALA I 150 -35.62 35.74 -88.77
C ALA I 150 -34.67 36.00 -89.93
N TRP I 151 -34.55 35.03 -90.81
CA TRP I 151 -33.66 35.15 -91.96
C TRP I 151 -34.46 35.34 -93.24
N LYS I 152 -33.88 36.06 -94.19
CA LYS I 152 -34.53 36.38 -95.45
C LYS I 152 -33.58 36.07 -96.61
N ALA I 153 -34.09 35.34 -97.60
CA ALA I 153 -33.43 35.21 -98.89
C ALA I 153 -34.09 36.21 -99.83
N ASP I 154 -33.33 37.21 -100.27
CA ASP I 154 -33.90 38.37 -100.93
C ASP I 154 -34.97 38.99 -100.03
N SER I 155 -36.24 38.78 -100.37
CA SER I 155 -37.34 39.26 -99.55
C SER I 155 -38.20 38.13 -98.96
N SER I 156 -37.91 36.88 -99.30
CA SER I 156 -38.69 35.74 -98.83
C SER I 156 -38.16 35.23 -97.49
N PRO I 157 -39.03 34.77 -96.60
CA PRO I 157 -38.57 34.20 -95.33
C PRO I 157 -37.82 32.89 -95.54
N VAL I 158 -36.91 32.61 -94.61
CA VAL I 158 -36.13 31.37 -94.62
C VAL I 158 -36.27 30.70 -93.27
N LYS I 159 -36.63 29.43 -93.27
CA LYS I 159 -36.80 28.66 -92.05
C LYS I 159 -35.77 27.55 -91.88
N ALA I 160 -35.23 27.01 -92.97
CA ALA I 160 -34.27 25.92 -92.90
C ALA I 160 -32.85 26.44 -92.75
N GLY I 161 -32.02 25.65 -92.06
CA GLY I 161 -30.63 26.00 -91.90
C GLY I 161 -30.34 27.13 -90.92
N VAL I 162 -31.28 27.41 -90.02
CA VAL I 162 -31.14 28.49 -89.05
C VAL I 162 -30.86 27.88 -87.69
N GLU I 163 -29.75 28.29 -87.07
CA GLU I 163 -29.38 27.86 -85.73
C GLU I 163 -29.19 29.09 -84.86
N THR I 164 -30.08 29.29 -83.89
CA THR I 164 -30.06 30.46 -83.03
C THR I 164 -29.76 30.04 -81.60
N THR I 165 -28.84 30.75 -80.96
CA THR I 165 -28.48 30.48 -79.57
C THR I 165 -29.40 31.23 -78.62
N THR I 166 -29.56 30.68 -77.43
CA THR I 166 -30.30 31.36 -76.38
C THR I 166 -29.50 32.56 -75.87
N PRO I 167 -30.18 33.58 -75.35
CA PRO I 167 -29.45 34.72 -74.79
C PRO I 167 -28.56 34.30 -73.63
N SER I 168 -27.38 34.92 -73.56
CA SER I 168 -26.42 34.66 -72.50
C SER I 168 -25.96 36.00 -71.92
N LYS I 169 -25.99 36.11 -70.60
CA LYS I 169 -25.65 37.38 -69.96
C LYS I 169 -24.17 37.69 -70.14
N GLN I 170 -23.89 38.88 -70.64
CA GLN I 170 -22.52 39.33 -70.83
C GLN I 170 -21.94 39.81 -69.50
N SER I 171 -20.65 40.17 -69.53
CA SER I 171 -20.00 40.68 -68.33
C SER I 171 -20.58 42.02 -67.88
N ASN I 172 -21.23 42.75 -68.79
CA ASN I 172 -21.84 44.04 -68.46
C ASN I 172 -23.32 43.91 -68.14
N ASN I 173 -23.77 42.74 -67.71
CA ASN I 173 -25.16 42.40 -67.36
C ASN I 173 -26.11 42.49 -68.54
N LYS I 174 -25.61 42.76 -69.75
CA LYS I 174 -26.42 42.68 -70.95
C LYS I 174 -26.35 41.27 -71.50
N TYR I 175 -27.05 41.03 -72.61
CA TYR I 175 -27.17 39.68 -73.16
C TYR I 175 -26.64 39.64 -74.60
N ALA I 176 -26.23 38.45 -75.01
CA ALA I 176 -25.67 38.22 -76.33
C ALA I 176 -26.24 36.93 -76.89
N ALA I 177 -26.20 36.82 -78.23
CA ALA I 177 -26.70 35.66 -78.93
C ALA I 177 -26.04 35.61 -80.31
N SER I 178 -26.13 34.44 -80.94
CA SER I 178 -25.56 34.25 -82.26
C SER I 178 -26.47 33.33 -83.07
N SER I 179 -26.58 33.64 -84.36
CA SER I 179 -27.37 32.85 -85.29
C SER I 179 -26.50 32.49 -86.49
N TYR I 180 -26.70 31.29 -87.01
CA TYR I 180 -25.92 30.78 -88.12
C TYR I 180 -26.86 30.25 -89.19
N LEU I 181 -26.63 30.67 -90.44
CA LEU I 181 -27.38 30.21 -91.60
C LEU I 181 -26.44 29.42 -92.48
N SER I 182 -26.78 28.15 -92.71
CA SER I 182 -25.96 27.26 -93.52
C SER I 182 -26.54 27.21 -94.93
N LEU I 183 -25.71 27.56 -95.91
CA LEU I 183 -26.13 27.62 -97.31
C LEU I 183 -25.05 27.00 -98.19
N THR I 184 -25.49 26.45 -99.31
CA THR I 184 -24.56 25.96 -100.32
C THR I 184 -23.97 27.14 -101.09
N PRO I 185 -22.78 26.96 -101.70
CA PRO I 185 -22.24 28.03 -102.53
C PRO I 185 -23.16 28.43 -103.68
N GLU I 186 -23.88 27.48 -104.26
CA GLU I 186 -24.81 27.81 -105.33
C GLU I 186 -25.96 28.66 -104.81
N GLN I 187 -26.49 28.34 -103.63
CA GLN I 187 -27.54 29.16 -103.04
C GLN I 187 -27.02 30.55 -102.69
N TRP I 188 -25.78 30.63 -102.20
CA TRP I 188 -25.21 31.93 -101.85
C TRP I 188 -25.02 32.80 -103.09
N LYS I 189 -24.49 32.23 -104.16
CA LYS I 189 -24.24 33.02 -105.37
C LYS I 189 -25.50 33.25 -106.20
N SER I 190 -26.54 32.43 -106.01
CA SER I 190 -27.75 32.56 -106.81
C SER I 190 -28.63 33.71 -106.36
N HIS I 191 -28.68 33.99 -105.07
CA HIS I 191 -29.53 35.05 -104.54
C HIS I 191 -28.79 36.38 -104.57
N ARG I 192 -29.55 37.46 -104.77
CA ARG I 192 -28.95 38.79 -104.81
C ARG I 192 -28.42 39.19 -103.44
N SER I 193 -29.15 38.86 -102.38
CA SER I 193 -28.74 39.24 -101.04
C SER I 193 -29.43 38.34 -100.02
N TYR I 194 -28.87 38.30 -98.82
CA TYR I 194 -29.46 37.62 -97.68
C TYR I 194 -29.50 38.58 -96.50
N SER I 195 -30.48 38.40 -95.63
CA SER I 195 -30.70 39.33 -94.53
C SER I 195 -30.97 38.59 -93.23
N CYS I 196 -30.51 39.18 -92.14
CA CYS I 196 -30.79 38.73 -90.78
C CYS I 196 -31.51 39.83 -90.03
N GLN I 197 -32.66 39.51 -89.44
CA GLN I 197 -33.49 40.47 -88.74
C GLN I 197 -33.64 40.02 -87.29
N VAL I 198 -33.38 40.94 -86.36
CA VAL I 198 -33.50 40.67 -84.93
C VAL I 198 -34.57 41.58 -84.37
N THR I 199 -35.55 40.99 -83.69
CA THR I 199 -36.65 41.72 -83.08
C THR I 199 -36.54 41.62 -81.57
N HIS I 200 -36.53 42.79 -80.91
CA HIS I 200 -36.43 42.89 -79.46
C HIS I 200 -37.44 43.92 -79.00
N GLU I 201 -38.34 43.50 -78.11
CA GLU I 201 -39.39 44.36 -77.57
C GLU I 201 -40.23 44.99 -78.67
N GLY I 202 -40.41 44.28 -79.78
CA GLY I 202 -41.18 44.77 -80.89
C GLY I 202 -40.43 45.63 -81.90
N SER I 203 -39.15 45.91 -81.66
CA SER I 203 -38.35 46.71 -82.58
C SER I 203 -37.42 45.79 -83.36
N THR I 204 -37.41 45.93 -84.68
CA THR I 204 -36.68 45.03 -85.56
C THR I 204 -35.53 45.78 -86.23
N VAL I 205 -34.37 45.14 -86.26
CA VAL I 205 -33.18 45.67 -86.91
C VAL I 205 -32.66 44.63 -87.89
N GLU I 206 -32.32 45.08 -89.10
CA GLU I 206 -31.98 44.19 -90.20
C GLU I 206 -30.57 44.47 -90.71
N LYS I 207 -29.87 43.40 -91.07
CA LYS I 207 -28.57 43.48 -91.73
C LYS I 207 -28.61 42.64 -92.99
N THR I 208 -27.82 43.03 -93.98
CA THR I 208 -27.87 42.40 -95.29
C THR I 208 -26.48 42.24 -95.87
N VAL I 209 -26.24 41.08 -96.50
CA VAL I 209 -24.99 40.80 -97.19
C VAL I 209 -25.31 40.31 -98.60
N ALA I 210 -24.33 40.45 -99.48
CA ALA I 210 -24.46 40.09 -100.88
C ALA I 210 -23.17 39.48 -101.37
N PRO I 211 -23.23 38.66 -102.41
CA PRO I 211 -21.99 38.11 -102.99
C PRO I 211 -21.11 39.20 -103.56
N THR I 212 -19.80 38.97 -103.51
CA THR I 212 -18.81 39.92 -104.00
C THR I 212 -18.41 39.53 -105.43
N GLU I 213 -18.34 40.51 -106.31
CA GLU I 213 -17.99 40.31 -107.70
C GLU I 213 -16.51 40.61 -107.91
N CYS I 214 -15.78 39.64 -108.45
CA CYS I 214 -14.36 39.79 -108.70
C CYS I 214 -13.98 39.17 -110.04
C1 NAG J . 33.27 -48.65 -29.56
C2 NAG J . 34.32 -49.40 -30.37
C3 NAG J . 35.69 -49.30 -29.70
C4 NAG J . 36.04 -47.85 -29.42
C5 NAG J . 34.93 -47.18 -28.63
C6 NAG J . 35.15 -45.70 -28.42
C7 NAG J . 33.53 -51.27 -31.74
C8 NAG J . 33.18 -52.73 -31.76
N2 NAG J . 33.95 -50.79 -30.57
O3 NAG J . 36.67 -49.89 -30.54
O4 NAG J . 37.25 -47.78 -28.66
O5 NAG J . 33.69 -47.30 -29.35
O6 NAG J . 33.96 -45.05 -28.01
O7 NAG J . 33.44 -50.57 -32.74
C1 NAG J . 38.28 -47.13 -29.44
C2 NAG J . 39.35 -46.64 -28.47
C3 NAG J . 40.48 -45.98 -29.26
C4 NAG J . 41.01 -46.92 -30.33
C5 NAG J . 39.86 -47.40 -31.21
C6 NAG J . 40.30 -48.45 -32.23
C7 NAG J . 38.68 -46.03 -26.20
C8 NAG J . 38.09 -44.97 -25.32
N2 NAG J . 38.81 -45.73 -27.50
O3 NAG J . 41.54 -45.63 -28.36
O4 NAG J . 41.97 -46.24 -31.14
O5 NAG J . 38.85 -48.02 -30.40
O6 NAG J . 40.31 -49.74 -31.65
O7 NAG J . 39.01 -47.13 -25.76
C1 NAG K . 42.11 -40.95 -11.03
C2 NAG K . 43.44 -41.66 -11.14
C3 NAG K . 44.55 -40.82 -10.51
C4 NAG K . 44.56 -39.42 -11.10
C5 NAG K . 43.16 -38.80 -11.01
C6 NAG K . 43.07 -37.46 -11.72
C7 NAG K . 44.05 -44.03 -11.00
C8 NAG K . 43.89 -45.31 -10.23
N2 NAG K . 43.39 -42.97 -10.52
O3 NAG K . 45.80 -41.45 -10.71
O4 NAG K . 45.49 -38.61 -10.40
O5 NAG K . 42.20 -39.65 -11.63
O6 NAG K . 42.40 -37.59 -12.96
O7 NAG K . 44.76 -43.96 -12.00
C1 NAG K . 46.56 -38.25 -11.29
C2 NAG K . 47.16 -36.93 -10.82
C3 NAG K . 48.32 -36.53 -11.72
C4 NAG K . 49.34 -37.66 -11.78
C5 NAG K . 48.67 -38.96 -12.18
C6 NAG K . 49.60 -40.15 -12.13
C7 NAG K . 45.51 -35.51 -9.69
C8 NAG K . 44.50 -34.41 -9.84
N2 NAG K . 46.15 -35.88 -10.80
O3 NAG K . 48.93 -35.35 -11.21
O4 NAG K . 50.36 -37.35 -12.73
O5 NAG K . 47.58 -39.26 -11.30
O6 NAG K . 49.64 -40.71 -10.84
O7 NAG K . 45.73 -36.03 -8.61
C1 NAG L . 25.67 -62.68 -42.70
C2 NAG L . 26.78 -62.71 -43.75
C3 NAG L . 27.21 -64.15 -44.02
C4 NAG L . 27.62 -64.83 -42.73
C5 NAG L . 26.48 -64.72 -41.71
C6 NAG L . 26.85 -65.28 -40.36
C7 NAG L . 26.83 -60.87 -45.38
C8 NAG L . 26.29 -60.34 -46.66
N2 NAG L . 26.35 -62.06 -44.97
O3 NAG L . 28.32 -64.14 -44.93
O4 NAG L . 27.89 -66.20 -42.97
O5 NAG L . 26.13 -63.35 -41.51
O6 NAG L . 27.98 -64.61 -39.81
O7 NAG L . 27.68 -60.27 -44.74
C1 NAG L . 29.29 -66.48 -42.72
C2 NAG L . 29.55 -67.94 -43.06
C3 NAG L . 31.03 -68.27 -42.84
C4 NAG L . 31.91 -67.31 -43.63
C5 NAG L . 31.55 -65.87 -43.27
C6 NAG L . 32.30 -64.85 -44.10
C7 NAG L . 27.68 -69.49 -42.78
C8 NAG L . 26.92 -70.36 -41.81
N2 NAG L . 28.72 -68.83 -42.26
O3 NAG L . 31.28 -69.61 -43.26
O4 NAG L . 33.29 -67.54 -43.32
O5 NAG L . 30.16 -65.64 -43.50
O6 NAG L . 32.56 -63.67 -43.36
O7 NAG L . 27.36 -69.41 -43.96
C1 NAG M . 7.09 -69.97 -47.03
C2 NAG M . 6.55 -69.24 -48.24
C3 NAG M . 5.14 -69.72 -48.56
C4 NAG M . 5.11 -71.23 -48.70
C5 NAG M . 5.73 -71.88 -47.47
C6 NAG M . 5.85 -73.39 -47.59
C7 NAG M . 7.06 -66.93 -48.92
C8 NAG M . 6.99 -65.49 -48.55
N2 NAG M . 6.56 -67.80 -48.04
O3 NAG M . 4.69 -69.11 -49.77
O4 NAG M . 3.77 -71.69 -48.85
O5 NAG M . 7.05 -71.38 -47.25
O6 NAG M . 7.21 -73.79 -47.65
O7 NAG M . 7.55 -67.30 -49.99
C1 NAG M . 3.57 -72.16 -50.19
C2 NAG M . 2.49 -73.24 -50.17
C3 NAG M . 2.19 -73.72 -51.58
C4 NAG M . 1.85 -72.53 -52.48
C5 NAG M . 2.95 -71.49 -52.42
C6 NAG M . 2.63 -70.23 -53.19
C7 NAG M . 2.48 -74.50 -48.06
C8 NAG M . 2.99 -75.71 -47.34
N2 NAG M . 2.89 -74.36 -49.33
O3 NAG M . 1.10 -74.63 -51.55
O4 NAG M . 1.70 -72.98 -53.83
O5 NAG M . 3.15 -71.09 -51.05
O6 NAG M . 1.60 -69.49 -52.56
O7 NAG M . 1.73 -73.69 -47.52
C1 NAG N . 12.38 -64.01 9.79
C2 NAG N . 12.65 -65.35 10.49
C3 NAG N . 11.43 -65.78 11.30
C4 NAG N . 11.00 -64.68 12.25
C5 NAG N . 10.79 -63.38 11.47
C6 NAG N . 10.46 -62.20 12.37
C7 NAG N . 14.27 -66.84 9.41
C8 NAG N . 14.48 -67.89 8.37
N2 NAG N . 13.03 -66.37 9.53
O3 NAG N . 11.75 -66.96 12.03
O4 NAG N . 9.78 -65.05 12.88
O5 NAG N . 11.99 -63.04 10.76
O6 NAG N . 10.60 -60.98 11.66
O7 NAG N . 15.19 -66.44 10.13
C1 NAG N . 10.00 -65.18 14.31
C2 NAG N . 8.64 -65.08 15.01
C3 NAG N . 8.82 -65.26 16.51
C4 NAG N . 9.55 -66.54 16.81
C5 NAG N . 10.87 -66.60 16.03
C6 NAG N . 11.59 -67.92 16.18
C7 NAG N . 6.91 -63.70 13.93
C8 NAG N . 6.37 -62.32 13.73
N2 NAG N . 8.00 -63.80 14.71
O3 NAG N . 7.54 -65.27 17.13
O4 NAG N . 9.84 -66.64 18.20
O5 NAG N . 10.61 -66.43 14.63
O6 NAG N . 11.12 -68.87 15.25
O7 NAG N . 6.39 -64.68 13.42
C1 NAG O . -8.28 -57.65 13.37
C2 NAG O . -8.78 -58.94 14.02
C3 NAG O . -9.86 -58.63 15.05
C4 NAG O . -9.36 -57.59 16.05
C5 NAG O . -8.82 -56.36 15.33
C6 NAG O . -8.17 -55.36 16.26
C7 NAG O . -9.13 -61.19 13.12
C8 NAG O . -9.71 -62.01 12.01
N2 NAG O . -9.28 -59.86 13.02
O3 NAG O . -10.23 -59.81 15.72
O4 NAG O . -10.42 -57.20 16.91
O5 NAG O . -7.82 -56.75 14.38
O6 NAG O . -6.75 -55.41 16.15
O7 NAG O . -8.55 -61.70 14.07
C1 NAG O . -10.12 -57.64 18.25
C2 NAG O . -10.83 -56.71 19.23
C3 NAG O . -10.56 -57.16 20.66
C4 NAG O . -10.95 -58.63 20.83
C5 NAG O . -10.25 -59.48 19.78
C6 NAG O . -10.69 -60.93 19.81
C7 NAG O . -11.13 -54.44 18.34
C8 NAG O . -10.56 -53.07 18.25
N2 NAG O . -10.42 -55.34 19.05
O3 NAG O . -11.31 -56.36 21.56
O4 NAG O . -10.57 -59.08 22.13
O5 NAG O . -10.54 -58.99 18.47
O6 NAG O . -11.86 -61.12 19.03
O7 NAG O . -12.18 -54.75 17.80
C1 NAG P . 27.82 -75.06 1.63
C2 NAG P . 28.26 -75.86 2.84
C3 NAG P . 28.34 -77.34 2.50
C4 NAG P . 27.03 -77.83 1.91
C5 NAG P . 26.63 -76.94 0.73
C6 NAG P . 25.26 -77.29 0.19
C7 NAG P . 29.67 -74.73 4.51
C8 NAG P . 31.05 -74.31 4.88
N2 NAG P . 29.54 -75.38 3.36
O3 NAG P . 28.67 -78.10 3.67
O4 NAG P . 27.15 -79.17 1.47
O5 NAG P . 26.58 -75.57 1.14
O6 NAG P . 24.26 -77.16 1.18
O7 NAG P . 28.69 -74.50 5.22
C1 NAG P . 26.30 -80.03 2.27
C2 NAG P . 26.51 -81.47 1.80
C3 NAG P . 25.66 -82.43 2.63
C4 NAG P . 25.94 -82.23 4.11
C5 NAG P . 25.76 -80.77 4.49
C6 NAG P . 26.14 -80.47 5.93
C7 NAG P . 27.14 -81.79 -0.55
C8 NAG P . 26.64 -81.92 -1.96
N2 NAG P . 26.20 -81.62 0.38
O3 NAG P . 25.95 -83.77 2.26
O4 NAG P . 25.06 -83.03 4.89
O5 NAG P . 26.59 -79.94 3.67
O6 NAG P . 25.34 -79.44 6.48
O7 NAG P . 28.33 -81.82 -0.28
C1 NAG Q . 40.22 -73.01 -14.49
C2 NAG Q . 41.53 -72.41 -14.01
C3 NAG Q . 42.47 -72.19 -15.20
C4 NAG Q . 42.63 -73.48 -15.99
C5 NAG Q . 41.26 -74.05 -16.37
C6 NAG Q . 41.34 -75.39 -17.04
C7 NAG Q . 41.86 -70.88 -12.12
C8 NAG Q . 41.53 -69.55 -11.53
N2 NAG Q . 41.32 -71.16 -13.30
O3 NAG Q . 43.73 -71.75 -14.73
O4 NAG Q . 43.37 -73.24 -17.18
O5 NAG Q . 40.46 -74.22 -15.20
O6 NAG Q . 40.80 -76.42 -16.23
O7 NAG Q . 42.59 -71.68 -11.54
C1 NAG Q . 44.68 -73.84 -17.06
C2 NAG Q . 45.16 -74.21 -18.46
C3 NAG Q . 46.57 -74.78 -18.40
C4 NAG Q . 47.51 -73.83 -17.66
C5 NAG Q . 46.92 -73.48 -16.29
C6 NAG Q . 47.73 -72.45 -15.55
C7 NAG Q . 43.32 -74.78 -19.98
C8 NAG Q . 42.47 -75.89 -20.53
N2 NAG Q . 44.26 -75.15 -19.10
O3 NAG Q . 47.05 -75.01 -19.72
O4 NAG Q . 48.78 -74.44 -17.49
O5 NAG Q . 45.60 -72.94 -16.45
O6 NAG Q . 47.62 -71.18 -16.15
O7 NAG Q . 43.16 -73.62 -20.31
C1 NAG R . -13.00 -57.57 -29.38
C2 NAG R . -13.72 -58.67 -30.17
C3 NAG R . -13.87 -58.24 -31.63
C4 NAG R . -14.54 -56.88 -31.72
C5 NAG R . -13.79 -55.87 -30.87
C6 NAG R . -14.47 -54.52 -30.81
C7 NAG R . -13.45 -60.96 -29.36
C8 NAG R . -12.60 -62.19 -29.37
N2 NAG R . -13.01 -59.93 -30.07
O3 NAG R . -14.65 -59.22 -32.32
O4 NAG R . -14.56 -56.45 -33.07
O5 NAG R . -13.70 -56.34 -29.52
O6 NAG R . -13.94 -53.73 -29.76
O7 NAG R . -14.50 -60.91 -28.73
C1 NAG R . -15.92 -56.34 -33.54
C2 NAG R . -15.94 -55.43 -34.76
C3 NAG R . -17.35 -55.32 -35.31
C4 NAG R . -17.93 -56.69 -35.59
C5 NAG R . -17.83 -57.56 -34.34
C6 NAG R . -18.26 -59.00 -34.57
C7 NAG R . -14.23 -53.66 -34.90
C8 NAG R . -13.84 -52.29 -34.48
N2 NAG R . -15.40 -54.12 -34.44
O3 NAG R . -17.32 -54.56 -36.52
O4 NAG R . -19.29 -56.59 -35.97
O5 NAG R . -16.46 -57.62 -33.89
O6 NAG R . -17.19 -59.78 -35.09
O7 NAG R . -13.53 -54.35 -35.65
C1 NAG S . -7.01 -41.23 -42.68
C2 NAG S . -7.33 -41.91 -44.00
C3 NAG S . -7.76 -40.88 -45.04
C4 NAG S . -8.91 -40.03 -44.49
C5 NAG S . -8.54 -39.44 -43.14
C6 NAG S . -9.67 -38.71 -42.47
C7 NAG S . -6.33 -43.84 -45.15
C8 NAG S . -5.06 -44.49 -45.59
N2 NAG S . -6.20 -42.68 -44.49
O3 NAG S . -8.18 -41.54 -46.23
O4 NAG S . -9.22 -38.98 -45.40
O5 NAG S . -8.13 -40.48 -42.24
O6 NAG S . -10.22 -39.46 -41.41
O7 NAG S . -7.43 -44.33 -45.37
C1 NAG S . -10.53 -39.19 -45.94
C2 NAG S . -11.10 -37.84 -46.35
C3 NAG S . -12.49 -38.02 -46.95
C4 NAG S . -12.44 -39.02 -48.10
C5 NAG S . -11.79 -40.32 -47.64
C6 NAG S . -11.59 -41.31 -48.76
C7 NAG S . -10.22 -36.00 -44.99
C8 NAG S . -10.42 -35.14 -43.78
N2 NAG S . -11.16 -36.93 -45.22
O3 NAG S . -12.97 -36.77 -47.43
O4 NAG S . -13.75 -39.30 -48.58
O5 NAG S . -10.50 -40.07 -47.08
O6 NAG S . -10.36 -41.07 -49.43
O7 NAG S . -9.25 -35.86 -45.73
C1 NAG T . -12.44 -76.32 -20.72
C2 NAG T . -13.71 -76.95 -21.31
C3 NAG T . -13.41 -78.32 -21.91
C4 NAG T . -12.28 -78.20 -22.93
C5 NAG T . -11.07 -77.52 -22.29
C6 NAG T . -9.96 -77.27 -23.28
C7 NAG T . -15.85 -76.30 -20.30
C8 NAG T . -16.82 -76.54 -19.17
N2 NAG T . -14.75 -77.06 -20.29
O3 NAG T . -14.57 -78.82 -22.53
O4 NAG T . -11.92 -79.48 -23.40
O5 NAG T . -11.44 -76.25 -21.74
O6 NAG T . -10.39 -76.42 -24.34
O7 NAG T . -16.06 -75.45 -21.16
C1 NAG T . -12.22 -79.61 -24.81
C2 NAG T . -11.87 -81.02 -25.25
C3 NAG T . -12.21 -81.21 -26.72
C4 NAG T . -13.67 -80.85 -26.98
C5 NAG T . -13.94 -79.44 -26.47
C6 NAG T . -15.40 -79.05 -26.59
C7 NAG T . -10.05 -82.14 -24.04
C8 NAG T . -8.56 -82.33 -23.93
N2 NAG T . -10.46 -81.32 -25.01
O3 NAG T . -11.97 -82.56 -27.10
O4 NAG T . -13.93 -80.91 -28.38
O5 NAG T . -13.60 -79.34 -25.08
O6 NAG T . -15.56 -77.67 -26.83
O7 NAG T . -10.83 -82.70 -23.28
C1 NAG U . -3.70 -84.42 -4.13
C2 NAG U . -4.72 -84.46 -3.00
C3 NAG U . -4.09 -85.01 -1.73
C4 NAG U . -3.43 -86.35 -2.00
C5 NAG U . -2.46 -86.24 -3.17
C6 NAG U . -1.86 -87.57 -3.59
C7 NAG U . -6.59 -82.90 -2.66
C8 NAG U . -6.99 -81.48 -2.41
N2 NAG U . -5.28 -83.14 -2.75
O3 NAG U . -5.09 -85.15 -0.72
O4 NAG U . -2.70 -86.78 -0.85
O5 NAG U . -3.14 -85.72 -4.32
O6 NAG U . -2.32 -87.97 -4.87
O7 NAG U . -7.42 -83.80 -2.77
C1 NAG U . -3.38 -87.90 -0.26
C2 NAG U . -2.35 -88.78 0.45
C3 NAG U . -3.03 -89.94 1.17
C4 NAG U . -4.12 -89.43 2.09
C5 NAG U . -5.09 -88.53 1.31
C6 NAG U . -6.14 -87.90 2.19
C7 NAG U . -0.15 -88.69 -0.64
C8 NAG U . 0.75 -89.33 -1.66
N2 NAG U . -1.35 -89.27 -0.49
O3 NAG U . -2.06 -90.67 1.91
O4 NAG U . -4.84 -90.53 2.64
O5 NAG U . -4.37 -87.47 0.69
O6 NAG U . -5.57 -86.91 3.04
O7 NAG U . 0.19 -87.72 0.01
C1 NAG V . 29.64 23.12 -35.49
C2 NAG V . 30.01 21.91 -36.36
C3 NAG V . 30.45 22.38 -37.75
C4 NAG V . 29.40 23.28 -38.37
C5 NAG V . 29.08 24.43 -37.42
C6 NAG V . 27.95 25.30 -37.92
C7 NAG V . 31.09 19.78 -35.83
C8 NAG V . 32.23 19.11 -35.12
N2 NAG V . 31.04 21.12 -35.74
O3 NAG V . 30.69 21.24 -38.57
O4 NAG V . 29.88 23.81 -39.61
O5 NAG V . 28.65 23.91 -36.16
O6 NAG V . 27.14 25.78 -36.86
O7 NAG V . 30.26 19.14 -36.47
C1 NAG W . 44.06 8.24 -3.25
C2 NAG W . 44.35 7.44 -4.52
C3 NAG W . 45.56 6.55 -4.31
C4 NAG W . 46.76 7.35 -3.81
C5 NAG W . 46.37 8.14 -2.57
C6 NAG W . 47.46 9.06 -2.09
C7 NAG W . 42.96 6.32 -6.19
C8 NAG W . 41.73 5.51 -6.44
N2 NAG W . 43.20 6.66 -4.93
O3 NAG W . 45.90 5.91 -5.54
O4 NAG W . 47.83 6.48 -3.48
O5 NAG W . 45.22 8.97 -2.86
O6 NAG W . 48.74 8.48 -2.26
O7 NAG W . 43.71 6.66 -7.11
C1 NAG X . 33.27 -10.07 -23.36
C2 NAG X . 34.28 -11.22 -23.28
C3 NAG X . 33.67 -12.50 -23.83
C4 NAG X . 32.35 -12.80 -23.13
C5 NAG X . 31.42 -11.59 -23.23
C6 NAG X . 30.12 -11.77 -22.46
C7 NAG X . 36.60 -10.44 -23.37
C8 NAG X . 37.78 -10.15 -24.25
N2 NAG X . 35.50 -10.89 -23.99
O3 NAG X . 34.57 -13.58 -23.64
O4 NAG X . 31.71 -13.92 -23.74
O5 NAG X . 32.07 -10.44 -22.67
O6 NAG X . 29.06 -12.11 -23.32
O7 NAG X . 36.65 -10.28 -22.15
C1 NAG Y . 3.18 -0.14 -42.71
C2 NAG Y . 2.28 -1.37 -42.87
C3 NAG Y . 2.09 -1.69 -44.35
C4 NAG Y . 1.56 -0.46 -45.08
C5 NAG Y . 2.49 0.72 -44.86
C6 NAG Y . 1.96 2.00 -45.46
C7 NAG Y . 2.23 -3.09 -41.12
C8 NAG Y . 2.93 -4.26 -40.52
N2 NAG Y . 2.83 -2.51 -42.17
O3 NAG Y . 1.16 -2.77 -44.48
O4 NAG Y . 1.47 -0.73 -46.49
O5 NAG Y . 2.64 0.95 -43.45
O6 NAG Y . 0.99 2.61 -44.62
O7 NAG Y . 1.16 -2.67 -40.68
C1 NAG Z . 17.07 -13.00 -49.00
C2 NAG Z . 17.75 -11.83 -49.70
C3 NAG Z . 16.72 -10.98 -50.44
C4 NAG Z . 15.89 -11.84 -51.37
C5 NAG Z . 15.28 -13.02 -50.62
C6 NAG Z . 14.55 -13.98 -51.51
C7 NAG Z . 19.78 -11.22 -48.46
C8 NAG Z . 20.39 -10.30 -47.45
N2 NAG Z . 18.49 -11.02 -48.74
O3 NAG Z . 17.39 -9.96 -51.18
O4 NAG Z . 14.85 -11.06 -51.95
O5 NAG Z . 16.32 -13.76 -49.97
O6 NAG Z . 15.43 -14.98 -52.03
O7 NAG Z . 20.43 -12.12 -49.00
C1 NAG AA . 5.72 -51.35 -47.22
C2 NAG AA . 4.26 -51.18 -47.66
C3 NAG AA . 4.19 -50.95 -49.17
C4 NAG AA . 5.11 -49.80 -49.58
C5 NAG AA . 6.51 -50.04 -49.06
C6 NAG AA . 7.46 -48.89 -49.34
C7 NAG AA . 2.13 -52.35 -47.29
C8 NAG AA . 1.48 -53.63 -46.86
N2 NAG AA . 3.46 -52.34 -47.28
O3 NAG AA . 2.85 -50.64 -49.54
O4 NAG AA . 5.13 -49.70 -51.00
O5 NAG AA . 6.49 -50.22 -47.64
O6 NAG AA . 8.39 -48.72 -48.29
O7 NAG AA . 1.47 -51.37 -47.61
C1 NAG BA . 20.09 -47.09 -43.68
C2 NAG BA . 21.19 -46.11 -43.27
C3 NAG BA . 20.81 -44.69 -43.65
C4 NAG BA . 20.45 -44.60 -45.13
C5 NAG BA . 19.37 -45.62 -45.46
C6 NAG BA . 19.05 -45.67 -46.94
C7 NAG BA . 22.68 -46.20 -41.32
C8 NAG BA . 22.77 -46.30 -39.83
N2 NAG BA . 21.45 -46.19 -41.84
O3 NAG BA . 21.88 -43.80 -43.35
O4 NAG BA . 19.99 -43.30 -45.45
O5 NAG BA . 19.82 -46.93 -45.09
O6 NAG BA . 19.09 -44.37 -47.52
O7 NAG BA . 23.69 -46.13 -42.03
C1 NAG CA . -15.24 37.14 -31.80
C2 NAG CA . -14.16 36.93 -32.85
C3 NAG CA . -13.70 38.27 -33.41
C4 NAG CA . -14.89 39.08 -33.91
C5 NAG CA . -15.93 39.22 -32.81
C6 NAG CA . -17.20 39.90 -33.27
C7 NAG CA . -12.66 34.99 -32.78
C8 NAG CA . -11.48 34.37 -32.11
N2 NAG CA . -13.03 36.19 -32.32
O3 NAG CA . -12.78 38.05 -34.48
O4 NAG CA . -14.46 40.39 -34.30
O5 NAG CA . -16.32 37.91 -32.35
O6 NAG CA . -18.35 39.14 -32.96
O7 NAG CA . -13.26 34.44 -33.68
C1 NAG DA . -20.71 52.38 -6.61
C2 NAG DA . -19.37 52.99 -7.03
C3 NAG DA . -19.45 54.52 -6.98
C4 NAG DA . -20.62 55.02 -7.80
C5 NAG DA . -21.91 54.34 -7.36
C6 NAG DA . -23.10 54.69 -8.21
C7 NAG DA . -17.49 51.50 -6.54
C8 NAG DA . -16.42 51.13 -5.54
N2 NAG DA . -18.30 52.51 -6.19
O3 NAG DA . -18.23 55.07 -7.48
O4 NAG DA . -20.76 56.43 -7.63
O5 NAG DA . -21.76 52.91 -7.44
O6 NAG DA . -24.13 53.72 -8.11
O7 NAG DA . -17.62 50.90 -7.60
C1 NAG EA . 17.85 -3.36 48.41
C2 NAG EA . 18.49 -4.74 48.36
C3 NAG EA . 19.51 -4.89 49.48
C4 NAG EA . 20.52 -3.75 49.43
C5 NAG EA . 19.80 -2.41 49.44
C6 NAG EA . 20.73 -1.24 49.28
C7 NAG EA . 17.57 -6.95 47.80
C8 NAG EA . 16.43 -7.91 48.01
N2 NAG EA . 17.48 -5.78 48.45
O3 NAG EA . 20.17 -6.15 49.35
O4 NAG EA . 21.40 -3.83 50.56
O5 NAG EA . 18.87 -2.35 48.35
O6 NAG EA . 20.14 -0.20 48.52
O7 NAG EA . 18.52 -7.22 47.08
C1 NAG FA . -17.12 -15.54 38.52
C2 NAG FA . -16.10 -16.64 38.81
C3 NAG FA . -16.82 -17.95 39.14
C4 NAG FA . -17.82 -17.75 40.27
C5 NAG FA . -18.76 -16.60 39.93
C6 NAG FA . -19.71 -16.26 41.06
C7 NAG FA . -13.95 -17.29 37.81
C8 NAG FA . -13.17 -17.41 36.54
N2 NAG FA . -15.20 -16.83 37.67
O3 NAG FA . -15.86 -18.94 39.51
O4 NAG FA . -18.57 -18.94 40.47
O5 NAG FA . -18.02 -15.41 39.64
O6 NAG FA . -20.12 -17.43 41.75
O7 NAG FA . -13.48 -17.58 38.89
C1 NAG GA . 6.07 -30.21 28.35
C2 NAG GA . 5.56 -31.65 28.45
C3 NAG GA . 6.36 -32.55 27.52
C4 NAG GA . 6.34 -31.99 26.10
C5 NAG GA . 6.81 -30.54 26.10
C6 NAG GA . 6.71 -29.88 24.74
C7 NAG GA . 4.58 -32.16 30.64
C8 NAG GA . 4.83 -32.70 32.02
N2 NAG GA . 5.63 -32.14 29.82
O3 NAG GA . 5.80 -33.86 27.52
O4 NAG GA . 7.19 -32.76 25.26
O5 NAG GA . 6.00 -29.76 26.99
O6 NAG GA . 7.97 -29.84 24.10
O7 NAG GA . 3.48 -31.77 30.28
C1 NAG HA . 36.69 -11.49 18.87
C2 NAG HA . 37.27 -12.11 17.60
C3 NAG HA . 38.68 -12.62 17.86
C4 NAG HA . 39.55 -11.51 18.42
C5 NAG HA . 38.90 -10.92 19.66
C6 NAG HA . 39.65 -9.73 20.20
C7 NAG HA . 35.76 -13.13 15.95
C8 NAG HA . 34.93 -14.32 15.60
N2 NAG HA . 36.42 -13.18 17.11
O3 NAG HA . 39.24 -13.11 16.63
O4 NAG HA . 40.84 -12.02 18.75
O5 NAG HA . 37.58 -10.47 19.35
O6 NAG HA . 39.32 -8.55 19.48
O7 NAG HA . 35.84 -12.15 15.20
C1 NAG IA . 36.32 -30.57 24.67
C2 NAG IA . 36.60 -30.08 26.08
C3 NAG IA . 37.70 -29.03 26.07
C4 NAG IA . 38.94 -29.56 25.34
C5 NAG IA . 38.56 -30.08 23.96
C6 NAG IA . 39.71 -30.73 23.24
C7 NAG IA . 34.57 -30.29 27.44
C8 NAG IA . 33.38 -29.58 28.00
N2 NAG IA . 35.39 -29.55 26.70
O3 NAG IA . 38.04 -28.68 27.40
O4 NAG IA . 39.90 -28.52 25.21
O5 NAG IA . 37.52 -31.06 24.07
O6 NAG IA . 39.79 -32.12 23.55
O7 NAG IA . 34.77 -31.49 27.64
C1 NAG JA . 40.63 -56.75 -5.31
C2 NAG JA . 41.67 -55.99 -6.13
C3 NAG JA . 43.05 -56.11 -5.47
C4 NAG JA . 42.98 -55.69 -4.01
C5 NAG JA . 41.88 -56.47 -3.29
C6 NAG JA . 41.69 -56.03 -1.86
C7 NAG JA . 42.32 -55.84 -8.50
C8 NAG JA . 42.27 -56.50 -9.84
N2 NAG JA . 41.72 -56.49 -7.50
O3 NAG JA . 43.97 -55.27 -6.16
O4 NAG JA . 44.23 -55.95 -3.37
O5 NAG JA . 40.64 -56.28 -3.96
O6 NAG JA . 40.32 -56.11 -1.48
O7 NAG JA . 42.88 -54.76 -8.33
C1 NAG KA . 30.91 -59.45 6.33
C2 NAG KA . 30.02 -59.07 7.51
C3 NAG KA . 30.50 -57.78 8.15
C4 NAG KA . 31.98 -57.88 8.52
C5 NAG KA . 32.78 -58.27 7.28
C6 NAG KA . 34.24 -58.50 7.59
C7 NAG KA . 27.61 -59.44 7.82
C8 NAG KA . 26.24 -59.22 7.26
N2 NAG KA . 28.63 -58.95 7.11
O3 NAG KA . 29.74 -57.50 9.32
O4 NAG KA . 32.44 -56.64 9.01
O5 NAG KA . 32.28 -59.51 6.75
O6 NAG KA . 34.73 -57.56 8.54
O7 NAG KA . 27.79 -60.05 8.88
C1 NAG LA . 34.49 31.40 21.19
C2 NAG LA . 34.95 30.44 22.29
C3 NAG LA . 35.22 31.21 23.57
C4 NAG LA . 36.18 32.35 23.33
C5 NAG LA . 35.66 33.24 22.18
C6 NAG LA . 36.64 34.33 21.80
C7 NAG LA . 34.24 28.09 22.32
C8 NAG LA . 33.12 27.14 22.60
N2 NAG LA . 33.98 29.38 22.50
O3 NAG LA . 35.76 30.32 24.55
O4 NAG LA . 36.32 33.15 24.49
O5 NAG LA . 35.46 32.44 21.01
O6 NAG LA . 36.89 34.33 20.40
O7 NAG LA . 35.34 27.71 21.91
C1 NAG MA . 14.17 52.66 15.61
C2 NAG MA . 13.93 52.41 17.10
C3 NAG MA . 13.88 53.74 17.85
C4 NAG MA . 15.13 54.55 17.57
C5 NAG MA . 15.33 54.71 16.07
C6 NAG MA . 16.63 55.41 15.71
C7 NAG MA . 12.67 50.34 17.49
C8 NAG MA . 11.31 49.74 17.70
N2 NAG MA . 12.69 51.66 17.31
O3 NAG MA . 13.76 53.49 19.24
O4 NAG MA . 15.02 55.84 18.17
O5 NAG MA . 15.38 53.42 15.44
O6 NAG MA . 17.02 55.12 14.37
O7 NAG MA . 13.69 49.66 17.49
C1 NAG NA . -51.16 -0.50 -7.35
C2 NAG NA . -51.39 -1.99 -7.62
C3 NAG NA . -52.84 -2.36 -7.37
C4 NAG NA . -53.28 -1.91 -5.98
C5 NAG NA . -52.99 -0.43 -5.78
C6 NAG NA . -53.29 0.05 -4.39
C7 NAG NA . -50.43 -3.51 -9.28
C8 NAG NA . -50.08 -3.71 -10.73
N2 NAG NA . -50.99 -2.33 -8.97
O3 NAG NA . -53.00 -3.76 -7.52
O4 NAG NA . -54.68 -2.15 -5.81
O5 NAG NA . -51.60 -0.17 -6.02
O6 NAG NA . -52.36 1.04 -3.97
O7 NAG NA . -50.21 -4.38 -8.43
C1 NAG OA . -26.33 4.24 -36.16
C2 NAG OA . -27.02 2.88 -36.11
C3 NAG OA . -26.96 2.21 -37.47
C4 NAG OA . -27.53 3.13 -38.55
C5 NAG OA . -26.82 4.48 -38.50
C6 NAG OA . -27.41 5.50 -39.45
C7 NAG OA . -27.09 1.06 -34.47
C8 NAG OA . -26.31 0.27 -33.46
N2 NAG OA . -26.41 2.03 -35.10
O3 NAG OA . -27.72 1.00 -37.45
O4 NAG OA . -27.34 2.56 -39.84
O5 NAG OA . -26.93 5.04 -37.18
O6 NAG OA . -27.82 4.88 -40.67
O7 NAG OA . -28.27 0.83 -34.70
C1 NAG PA . -27.41 -21.83 -22.92
C2 NAG PA . -27.24 -22.77 -24.12
C3 NAG PA . -26.75 -24.13 -23.65
C4 NAG PA . -25.48 -23.98 -22.81
C5 NAG PA . -25.72 -22.99 -21.67
C6 NAG PA . -24.48 -22.70 -20.86
C7 NAG PA . -28.74 -22.21 -25.98
C8 NAG PA . -30.07 -22.47 -26.61
N2 NAG PA . -28.48 -22.90 -24.86
O3 NAG PA . -26.48 -24.96 -24.78
O4 NAG PA . -25.09 -25.24 -22.26
O5 NAG PA . -26.17 -21.74 -22.20
O6 NAG PA . -24.48 -23.43 -19.65
O7 NAG PA . -27.94 -21.42 -26.45
C1 NAG QA . -33.14 -23.39 13.72
C2 NAG QA . -32.25 -24.49 14.31
C3 NAG QA . -33.11 -25.56 14.98
C4 NAG QA . -34.02 -24.92 16.03
C5 NAG QA . -34.85 -23.82 15.37
C6 NAG QA . -35.69 -23.06 16.36
C7 NAG QA . -30.07 -24.98 13.29
C8 NAG QA . -29.37 -25.65 12.16
N2 NAG QA . -31.41 -25.08 13.28
O3 NAG QA . -32.25 -26.51 15.61
O4 NAG QA . -34.88 -25.91 16.57
O5 NAG QA . -33.98 -22.86 14.75
O6 NAG QA . -34.93 -22.08 17.05
O7 NAG QA . -29.48 -24.37 14.17
C1 NAG RA . -37.75 -37.90 0.83
C2 NAG RA . -39.15 -37.30 0.76
C3 NAG RA . -39.65 -36.96 2.15
C4 NAG RA . -39.55 -38.18 3.07
C5 NAG RA . -38.14 -38.75 3.04
C6 NAG RA . -38.00 -40.02 3.81
C7 NAG RA . -39.44 -36.16 -1.40
C8 NAG RA . -39.41 -34.85 -2.12
N2 NAG RA . -39.16 -36.11 -0.09
O3 NAG RA . -41.00 -36.52 2.07
O4 NAG RA . -39.89 -37.81 4.40
O5 NAG RA . -37.75 -39.04 1.69
O6 NAG RA . -38.28 -41.16 3.01
O7 NAG RA . -39.69 -37.22 -1.98
C1 NAG SA . -12.40 -68.87 1.45
C2 NAG SA . -12.16 -68.94 2.97
C3 NAG SA . -13.36 -69.56 3.67
C4 NAG SA . -14.64 -68.84 3.27
C5 NAG SA . -14.78 -68.80 1.76
C6 NAG SA . -15.97 -68.00 1.29
C7 NAG SA . -10.34 -69.67 4.45
C8 NAG SA . -9.11 -70.52 4.57
N2 NAG SA . -10.95 -69.69 3.26
O3 NAG SA . -13.18 -69.48 5.08
O4 NAG SA . -15.77 -69.52 3.82
O5 NAG SA . -13.61 -68.17 1.19
O6 NAG SA . -15.70 -67.30 0.08
O7 NAG SA . -10.77 -69.01 5.39
C1 NAG TA . -18.35 -63.67 -11.77
C2 NAG TA . -19.01 -62.64 -12.69
C3 NAG TA . -19.83 -61.65 -11.87
C4 NAG TA . -20.81 -62.38 -10.97
C5 NAG TA . -20.07 -63.39 -10.10
C6 NAG TA . -21.00 -64.23 -9.26
C7 NAG TA . -18.19 -61.70 -14.80
C8 NAG TA . -17.08 -60.97 -15.48
N2 NAG TA . -18.03 -61.94 -13.49
O3 NAG TA . -20.53 -60.77 -12.74
O4 NAG TA . -21.50 -61.45 -10.13
O5 NAG TA . -19.35 -64.30 -10.94
O6 NAG TA . -22.08 -63.46 -8.75
O7 NAG TA . -19.20 -62.04 -15.40
C1 NAG UA . -35.09 14.21 34.48
C2 NAG UA . -36.26 13.44 33.89
C3 NAG UA . -37.54 14.25 34.00
C4 NAG UA . -37.78 14.68 35.44
C5 NAG UA . -36.55 15.40 35.97
C6 NAG UA . -36.67 15.76 37.44
C7 NAG UA . -35.92 11.81 32.08
C8 NAG UA . -35.66 11.63 30.62
N2 NAG UA . -36.00 13.08 32.51
O3 NAG UA . -38.64 13.46 33.54
O4 NAG UA . -38.91 15.55 35.51
O5 NAG UA . -35.39 14.57 35.85
O6 NAG UA . -35.53 15.31 38.17
O7 NAG UA . -36.06 10.87 32.84
C1 NAG VA . -21.40 40.79 33.09
C2 NAG VA . -22.61 41.05 32.19
C3 NAG VA . -23.29 42.36 32.59
C4 NAG VA . -23.62 42.36 34.07
C5 NAG VA . -22.38 42.05 34.89
C6 NAG VA . -22.65 41.91 36.38
C7 NAG VA . -22.36 40.03 29.98
C8 NAG VA . -21.92 40.23 28.56
N2 NAG VA . -22.23 41.08 30.79
O3 NAG VA . -24.48 42.52 31.83
O4 NAG VA . -24.13 43.63 34.46
O5 NAG VA . -21.80 40.81 34.46
O6 NAG VA . -21.63 41.17 37.03
O7 NAG VA . -22.80 38.95 30.37
#